data_6LAR
#
_entry.id   6LAR
#
loop_
_entity.id
_entity.type
_entity.pdbx_description
1 polymer 'ESX-3 secretion system ATPase EccB3'
2 polymer 'ESX-3 secretion system protein EccD3'
3 polymer 'ESX-3 secretion system protein EccC3'
4 polymer 'ESX-3 secretion system protein EccE3'
#
loop_
_entity_poly.entity_id
_entity_poly.type
_entity_poly.pdbx_seq_one_letter_code
_entity_poly.pdbx_strand_id
1 'polypeptide(L)'
;MTGPVNPDDRRSFSSRTPVNENPDGVQYRRGFVTRHQVSGWRFVMRRIASGVALHDTRMLVDPLRTQSRAVLTGALILVT
GLVGCFIFSLFRPGGVPGNNAILADRSTSALYVRVGEQLHPVLNLTSARLISGSPDNPTMVKTSEIDKFPRGNLLGIPGA
PERMVQNAATDAEWTVCDAVGGANPGVTVIAGPLGADGERAAPLPPDHAVLVHSDAEPNPGDWLLWDGKRSPIDLADRAV
TDALGLGGQALAPRPIAAGLFNAVPAAPALTAPVIPDAGAAPQFELSLPVPVGAVVVAYDADNTARYYAVLSDGLQPISP
VLAAILRNTDSHGFAQPPRLGPDEVARTPMSRGLDTSAYPDNPVTLVEASAHPVTCAHWTKPSDAAESSLSVLSGAVLPL
AEGLHTVDLVGAGAGGAANRVALTPGTGYFVQTVGAEPGSPTAGSMFWVSDTGVRYGIDTAEDDKVVAALGLSTSPLPVP
WSVLSQFAAGPALSRGDALVAHDAVSTNPNSARMEASR
;
A,I
2 'polypeptide(L)'
;MSENTVMPIVRVAVLAAGDDGGRLTEMALPSELPLREILPAVQRIVQPARENDGAADPAAAPNPVRLSLAPIGGAPFSLD
ATLDTVGVVDGDLLALQAVPSGPPAPRIVEDIADAAVIFSEARRRQWGPTHIARGAALALIGLILVGTGLSVAHRVITGD
LLGQFIVSGIALATVIAALAVRNRSAVLATSLAVTALVPVAAAFALGVPGDFGAPNVLLAAAGVAAWSLISMAGSPDDRG
IAVFTATAVTGVGVLLVAGAASLWVISSDVIGCALVLLGLIVTVQAAQLSAMWARFPLPVIPAPGDPTPAARPLSVLADL
PRRVRVSQAHQTGVIAAGVLLGVAGSVALVSSANASPWAWYIVVAAAAGAALRARVWDSAACKAWLLGHSYLLAVALLVA
FVIGDRYQAALWALAALAVLVLVWIVAALNPKIASPDTYSLPMRRMVGFLATGLDASLIPVMALLVGLFSLVLDR
;
B,C,E,H
3 'polypeptide(L)'
;MSRLIFEHQRRLTPPTTRKGTITIEPPPQLPRVVPPSLLRRVLPFLIVILIVGMIVALFATGMRLISPTMLFFPFVLLLA
ATALYRGGDNKMRTEEVDAERADYLRYLSVVRDNVRAHAAEQRAALEWSHPEPEVLATIPGTRRQWERDPRDRDFLVLRA
GRHDVPLDAALKVKDTADEIDLEPVAHSALRGLLDVQRTVRDAPTGLDVAKLARITVIGEADEARAAIRAWIAQAVTWHD
PTMLGVALAAPDLESGDWSWLKWLPHVDVPNEADGVGPARYLTTSTAELRERLAPALADRPLFPAESGAALKHLLVVLDD
PDADPDDIARKPGLTGVTVIHRTTELPNREQYPDPERPILRVADGRIERWQVGGWQPCVDVADAMSAAEAAHIARRLSRW
DSNPGYIRSTSTGSATFTTLLGIPDASALDVHLGGIKAFHHHHHHHHHH
;
F,J
4 'polypeptide(L)'
;MTARIALASLFVVAAVLAQPWQTTTQRWVLGVSIAAVIVLLAWWKGMFLTTRIGRALAMVRRNRAEDTVETDAHRATVVL
RVDPAAPAQLPVVVGYLDRYGITCDKVRITHRDAGGTRRSWISLTVDAVDNLAALQARSARIPLQDTTEVVGRRLADHLR
EQGWTVTVVEGVDTPLPVSGKETWRGVADDAGVVAAYRVKVDDRLDEVLAEIGHLPAEETWTALEFTGSPAEPLLTVCAA
VRTSDRPAAKAPLAGLTPARGRHRPALAALNPLSTERLDGTAVPLPAVVRTSVKGSVEHEAAQEAGHPA
;
G,D
#
# COMPACT_ATOMS: atom_id res chain seq x y z
N ASP A 9 32.80 -25.15 -34.45
CA ASP A 9 32.20 -26.46 -34.11
C ASP A 9 30.81 -26.56 -34.76
N ARG A 10 29.75 -26.62 -33.93
CA ARG A 10 28.36 -26.69 -34.45
C ARG A 10 27.80 -25.28 -34.62
N ARG A 11 28.61 -24.26 -34.29
CA ARG A 11 28.21 -22.83 -34.40
C ARG A 11 26.91 -22.59 -33.63
N SER A 12 26.97 -22.66 -32.29
CA SER A 12 25.78 -22.45 -31.43
C SER A 12 25.43 -20.95 -31.37
N PHE A 13 24.19 -20.64 -30.98
CA PHE A 13 23.72 -19.23 -30.93
C PHE A 13 23.35 -18.85 -29.49
N SER A 14 24.33 -18.40 -28.70
CA SER A 14 24.11 -17.99 -27.29
C SER A 14 22.92 -17.03 -27.21
N SER A 15 21.97 -17.31 -26.32
CA SER A 15 20.75 -16.48 -26.15
C SER A 15 21.11 -14.99 -26.04
N ARG A 16 20.45 -14.15 -26.83
CA ARG A 16 20.70 -12.68 -26.83
C ARG A 16 19.37 -11.93 -26.73
N THR A 17 19.41 -10.64 -26.40
CA THR A 17 18.18 -9.81 -26.26
C THR A 17 18.55 -8.33 -26.29
N PRO A 18 18.24 -7.57 -27.38
CA PRO A 18 18.57 -6.15 -27.44
C PRO A 18 17.51 -5.24 -26.81
N VAL A 19 17.09 -4.18 -27.51
CA VAL A 19 16.07 -3.24 -26.99
C VAL A 19 14.81 -3.30 -27.87
N ASN A 20 14.12 -2.16 -28.04
CA ASN A 20 12.88 -2.13 -28.86
C ASN A 20 12.74 -0.77 -29.55
N GLU A 21 12.79 0.32 -28.78
CA GLU A 21 12.68 1.72 -29.30
C GLU A 21 11.52 1.84 -30.29
N ASN A 22 10.31 1.47 -29.89
CA ASN A 22 9.10 1.58 -30.77
C ASN A 22 7.83 1.46 -29.92
N PRO A 23 6.69 1.03 -30.49
CA PRO A 23 5.44 0.89 -29.75
C PRO A 23 5.26 -0.47 -29.07
N ASP A 24 5.65 -1.55 -29.75
CA ASP A 24 5.53 -2.93 -29.19
C ASP A 24 6.81 -3.29 -28.43
N GLY A 25 7.12 -2.53 -27.37
CA GLY A 25 8.32 -2.77 -26.55
C GLY A 25 8.00 -2.66 -25.07
N VAL A 26 6.73 -2.85 -24.72
CA VAL A 26 6.25 -2.78 -23.30
C VAL A 26 4.84 -3.37 -23.22
N GLN A 27 4.53 -4.33 -24.10
CA GLN A 27 3.19 -4.96 -24.11
C GLN A 27 3.34 -6.48 -24.15
N TYR A 28 3.09 -7.14 -23.01
CA TYR A 28 3.19 -8.63 -22.92
C TYR A 28 2.38 -9.14 -21.73
N ARG A 29 2.60 -8.58 -20.53
CA ARG A 29 1.96 -8.97 -19.24
C ARG A 29 1.70 -10.48 -19.17
N ARG A 30 2.73 -11.29 -19.38
CA ARG A 30 2.54 -12.77 -19.36
C ARG A 30 3.34 -13.37 -18.20
N GLY A 31 2.63 -13.77 -17.13
CA GLY A 31 3.28 -14.38 -15.96
C GLY A 31 3.38 -15.89 -16.11
N PHE A 32 4.59 -16.39 -16.36
CA PHE A 32 4.79 -17.85 -16.51
C PHE A 32 6.19 -18.21 -16.03
N VAL A 33 6.27 -18.84 -14.85
CA VAL A 33 7.57 -19.25 -14.23
C VAL A 33 8.29 -20.20 -15.17
N THR A 34 9.46 -19.79 -15.67
CA THR A 34 10.30 -20.63 -16.57
C THR A 34 11.11 -21.61 -15.71
N ARG A 35 11.72 -22.62 -16.33
CA ARG A 35 12.45 -23.60 -15.53
C ARG A 35 13.57 -22.93 -14.75
N HIS A 36 14.29 -22.00 -15.39
CA HIS A 36 15.39 -21.32 -14.71
C HIS A 36 14.91 -20.60 -13.46
N GLN A 37 13.75 -19.96 -13.50
CA GLN A 37 13.33 -19.22 -12.33
C GLN A 37 13.04 -20.15 -11.17
N VAL A 38 12.43 -21.31 -11.44
CA VAL A 38 12.15 -22.19 -10.32
C VAL A 38 13.44 -22.80 -9.79
N SER A 39 14.41 -23.09 -10.66
CA SER A 39 15.70 -23.52 -10.16
C SER A 39 16.34 -22.46 -9.28
N GLY A 40 16.34 -21.21 -9.74
CA GLY A 40 16.95 -20.16 -8.96
C GLY A 40 16.29 -19.98 -7.63
N TRP A 41 14.97 -20.06 -7.58
CA TRP A 41 14.29 -19.93 -6.30
C TRP A 41 14.66 -21.06 -5.37
N ARG A 42 14.65 -22.30 -5.86
CA ARG A 42 15.09 -23.41 -5.03
C ARG A 42 16.46 -23.14 -4.45
N PHE A 43 17.39 -22.68 -5.28
CA PHE A 43 18.75 -22.49 -4.80
C PHE A 43 18.83 -21.37 -3.79
N VAL A 44 18.14 -20.26 -4.03
CA VAL A 44 18.24 -19.18 -3.06
C VAL A 44 17.67 -19.60 -1.73
N MET A 45 16.51 -20.23 -1.73
CA MET A 45 15.97 -20.61 -0.44
C MET A 45 16.76 -21.74 0.20
N ARG A 46 17.60 -22.44 -0.53
CA ARG A 46 18.47 -23.39 0.13
C ARG A 46 19.84 -22.83 0.42
N ARG A 47 20.09 -21.57 0.09
CA ARG A 47 21.29 -20.91 0.59
C ARG A 47 20.99 -19.98 1.76
N ILE A 48 19.77 -19.47 1.85
CA ILE A 48 19.36 -18.80 3.08
C ILE A 48 19.15 -19.81 4.19
N ALA A 49 18.30 -20.80 3.96
CA ALA A 49 18.03 -21.80 4.99
C ALA A 49 19.29 -22.49 5.46
N SER A 50 20.40 -22.37 4.74
CA SER A 50 21.69 -22.82 5.21
C SER A 50 22.56 -21.65 5.64
N GLY A 51 21.96 -20.61 6.17
CA GLY A 51 22.73 -19.48 6.66
C GLY A 51 22.24 -19.13 8.02
N VAL A 52 21.19 -19.83 8.45
CA VAL A 52 20.68 -19.69 9.80
C VAL A 52 20.67 -21.02 10.53
N ALA A 53 21.33 -22.03 9.99
CA ALA A 53 21.57 -23.27 10.72
C ALA A 53 23.05 -23.64 10.70
N LEU A 54 23.77 -23.28 9.66
CA LEU A 54 25.18 -23.60 9.60
C LEU A 54 26.06 -22.39 9.89
N HIS A 55 25.53 -21.19 9.77
CA HIS A 55 26.30 -19.97 9.98
C HIS A 55 27.56 -19.94 9.11
N ASP A 56 27.45 -20.46 7.90
CA ASP A 56 28.37 -20.12 6.82
C ASP A 56 27.70 -20.53 5.52
N THR A 57 27.89 -19.74 4.48
CA THR A 57 27.13 -19.89 3.26
C THR A 57 28.01 -20.08 2.04
N ARG A 58 29.15 -20.74 2.21
CA ARG A 58 29.95 -21.10 1.05
C ARG A 58 29.37 -22.29 0.30
N MET A 59 28.36 -22.95 0.88
CA MET A 59 27.53 -23.91 0.16
C MET A 59 28.31 -25.06 -0.45
N LEU A 60 29.39 -25.50 0.22
CA LEU A 60 30.17 -26.60 -0.36
C LEU A 60 29.50 -27.94 -0.16
N VAL A 61 28.95 -28.18 1.03
CA VAL A 61 28.23 -29.42 1.31
C VAL A 61 26.99 -29.06 2.11
N ASP A 62 25.82 -29.38 1.56
CA ASP A 62 24.58 -29.05 2.25
C ASP A 62 24.00 -30.31 2.87
N PRO A 63 23.99 -30.42 4.20
CA PRO A 63 23.37 -31.59 4.82
C PRO A 63 21.88 -31.45 5.06
N LEU A 64 21.33 -30.24 5.08
CA LEU A 64 19.90 -30.10 5.34
C LEU A 64 19.07 -30.77 4.25
N ARG A 65 19.32 -30.40 3.00
CA ARG A 65 18.67 -31.08 1.89
C ARG A 65 18.95 -32.58 1.92
N THR A 66 20.13 -32.97 2.41
CA THR A 66 20.40 -34.39 2.55
C THR A 66 19.38 -35.04 3.48
N GLN A 67 19.17 -34.45 4.65
CA GLN A 67 18.17 -34.98 5.57
C GLN A 67 16.80 -35.08 4.91
N SER A 68 16.39 -34.00 4.25
CA SER A 68 15.04 -33.98 3.71
C SER A 68 14.87 -35.01 2.60
N ARG A 69 15.86 -35.15 1.73
CA ARG A 69 15.77 -36.16 0.69
C ARG A 69 15.87 -37.56 1.26
N ALA A 70 16.52 -37.72 2.41
CA ALA A 70 16.52 -39.03 3.07
C ALA A 70 15.13 -39.41 3.55
N VAL A 71 14.43 -38.48 4.20
CA VAL A 71 13.08 -38.83 4.62
C VAL A 71 12.20 -39.05 3.41
N LEU A 72 12.44 -38.31 2.32
CA LEU A 72 11.64 -38.52 1.13
C LEU A 72 11.87 -39.92 0.56
N THR A 73 13.13 -40.36 0.51
CA THR A 73 13.45 -41.70 0.04
C THR A 73 12.78 -42.76 0.90
N GLY A 74 12.75 -42.55 2.21
CA GLY A 74 11.99 -43.44 3.06
C GLY A 74 10.54 -43.54 2.62
N ALA A 75 9.92 -42.38 2.37
CA ALA A 75 8.52 -42.39 1.93
C ALA A 75 8.33 -43.13 0.61
N LEU A 76 9.24 -42.92 -0.34
CA LEU A 76 9.07 -43.54 -1.66
C LEU A 76 9.24 -45.05 -1.57
N ILE A 77 10.26 -45.53 -0.85
CA ILE A 77 10.42 -46.96 -0.70
C ILE A 77 9.23 -47.55 0.06
N LEU A 78 8.66 -46.79 1.00
CA LEU A 78 7.43 -47.22 1.65
C LEU A 78 6.34 -47.50 0.63
N VAL A 79 6.04 -46.53 -0.23
CA VAL A 79 4.93 -46.72 -1.18
C VAL A 79 5.25 -47.83 -2.18
N THR A 80 6.52 -47.93 -2.60
CA THR A 80 6.94 -49.01 -3.48
C THR A 80 6.65 -50.37 -2.88
N GLY A 81 7.13 -50.64 -1.67
CA GLY A 81 6.83 -51.90 -1.03
C GLY A 81 5.34 -52.12 -0.82
N LEU A 82 4.62 -51.04 -0.50
CA LEU A 82 3.18 -51.13 -0.34
C LEU A 82 2.53 -51.72 -1.57
N VAL A 83 2.78 -51.14 -2.76
CA VAL A 83 2.12 -51.70 -3.94
C VAL A 83 2.74 -53.04 -4.34
N GLY A 84 4.05 -53.24 -4.14
CA GLY A 84 4.67 -54.50 -4.53
C GLY A 84 4.23 -55.67 -3.68
N CYS A 85 3.60 -55.40 -2.53
CA CYS A 85 2.88 -56.44 -1.82
C CYS A 85 1.37 -56.34 -2.00
N PHE A 86 0.88 -55.25 -2.58
CA PHE A 86 -0.52 -55.20 -3.02
C PHE A 86 -0.73 -56.08 -4.24
N ILE A 87 0.30 -56.20 -5.09
CA ILE A 87 0.25 -57.12 -6.23
C ILE A 87 0.34 -58.57 -5.75
N PHE A 88 0.98 -58.79 -4.60
CA PHE A 88 1.00 -60.09 -3.96
C PHE A 88 -0.42 -60.64 -3.77
N SER A 89 -1.40 -59.74 -3.69
CA SER A 89 -2.80 -60.12 -3.73
C SER A 89 -3.50 -59.40 -4.89
N PRO B 8 30.30 33.67 45.06
CA PRO B 8 29.48 32.51 45.40
C PRO B 8 30.10 31.20 44.92
N ILE B 9 31.38 31.00 45.25
CA ILE B 9 32.10 29.85 44.72
C ILE B 9 31.66 28.59 45.45
N VAL B 10 31.92 27.44 44.82
CA VAL B 10 31.58 26.14 45.38
C VAL B 10 32.84 25.28 45.39
N ARG B 11 32.89 24.34 46.33
CA ARG B 11 34.06 23.50 46.53
C ARG B 11 33.72 22.05 46.24
N VAL B 12 34.22 21.54 45.12
CA VAL B 12 33.89 20.22 44.64
C VAL B 12 35.17 19.42 44.44
N ALA B 13 35.02 18.13 44.22
CA ALA B 13 36.14 17.25 43.92
C ALA B 13 35.93 16.61 42.56
N VAL B 14 37.02 16.42 41.82
CA VAL B 14 36.94 15.93 40.45
C VAL B 14 37.84 14.73 40.27
N LEU B 15 37.45 13.86 39.34
CA LEU B 15 38.12 12.59 39.12
C LEU B 15 38.37 12.39 37.64
N ALA B 16 39.54 11.86 37.30
CA ALA B 16 39.92 11.61 35.92
C ALA B 16 40.93 10.48 35.88
N ALA B 17 40.59 9.40 35.16
CA ALA B 17 41.41 8.19 35.13
C ALA B 17 41.64 7.76 33.68
N GLY B 18 42.74 8.24 33.08
CA GLY B 18 43.04 7.87 31.72
C GLY B 18 44.41 7.26 31.44
N ASP B 19 45.41 7.58 32.26
CA ASP B 19 46.78 7.13 32.00
C ASP B 19 47.13 5.87 32.78
N ASP B 20 47.06 5.95 34.10
CA ASP B 20 47.35 4.82 34.97
C ASP B 20 46.59 5.05 36.27
N GLY B 21 45.47 4.36 36.43
CA GLY B 21 44.59 4.78 37.49
C GLY B 21 44.12 6.19 37.23
N GLY B 22 43.88 6.93 38.30
CA GLY B 22 43.35 8.28 38.18
C GLY B 22 43.94 9.19 39.23
N ARG B 23 43.44 10.41 39.26
CA ARG B 23 43.87 11.42 40.21
C ARG B 23 42.64 12.14 40.76
N LEU B 24 42.58 12.26 42.08
CA LEU B 24 41.50 12.97 42.75
C LEU B 24 42.09 14.15 43.50
N THR B 25 41.55 15.33 43.26
CA THR B 25 41.95 16.52 44.00
C THR B 25 40.81 17.52 43.98
N GLU B 26 40.58 18.15 45.13
CA GLU B 26 39.47 19.07 45.26
C GLU B 26 39.75 20.35 44.51
N MET B 27 38.80 21.28 44.60
CA MET B 27 38.97 22.63 44.08
C MET B 27 37.80 23.46 44.54
N ALA B 28 37.82 24.74 44.14
CA ALA B 28 36.73 25.68 44.38
C ALA B 28 36.55 26.46 43.09
N LEU B 29 35.42 26.28 42.44
CA LEU B 29 35.19 26.91 41.16
C LEU B 29 33.97 27.83 41.24
N PRO B 30 34.03 29.02 40.64
CA PRO B 30 32.93 29.97 40.75
C PRO B 30 31.66 29.42 40.12
N SER B 31 30.55 29.66 40.80
CA SER B 31 29.26 29.13 40.37
C SER B 31 28.65 30.05 39.32
N GLU B 32 27.48 29.66 38.81
CA GLU B 32 26.68 30.45 37.87
C GLU B 32 27.49 30.84 36.63
N LEU B 33 28.31 29.93 36.12
CA LEU B 33 29.00 30.22 34.88
C LEU B 33 29.11 28.95 34.03
N PRO B 34 29.06 29.08 32.70
CA PRO B 34 29.09 27.90 31.85
C PRO B 34 30.41 27.16 31.93
N LEU B 35 30.32 25.86 32.25
CA LEU B 35 31.49 24.99 32.41
C LEU B 35 32.42 25.03 31.21
N ARG B 36 31.92 25.53 30.07
CA ARG B 36 32.66 25.65 28.83
C ARG B 36 33.97 26.40 29.00
N GLU B 37 34.13 27.13 30.11
CA GLU B 37 35.30 27.96 30.33
C GLU B 37 36.16 27.44 31.47
N ILE B 38 35.55 26.79 32.45
CA ILE B 38 36.30 26.15 33.52
C ILE B 38 37.04 24.93 33.02
N LEU B 39 36.46 24.18 32.09
CA LEU B 39 37.11 22.95 31.64
C LEU B 39 38.57 23.14 31.27
N PRO B 40 39.00 24.24 30.64
CA PRO B 40 40.45 24.43 30.46
C PRO B 40 41.22 24.38 31.76
N ALA B 41 40.75 25.06 32.80
CA ALA B 41 41.48 25.08 34.06
C ALA B 41 41.58 23.67 34.66
N VAL B 42 40.43 23.03 34.88
CA VAL B 42 40.44 21.72 35.53
C VAL B 42 41.20 20.70 34.71
N GLN B 43 41.20 20.84 33.38
CA GLN B 43 42.06 19.99 32.57
C GLN B 43 43.52 20.28 32.83
N ARG B 44 43.89 21.56 32.94
CA ARG B 44 45.28 21.88 33.20
C ARG B 44 45.74 21.36 34.55
N ILE B 45 44.84 21.34 35.53
CA ILE B 45 45.23 20.99 36.89
C ILE B 45 45.63 19.51 36.96
N VAL B 46 44.67 18.63 36.73
CA VAL B 46 44.82 17.21 37.08
C VAL B 46 45.58 16.47 35.99
N GLN B 47 45.96 17.18 34.93
CA GLN B 47 46.66 16.55 33.83
C GLN B 47 47.99 17.24 33.57
N PRO B 64 41.69 15.24 20.44
CA PRO B 64 40.96 14.12 19.85
C PRO B 64 39.47 14.13 20.18
N VAL B 65 39.12 14.34 21.45
CA VAL B 65 37.73 14.34 21.90
C VAL B 65 37.57 15.37 23.02
N ARG B 66 36.36 15.90 23.17
CA ARG B 66 36.10 16.95 24.14
C ARG B 66 35.60 16.35 25.44
N LEU B 67 36.03 16.92 26.56
CA LEU B 67 35.69 16.39 27.87
C LEU B 67 34.71 17.29 28.60
N SER B 68 34.12 16.76 29.66
CA SER B 68 33.11 17.50 30.43
C SER B 68 32.98 16.91 31.82
N LEU B 69 32.20 17.59 32.65
CA LEU B 69 31.95 17.13 34.01
C LEU B 69 30.69 16.30 34.07
N ALA B 70 30.70 15.30 34.96
CA ALA B 70 29.58 14.40 35.06
C ALA B 70 29.36 14.01 36.51
N PRO B 71 28.11 14.02 36.98
CA PRO B 71 27.82 13.44 38.28
C PRO B 71 28.02 11.94 38.21
N ILE B 72 28.59 11.40 39.27
CA ILE B 72 28.90 9.97 39.28
C ILE B 72 27.60 9.18 39.27
N GLY B 73 27.41 8.39 38.22
CA GLY B 73 26.21 7.60 38.04
C GLY B 73 25.13 8.29 37.23
N GLY B 74 25.52 8.88 36.10
CA GLY B 74 24.56 9.63 35.31
C GLY B 74 25.23 10.23 34.09
N ALA B 75 24.39 10.87 33.27
CA ALA B 75 24.86 11.45 32.03
C ALA B 75 25.72 12.68 32.31
N PRO B 76 26.59 13.07 31.38
CA PRO B 76 27.46 14.21 31.63
C PRO B 76 26.68 15.51 31.67
N PHE B 77 27.35 16.56 32.13
CA PHE B 77 26.71 17.87 32.23
C PHE B 77 26.64 18.54 30.86
N SER B 78 25.59 19.34 30.66
CA SER B 78 25.47 20.11 29.44
C SER B 78 26.53 21.22 29.41
N LEU B 79 27.21 21.34 28.27
CA LEU B 79 28.29 22.30 28.17
C LEU B 79 27.81 23.73 28.35
N ASP B 80 26.69 24.09 27.72
CA ASP B 80 26.23 25.47 27.83
C ASP B 80 25.77 25.82 29.23
N ALA B 81 25.29 24.84 29.97
CA ALA B 81 24.70 25.07 31.28
C ALA B 81 25.78 25.38 32.31
N THR B 82 25.34 25.80 33.48
CA THR B 82 26.21 26.19 34.57
C THR B 82 25.84 25.41 35.83
N LEU B 83 26.65 25.60 36.88
CA LEU B 83 26.56 24.73 38.05
C LEU B 83 25.26 24.92 38.83
N ASP B 84 24.51 25.99 38.60
CA ASP B 84 23.28 26.21 39.34
C ASP B 84 22.03 25.81 38.58
N THR B 85 22.00 25.98 37.26
CA THR B 85 20.85 25.49 36.51
C THR B 85 20.78 23.98 36.49
N VAL B 86 21.92 23.30 36.71
CA VAL B 86 21.91 21.86 36.91
C VAL B 86 21.93 21.50 38.40
N GLY B 87 22.61 22.27 39.25
CA GLY B 87 22.57 22.03 40.67
C GLY B 87 23.67 21.11 41.15
N VAL B 88 24.50 21.62 42.06
CA VAL B 88 25.56 20.85 42.69
C VAL B 88 25.65 21.26 44.14
N VAL B 89 25.72 20.29 45.02
CA VAL B 89 25.88 20.56 46.45
C VAL B 89 27.36 20.73 46.71
N ASP B 90 27.69 21.57 47.68
CA ASP B 90 29.09 21.84 47.98
C ASP B 90 29.66 20.64 48.73
N GLY B 91 30.74 20.07 48.18
CA GLY B 91 31.29 18.83 48.68
C GLY B 91 31.00 17.63 47.80
N ASP B 92 30.38 17.83 46.65
CA ASP B 92 30.04 16.73 45.76
C ASP B 92 31.26 16.29 44.95
N LEU B 93 31.19 15.07 44.45
CA LEU B 93 32.25 14.47 43.65
C LEU B 93 31.79 14.39 42.21
N LEU B 94 32.60 14.92 41.30
CA LEU B 94 32.28 14.96 39.88
C LEU B 94 33.41 14.33 39.09
N ALA B 95 33.13 13.95 37.84
CA ALA B 95 34.09 13.21 37.04
C ALA B 95 34.27 13.85 35.66
N LEU B 96 35.37 13.50 35.00
CA LEU B 96 35.67 13.97 33.65
C LEU B 96 35.19 12.95 32.63
N GLN B 97 33.98 13.14 32.11
CA GLN B 97 33.43 12.20 31.15
C GLN B 97 33.33 12.87 29.79
N ALA B 98 33.60 12.09 28.76
CA ALA B 98 33.61 12.62 27.41
C ALA B 98 32.19 12.96 26.96
N VAL B 99 32.11 13.44 25.73
CA VAL B 99 30.83 13.89 25.18
C VAL B 99 30.06 12.70 24.62
N PRO B 100 28.74 12.63 24.81
CA PRO B 100 27.98 11.41 24.47
C PRO B 100 27.64 11.26 22.99
N SER B 101 28.42 11.89 22.11
CA SER B 101 27.99 12.35 20.80
C SER B 101 26.97 11.50 20.03
N GLY B 102 27.26 10.24 19.72
CA GLY B 102 26.36 9.52 18.86
C GLY B 102 26.79 8.14 18.40
N PRO B 103 25.94 7.48 17.62
CA PRO B 103 26.16 6.09 17.24
C PRO B 103 26.90 5.97 15.94
N PRO B 104 27.77 4.98 15.81
CA PRO B 104 28.68 4.89 14.65
C PRO B 104 28.20 4.09 13.43
N ALA B 105 27.26 4.67 12.68
CA ALA B 105 26.97 4.28 11.30
C ALA B 105 26.75 2.77 11.14
N PRO B 106 25.61 2.24 11.58
CA PRO B 106 25.38 0.80 11.47
C PRO B 106 25.48 0.32 10.03
N ARG B 107 26.16 -0.81 9.84
CA ARG B 107 26.42 -1.29 8.49
C ARG B 107 25.13 -1.60 7.76
N ILE B 108 25.22 -1.69 6.45
CA ILE B 108 24.10 -2.03 5.58
C ILE B 108 24.58 -3.11 4.65
N VAL B 109 23.92 -4.27 4.70
CA VAL B 109 24.22 -5.39 3.81
C VAL B 109 22.94 -5.78 3.12
N GLU B 110 23.07 -6.24 1.87
CA GLU B 110 21.91 -6.60 1.07
C GLU B 110 21.88 -8.07 0.67
N ASP B 111 23.04 -8.71 0.56
CA ASP B 111 23.07 -10.14 0.29
C ASP B 111 22.60 -10.86 1.53
N ILE B 112 21.41 -11.43 1.46
CA ILE B 112 20.79 -11.95 2.69
C ILE B 112 21.63 -13.05 3.31
N ALA B 113 22.40 -13.78 2.51
CA ALA B 113 23.30 -14.77 3.08
C ALA B 113 24.25 -14.13 4.07
N ASP B 114 25.05 -13.16 3.62
CA ASP B 114 25.91 -12.46 4.54
C ASP B 114 25.12 -11.68 5.57
N ALA B 115 23.97 -11.15 5.18
CA ALA B 115 23.18 -10.38 6.13
C ALA B 115 22.66 -11.23 7.27
N ALA B 116 22.72 -12.54 7.15
CA ALA B 116 22.41 -13.38 8.28
C ALA B 116 23.64 -13.95 8.95
N VAL B 117 24.69 -14.20 8.18
CA VAL B 117 25.88 -14.73 8.82
C VAL B 117 26.71 -13.62 9.46
N ILE B 118 26.21 -12.39 9.44
CA ILE B 118 26.96 -11.28 10.04
C ILE B 118 26.22 -10.72 11.24
N PHE B 119 24.90 -10.60 11.14
CA PHE B 119 24.11 -10.02 12.21
C PHE B 119 23.72 -11.03 13.26
N SER B 120 24.26 -12.24 13.21
CA SER B 120 24.03 -13.24 14.24
C SER B 120 25.29 -13.54 15.03
N GLU B 121 26.28 -12.67 14.95
CA GLU B 121 27.52 -12.89 15.69
C GLU B 121 27.51 -12.24 17.06
N ALA B 122 26.45 -11.53 17.41
CA ALA B 122 26.25 -11.07 18.78
C ALA B 122 25.62 -12.19 19.61
N ARG B 123 26.27 -13.34 19.59
CA ARG B 123 25.66 -14.54 20.12
C ARG B 123 26.57 -15.38 21.00
N ARG B 124 27.90 -15.16 20.98
CA ARG B 124 28.88 -15.98 21.70
C ARG B 124 28.55 -17.45 21.55
N ARG B 125 27.95 -17.79 20.42
CA ARG B 125 27.32 -19.08 20.21
C ARG B 125 28.29 -20.25 20.20
N GLN B 126 29.59 -19.96 20.19
CA GLN B 126 30.59 -21.01 20.11
C GLN B 126 30.29 -22.12 21.10
N TRP B 127 30.09 -23.33 20.57
CA TRP B 127 29.93 -24.48 21.44
C TRP B 127 31.14 -24.64 22.36
N GLY B 128 32.26 -25.06 21.79
CA GLY B 128 33.52 -25.03 22.51
C GLY B 128 33.56 -25.91 23.73
N PRO B 129 34.74 -26.03 24.33
CA PRO B 129 34.88 -26.92 25.48
C PRO B 129 34.49 -26.23 26.77
N THR B 130 33.34 -25.57 26.80
CA THR B 130 32.86 -25.00 28.05
C THR B 130 31.39 -25.24 28.33
N HIS B 131 30.54 -25.49 27.32
CA HIS B 131 29.18 -25.90 27.62
C HIS B 131 29.14 -27.38 27.95
N ILE B 132 30.14 -28.11 27.50
CA ILE B 132 30.23 -29.52 27.82
C ILE B 132 30.28 -29.70 29.32
N ALA B 133 30.95 -28.79 30.02
CA ALA B 133 31.05 -28.89 31.46
C ALA B 133 29.69 -28.82 32.12
N ARG B 134 28.93 -27.74 31.86
CA ARG B 134 27.62 -27.62 32.50
C ARG B 134 26.72 -28.79 32.13
N GLY B 135 26.81 -29.26 30.89
CA GLY B 135 26.02 -30.41 30.52
C GLY B 135 26.32 -31.61 31.38
N ALA B 136 27.60 -31.96 31.50
CA ALA B 136 27.96 -33.10 32.33
C ALA B 136 27.50 -32.91 33.76
N ALA B 137 27.73 -31.73 34.32
CA ALA B 137 27.41 -31.50 35.72
C ALA B 137 25.92 -31.66 35.98
N LEU B 138 25.08 -31.04 35.14
CA LEU B 138 23.65 -31.12 35.43
C LEU B 138 23.12 -32.50 35.15
N ALA B 139 23.68 -33.20 34.18
CA ALA B 139 23.31 -34.60 34.00
C ALA B 139 23.57 -35.39 35.28
N LEU B 140 24.77 -35.23 35.84
CA LEU B 140 25.13 -35.93 37.05
C LEU B 140 24.16 -35.63 38.18
N ILE B 141 23.85 -34.34 38.38
CA ILE B 141 22.96 -33.95 39.45
C ILE B 141 21.59 -34.59 39.28
N GLY B 142 21.04 -34.51 38.06
CA GLY B 142 19.75 -35.13 37.82
C GLY B 142 19.78 -36.61 38.12
N LEU B 143 20.86 -37.28 37.72
CA LEU B 143 20.96 -38.72 37.97
C LEU B 143 20.90 -39.03 39.44
N ILE B 144 21.71 -38.35 40.24
CA ILE B 144 21.73 -38.63 41.67
C ILE B 144 20.35 -38.41 42.26
N LEU B 145 19.76 -37.25 41.99
CA LEU B 145 18.45 -36.95 42.58
C LEU B 145 17.41 -37.97 42.15
N VAL B 146 17.45 -38.41 40.89
CA VAL B 146 16.37 -39.27 40.44
C VAL B 146 16.55 -40.68 40.98
N GLY B 147 17.79 -41.15 41.14
CA GLY B 147 17.98 -42.42 41.81
C GLY B 147 17.42 -42.38 43.23
N THR B 148 17.76 -41.33 43.98
CA THR B 148 17.27 -41.24 45.34
C THR B 148 15.74 -41.19 45.38
N GLY B 149 15.14 -40.31 44.58
CA GLY B 149 13.69 -40.21 44.59
C GLY B 149 13.01 -41.45 44.04
N LEU B 150 13.72 -42.20 43.21
CA LEU B 150 13.21 -43.48 42.74
C LEU B 150 13.04 -44.42 43.91
N SER B 151 14.08 -44.57 44.73
CA SER B 151 13.91 -45.40 45.92
C SER B 151 12.89 -44.82 46.89
N VAL B 152 12.81 -43.49 46.96
CA VAL B 152 11.80 -42.80 47.76
C VAL B 152 10.41 -43.30 47.40
N ALA B 153 10.01 -43.12 46.13
CA ALA B 153 8.69 -43.58 45.69
C ALA B 153 8.56 -45.08 45.81
N HIS B 154 9.65 -45.82 45.55
CA HIS B 154 9.65 -47.26 45.71
C HIS B 154 9.22 -47.68 47.11
N ARG B 155 9.54 -46.87 48.11
CA ARG B 155 9.08 -47.19 49.46
C ARG B 155 7.73 -46.56 49.77
N VAL B 156 7.47 -45.33 49.31
CA VAL B 156 6.19 -44.68 49.58
C VAL B 156 5.05 -45.36 48.85
N ILE B 157 5.35 -46.32 47.97
CA ILE B 157 4.32 -47.06 47.24
C ILE B 157 4.47 -48.57 47.41
N THR B 158 5.66 -49.07 47.77
CA THR B 158 5.87 -50.50 48.01
C THR B 158 6.78 -50.76 49.21
N GLY B 159 7.25 -52.01 49.31
CA GLY B 159 8.19 -52.44 50.33
C GLY B 159 9.20 -53.44 49.80
N ASP B 160 10.49 -53.17 50.02
CA ASP B 160 11.58 -53.99 49.52
C ASP B 160 12.87 -53.45 50.11
N LEU B 161 13.96 -54.21 50.00
CA LEU B 161 15.22 -53.87 50.64
C LEU B 161 16.37 -53.51 49.69
N LEU B 162 16.14 -53.45 48.38
CA LEU B 162 17.17 -52.89 47.51
C LEU B 162 17.29 -51.38 47.64
N GLY B 163 16.16 -50.69 47.80
CA GLY B 163 16.17 -49.23 47.74
C GLY B 163 17.13 -48.62 48.74
N GLN B 164 17.07 -49.07 49.99
CA GLN B 164 17.96 -48.52 51.00
C GLN B 164 19.43 -48.75 50.64
N PHE B 165 19.73 -49.89 50.02
CA PHE B 165 21.09 -50.19 49.62
C PHE B 165 21.58 -49.21 48.57
N ILE B 166 20.74 -48.93 47.57
CA ILE B 166 21.20 -48.00 46.54
C ILE B 166 21.25 -46.56 47.03
N VAL B 167 20.35 -46.17 47.94
CA VAL B 167 20.46 -44.85 48.54
C VAL B 167 21.78 -44.71 49.28
N SER B 168 22.10 -45.68 50.12
CA SER B 168 23.38 -45.66 50.81
C SER B 168 24.55 -45.62 49.84
N GLY B 169 24.39 -46.24 48.69
CA GLY B 169 25.45 -46.15 47.70
C GLY B 169 25.68 -44.74 47.23
N ILE B 170 24.63 -44.14 46.64
CA ILE B 170 24.83 -42.87 45.95
C ILE B 170 25.11 -41.72 46.92
N ALA B 171 24.55 -41.75 48.13
CA ALA B 171 24.84 -40.67 49.08
C ALA B 171 26.33 -40.61 49.40
N LEU B 172 26.89 -41.73 49.83
CA LEU B 172 28.31 -41.77 50.13
C LEU B 172 29.13 -41.47 48.89
N ALA B 173 28.66 -41.92 47.72
CA ALA B 173 29.37 -41.59 46.50
C ALA B 173 29.51 -40.08 46.33
N THR B 174 28.40 -39.36 46.45
CA THR B 174 28.45 -37.90 46.32
C THR B 174 29.31 -37.27 47.39
N VAL B 175 29.26 -37.78 48.62
CA VAL B 175 30.08 -37.21 49.67
C VAL B 175 31.56 -37.31 49.31
N ILE B 176 32.01 -38.50 48.96
CA ILE B 176 33.39 -38.68 48.53
C ILE B 176 33.73 -37.76 47.37
N ALA B 177 32.82 -37.64 46.39
CA ALA B 177 33.12 -36.83 45.22
C ALA B 177 33.28 -35.36 45.58
N ALA B 178 32.31 -34.80 46.30
CA ALA B 178 32.38 -33.40 46.67
C ALA B 178 33.57 -33.13 47.57
N LEU B 179 34.05 -34.13 48.30
CA LEU B 179 35.29 -33.91 49.03
C LEU B 179 36.51 -33.96 48.11
N ALA B 180 36.48 -34.81 47.09
CA ALA B 180 37.63 -34.96 46.22
C ALA B 180 37.84 -33.75 45.31
N VAL B 181 36.77 -33.16 44.82
CA VAL B 181 36.87 -32.15 43.77
C VAL B 181 36.84 -30.73 44.35
N ARG B 182 37.00 -30.61 45.68
CA ARG B 182 36.99 -29.28 46.29
C ARG B 182 38.16 -28.44 45.81
N ASN B 183 39.37 -29.03 45.77
CA ASN B 183 40.56 -28.32 45.36
C ASN B 183 40.82 -28.44 43.87
N ARG B 184 39.78 -28.56 43.06
CA ARG B 184 39.91 -28.69 41.62
C ARG B 184 39.21 -27.61 40.84
N SER B 185 37.94 -27.33 41.14
CA SER B 185 37.19 -26.31 40.44
C SER B 185 36.64 -25.28 41.43
N ALA B 186 36.20 -25.77 42.60
CA ALA B 186 35.64 -25.00 43.69
C ALA B 186 34.26 -24.42 43.36
N VAL B 187 33.77 -24.60 42.14
CA VAL B 187 32.43 -24.17 41.77
C VAL B 187 31.50 -25.37 41.58
N LEU B 188 32.04 -26.48 41.10
CA LEU B 188 31.27 -27.70 41.08
C LEU B 188 31.19 -28.31 42.47
N ALA B 189 32.25 -28.18 43.25
CA ALA B 189 32.32 -28.83 44.55
C ALA B 189 31.17 -28.38 45.44
N THR B 190 30.93 -27.07 45.50
CA THR B 190 29.85 -26.57 46.32
C THR B 190 28.48 -27.04 45.83
N SER B 191 28.29 -27.15 44.52
CA SER B 191 27.01 -27.63 44.00
C SER B 191 26.79 -29.09 44.38
N LEU B 192 27.80 -29.92 44.18
CA LEU B 192 27.72 -31.30 44.62
C LEU B 192 27.41 -31.38 46.10
N ALA B 193 28.04 -30.54 46.89
CA ALA B 193 27.74 -30.52 48.32
C ALA B 193 26.27 -30.20 48.57
N VAL B 194 25.79 -29.10 48.00
CA VAL B 194 24.42 -28.66 48.26
C VAL B 194 23.42 -29.74 47.88
N THR B 195 23.69 -30.47 46.81
CA THR B 195 22.72 -31.50 46.43
C THR B 195 22.90 -32.79 47.21
N ALA B 196 24.09 -33.06 47.74
CA ALA B 196 24.32 -34.35 48.35
C ALA B 196 23.57 -34.53 49.66
N LEU B 197 22.87 -33.52 50.15
CA LEU B 197 22.16 -33.66 51.41
C LEU B 197 20.74 -34.21 51.24
N VAL B 198 20.30 -34.44 50.01
CA VAL B 198 19.05 -35.16 49.81
C VAL B 198 19.26 -36.65 50.04
N PRO B 199 20.23 -37.29 49.37
CA PRO B 199 20.40 -38.72 49.58
C PRO B 199 20.81 -39.07 50.99
N VAL B 200 21.57 -38.22 51.67
CA VAL B 200 21.97 -38.51 53.04
C VAL B 200 20.75 -38.49 53.96
N ALA B 201 19.92 -37.46 53.83
CA ALA B 201 18.70 -37.40 54.62
C ALA B 201 17.83 -38.62 54.37
N ALA B 202 17.65 -38.99 53.11
CA ALA B 202 16.88 -40.20 52.82
C ALA B 202 17.50 -41.42 53.48
N ALA B 203 18.82 -41.58 53.34
CA ALA B 203 19.48 -42.80 53.80
C ALA B 203 19.35 -42.96 55.30
N PHE B 204 19.43 -41.86 56.05
CA PHE B 204 19.23 -42.04 57.48
C PHE B 204 17.77 -42.13 57.87
N ALA B 205 16.86 -41.52 57.10
CA ALA B 205 15.45 -41.59 57.45
C ALA B 205 14.86 -42.97 57.23
N LEU B 206 15.39 -43.73 56.28
CA LEU B 206 14.84 -45.06 56.02
C LEU B 206 15.24 -46.10 57.05
N GLY B 207 16.41 -45.96 57.69
CA GLY B 207 16.81 -46.92 58.69
C GLY B 207 15.95 -46.84 59.94
N VAL B 208 16.04 -47.88 60.77
CA VAL B 208 15.29 -48.00 62.01
C VAL B 208 13.80 -47.92 61.68
N PRO B 209 13.23 -48.96 61.05
CA PRO B 209 12.05 -48.77 60.20
C PRO B 209 10.80 -48.17 60.84
N GLY B 210 10.21 -48.84 61.83
CA GLY B 210 8.91 -48.40 62.33
C GLY B 210 7.89 -48.28 61.21
N ASP B 211 7.22 -47.13 61.15
CA ASP B 211 6.50 -46.67 59.96
C ASP B 211 6.85 -45.20 59.80
N PHE B 212 7.92 -44.94 59.04
CA PHE B 212 8.52 -43.61 58.87
C PHE B 212 9.12 -43.14 60.19
N GLY B 213 8.88 -43.89 61.27
CA GLY B 213 9.56 -43.71 62.54
C GLY B 213 9.22 -42.47 63.34
N ALA B 214 9.39 -42.56 64.67
CA ALA B 214 9.45 -41.38 65.51
C ALA B 214 10.86 -40.78 65.55
N PRO B 215 11.91 -41.55 65.89
CA PRO B 215 13.24 -40.95 65.97
C PRO B 215 14.01 -40.98 64.66
N ASN B 216 13.42 -41.54 63.61
CA ASN B 216 14.07 -41.47 62.31
C ASN B 216 14.22 -40.02 61.87
N VAL B 217 13.23 -39.19 62.18
CA VAL B 217 13.39 -37.76 61.90
C VAL B 217 14.58 -37.20 62.68
N LEU B 218 14.80 -37.71 63.89
CA LEU B 218 15.93 -37.26 64.69
C LEU B 218 17.25 -37.56 64.01
N LEU B 219 17.45 -38.82 63.63
CA LEU B 219 18.72 -39.15 62.99
C LEU B 219 18.85 -38.46 61.64
N ALA B 220 17.73 -38.22 60.96
CA ALA B 220 17.79 -37.47 59.71
C ALA B 220 18.34 -36.08 59.95
N ALA B 221 17.78 -35.36 60.92
CA ALA B 221 18.28 -34.03 61.25
C ALA B 221 19.74 -34.09 61.67
N ALA B 222 20.14 -35.13 62.39
CA ALA B 222 21.53 -35.24 62.81
C ALA B 222 22.46 -35.33 61.61
N GLY B 223 22.16 -36.23 60.68
CA GLY B 223 22.98 -36.33 59.48
C GLY B 223 23.00 -35.04 58.69
N VAL B 224 21.84 -34.39 58.56
CA VAL B 224 21.76 -33.15 57.81
C VAL B 224 22.69 -32.11 58.41
N ALA B 225 22.55 -31.84 59.71
CA ALA B 225 23.36 -30.81 60.34
C ALA B 225 24.84 -31.16 60.27
N ALA B 226 25.19 -32.42 60.54
CA ALA B 226 26.58 -32.82 60.46
C ALA B 226 27.17 -32.50 59.10
N TRP B 227 26.55 -33.03 58.04
CA TRP B 227 27.10 -32.83 56.71
C TRP B 227 27.14 -31.35 56.35
N SER B 228 26.12 -30.59 56.73
CA SER B 228 26.09 -29.18 56.36
C SER B 228 27.24 -28.43 56.99
N LEU B 229 27.52 -28.70 58.27
CA LEU B 229 28.68 -28.05 58.89
C LEU B 229 29.97 -28.49 58.23
N ILE B 230 30.12 -29.79 57.97
CA ILE B 230 31.35 -30.26 57.35
C ILE B 230 31.59 -29.53 56.05
N SER B 231 30.52 -29.25 55.32
CA SER B 231 30.66 -28.57 54.04
C SER B 231 30.96 -27.09 54.21
N MET B 232 30.19 -26.40 55.06
CA MET B 232 30.45 -24.99 55.32
C MET B 232 31.88 -24.75 55.78
N ALA B 233 32.49 -25.76 56.41
CA ALA B 233 33.85 -25.60 56.91
C ALA B 233 34.86 -25.46 55.79
N GLY B 234 34.63 -26.11 54.66
CA GLY B 234 35.63 -26.18 53.62
C GLY B 234 35.45 -25.23 52.46
N SER B 235 34.38 -24.44 52.44
CA SER B 235 34.16 -23.59 51.28
C SER B 235 35.24 -22.52 51.22
N PRO B 236 35.96 -22.44 50.10
CA PRO B 236 36.99 -21.39 49.95
C PRO B 236 36.39 -20.00 50.03
N ASP B 237 35.18 -19.84 49.49
CA ASP B 237 34.51 -18.54 49.55
C ASP B 237 33.00 -18.77 49.52
N ASP B 238 32.27 -17.69 49.26
CA ASP B 238 30.81 -17.64 49.41
C ASP B 238 30.09 -18.30 48.25
N ARG B 239 28.80 -17.96 48.11
CA ARG B 239 27.90 -18.59 47.14
C ARG B 239 27.77 -20.08 47.42
N GLY B 240 27.10 -20.35 48.54
CA GLY B 240 26.90 -21.70 49.00
C GLY B 240 26.90 -21.73 50.51
N ILE B 241 27.35 -20.63 51.12
CA ILE B 241 27.41 -20.57 52.56
C ILE B 241 26.04 -20.25 53.15
N ALA B 242 25.23 -19.49 52.42
CA ALA B 242 23.93 -19.10 52.96
C ALA B 242 23.05 -20.33 53.19
N VAL B 243 22.82 -21.12 52.15
CA VAL B 243 21.99 -22.30 52.30
C VAL B 243 22.56 -23.25 53.33
N PHE B 244 23.89 -23.33 53.42
CA PHE B 244 24.51 -24.18 54.42
C PHE B 244 24.13 -23.76 55.83
N THR B 245 24.32 -22.49 56.14
CA THR B 245 23.97 -22.00 57.47
C THR B 245 22.49 -22.21 57.77
N ALA B 246 21.63 -21.90 56.81
CA ALA B 246 20.20 -22.04 57.06
C ALA B 246 19.83 -23.49 57.37
N THR B 247 20.30 -24.41 56.53
CA THR B 247 19.96 -25.80 56.77
C THR B 247 20.58 -26.33 58.05
N ALA B 248 21.76 -25.85 58.43
CA ALA B 248 22.34 -26.27 59.70
C ALA B 248 21.45 -25.87 60.87
N VAL B 249 21.02 -24.61 60.87
CA VAL B 249 20.19 -24.13 61.98
C VAL B 249 18.89 -24.91 62.06
N THR B 250 18.19 -25.07 60.94
CA THR B 250 16.93 -25.80 61.03
C THR B 250 17.14 -27.26 61.40
N GLY B 251 18.24 -27.87 60.96
CA GLY B 251 18.52 -29.23 61.38
C GLY B 251 18.68 -29.34 62.87
N VAL B 252 19.49 -28.46 63.47
CA VAL B 252 19.69 -28.50 64.91
C VAL B 252 18.37 -28.29 65.65
N GLY B 253 17.57 -27.33 65.20
CA GLY B 253 16.32 -27.06 65.90
C GLY B 253 15.36 -28.22 65.88
N VAL B 254 15.08 -28.76 64.68
CA VAL B 254 14.14 -29.87 64.62
C VAL B 254 14.73 -31.09 65.31
N LEU B 255 16.06 -31.22 65.34
CA LEU B 255 16.67 -32.29 66.12
C LEU B 255 16.31 -32.15 67.59
N LEU B 256 16.49 -30.96 68.15
CA LEU B 256 16.16 -30.75 69.55
C LEU B 256 14.71 -31.11 69.84
N VAL B 257 13.78 -30.56 69.05
CA VAL B 257 12.38 -30.78 69.40
C VAL B 257 11.97 -32.23 69.14
N ALA B 258 12.57 -32.89 68.14
CA ALA B 258 12.25 -34.29 67.90
C ALA B 258 12.78 -35.18 69.02
N GLY B 259 13.96 -34.88 69.54
CA GLY B 259 14.47 -35.63 70.68
C GLY B 259 13.65 -35.40 71.92
N ALA B 260 13.13 -34.19 72.09
CA ALA B 260 12.26 -33.92 73.23
C ALA B 260 10.90 -34.58 73.07
N ALA B 261 10.46 -34.81 71.84
CA ALA B 261 9.19 -35.48 71.61
C ALA B 261 9.30 -37.00 71.61
N SER B 262 10.49 -37.55 71.36
CA SER B 262 10.66 -39.00 71.33
C SER B 262 10.71 -39.62 72.72
N LEU B 263 11.64 -39.19 73.55
CA LEU B 263 11.79 -39.73 74.90
C LEU B 263 10.66 -39.30 75.82
N TRP B 264 9.64 -38.63 75.28
CA TRP B 264 8.45 -38.27 76.00
C TRP B 264 7.26 -38.75 75.18
N VAL B 265 6.05 -38.36 75.57
CA VAL B 265 4.86 -38.82 74.86
C VAL B 265 4.04 -37.61 74.44
N ILE B 266 4.42 -36.43 74.91
CA ILE B 266 3.67 -35.22 74.64
C ILE B 266 3.76 -34.89 73.16
N SER B 267 2.62 -34.89 72.47
CA SER B 267 2.55 -34.52 71.06
C SER B 267 1.31 -33.71 70.75
N SER B 268 0.51 -33.36 71.76
CA SER B 268 -0.79 -32.73 71.53
C SER B 268 -0.58 -31.29 71.10
N ASP B 269 -0.23 -31.12 69.83
CA ASP B 269 -0.07 -29.80 69.21
C ASP B 269 0.91 -28.92 70.00
N VAL B 270 1.77 -29.54 70.78
CA VAL B 270 2.87 -28.81 71.40
C VAL B 270 4.02 -28.62 70.42
N ILE B 271 4.15 -29.49 69.43
CA ILE B 271 5.23 -29.36 68.46
C ILE B 271 5.12 -28.03 67.72
N GLY B 272 3.91 -27.66 67.30
CA GLY B 272 3.74 -26.40 66.61
C GLY B 272 4.11 -25.21 67.47
N CYS B 273 3.69 -25.21 68.73
CA CYS B 273 4.00 -24.06 69.56
C CYS B 273 5.50 -23.99 69.84
N ALA B 274 6.15 -25.14 70.12
CA ALA B 274 7.61 -25.17 70.23
C ALA B 274 8.29 -24.61 69.00
N LEU B 275 7.86 -25.01 67.80
CA LEU B 275 8.51 -24.51 66.60
C LEU B 275 8.29 -23.02 66.42
N VAL B 276 7.08 -22.54 66.71
CA VAL B 276 6.82 -21.11 66.60
C VAL B 276 7.73 -20.34 67.53
N LEU B 277 7.87 -20.80 68.77
CA LEU B 277 8.74 -20.10 69.69
C LEU B 277 10.19 -20.12 69.23
N LEU B 278 10.67 -21.26 68.76
CA LEU B 278 12.07 -21.33 68.34
C LEU B 278 12.32 -20.42 67.14
N GLY B 279 11.37 -20.38 66.20
CA GLY B 279 11.49 -19.47 65.08
C GLY B 279 11.52 -18.02 65.51
N LEU B 280 10.67 -17.64 66.47
CA LEU B 280 10.70 -16.27 66.93
C LEU B 280 12.04 -15.94 67.58
N ILE B 281 12.57 -16.88 68.37
CA ILE B 281 13.85 -16.66 69.04
C ILE B 281 14.94 -16.38 68.02
N VAL B 282 15.07 -17.26 67.01
CA VAL B 282 16.12 -17.06 66.04
C VAL B 282 15.88 -15.88 65.12
N THR B 283 14.63 -15.53 64.84
CA THR B 283 14.41 -14.29 64.12
C THR B 283 14.94 -13.09 64.90
N VAL B 284 14.63 -13.03 66.19
CA VAL B 284 14.96 -11.80 66.92
C VAL B 284 16.45 -11.74 67.24
N GLN B 285 17.08 -12.87 67.55
CA GLN B 285 18.50 -12.81 67.90
C GLN B 285 19.40 -13.29 66.75
N ALA B 286 18.89 -13.20 65.54
CA ALA B 286 19.68 -13.53 64.36
C ALA B 286 20.94 -12.70 64.25
N ALA B 287 20.84 -11.39 64.51
CA ALA B 287 22.01 -10.53 64.38
C ALA B 287 23.11 -10.96 65.35
N GLN B 288 22.75 -11.17 66.61
CA GLN B 288 23.75 -11.64 67.57
C GLN B 288 24.34 -12.97 67.13
N LEU B 289 23.49 -13.92 66.74
CA LEU B 289 23.98 -15.23 66.38
C LEU B 289 24.82 -15.19 65.11
N SER B 290 24.73 -14.10 64.35
CA SER B 290 25.58 -13.96 63.18
C SER B 290 27.06 -13.88 63.55
N ALA B 291 27.40 -12.99 64.49
CA ALA B 291 28.77 -12.87 64.96
C ALA B 291 29.27 -14.11 65.67
N MET B 292 28.39 -15.08 65.93
CA MET B 292 28.83 -16.30 66.59
C MET B 292 29.85 -17.05 65.75
N TRP B 293 29.64 -17.14 64.45
CA TRP B 293 30.59 -17.85 63.60
C TRP B 293 31.90 -17.09 63.50
N ALA B 294 31.93 -15.83 63.92
CA ALA B 294 33.17 -15.09 64.00
C ALA B 294 33.93 -15.50 65.25
N VAL B 316 47.23 -7.21 58.03
CA VAL B 316 46.59 -6.04 57.42
C VAL B 316 45.15 -6.45 57.08
N LEU B 317 44.33 -5.48 56.69
CA LEU B 317 42.92 -5.71 56.42
C LEU B 317 42.61 -5.89 54.94
N ALA B 318 43.53 -6.48 54.18
CA ALA B 318 43.28 -6.69 52.76
C ALA B 318 41.97 -7.43 52.50
N ASP B 319 41.66 -8.46 53.28
CA ASP B 319 40.50 -9.29 52.99
C ASP B 319 39.26 -8.84 53.76
N LEU B 320 39.01 -7.55 53.78
CA LEU B 320 37.73 -7.11 54.32
C LEU B 320 36.60 -7.32 53.32
N PRO B 321 36.77 -7.04 52.03
CA PRO B 321 35.69 -7.30 51.07
C PRO B 321 35.23 -8.74 51.05
N ARG B 322 36.03 -9.66 51.57
CA ARG B 322 35.60 -11.04 51.70
C ARG B 322 34.77 -11.20 52.96
N ARG B 323 35.32 -10.80 54.09
CA ARG B 323 34.68 -11.04 55.37
C ARG B 323 33.32 -10.37 55.44
N VAL B 324 33.18 -9.21 54.80
CA VAL B 324 31.89 -8.53 54.86
C VAL B 324 30.81 -9.32 54.15
N ARG B 325 31.09 -9.75 52.92
CA ARG B 325 30.13 -10.59 52.21
C ARG B 325 29.82 -11.85 53.00
N VAL B 326 30.84 -12.46 53.59
CA VAL B 326 30.64 -13.70 54.33
C VAL B 326 29.66 -13.48 55.47
N SER B 327 29.88 -12.41 56.23
CA SER B 327 29.03 -12.14 57.39
C SER B 327 27.60 -11.84 56.96
N GLN B 328 27.44 -11.04 55.92
CA GLN B 328 26.08 -10.75 55.45
C GLN B 328 25.39 -12.01 54.99
N ALA B 329 26.13 -12.92 54.36
CA ALA B 329 25.55 -14.19 53.95
C ALA B 329 25.08 -14.98 55.15
N HIS B 330 25.92 -15.04 56.19
CA HIS B 330 25.51 -15.72 57.42
C HIS B 330 24.18 -15.17 57.91
N GLN B 331 24.06 -13.84 57.97
CA GLN B 331 22.83 -13.22 58.47
C GLN B 331 21.63 -13.66 57.66
N THR B 332 21.73 -13.56 56.33
CA THR B 332 20.59 -13.91 55.48
C THR B 332 20.19 -15.37 55.67
N GLY B 333 21.17 -16.27 55.71
CA GLY B 333 20.85 -17.66 55.92
C GLY B 333 20.12 -17.89 57.22
N VAL B 334 20.60 -17.28 58.30
CA VAL B 334 19.95 -17.49 59.59
C VAL B 334 18.51 -17.01 59.57
N ILE B 335 18.26 -15.84 58.95
CA ILE B 335 16.88 -15.38 58.90
C ILE B 335 16.00 -16.33 58.11
N ALA B 336 16.51 -16.86 57.00
CA ALA B 336 15.72 -17.82 56.23
C ALA B 336 15.38 -19.03 57.08
N ALA B 337 16.37 -19.57 57.78
CA ALA B 337 16.10 -20.71 58.66
C ALA B 337 15.03 -20.37 59.68
N GLY B 338 15.12 -19.18 60.26
CA GLY B 338 14.09 -18.75 61.18
C GLY B 338 12.70 -18.82 60.62
N VAL B 339 12.48 -18.20 59.47
CA VAL B 339 11.13 -18.18 58.90
C VAL B 339 10.65 -19.58 58.55
N LEU B 340 11.57 -20.44 58.09
CA LEU B 340 11.17 -21.81 57.78
C LEU B 340 10.65 -22.51 59.02
N LEU B 341 11.38 -22.41 60.13
CA LEU B 341 10.94 -23.04 61.36
C LEU B 341 9.58 -22.51 61.79
N GLY B 342 9.40 -21.19 61.70
CA GLY B 342 8.14 -20.58 62.09
C GLY B 342 6.95 -21.06 61.31
N VAL B 343 7.06 -21.16 59.98
CA VAL B 343 5.96 -21.70 59.20
C VAL B 343 5.76 -23.19 59.44
N ALA B 344 6.83 -23.95 59.66
CA ALA B 344 6.68 -25.37 59.97
C ALA B 344 5.86 -25.56 61.24
N GLY B 345 6.06 -24.69 62.23
CA GLY B 345 5.25 -24.79 63.42
C GLY B 345 3.79 -24.45 63.18
N SER B 346 3.52 -23.35 62.49
CA SER B 346 2.16 -22.91 62.27
C SER B 346 1.35 -23.91 61.46
N VAL B 347 1.96 -24.54 60.45
CA VAL B 347 1.19 -25.46 59.64
C VAL B 347 0.76 -26.67 60.46
N ALA B 348 1.61 -27.12 61.39
CA ALA B 348 1.26 -28.26 62.23
C ALA B 348 0.26 -27.88 63.30
N LEU B 349 0.28 -26.63 63.77
CA LEU B 349 -0.62 -26.29 64.87
C LEU B 349 -2.09 -26.34 64.46
N VAL B 350 -2.45 -25.77 63.32
CA VAL B 350 -3.85 -25.71 62.92
C VAL B 350 -4.08 -26.80 61.87
N SER B 351 -3.26 -27.85 61.93
CA SER B 351 -3.26 -28.89 60.91
C SER B 351 -4.65 -29.50 60.74
N SER B 352 -5.19 -30.06 61.81
CA SER B 352 -6.47 -30.74 61.74
C SER B 352 -7.61 -29.75 61.52
N ALA B 353 -8.82 -30.27 61.53
CA ALA B 353 -10.01 -29.44 61.45
C ALA B 353 -10.53 -29.16 62.86
N ASN B 354 -11.51 -28.25 62.94
CA ASN B 354 -12.20 -27.87 64.17
C ASN B 354 -11.24 -27.68 65.35
N ALA B 355 -10.15 -26.97 65.13
CA ALA B 355 -9.19 -26.73 66.20
C ALA B 355 -9.55 -25.47 66.97
N SER B 356 -8.79 -25.22 68.03
CA SER B 356 -9.08 -24.11 68.93
C SER B 356 -8.90 -22.77 68.24
N PRO B 357 -9.67 -21.76 68.63
CA PRO B 357 -9.46 -20.41 68.10
C PRO B 357 -8.15 -19.79 68.54
N TRP B 358 -7.55 -20.25 69.63
CA TRP B 358 -6.28 -19.67 70.04
C TRP B 358 -5.18 -19.92 69.03
N ALA B 359 -5.20 -21.07 68.35
CA ALA B 359 -4.30 -21.25 67.22
C ALA B 359 -4.63 -20.26 66.11
N TRP B 360 -5.91 -20.10 65.80
CA TRP B 360 -6.34 -19.13 64.80
C TRP B 360 -5.82 -17.74 65.12
N TYR B 361 -5.57 -17.45 66.40
CA TYR B 361 -5.02 -16.15 66.74
C TYR B 361 -3.49 -16.15 66.67
N ILE B 362 -2.85 -17.16 67.26
CA ILE B 362 -1.40 -17.11 67.37
C ILE B 362 -0.72 -17.24 66.01
N VAL B 363 -1.36 -17.91 65.04
CA VAL B 363 -0.76 -17.94 63.72
C VAL B 363 -0.71 -16.54 63.12
N VAL B 364 -1.81 -15.80 63.20
CA VAL B 364 -1.82 -14.43 62.71
C VAL B 364 -0.87 -13.59 63.52
N ALA B 365 -0.71 -13.90 64.81
CA ALA B 365 0.23 -13.16 65.63
C ALA B 365 1.66 -13.30 65.10
N ALA B 366 2.12 -14.53 64.90
CA ALA B 366 3.46 -14.73 64.37
C ALA B 366 3.60 -14.11 62.98
N ALA B 367 2.56 -14.22 62.15
CA ALA B 367 2.62 -13.63 60.81
C ALA B 367 2.85 -12.13 60.90
N ALA B 368 2.04 -11.43 61.68
CA ALA B 368 2.20 -9.98 61.79
C ALA B 368 3.51 -9.62 62.45
N GLY B 369 3.97 -10.41 63.42
CA GLY B 369 5.24 -10.14 64.04
C GLY B 369 6.39 -10.20 63.05
N ALA B 370 6.37 -11.22 62.20
CA ALA B 370 7.35 -11.28 61.13
C ALA B 370 7.21 -10.12 60.16
N ALA B 371 6.00 -9.71 59.81
CA ALA B 371 5.80 -8.77 58.73
C ALA B 371 6.46 -7.43 58.96
N LEU B 372 6.59 -6.99 60.20
CA LEU B 372 7.05 -5.63 60.47
C LEU B 372 8.46 -5.59 61.02
N ARG B 373 9.17 -6.71 61.00
CA ARG B 373 10.63 -6.67 61.07
C ARG B 373 11.22 -6.47 59.68
N ALA B 374 10.39 -6.19 58.70
CA ALA B 374 10.80 -5.85 57.35
C ALA B 374 11.26 -4.41 57.23
N ARG B 375 11.48 -3.73 58.35
CA ARG B 375 12.03 -2.38 58.32
C ARG B 375 13.21 -2.18 59.24
N VAL B 376 13.80 -3.26 59.78
CA VAL B 376 15.04 -3.14 60.53
C VAL B 376 16.27 -3.51 59.69
N TRP B 377 16.14 -4.45 58.76
CA TRP B 377 17.28 -4.98 58.03
C TRP B 377 17.56 -4.15 56.79
N ASP B 378 18.84 -4.10 56.40
CA ASP B 378 19.25 -3.22 55.32
C ASP B 378 19.23 -3.93 53.97
N SER B 379 19.61 -5.21 53.95
CA SER B 379 19.75 -5.96 52.71
C SER B 379 18.41 -6.11 52.02
N ALA B 380 18.41 -6.72 50.85
CA ALA B 380 17.16 -6.95 50.13
C ALA B 380 16.65 -8.38 50.31
N ALA B 381 17.56 -9.35 50.37
CA ALA B 381 17.14 -10.74 50.53
C ALA B 381 16.54 -11.01 51.88
N CYS B 382 17.10 -10.43 52.95
CA CYS B 382 16.54 -10.64 54.26
C CYS B 382 15.14 -10.06 54.36
N LYS B 383 14.98 -8.81 53.92
CA LYS B 383 13.65 -8.22 53.84
C LYS B 383 12.71 -9.10 53.03
N ALA B 384 13.20 -9.69 51.96
CA ALA B 384 12.35 -10.51 51.11
C ALA B 384 11.89 -11.75 51.84
N TRP B 385 12.80 -12.43 52.53
CA TRP B 385 12.39 -13.59 53.32
C TRP B 385 11.30 -13.21 54.30
N LEU B 386 11.53 -12.15 55.06
CA LEU B 386 10.55 -11.76 56.07
C LEU B 386 9.21 -11.43 55.46
N LEU B 387 9.20 -10.61 54.41
CA LEU B 387 7.93 -10.24 53.77
C LEU B 387 7.21 -11.43 53.18
N GLY B 388 7.92 -12.30 52.48
CA GLY B 388 7.32 -13.47 51.86
C GLY B 388 6.94 -14.57 52.80
N HIS B 389 7.30 -14.44 54.08
CA HIS B 389 6.77 -15.37 55.08
C HIS B 389 5.27 -15.53 54.96
N SER B 390 4.55 -14.42 54.77
CA SER B 390 3.10 -14.50 54.74
C SER B 390 2.60 -15.28 53.53
N TYR B 391 3.19 -15.03 52.37
CA TYR B 391 2.85 -15.79 51.17
C TYR B 391 3.09 -17.28 51.40
N LEU B 392 4.26 -17.60 51.95
CA LEU B 392 4.59 -18.99 52.23
C LEU B 392 3.58 -19.63 53.16
N LEU B 393 3.18 -18.92 54.21
CA LEU B 393 2.26 -19.48 55.19
C LEU B 393 0.88 -19.69 54.58
N ALA B 394 0.41 -18.74 53.80
CA ALA B 394 -0.90 -18.90 53.17
C ALA B 394 -0.91 -20.10 52.24
N VAL B 395 0.10 -20.23 51.39
CA VAL B 395 0.10 -21.37 50.47
C VAL B 395 0.31 -22.67 51.23
N ALA B 396 1.01 -22.61 52.36
CA ALA B 396 1.18 -23.81 53.17
C ALA B 396 -0.13 -24.25 53.78
N LEU B 397 -0.94 -23.31 54.27
CA LEU B 397 -2.27 -23.66 54.74
C LEU B 397 -3.11 -24.27 53.62
N LEU B 398 -3.00 -23.73 52.41
CA LEU B 398 -3.77 -24.30 51.31
C LEU B 398 -3.34 -25.74 51.04
N VAL B 399 -2.02 -25.99 50.98
CA VAL B 399 -1.56 -27.35 50.75
C VAL B 399 -1.88 -28.24 51.95
N ALA B 400 -2.12 -27.65 53.12
CA ALA B 400 -2.52 -28.46 54.26
C ALA B 400 -3.97 -28.89 54.13
N PHE B 401 -4.85 -27.98 53.72
CA PHE B 401 -6.22 -28.36 53.43
C PHE B 401 -6.30 -29.39 52.31
N VAL B 402 -5.37 -29.35 51.36
CA VAL B 402 -5.34 -30.42 50.36
C VAL B 402 -4.81 -31.71 50.97
N ILE B 403 -3.72 -31.64 51.72
CA ILE B 403 -3.17 -32.85 52.34
C ILE B 403 -4.16 -33.41 53.35
N GLY B 404 -4.98 -32.54 53.94
CA GLY B 404 -6.12 -32.96 54.74
C GLY B 404 -7.39 -33.16 53.94
N ASP B 405 -7.41 -32.72 52.68
CA ASP B 405 -8.51 -32.96 51.76
C ASP B 405 -9.81 -32.35 52.29
N ARG B 406 -9.78 -31.03 52.48
CA ARG B 406 -10.88 -30.28 53.08
C ARG B 406 -11.84 -29.72 52.04
N TYR B 407 -11.34 -28.89 51.12
CA TYR B 407 -12.06 -28.34 49.97
C TYR B 407 -13.19 -27.40 50.36
N GLN B 408 -13.19 -26.88 51.58
CA GLN B 408 -14.12 -25.84 52.01
C GLN B 408 -13.44 -24.57 52.49
N ALA B 409 -12.39 -24.69 53.29
CA ALA B 409 -11.61 -23.53 53.71
C ALA B 409 -10.57 -23.12 52.69
N ALA B 410 -10.23 -24.00 51.74
CA ALA B 410 -9.22 -23.67 50.74
C ALA B 410 -9.60 -22.40 49.98
N LEU B 411 -10.89 -22.21 49.73
CA LEU B 411 -11.34 -20.99 49.07
C LEU B 411 -10.92 -19.75 49.86
N TRP B 412 -10.80 -19.87 51.17
CA TRP B 412 -10.47 -18.70 51.96
C TRP B 412 -8.97 -18.51 52.10
N ALA B 413 -8.20 -19.60 52.03
CA ALA B 413 -6.76 -19.44 51.82
C ALA B 413 -6.49 -18.71 50.51
N LEU B 414 -7.21 -19.08 49.46
CA LEU B 414 -7.12 -18.36 48.20
C LEU B 414 -7.53 -16.89 48.37
N ALA B 415 -8.54 -16.63 49.18
CA ALA B 415 -8.89 -15.24 49.49
C ALA B 415 -7.71 -14.51 50.14
N ALA B 416 -7.05 -15.16 51.08
CA ALA B 416 -5.91 -14.52 51.76
C ALA B 416 -4.79 -14.21 50.79
N LEU B 417 -4.47 -15.16 49.91
CA LEU B 417 -3.52 -14.87 48.84
C LEU B 417 -3.96 -13.68 48.01
N ALA B 418 -5.25 -13.62 47.67
CA ALA B 418 -5.76 -12.49 46.91
C ALA B 418 -5.45 -11.17 47.60
N VAL B 419 -5.71 -11.10 48.90
CA VAL B 419 -5.47 -9.86 49.63
C VAL B 419 -3.98 -9.52 49.63
N LEU B 420 -3.13 -10.54 49.83
CA LEU B 420 -1.71 -10.27 49.92
C LEU B 420 -1.15 -9.77 48.59
N VAL B 421 -1.57 -10.40 47.49
CA VAL B 421 -1.10 -9.93 46.20
C VAL B 421 -1.66 -8.55 45.89
N LEU B 422 -2.87 -8.25 46.37
CA LEU B 422 -3.40 -6.91 46.12
C LEU B 422 -2.60 -5.85 46.87
N VAL B 423 -2.25 -6.12 48.13
CA VAL B 423 -1.47 -5.13 48.85
C VAL B 423 -0.07 -5.00 48.25
N TRP B 424 0.51 -6.11 47.79
CA TRP B 424 1.79 -6.01 47.08
C TRP B 424 1.68 -5.13 45.84
N ILE B 425 0.64 -5.36 45.03
CA ILE B 425 0.47 -4.60 43.81
C ILE B 425 0.32 -3.11 44.09
N VAL B 426 -0.53 -2.76 45.06
CA VAL B 426 -0.75 -1.34 45.32
C VAL B 426 0.48 -0.73 45.96
N ALA B 427 1.29 -1.53 46.64
CA ALA B 427 2.55 -1.01 47.15
C ALA B 427 3.55 -0.74 46.05
N ALA B 428 3.55 -1.56 44.99
CA ALA B 428 4.52 -1.42 43.92
C ALA B 428 4.14 -0.40 42.87
N LEU B 429 2.86 -0.35 42.48
CA LEU B 429 2.43 0.47 41.35
C LEU B 429 2.81 1.93 41.55
N ASN B 430 2.23 2.56 42.56
CA ASN B 430 2.66 3.89 42.95
C ASN B 430 3.65 3.78 44.09
N PRO B 431 4.94 3.91 43.84
CA PRO B 431 5.96 3.67 44.88
C PRO B 431 6.08 4.84 45.87
N LYS B 432 4.93 5.30 46.36
CA LYS B 432 4.88 6.42 47.28
C LYS B 432 4.47 6.03 48.68
N ILE B 433 3.51 5.13 48.84
CA ILE B 433 3.05 4.75 50.17
C ILE B 433 4.15 3.97 50.90
N ALA B 434 4.72 2.97 50.23
CA ALA B 434 5.82 2.21 50.79
C ALA B 434 7.08 3.06 50.71
N SER B 435 7.11 4.10 51.54
CA SER B 435 8.25 5.02 51.58
C SER B 435 8.32 5.66 52.95
N PRO B 436 9.25 5.24 53.82
CA PRO B 436 9.36 5.88 55.14
C PRO B 436 9.71 7.36 55.06
N ASP B 437 10.29 7.81 53.95
CA ASP B 437 10.68 9.21 53.80
C ASP B 437 9.49 10.16 53.67
N THR B 438 8.32 9.65 53.27
CA THR B 438 7.11 10.47 53.25
C THR B 438 6.24 10.25 54.46
N TYR B 439 6.55 9.25 55.29
CA TYR B 439 5.87 9.08 56.56
C TYR B 439 6.57 9.91 57.62
N SER B 440 5.80 10.78 58.27
CA SER B 440 6.37 11.67 59.27
C SER B 440 6.83 10.88 60.49
N LEU B 441 7.48 11.59 61.41
CA LEU B 441 8.18 10.95 62.51
C LEU B 441 7.25 10.26 63.50
N PRO B 442 6.33 10.96 64.17
CA PRO B 442 5.55 10.30 65.23
C PRO B 442 4.68 9.19 64.72
N MET B 443 4.21 9.27 63.48
CA MET B 443 3.46 8.18 62.89
C MET B 443 4.29 6.90 62.84
N ARG B 444 5.49 6.99 62.26
CA ARG B 444 6.39 5.84 62.23
C ARG B 444 6.79 5.41 63.64
N ARG B 445 6.84 6.36 64.58
CA ARG B 445 7.15 6.01 65.97
C ARG B 445 6.07 5.13 66.57
N MET B 446 4.81 5.54 66.42
CA MET B 446 3.69 4.74 66.92
C MET B 446 3.66 3.37 66.26
N VAL B 447 3.89 3.32 64.95
CA VAL B 447 3.92 2.02 64.27
C VAL B 447 5.05 1.17 64.82
N GLY B 448 6.19 1.78 65.13
CA GLY B 448 7.28 1.04 65.73
C GLY B 448 6.95 0.52 67.13
N PHE B 449 6.17 1.30 67.88
CA PHE B 449 5.73 0.81 69.18
C PHE B 449 4.78 -0.37 69.02
N LEU B 450 3.86 -0.29 68.08
CA LEU B 450 3.02 -1.43 67.75
C LEU B 450 3.88 -2.64 67.41
N ALA B 451 4.97 -2.42 66.67
CA ALA B 451 5.87 -3.50 66.30
C ALA B 451 6.60 -4.08 67.50
N THR B 452 6.97 -3.23 68.47
CA THR B 452 7.63 -3.71 69.67
C THR B 452 6.66 -4.48 70.56
N GLY B 453 5.36 -4.15 70.46
CA GLY B 453 4.39 -4.79 71.32
C GLY B 453 3.83 -6.09 70.80
N LEU B 454 3.35 -6.10 69.55
CA LEU B 454 2.57 -7.23 69.07
C LEU B 454 3.38 -8.51 69.06
N ASP B 455 4.68 -8.43 68.83
CA ASP B 455 5.56 -9.59 68.86
C ASP B 455 5.84 -10.09 70.26
N ALA B 456 5.57 -9.26 71.27
CA ALA B 456 5.69 -9.68 72.65
C ALA B 456 4.37 -10.17 73.22
N SER B 457 3.32 -10.25 72.39
CA SER B 457 2.00 -10.59 72.88
C SER B 457 1.65 -12.06 72.68
N LEU B 458 2.45 -12.82 71.95
CA LEU B 458 2.08 -14.20 71.67
C LEU B 458 2.73 -15.20 72.62
N ILE B 459 3.70 -14.78 73.43
CA ILE B 459 4.32 -15.67 74.39
C ILE B 459 3.29 -16.15 75.42
N PRO B 460 2.53 -15.26 76.06
CA PRO B 460 1.58 -15.74 77.06
C PRO B 460 0.47 -16.59 76.48
N VAL B 461 -0.07 -16.21 75.33
CA VAL B 461 -1.13 -17.02 74.74
C VAL B 461 -0.59 -18.35 74.27
N MET B 462 0.69 -18.38 73.88
CA MET B 462 1.31 -19.68 73.64
C MET B 462 1.37 -20.49 74.93
N ALA B 463 1.94 -19.91 75.98
CA ALA B 463 2.08 -20.61 77.26
C ALA B 463 0.76 -21.12 77.78
N LEU B 464 -0.33 -20.40 77.56
CA LEU B 464 -1.60 -20.89 78.05
C LEU B 464 -2.23 -21.92 77.12
N LEU B 465 -2.23 -21.68 75.81
CA LEU B 465 -2.94 -22.61 74.92
C LEU B 465 -2.34 -24.00 74.98
N VAL B 466 -1.00 -24.09 75.11
CA VAL B 466 -0.36 -25.39 75.20
C VAL B 466 -0.74 -26.09 76.50
N GLY B 467 -1.26 -25.35 77.46
CA GLY B 467 -1.60 -25.90 78.75
C GLY B 467 -0.53 -25.72 79.81
N LEU B 468 0.55 -25.01 79.51
CA LEU B 468 1.53 -24.69 80.53
C LEU B 468 0.94 -23.71 81.55
N PHE B 469 -0.22 -23.12 81.24
CA PHE B 469 -0.94 -22.32 82.20
C PHE B 469 -2.29 -22.91 82.57
N SER B 470 -2.77 -23.92 81.83
CA SER B 470 -4.02 -24.60 82.13
C SER B 470 -3.83 -25.71 83.17
N LEU B 471 -2.81 -25.61 84.00
CA LEU B 471 -2.51 -26.65 84.98
C LEU B 471 -3.65 -26.83 85.97
N PRO C 8 52.46 44.88 25.43
CA PRO C 8 52.29 45.67 26.66
C PRO C 8 50.91 45.49 27.29
N ILE C 9 49.91 45.22 26.47
CA ILE C 9 48.54 45.13 26.93
C ILE C 9 48.00 43.75 26.61
N VAL C 10 47.12 43.26 27.50
CA VAL C 10 46.56 41.92 27.41
C VAL C 10 45.04 42.03 27.57
N ARG C 11 44.30 41.33 26.73
CA ARG C 11 42.83 41.32 26.79
C ARG C 11 42.38 39.99 27.37
N VAL C 12 41.76 40.04 28.55
CA VAL C 12 41.45 38.84 29.32
C VAL C 12 39.97 38.81 29.65
N ALA C 13 39.48 37.59 29.89
CA ALA C 13 38.10 37.34 30.30
C ALA C 13 37.99 37.50 31.80
N VAL C 14 37.31 38.56 32.23
CA VAL C 14 37.30 38.96 33.63
C VAL C 14 35.90 38.75 34.18
N LEU C 15 35.81 38.16 35.37
CA LEU C 15 34.55 37.74 35.94
C LEU C 15 34.08 38.70 37.01
N ALA C 16 32.77 38.79 37.19
CA ALA C 16 32.17 39.67 38.20
C ALA C 16 32.38 39.12 39.60
N GLY C 21 26.56 35.78 39.61
CA GLY C 21 27.45 36.90 39.37
C GLY C 21 28.38 36.68 38.19
N GLY C 22 27.83 36.23 37.06
CA GLY C 22 28.62 35.93 35.89
C GLY C 22 28.83 37.14 35.00
N ARG C 23 28.42 37.02 33.74
CA ARG C 23 28.57 38.07 32.75
C ARG C 23 30.03 38.52 32.63
N LEU C 24 30.85 37.55 32.24
CA LEU C 24 32.28 37.79 32.05
C LEU C 24 32.49 38.91 31.05
N THR C 25 33.49 39.75 31.29
CA THR C 25 33.72 40.90 30.43
C THR C 25 34.97 40.70 29.56
N GLU C 26 35.07 41.55 28.54
CA GLU C 26 36.17 41.55 27.59
C GLU C 26 36.93 42.87 27.78
N MET C 27 38.00 42.81 28.58
CA MET C 27 38.77 43.98 28.95
C MET C 27 40.25 43.77 28.65
N ALA C 28 40.97 44.87 28.41
CA ALA C 28 42.39 44.85 28.09
C ALA C 28 43.15 45.49 29.24
N LEU C 29 44.26 44.86 29.66
CA LEU C 29 44.95 45.40 30.83
C LEU C 29 46.46 45.50 30.58
N PRO C 30 47.18 46.37 31.31
CA PRO C 30 48.65 46.41 31.17
C PRO C 30 49.29 45.11 31.64
N SER C 31 50.61 45.06 31.50
CA SER C 31 51.34 43.81 31.72
C SER C 31 52.21 43.83 32.98
N GLU C 32 52.72 45.00 33.35
CA GLU C 32 53.68 45.13 34.45
C GLU C 32 53.26 46.19 35.45
N LEU C 33 52.01 46.14 35.90
CA LEU C 33 51.48 47.13 36.81
C LEU C 33 50.94 46.47 38.08
N PRO C 34 51.12 47.10 39.24
CA PRO C 34 50.46 46.59 40.44
C PRO C 34 48.95 46.61 40.30
N LEU C 35 48.30 45.83 41.14
CA LEU C 35 46.87 45.59 41.04
C LEU C 35 46.03 46.47 41.94
N ARG C 36 46.66 47.23 42.84
CA ARG C 36 45.93 48.18 43.68
C ARG C 36 45.16 49.18 42.85
N GLU C 37 45.52 49.34 41.58
CA GLU C 37 44.92 50.33 40.70
C GLU C 37 43.99 49.70 39.67
N ILE C 38 44.24 48.44 39.31
CA ILE C 38 43.29 47.72 38.48
C ILE C 38 42.05 47.35 39.28
N LEU C 39 42.20 47.11 40.57
CA LEU C 39 41.03 46.77 41.40
C LEU C 39 39.94 47.85 41.33
N PRO C 40 40.22 49.14 41.48
CA PRO C 40 39.19 50.13 41.17
C PRO C 40 38.89 50.22 39.68
N ALA C 41 39.89 49.98 38.83
CA ALA C 41 39.64 49.95 37.39
C ALA C 41 38.63 48.88 37.04
N VAL C 42 38.78 47.68 37.61
CA VAL C 42 37.81 46.63 37.29
C VAL C 42 36.51 46.86 38.04
N GLN C 43 36.57 47.43 39.25
CA GLN C 43 35.34 47.72 39.97
C GLN C 43 34.50 48.78 39.27
N ARG C 44 35.12 49.58 38.41
CA ARG C 44 34.35 50.54 37.63
C ARG C 44 34.09 50.07 36.20
N ILE C 45 34.82 49.06 35.73
CA ILE C 45 34.58 48.54 34.38
C ILE C 45 33.43 47.55 34.41
N VAL C 46 33.57 46.47 35.17
CA VAL C 46 32.52 45.46 35.20
C VAL C 46 31.54 45.70 36.34
N GLN C 47 32.00 46.16 37.50
CA GLN C 47 31.11 46.39 38.62
C GLN C 47 30.73 47.86 38.71
N VAL C 65 36.19 45.51 52.05
CA VAL C 65 36.92 44.28 51.76
C VAL C 65 37.53 44.34 50.37
N ARG C 66 38.65 43.66 50.20
CA ARG C 66 39.43 43.74 48.97
C ARG C 66 39.27 42.47 48.15
N LEU C 67 39.35 42.61 46.83
CA LEU C 67 39.33 41.48 45.91
C LEU C 67 40.73 41.28 45.32
N SER C 68 40.84 40.26 44.46
CA SER C 68 42.11 39.98 43.81
C SER C 68 41.84 39.22 42.51
N LEU C 69 42.85 39.18 41.65
CA LEU C 69 42.78 38.43 40.42
C LEU C 69 43.49 37.10 40.55
N ALA C 70 43.01 36.13 39.77
CA ALA C 70 43.47 34.75 39.85
C ALA C 70 42.96 34.00 38.64
N PRO C 71 43.56 32.86 38.30
CA PRO C 71 42.92 31.95 37.35
C PRO C 71 41.87 31.14 38.06
N ILE C 72 40.86 30.72 37.30
CA ILE C 72 39.69 30.07 37.88
C ILE C 72 40.14 28.82 38.62
N GLY C 73 39.87 28.77 39.91
CA GLY C 73 40.37 27.70 40.74
C GLY C 73 41.88 27.77 40.90
N GLY C 74 42.40 28.99 41.02
CA GLY C 74 43.82 29.20 41.23
C GLY C 74 44.01 30.23 42.32
N ALA C 75 45.14 30.08 43.02
CA ALA C 75 45.43 30.93 44.17
C ALA C 75 45.49 32.40 43.75
N PRO C 76 44.87 33.29 44.52
CA PRO C 76 44.91 34.71 44.19
C PRO C 76 46.34 35.23 44.15
N PHE C 77 46.54 36.22 43.28
CA PHE C 77 47.87 36.76 43.08
C PHE C 77 48.19 37.82 44.14
N SER C 78 49.49 38.08 44.31
CA SER C 78 49.93 39.15 45.19
C SER C 78 49.54 40.51 44.63
N LEU C 79 48.90 41.33 45.47
CA LEU C 79 48.33 42.59 45.00
C LEU C 79 49.38 43.56 44.48
N ASP C 80 50.66 43.34 44.80
CA ASP C 80 51.75 44.09 44.18
C ASP C 80 52.57 43.27 43.20
N ALA C 81 52.10 42.07 42.84
CA ALA C 81 52.77 41.29 41.81
C ALA C 81 52.56 41.94 40.44
N THR C 82 53.31 41.47 39.46
CA THR C 82 53.23 41.97 38.09
C THR C 82 52.58 40.93 37.18
N LEU C 83 51.77 41.42 36.25
CA LEU C 83 50.97 40.53 35.43
C LEU C 83 51.81 39.76 34.42
N ASP C 84 53.04 40.19 34.21
CA ASP C 84 53.91 39.51 33.25
C ASP C 84 54.78 38.46 33.90
N THR C 85 55.05 38.57 35.21
CA THR C 85 55.88 37.57 35.88
C THR C 85 55.06 36.40 36.37
N VAL C 86 53.82 36.65 36.81
CA VAL C 86 52.96 35.55 37.25
C VAL C 86 52.39 34.77 36.08
N GLY C 87 52.63 35.22 34.85
CA GLY C 87 52.25 34.46 33.68
C GLY C 87 50.80 34.61 33.26
N VAL C 88 50.39 35.82 32.91
CA VAL C 88 49.05 36.05 32.37
C VAL C 88 49.17 36.58 30.95
N VAL C 89 48.48 35.90 30.03
CA VAL C 89 48.60 36.11 28.60
C VAL C 89 47.20 36.19 28.02
N ASP C 90 47.08 36.77 26.82
CA ASP C 90 45.81 36.95 26.12
C ASP C 90 44.99 35.66 26.09
N GLY C 91 43.72 35.76 26.49
CA GLY C 91 42.79 34.64 26.46
C GLY C 91 42.51 34.04 27.81
N ASP C 92 43.03 34.61 28.90
CA ASP C 92 42.91 33.98 30.21
C ASP C 92 41.63 34.41 30.92
N LEU C 93 41.35 33.74 32.03
CA LEU C 93 40.17 33.96 32.84
C LEU C 93 40.63 34.51 34.18
N LEU C 94 40.33 35.78 34.44
CA LEU C 94 40.74 36.45 35.67
C LEU C 94 39.51 36.83 36.48
N ALA C 95 39.47 36.40 37.74
CA ALA C 95 38.28 36.47 38.55
C ALA C 95 38.39 37.57 39.60
N LEU C 96 37.26 37.85 40.25
CA LEU C 96 37.20 38.87 41.30
C LEU C 96 36.62 38.27 42.58
N GLN C 97 37.50 37.96 43.53
CA GLN C 97 37.10 37.37 44.80
C GLN C 97 38.04 37.85 45.89
N ALA C 98 37.59 37.72 47.13
CA ALA C 98 38.29 38.27 48.27
C ALA C 98 39.64 37.60 48.49
N VAL C 99 40.42 38.15 49.40
CA VAL C 99 41.82 37.72 49.59
C VAL C 99 41.89 36.73 50.75
N PRO C 100 42.66 35.63 50.62
CA PRO C 100 42.70 34.62 51.70
C PRO C 100 43.53 35.05 52.90
N SER C 101 43.70 34.13 53.86
CA SER C 101 44.46 34.42 55.07
C SER C 101 45.88 33.83 55.02
N GLY C 102 46.43 33.59 53.83
CA GLY C 102 47.85 33.37 53.67
C GLY C 102 48.29 32.10 52.95
N PRO C 103 47.74 30.94 53.31
CA PRO C 103 48.19 29.69 52.67
C PRO C 103 47.74 29.61 51.22
N PRO C 104 48.53 28.94 50.36
CA PRO C 104 48.19 28.88 48.93
C PRO C 104 47.33 27.68 48.55
N ALA C 105 47.11 26.73 49.50
CA ALA C 105 46.33 25.53 49.25
C ALA C 105 46.90 24.74 48.09
N PRO C 106 48.04 24.07 48.27
CA PRO C 106 48.73 23.43 47.14
C PRO C 106 47.97 22.28 46.50
N ARG C 107 46.75 21.98 46.97
CA ARG C 107 45.86 21.03 46.33
C ARG C 107 46.51 19.64 46.26
N ILE C 108 46.67 19.05 47.45
CA ILE C 108 47.22 17.71 47.58
C ILE C 108 46.46 16.75 46.68
N VAL C 109 47.18 15.88 45.99
CA VAL C 109 46.60 14.98 45.04
C VAL C 109 46.55 13.59 45.64
N GLU C 110 45.43 12.91 45.49
CA GLU C 110 45.28 11.52 45.90
C GLU C 110 45.25 10.65 44.66
N ASP C 111 46.15 9.68 44.58
CA ASP C 111 46.29 8.84 43.40
C ASP C 111 45.42 7.61 43.57
N ILE C 112 44.31 7.56 42.85
CA ILE C 112 43.43 6.42 42.84
C ILE C 112 43.80 5.55 41.65
N ALA C 113 43.40 4.27 41.70
CA ALA C 113 43.82 3.33 40.68
C ALA C 113 42.70 2.54 40.05
N ASP C 114 41.50 2.52 40.64
CA ASP C 114 40.42 1.64 40.21
C ASP C 114 39.12 2.40 40.13
N ALA C 115 39.14 3.54 39.43
CA ALA C 115 37.98 4.41 39.33
C ALA C 115 36.69 3.66 38.99
N ALA C 116 36.80 2.48 38.38
CA ALA C 116 35.59 1.73 38.04
C ALA C 116 34.73 1.43 39.26
N VAL C 117 35.35 0.96 40.35
CA VAL C 117 34.59 0.61 41.55
C VAL C 117 33.72 1.74 42.04
N ILE C 118 34.19 2.98 41.92
CA ILE C 118 33.41 4.11 42.42
C ILE C 118 32.09 4.23 41.67
N PHE C 119 32.11 4.07 40.36
CA PHE C 119 30.86 3.98 39.61
C PHE C 119 30.05 2.76 40.00
N SER C 120 30.70 1.68 40.41
CA SER C 120 30.03 0.43 40.72
C SER C 120 29.13 0.52 41.94
N GLU C 121 29.03 1.70 42.55
CA GLU C 121 28.12 1.89 43.66
C GLU C 121 26.86 2.63 43.26
N ALA C 122 26.96 3.60 42.36
CA ALA C 122 25.76 4.22 41.82
C ALA C 122 24.88 3.21 41.12
N ARG C 123 25.47 2.13 40.60
CA ARG C 123 24.69 1.09 39.97
C ARG C 123 23.92 0.28 41.01
N ARG C 124 24.60 -0.16 42.07
CA ARG C 124 23.94 -1.00 43.08
C ARG C 124 23.11 -0.10 43.98
N ARG C 125 21.94 0.26 43.46
CA ARG C 125 20.90 0.92 44.24
C ARG C 125 20.29 -0.08 45.22
N GLN C 126 19.76 0.46 46.32
CA GLN C 126 19.30 -0.34 47.45
C GLN C 126 17.93 -0.97 47.20
N TRP C 127 17.28 -1.42 48.27
CA TRP C 127 16.01 -2.13 48.19
C TRP C 127 14.98 -1.34 47.39
N GLY C 128 14.59 -0.18 47.91
CA GLY C 128 13.74 0.75 47.21
C GLY C 128 12.57 0.10 46.51
N PRO C 129 12.18 0.65 45.36
CA PRO C 129 11.13 0.04 44.53
C PRO C 129 11.64 -0.90 43.45
N THR C 130 12.94 -0.88 43.18
CA THR C 130 13.50 -1.62 42.06
C THR C 130 13.27 -3.11 42.23
N HIS C 131 13.30 -3.59 43.48
CA HIS C 131 13.00 -4.99 43.74
C HIS C 131 11.51 -5.23 43.96
N ILE C 132 10.76 -4.18 44.28
CA ILE C 132 9.34 -4.35 44.59
C ILE C 132 8.60 -4.85 43.37
N ALA C 133 8.98 -4.39 42.19
CA ALA C 133 8.30 -4.84 40.98
C ALA C 133 8.53 -6.33 40.75
N ARG C 134 9.77 -6.79 40.92
CA ARG C 134 10.06 -8.21 40.83
C ARG C 134 9.20 -8.99 41.82
N GLY C 135 9.17 -8.54 43.08
CA GLY C 135 8.40 -9.25 44.08
C GLY C 135 6.93 -9.32 43.73
N ALA C 136 6.36 -8.21 43.28
CA ALA C 136 4.93 -8.18 42.97
C ALA C 136 4.60 -9.08 41.79
N ALA C 137 5.41 -9.02 40.75
CA ALA C 137 5.16 -9.87 39.58
C ALA C 137 5.25 -11.32 39.95
N LEU C 138 6.28 -11.70 40.70
CA LEU C 138 6.42 -13.08 41.14
C LEU C 138 5.22 -13.52 41.98
N ALA C 139 4.78 -12.67 42.90
CA ALA C 139 3.65 -13.02 43.73
C ALA C 139 2.40 -13.22 42.90
N LEU C 140 2.13 -12.31 41.96
CA LEU C 140 0.95 -12.44 41.13
C LEU C 140 0.99 -13.72 40.30
N ILE C 141 2.16 -14.05 39.75
CA ILE C 141 2.25 -15.26 38.94
C ILE C 141 2.01 -16.50 39.80
N GLY C 142 2.62 -16.53 40.98
CA GLY C 142 2.36 -17.64 41.89
C GLY C 142 0.90 -17.76 42.26
N LEU C 143 0.24 -16.64 42.50
CA LEU C 143 -1.18 -16.65 42.81
C LEU C 143 -1.97 -17.28 41.68
N ILE C 144 -1.76 -16.80 40.45
CA ILE C 144 -2.56 -17.32 39.35
C ILE C 144 -2.29 -18.80 39.17
N LEU C 145 -1.03 -19.21 39.30
CA LEU C 145 -0.70 -20.62 39.11
C LEU C 145 -1.37 -21.49 40.17
N VAL C 146 -1.29 -21.09 41.44
CA VAL C 146 -1.85 -21.92 42.49
C VAL C 146 -3.37 -21.90 42.45
N GLY C 147 -3.99 -20.78 42.05
CA GLY C 147 -5.42 -20.76 41.90
C GLY C 147 -5.92 -21.64 40.78
N THR C 148 -5.20 -21.70 39.66
CA THR C 148 -5.57 -22.63 38.63
C THR C 148 -5.34 -24.07 39.08
N GLY C 149 -4.26 -24.31 39.81
CA GLY C 149 -3.98 -25.66 40.28
C GLY C 149 -5.00 -26.14 41.29
N LEU C 150 -5.53 -25.23 42.10
CA LEU C 150 -6.59 -25.60 43.04
C LEU C 150 -7.82 -26.09 42.30
N SER C 151 -8.22 -25.38 41.25
CA SER C 151 -9.34 -25.84 40.45
C SER C 151 -9.01 -27.12 39.68
N VAL C 152 -7.74 -27.31 39.30
CA VAL C 152 -7.33 -28.55 38.65
C VAL C 152 -7.52 -29.73 39.61
N ALA C 153 -6.83 -29.71 40.75
CA ALA C 153 -6.97 -30.78 41.74
C ALA C 153 -8.39 -30.84 42.28
N HIS C 154 -9.17 -29.77 42.12
CA HIS C 154 -10.58 -29.83 42.45
C HIS C 154 -11.32 -30.73 41.46
N ARG C 155 -11.24 -30.41 40.18
CA ARG C 155 -12.04 -31.14 39.20
C ARG C 155 -11.50 -32.54 38.93
N VAL C 156 -10.26 -32.85 39.28
CA VAL C 156 -9.66 -34.15 38.92
C VAL C 156 -9.81 -35.17 40.05
N ILE C 157 -9.78 -34.73 41.31
CA ILE C 157 -9.94 -35.66 42.43
C ILE C 157 -11.42 -35.72 42.80
N THR C 158 -11.99 -34.58 43.20
CA THR C 158 -13.43 -34.45 43.37
C THR C 158 -13.77 -32.96 43.35
N GLY C 159 -14.56 -32.57 42.36
CA GLY C 159 -14.82 -31.16 42.17
C GLY C 159 -15.94 -30.87 41.20
N ASP C 160 -16.65 -29.78 41.44
CA ASP C 160 -17.82 -29.43 40.67
C ASP C 160 -17.48 -28.40 39.60
N LEU C 161 -18.51 -27.84 38.95
CA LEU C 161 -18.41 -26.81 37.93
C LEU C 161 -17.63 -25.58 38.38
N LEU C 162 -17.74 -25.20 39.65
CA LEU C 162 -17.04 -24.01 40.14
C LEU C 162 -15.55 -24.06 39.80
N GLY C 163 -14.96 -25.27 39.83
CA GLY C 163 -13.59 -25.43 39.42
C GLY C 163 -13.35 -24.96 37.99
N GLN C 164 -14.42 -24.84 37.20
CA GLN C 164 -14.25 -24.36 35.84
C GLN C 164 -14.60 -22.89 35.71
N PHE C 165 -15.56 -22.42 36.49
CA PHE C 165 -15.83 -20.98 36.48
C PHE C 165 -14.60 -20.20 36.97
N ILE C 166 -13.94 -20.70 38.00
CA ILE C 166 -12.73 -20.04 38.50
C ILE C 166 -11.68 -19.95 37.40
N VAL C 167 -11.41 -21.06 36.72
CA VAL C 167 -10.42 -21.07 35.66
C VAL C 167 -10.81 -20.09 34.56
N SER C 168 -12.07 -20.11 34.16
CA SER C 168 -12.50 -19.19 33.10
C SER C 168 -12.27 -17.74 33.49
N GLY C 169 -12.67 -17.35 34.70
CA GLY C 169 -12.49 -15.97 35.11
C GLY C 169 -11.03 -15.57 35.18
N ILE C 170 -10.21 -16.40 35.82
CA ILE C 170 -8.79 -16.07 35.94
C ILE C 170 -8.13 -15.96 34.58
N ALA C 171 -8.46 -16.89 33.67
CA ALA C 171 -7.83 -16.89 32.36
C ALA C 171 -8.24 -15.67 31.55
N LEU C 172 -9.52 -15.28 31.60
CA LEU C 172 -9.93 -14.09 30.87
C LEU C 172 -9.27 -12.85 31.45
N ALA C 173 -9.21 -12.76 32.78
CA ALA C 173 -8.52 -11.64 33.41
C ALA C 173 -7.07 -11.56 32.97
N THR C 174 -6.37 -12.70 32.94
CA THR C 174 -4.97 -12.70 32.54
C THR C 174 -4.82 -12.32 31.08
N VAL C 175 -5.69 -12.85 30.21
CA VAL C 175 -5.67 -12.47 28.81
C VAL C 175 -5.70 -10.96 28.68
N ILE C 176 -6.70 -10.32 29.28
CA ILE C 176 -6.84 -8.88 29.08
C ILE C 176 -5.70 -8.12 29.74
N ALA C 177 -5.28 -8.53 30.94
CA ALA C 177 -4.22 -7.80 31.63
C ALA C 177 -2.90 -7.89 30.89
N ALA C 178 -2.59 -9.06 30.33
CA ALA C 178 -1.39 -9.19 29.52
C ALA C 178 -1.50 -8.44 28.21
N LEU C 179 -2.70 -8.31 27.66
CA LEU C 179 -2.90 -7.47 26.48
C LEU C 179 -2.85 -5.99 26.82
N ALA C 180 -2.94 -5.63 28.10
CA ALA C 180 -3.05 -4.23 28.46
C ALA C 180 -1.72 -3.59 28.86
N VAL C 181 -0.77 -4.36 29.36
CA VAL C 181 0.45 -3.76 29.89
C VAL C 181 1.56 -3.85 28.85
N ARG C 182 1.23 -4.32 27.65
CA ARG C 182 2.21 -4.43 26.58
C ARG C 182 2.95 -3.13 26.35
N ASN C 183 2.24 -2.01 26.42
CA ASN C 183 2.77 -0.72 25.99
C ASN C 183 3.74 -0.11 27.00
N ARG C 184 3.57 -0.36 28.29
CA ARG C 184 4.40 0.28 29.30
C ARG C 184 5.58 -0.59 29.73
N SER C 185 5.32 -1.85 30.07
CA SER C 185 6.37 -2.69 30.63
C SER C 185 7.20 -3.40 29.55
N ALA C 186 6.52 -4.13 28.67
CA ALA C 186 7.14 -4.96 27.63
C ALA C 186 8.00 -6.08 28.18
N VAL C 187 8.10 -6.20 29.51
CA VAL C 187 8.78 -7.33 30.14
C VAL C 187 7.84 -8.11 31.05
N LEU C 188 7.06 -7.41 31.87
CA LEU C 188 5.97 -8.08 32.57
C LEU C 188 4.96 -8.63 31.57
N ALA C 189 4.77 -7.93 30.45
CA ALA C 189 3.79 -8.35 29.47
C ALA C 189 4.08 -9.75 28.97
N THR C 190 5.34 -10.03 28.64
CA THR C 190 5.66 -11.36 28.12
C THR C 190 5.62 -12.44 29.18
N SER C 191 5.94 -12.13 30.44
CA SER C 191 5.79 -13.12 31.49
C SER C 191 4.32 -13.49 31.67
N LEU C 192 3.46 -12.48 31.76
CA LEU C 192 2.04 -12.75 31.83
C LEU C 192 1.56 -13.53 30.61
N ALA C 193 2.05 -13.18 29.43
CA ALA C 193 1.69 -13.92 28.24
C ALA C 193 2.10 -15.38 28.33
N VAL C 194 3.28 -15.67 28.88
CA VAL C 194 3.72 -17.05 28.98
C VAL C 194 2.87 -17.83 29.95
N THR C 195 2.63 -17.27 31.14
CA THR C 195 1.82 -17.99 32.11
C THR C 195 0.34 -18.04 31.74
N ALA C 196 -0.09 -17.20 30.81
CA ALA C 196 -1.49 -17.13 30.44
C ALA C 196 -1.98 -18.37 29.72
N LEU C 197 -1.09 -19.24 29.24
CA LEU C 197 -1.54 -20.40 28.49
C LEU C 197 -1.56 -21.67 29.32
N VAL C 198 -1.31 -21.59 30.62
CA VAL C 198 -1.61 -22.72 31.49
C VAL C 198 -3.08 -22.75 31.91
N PRO C 199 -3.74 -21.62 32.24
CA PRO C 199 -5.16 -21.72 32.60
C PRO C 199 -6.08 -21.83 31.41
N VAL C 200 -5.73 -21.21 30.29
CA VAL C 200 -6.60 -21.23 29.11
C VAL C 200 -6.84 -22.66 28.65
N ALA C 201 -5.78 -23.46 28.58
CA ALA C 201 -5.94 -24.85 28.21
C ALA C 201 -6.73 -25.64 29.23
N ALA C 202 -6.63 -25.30 30.51
CA ALA C 202 -7.46 -25.94 31.52
C ALA C 202 -8.93 -25.64 31.30
N ALA C 203 -9.27 -24.37 31.06
CA ALA C 203 -10.66 -24.00 30.84
C ALA C 203 -11.23 -24.59 29.57
N PHE C 204 -10.45 -24.67 28.50
CA PHE C 204 -10.97 -25.17 27.24
C PHE C 204 -10.89 -26.69 27.12
N ALA C 205 -10.40 -27.36 28.15
CA ALA C 205 -10.39 -28.83 28.16
C ALA C 205 -11.27 -29.40 29.25
N LEU C 206 -11.03 -29.06 30.51
CA LEU C 206 -11.96 -29.44 31.56
C LEU C 206 -13.32 -28.84 31.32
N GLY C 207 -13.38 -27.66 30.72
CA GLY C 207 -14.66 -27.10 30.29
C GLY C 207 -15.42 -28.01 29.34
N VAL C 208 -14.72 -28.85 28.60
CA VAL C 208 -15.38 -29.87 27.78
C VAL C 208 -15.70 -31.07 28.67
N PRO C 209 -16.97 -31.31 29.02
CA PRO C 209 -17.29 -32.40 29.95
C PRO C 209 -17.03 -33.77 29.33
N GLY C 210 -16.34 -34.62 30.10
CA GLY C 210 -16.00 -35.96 29.67
C GLY C 210 -14.76 -36.51 30.35
N ASP C 211 -13.99 -37.33 29.65
CA ASP C 211 -12.81 -37.94 30.25
C ASP C 211 -11.74 -36.89 30.48
N ALA C 214 -9.05 -38.41 23.16
CA ALA C 214 -9.69 -37.51 24.10
C ALA C 214 -10.46 -36.42 23.37
N PRO C 215 -11.76 -36.32 23.64
CA PRO C 215 -12.57 -35.30 22.96
C PRO C 215 -12.46 -33.91 23.57
N ASN C 216 -11.58 -33.74 24.54
CA ASN C 216 -11.47 -32.48 25.26
C ASN C 216 -10.16 -31.77 25.04
N VAL C 217 -9.05 -32.51 24.91
CA VAL C 217 -7.76 -31.90 24.63
C VAL C 217 -7.77 -31.12 23.32
N LEU C 218 -8.70 -31.43 22.43
CA LEU C 218 -8.75 -30.76 21.13
C LEU C 218 -8.93 -29.26 21.29
N LEU C 219 -9.94 -28.85 22.05
CA LEU C 219 -10.17 -27.43 22.23
C LEU C 219 -9.04 -26.77 23.02
N ALA C 220 -8.45 -27.49 23.97
CA ALA C 220 -7.32 -26.92 24.69
C ALA C 220 -6.15 -26.63 23.75
N ALA C 221 -5.87 -27.57 22.85
CA ALA C 221 -4.80 -27.37 21.89
C ALA C 221 -5.11 -26.19 20.98
N ALA C 222 -6.36 -26.11 20.48
CA ALA C 222 -6.71 -24.98 19.65
C ALA C 222 -6.54 -23.67 20.40
N GLY C 223 -6.88 -23.66 21.69
CA GLY C 223 -6.77 -22.44 22.46
C GLY C 223 -5.33 -22.01 22.67
N VAL C 224 -4.46 -22.95 23.01
CA VAL C 224 -3.06 -22.56 23.19
C VAL C 224 -2.46 -22.12 21.85
N ALA C 225 -2.83 -22.80 20.75
CA ALA C 225 -2.30 -22.38 19.46
C ALA C 225 -2.74 -20.96 19.12
N ALA C 226 -4.02 -20.66 19.33
CA ALA C 226 -4.51 -19.32 19.03
C ALA C 226 -3.84 -18.28 19.90
N TRP C 227 -3.74 -18.54 21.21
CA TRP C 227 -3.16 -17.54 22.11
C TRP C 227 -1.70 -17.29 21.80
N SER C 228 -0.93 -18.38 21.61
CA SER C 228 0.45 -18.23 21.22
C SER C 228 0.59 -17.45 19.93
N LEU C 229 -0.14 -17.84 18.89
CA LEU C 229 -0.01 -17.14 17.62
C LEU C 229 -0.30 -15.66 17.76
N ILE C 230 -1.44 -15.30 18.36
CA ILE C 230 -1.81 -13.90 18.42
C ILE C 230 -0.94 -13.10 19.37
N SER C 231 -0.23 -13.76 20.29
CA SER C 231 0.69 -12.99 21.13
C SER C 231 2.09 -12.88 20.55
N MET C 232 2.54 -13.86 19.80
CA MET C 232 3.86 -13.79 19.20
C MET C 232 3.96 -12.68 18.18
N ALA C 233 2.95 -12.53 17.32
CA ALA C 233 2.99 -11.48 16.30
C ALA C 233 3.01 -10.10 16.94
N GLY C 234 2.07 -9.85 17.84
CA GLY C 234 2.04 -8.57 18.52
C GLY C 234 3.10 -8.52 19.59
N SER C 235 4.36 -8.42 19.19
CA SER C 235 5.47 -8.48 20.12
C SER C 235 6.66 -7.69 19.58
N PRO C 236 7.56 -7.28 20.45
CA PRO C 236 8.83 -6.70 19.98
C PRO C 236 9.78 -7.77 19.44
N ASP C 237 11.02 -7.38 19.17
CA ASP C 237 12.06 -8.25 18.65
C ASP C 237 12.14 -9.61 19.34
N ASP C 238 12.40 -9.63 20.64
CA ASP C 238 12.60 -10.88 21.37
C ASP C 238 11.70 -10.97 22.58
N ARG C 239 11.97 -11.97 23.41
CA ARG C 239 11.21 -12.43 24.56
C ARG C 239 9.96 -13.18 24.12
N GLY C 240 9.56 -13.08 22.86
CA GLY C 240 8.62 -14.03 22.29
C GLY C 240 9.44 -15.24 21.94
N ILE C 241 10.22 -15.68 22.92
CA ILE C 241 11.26 -16.65 22.71
C ILE C 241 10.63 -17.99 22.42
N ALA C 242 11.47 -18.99 22.17
CA ALA C 242 11.09 -20.33 21.80
C ALA C 242 9.85 -20.83 22.53
N VAL C 243 9.60 -20.34 23.74
CA VAL C 243 8.45 -20.80 24.52
C VAL C 243 7.16 -20.68 23.72
N PHE C 244 6.94 -19.57 23.04
CA PHE C 244 5.67 -19.37 22.35
C PHE C 244 5.56 -20.22 21.09
N THR C 245 6.57 -20.16 20.22
CA THR C 245 6.56 -20.96 19.02
C THR C 245 6.47 -22.46 19.31
N ALA C 246 7.11 -22.92 20.38
CA ALA C 246 7.06 -24.35 20.67
C ALA C 246 5.68 -24.76 21.15
N THR C 247 5.07 -23.97 22.02
CA THR C 247 3.69 -24.22 22.39
C THR C 247 2.79 -24.22 21.15
N ALA C 248 3.00 -23.29 20.24
CA ALA C 248 2.18 -23.21 19.03
C ALA C 248 2.30 -24.48 18.20
N VAL C 249 3.53 -24.86 17.87
CA VAL C 249 3.72 -26.04 17.02
C VAL C 249 3.21 -27.30 17.71
N THR C 250 3.52 -27.47 19.00
CA THR C 250 3.08 -28.70 19.65
C THR C 250 1.58 -28.73 19.78
N GLY C 251 0.94 -27.58 19.99
CA GLY C 251 -0.51 -27.55 20.02
C GLY C 251 -1.13 -27.89 18.70
N VAL C 252 -0.57 -27.37 17.60
CA VAL C 252 -1.09 -27.70 16.28
C VAL C 252 -0.95 -29.18 16.01
N GLY C 253 0.22 -29.75 16.29
CA GLY C 253 0.40 -31.17 16.05
C GLY C 253 -0.51 -32.04 16.90
N VAL C 254 -0.61 -31.73 18.20
CA VAL C 254 -1.43 -32.55 19.05
C VAL C 254 -2.89 -32.37 18.71
N LEU C 255 -3.28 -31.20 18.17
CA LEU C 255 -4.66 -31.02 17.74
C LEU C 255 -4.95 -31.85 16.51
N LEU C 256 -4.05 -31.83 15.53
CA LEU C 256 -4.20 -32.69 14.36
C LEU C 256 -4.32 -34.16 14.75
N VAL C 257 -3.53 -34.61 15.71
CA VAL C 257 -3.61 -36.03 16.07
C VAL C 257 -4.84 -36.31 16.93
N ALA C 258 -5.18 -35.39 17.83
CA ALA C 258 -6.32 -35.58 18.71
C ALA C 258 -7.64 -35.57 17.96
N GLY C 259 -7.74 -34.83 16.85
CA GLY C 259 -8.96 -34.89 16.06
C GLY C 259 -9.22 -36.29 15.54
N ALA C 260 -8.19 -36.90 14.94
CA ALA C 260 -8.32 -38.28 14.50
C ALA C 260 -8.62 -39.21 15.66
N ALA C 261 -8.01 -38.97 16.82
CA ALA C 261 -8.24 -39.84 17.96
C ALA C 261 -9.66 -39.70 18.50
N SER C 262 -10.25 -38.51 18.40
CA SER C 262 -11.56 -38.24 18.97
C SER C 262 -12.71 -38.62 18.06
N LEU C 263 -12.66 -38.24 16.79
CA LEU C 263 -13.77 -38.48 15.89
C LEU C 263 -13.78 -39.92 15.39
N TRP C 264 -12.63 -40.57 15.37
CA TRP C 264 -12.50 -41.96 14.95
C TRP C 264 -12.05 -42.81 16.15
N VAL C 265 -11.74 -44.08 15.87
CA VAL C 265 -11.09 -44.97 16.82
C VAL C 265 -9.62 -45.09 16.43
N ILE C 266 -8.75 -45.32 17.41
CA ILE C 266 -7.31 -45.40 17.17
C ILE C 266 -6.72 -46.50 18.05
N SER C 267 -5.81 -47.26 17.47
CA SER C 267 -5.21 -48.43 18.11
C SER C 267 -4.41 -48.07 19.35
N SER C 268 -4.32 -46.78 19.68
CA SER C 268 -3.46 -46.30 20.77
C SER C 268 -2.00 -46.63 20.52
N ASP C 269 -1.69 -47.22 19.37
CA ASP C 269 -0.33 -47.32 18.85
C ASP C 269 -0.13 -46.43 17.65
N VAL C 270 -1.15 -46.26 16.81
CA VAL C 270 -1.07 -45.28 15.73
C VAL C 270 -0.75 -43.91 16.28
N ILE C 271 -1.10 -43.65 17.53
CA ILE C 271 -0.79 -42.37 18.16
C ILE C 271 0.72 -42.16 18.21
N GLY C 272 1.45 -43.16 18.72
CA GLY C 272 2.89 -43.07 18.73
C GLY C 272 3.48 -42.88 17.35
N CYS C 273 2.95 -43.58 16.36
CA CYS C 273 3.44 -43.41 14.99
C CYS C 273 3.24 -41.99 14.53
N ALA C 274 2.03 -41.45 14.74
CA ALA C 274 1.74 -40.08 14.33
C ALA C 274 2.67 -39.09 15.00
N LEU C 275 2.89 -39.23 16.31
CA LEU C 275 3.70 -38.25 17.00
C LEU C 275 5.16 -38.33 16.58
N VAL C 276 5.73 -39.53 16.50
CA VAL C 276 7.12 -39.61 16.06
C VAL C 276 7.26 -39.08 14.65
N LEU C 277 6.28 -39.34 13.79
CA LEU C 277 6.38 -38.81 12.43
C LEU C 277 6.34 -37.29 12.44
N LEU C 278 5.40 -36.70 13.15
CA LEU C 278 5.32 -35.24 13.19
C LEU C 278 6.60 -34.64 13.72
N GLY C 279 7.17 -35.22 14.76
CA GLY C 279 8.42 -34.70 15.29
C GLY C 279 9.53 -34.76 14.28
N LEU C 280 9.70 -35.92 13.64
CA LEU C 280 10.75 -36.03 12.64
C LEU C 280 10.53 -35.02 11.53
N ILE C 281 9.28 -34.83 11.10
CA ILE C 281 9.00 -33.92 10.01
C ILE C 281 9.34 -32.49 10.38
N VAL C 282 8.90 -32.04 11.55
CA VAL C 282 9.16 -30.66 11.91
C VAL C 282 10.64 -30.43 12.13
N THR C 283 11.33 -31.37 12.79
CA THR C 283 12.75 -31.18 13.00
C THR C 283 13.50 -31.10 11.69
N VAL C 284 13.20 -32.00 10.74
CA VAL C 284 13.97 -32.00 9.51
C VAL C 284 13.75 -30.71 8.74
N GLN C 285 12.52 -30.22 8.71
CA GLN C 285 12.23 -28.97 8.01
C GLN C 285 12.01 -27.84 9.02
N ALA C 286 13.08 -27.54 9.75
CA ALA C 286 13.02 -26.51 10.79
C ALA C 286 13.46 -25.15 10.25
N ALA C 287 14.60 -25.11 9.58
CA ALA C 287 15.16 -23.83 9.14
C ALA C 287 14.23 -23.11 8.18
N GLN C 288 13.90 -23.74 7.06
CA GLN C 288 13.04 -23.11 6.06
C GLN C 288 11.79 -22.54 6.70
N LEU C 289 11.22 -23.27 7.64
CA LEU C 289 10.00 -22.80 8.30
C LEU C 289 10.26 -21.52 9.06
N SER C 290 11.41 -21.42 9.72
CA SER C 290 11.77 -20.18 10.40
C SER C 290 11.92 -19.05 9.39
N ALA C 291 12.79 -19.23 8.39
CA ALA C 291 12.99 -18.20 7.39
C ALA C 291 11.68 -17.74 6.78
N MET C 292 10.72 -18.65 6.67
CA MET C 292 9.37 -18.24 6.33
C MET C 292 8.81 -17.31 7.38
N TRP C 293 8.74 -17.76 8.63
CA TRP C 293 8.10 -16.95 9.65
C TRP C 293 8.78 -15.62 9.90
N ALA C 294 10.04 -15.49 9.53
CA ALA C 294 10.70 -14.21 9.73
C ALA C 294 10.27 -13.17 8.72
N ARG C 295 9.69 -13.59 7.59
CA ARG C 295 9.32 -12.70 6.51
C ARG C 295 10.53 -11.93 6.00
N PHE C 296 11.44 -12.68 5.40
CA PHE C 296 12.61 -12.09 4.79
C PHE C 296 12.23 -11.34 3.52
N PRO C 297 13.14 -10.58 2.97
CA PRO C 297 12.90 -9.98 1.66
C PRO C 297 13.06 -10.99 0.54
N LEU C 298 11.98 -11.68 0.20
CA LEU C 298 11.94 -12.71 -0.84
C LEU C 298 12.73 -12.33 -2.08
N PRO C 299 13.38 -13.29 -2.73
CA PRO C 299 14.18 -12.98 -3.91
C PRO C 299 13.34 -12.41 -5.04
N VAL C 300 14.02 -11.88 -6.05
CA VAL C 300 13.39 -11.08 -7.09
C VAL C 300 13.80 -11.58 -8.48
N ILE C 301 14.05 -12.88 -8.58
CA ILE C 301 14.52 -13.51 -9.82
C ILE C 301 13.80 -12.97 -11.05
N PRO C 302 14.50 -12.40 -12.02
CA PRO C 302 13.85 -11.81 -13.18
C PRO C 302 13.83 -12.75 -14.38
N ALA C 303 12.84 -12.54 -15.23
CA ALA C 303 12.71 -13.28 -16.48
C ALA C 303 13.83 -12.90 -17.43
N PRO C 304 14.07 -13.69 -18.46
CA PRO C 304 15.06 -13.29 -19.46
C PRO C 304 14.53 -12.25 -20.43
N GLY C 305 13.33 -11.74 -20.16
CA GLY C 305 12.81 -10.59 -20.89
C GLY C 305 13.38 -9.29 -20.34
N ASP C 306 12.54 -8.26 -20.22
CA ASP C 306 13.02 -7.03 -19.60
C ASP C 306 12.09 -6.56 -18.49
N PRO C 307 11.80 -7.38 -17.49
CA PRO C 307 11.20 -6.77 -16.30
C PRO C 307 12.32 -6.41 -15.32
N THR C 308 13.13 -5.42 -15.68
CA THR C 308 14.23 -5.02 -14.82
C THR C 308 13.70 -4.44 -13.52
N PRO C 309 13.89 -5.11 -12.40
CA PRO C 309 13.18 -4.74 -11.19
C PRO C 309 13.88 -3.64 -10.41
N ALA C 310 13.12 -3.04 -9.50
CA ALA C 310 13.64 -1.96 -8.68
C ALA C 310 14.54 -2.52 -7.57
N ALA C 311 15.55 -1.75 -7.23
CA ALA C 311 16.39 -2.10 -6.09
C ALA C 311 15.60 -1.96 -4.80
N ARG C 312 15.95 -2.77 -3.82
CA ARG C 312 15.23 -2.75 -2.56
C ARG C 312 15.43 -1.42 -1.86
N PRO C 313 14.37 -0.78 -1.36
CA PRO C 313 14.54 0.50 -0.69
C PRO C 313 15.39 0.36 0.56
N LEU C 314 15.96 1.48 0.98
CA LEU C 314 16.86 1.43 2.12
C LEU C 314 16.13 1.14 3.42
N SER C 315 14.82 1.36 3.48
CA SER C 315 14.09 1.10 4.71
C SER C 315 14.17 -0.38 5.09
N VAL C 316 13.68 -1.26 4.21
CA VAL C 316 13.71 -2.69 4.51
C VAL C 316 15.12 -3.21 4.71
N LEU C 317 16.13 -2.53 4.19
CA LEU C 317 17.48 -2.95 4.47
C LEU C 317 17.99 -2.40 5.78
N ALA C 318 17.31 -1.39 6.33
CA ALA C 318 17.67 -0.92 7.65
C ALA C 318 17.00 -1.73 8.75
N ASP C 319 16.03 -2.57 8.39
CA ASP C 319 15.25 -3.31 9.37
C ASP C 319 15.72 -4.74 9.53
N LEU C 320 16.87 -5.09 8.96
CA LEU C 320 17.21 -6.49 8.78
C LEU C 320 17.79 -7.15 10.04
N PRO C 321 18.62 -6.49 10.85
CA PRO C 321 19.12 -7.16 12.05
C PRO C 321 18.05 -7.62 13.01
N ARG C 322 16.91 -6.95 13.06
CA ARG C 322 15.84 -7.46 13.91
C ARG C 322 15.32 -8.79 13.39
N ARG C 323 15.07 -8.86 12.09
CA ARG C 323 14.59 -10.09 11.51
C ARG C 323 15.58 -11.22 11.70
N VAL C 324 16.88 -10.94 11.72
CA VAL C 324 17.82 -12.03 11.88
C VAL C 324 17.68 -12.67 13.25
N ARG C 325 17.68 -11.87 14.31
CA ARG C 325 17.49 -12.43 15.64
C ARG C 325 16.17 -13.18 15.75
N VAL C 326 15.11 -12.61 15.18
CA VAL C 326 13.84 -13.29 15.25
C VAL C 326 13.93 -14.66 14.57
N SER C 327 14.69 -14.74 13.48
CA SER C 327 14.86 -16.02 12.82
C SER C 327 15.54 -17.02 13.73
N GLN C 328 16.64 -16.60 14.37
CA GLN C 328 17.33 -17.52 15.27
C GLN C 328 16.39 -18.05 16.34
N ALA C 329 15.62 -17.15 16.95
CA ALA C 329 14.73 -17.57 18.02
C ALA C 329 13.69 -18.55 17.52
N HIS C 330 13.05 -18.24 16.40
CA HIS C 330 12.05 -19.16 15.87
C HIS C 330 12.65 -20.52 15.60
N GLN C 331 13.88 -20.58 15.10
CA GLN C 331 14.39 -21.89 14.75
C GLN C 331 14.72 -22.71 15.99
N THR C 332 15.25 -22.07 17.04
CA THR C 332 15.42 -22.80 18.30
C THR C 332 14.09 -23.33 18.81
N GLY C 333 13.07 -22.49 18.83
CA GLY C 333 11.78 -22.96 19.32
C GLY C 333 11.23 -24.11 18.51
N VAL C 334 11.40 -24.06 17.20
CA VAL C 334 10.86 -25.11 16.37
C VAL C 334 11.56 -26.42 16.68
N ILE C 335 12.88 -26.39 16.84
CA ILE C 335 13.57 -27.64 17.19
C ILE C 335 13.11 -28.14 18.56
N ALA C 336 12.86 -27.21 19.47
CA ALA C 336 12.37 -27.61 20.79
C ALA C 336 11.09 -28.40 20.67
N ALA C 337 10.07 -27.81 20.05
CA ALA C 337 8.81 -28.52 19.87
C ALA C 337 9.02 -29.82 19.11
N GLY C 338 9.99 -29.84 18.19
CA GLY C 338 10.28 -31.06 17.47
C GLY C 338 10.65 -32.21 18.40
N VAL C 339 11.65 -31.99 19.25
CA VAL C 339 12.05 -33.07 20.18
C VAL C 339 10.95 -33.34 21.19
N LEU C 340 10.24 -32.29 21.61
CA LEU C 340 9.20 -32.49 22.60
C LEU C 340 8.14 -33.46 22.09
N LEU C 341 7.73 -33.31 20.84
CA LEU C 341 6.81 -34.30 20.30
C LEU C 341 7.52 -35.60 19.97
N GLY C 342 8.75 -35.55 19.50
CA GLY C 342 9.48 -36.76 19.21
C GLY C 342 9.67 -37.68 20.39
N VAL C 343 9.48 -37.16 21.60
CA VAL C 343 9.42 -38.00 22.78
C VAL C 343 8.00 -38.19 23.28
N ALA C 344 7.12 -37.21 23.11
CA ALA C 344 5.75 -37.33 23.62
C ALA C 344 5.02 -38.51 23.04
N GLY C 345 5.46 -39.03 21.91
CA GLY C 345 4.86 -40.22 21.38
C GLY C 345 5.70 -41.42 21.71
N SER C 346 7.01 -41.27 21.58
CA SER C 346 7.90 -42.41 21.76
C SER C 346 7.82 -42.97 23.17
N VAL C 347 7.26 -42.21 24.11
CA VAL C 347 6.96 -42.76 25.44
C VAL C 347 5.60 -43.43 25.48
N ALA C 348 4.60 -42.88 24.81
CA ALA C 348 3.31 -43.56 24.71
C ALA C 348 3.41 -44.83 23.90
N LEU C 349 4.59 -45.17 23.39
CA LEU C 349 4.71 -46.34 22.55
C LEU C 349 5.18 -47.57 23.32
N VAL C 350 6.42 -47.56 23.80
CA VAL C 350 7.06 -48.79 24.27
C VAL C 350 6.51 -49.13 25.65
N SER C 351 6.08 -48.12 26.38
CA SER C 351 5.71 -48.27 27.78
C SER C 351 4.39 -49.00 28.00
N SER C 352 3.58 -49.19 26.96
CA SER C 352 2.19 -49.53 27.18
C SER C 352 2.01 -50.85 27.92
N ALA C 353 2.28 -51.97 27.26
CA ALA C 353 2.42 -53.25 27.96
C ALA C 353 3.16 -54.22 27.04
N ASN C 354 4.46 -54.35 27.23
CA ASN C 354 5.26 -55.42 26.62
C ASN C 354 5.00 -55.54 25.11
N ALA C 355 5.37 -54.48 24.41
CA ALA C 355 5.05 -54.35 22.99
C ALA C 355 6.12 -54.99 22.10
N SER C 356 6.04 -54.69 20.80
CA SER C 356 6.85 -55.36 19.79
C SER C 356 8.25 -54.75 19.69
N PRO C 357 9.25 -55.59 19.36
CA PRO C 357 10.63 -55.08 19.25
C PRO C 357 10.85 -54.04 18.18
N TRP C 358 9.98 -53.94 17.17
CA TRP C 358 10.13 -52.85 16.23
C TRP C 358 9.97 -51.50 16.93
N ALA C 359 9.15 -51.43 17.98
CA ALA C 359 9.08 -50.21 18.77
C ALA C 359 10.42 -49.92 19.42
N TRP C 360 11.11 -50.96 19.88
CA TRP C 360 12.45 -50.80 20.44
C TRP C 360 13.39 -50.18 19.42
N TYR C 361 13.45 -50.77 18.23
CA TYR C 361 14.33 -50.21 17.21
C TYR C 361 13.90 -48.80 16.82
N ILE C 362 12.59 -48.51 16.82
CA ILE C 362 12.14 -47.19 16.44
C ILE C 362 12.59 -46.15 17.44
N VAL C 363 12.39 -46.40 18.74
CA VAL C 363 12.78 -45.40 19.72
C VAL C 363 14.28 -45.21 19.71
N VAL C 364 15.05 -46.29 19.58
CA VAL C 364 16.49 -46.10 19.56
C VAL C 364 16.92 -45.41 18.28
N ALA C 365 16.23 -45.66 17.18
CA ALA C 365 16.57 -45.02 15.93
C ALA C 365 16.27 -43.52 15.98
N ALA C 366 15.14 -43.15 16.55
CA ALA C 366 14.82 -41.73 16.66
C ALA C 366 15.79 -41.04 17.61
N ALA C 367 16.15 -41.69 18.71
CA ALA C 367 17.13 -41.08 19.61
C ALA C 367 18.46 -40.90 18.93
N ALA C 368 18.92 -41.91 18.19
CA ALA C 368 20.18 -41.76 17.48
C ALA C 368 20.09 -40.74 16.36
N GLY C 369 18.92 -40.61 15.73
CA GLY C 369 18.76 -39.60 14.71
C GLY C 369 18.85 -38.21 15.29
N ALA C 370 18.20 -37.99 16.43
CA ALA C 370 18.42 -36.73 17.13
C ALA C 370 19.89 -36.52 17.43
N ALA C 371 20.50 -37.42 18.19
CA ALA C 371 21.87 -37.19 18.64
C ALA C 371 22.84 -37.11 17.48
N LEU C 372 22.43 -37.57 16.30
CA LEU C 372 23.27 -37.42 15.12
C LEU C 372 22.97 -36.15 14.36
N ARG C 373 21.78 -35.57 14.53
CA ARG C 373 21.54 -34.28 13.91
C ARG C 373 22.31 -33.16 14.57
N ALA C 374 22.61 -33.27 15.86
CA ALA C 374 23.25 -32.20 16.59
C ALA C 374 24.63 -31.85 16.06
N ARG C 375 25.13 -32.55 15.06
CA ARG C 375 26.35 -32.13 14.39
C ARG C 375 26.09 -31.13 13.27
N VAL C 376 24.82 -30.88 12.97
CA VAL C 376 24.47 -29.94 11.90
C VAL C 376 24.43 -28.52 12.42
N TRP C 377 23.56 -28.24 13.38
CA TRP C 377 23.30 -26.88 13.81
C TRP C 377 24.55 -26.25 14.42
N ASP C 378 24.43 -24.97 14.78
CA ASP C 378 25.52 -24.28 15.43
C ASP C 378 25.13 -23.46 16.64
N SER C 379 23.89 -23.02 16.75
CA SER C 379 23.46 -22.35 17.96
C SER C 379 23.48 -23.32 19.12
N ALA C 380 24.18 -22.95 20.19
CA ALA C 380 24.42 -23.89 21.28
C ALA C 380 23.13 -24.41 21.90
N ALA C 381 22.13 -23.56 22.07
CA ALA C 381 20.88 -24.02 22.66
C ALA C 381 20.22 -25.08 21.81
N CYS C 382 20.29 -24.94 20.49
CA CYS C 382 19.74 -25.96 19.62
C CYS C 382 20.46 -27.29 19.80
N LYS C 383 21.79 -27.28 19.83
CA LYS C 383 22.52 -28.52 20.04
C LYS C 383 22.18 -29.15 21.37
N ALA C 384 21.99 -28.34 22.41
CA ALA C 384 21.62 -28.90 23.70
C ALA C 384 20.26 -29.56 23.63
N TRP C 385 19.27 -28.87 23.07
CA TRP C 385 17.97 -29.51 22.90
C TRP C 385 18.10 -30.84 22.18
N LEU C 386 18.91 -30.88 21.13
CA LEU C 386 19.02 -32.13 20.40
C LEU C 386 19.62 -33.23 21.26
N LEU C 387 20.81 -32.99 21.82
CA LEU C 387 21.44 -34.04 22.60
C LEU C 387 20.60 -34.47 23.79
N GLY C 388 19.73 -33.62 24.29
CA GLY C 388 18.97 -34.00 25.48
C GLY C 388 17.78 -34.90 25.26
N HIS C 389 17.50 -35.30 24.01
CA HIS C 389 16.30 -36.09 23.79
C HIS C 389 16.41 -37.47 24.41
N SER C 390 17.56 -38.13 24.23
CA SER C 390 17.75 -39.44 24.84
C SER C 390 17.59 -39.36 26.35
N TYR C 391 18.14 -38.33 26.96
CA TYR C 391 18.08 -38.18 28.40
C TYR C 391 16.64 -38.00 28.88
N LEU C 392 15.91 -37.07 28.26
CA LEU C 392 14.52 -36.87 28.67
C LEU C 392 13.69 -38.13 28.43
N LEU C 393 13.92 -38.81 27.32
CA LEU C 393 13.23 -40.07 27.07
C LEU C 393 13.49 -41.06 28.18
N ALA C 394 14.75 -41.21 28.57
CA ALA C 394 15.07 -42.17 29.61
C ALA C 394 14.30 -41.87 30.87
N VAL C 395 14.31 -40.62 31.31
CA VAL C 395 13.66 -40.29 32.57
C VAL C 395 12.16 -40.50 32.46
N ALA C 396 11.56 -40.15 31.31
CA ALA C 396 10.13 -40.33 31.16
C ALA C 396 9.75 -41.81 31.19
N LEU C 397 10.55 -42.65 30.53
CA LEU C 397 10.33 -44.09 30.64
C LEU C 397 10.44 -44.55 32.08
N LEU C 398 11.42 -44.03 32.81
CA LEU C 398 11.63 -44.45 34.19
C LEU C 398 10.37 -44.20 35.03
N VAL C 399 9.88 -42.97 35.00
CA VAL C 399 8.69 -42.66 35.80
C VAL C 399 7.43 -43.33 35.27
N ALA C 400 7.28 -43.50 33.96
CA ALA C 400 6.14 -44.25 33.46
C ALA C 400 6.19 -45.72 33.86
N PHE C 401 7.40 -46.28 34.01
CA PHE C 401 7.54 -47.63 34.53
C PHE C 401 7.11 -47.72 35.97
N VAL C 402 7.66 -46.86 36.83
CA VAL C 402 7.31 -46.90 38.24
C VAL C 402 5.81 -46.69 38.42
N ILE C 403 5.28 -45.62 37.84
CA ILE C 403 3.83 -45.45 37.88
C ILE C 403 3.12 -46.57 37.14
N GLY C 404 3.77 -47.16 36.14
CA GLY C 404 3.25 -48.35 35.52
C GLY C 404 3.24 -49.56 36.41
N ASP C 405 3.88 -49.48 37.57
CA ASP C 405 3.82 -50.50 38.60
C ASP C 405 4.49 -51.79 38.12
N ARG C 406 5.73 -51.64 37.67
CA ARG C 406 6.52 -52.73 37.14
C ARG C 406 7.76 -53.00 37.97
N TYR C 407 8.56 -51.99 38.26
CA TYR C 407 9.68 -52.02 39.19
C TYR C 407 10.77 -52.99 38.78
N GLN C 408 10.84 -53.35 37.51
CA GLN C 408 11.91 -54.23 37.05
C GLN C 408 12.88 -53.57 36.11
N ALA C 409 12.41 -53.00 35.01
CA ALA C 409 13.28 -52.32 34.06
C ALA C 409 13.58 -50.88 34.46
N ALA C 410 12.96 -50.39 35.53
CA ALA C 410 13.33 -49.09 36.05
C ALA C 410 14.83 -49.03 36.32
N LEU C 411 15.34 -50.00 37.08
CA LEU C 411 16.77 -50.04 37.30
C LEU C 411 17.54 -50.16 35.99
N TRP C 412 16.89 -50.70 34.96
CA TRP C 412 17.55 -50.72 33.66
C TRP C 412 17.57 -49.33 33.02
N ALA C 413 16.49 -48.56 33.17
CA ALA C 413 16.54 -47.18 32.70
C ALA C 413 17.63 -46.41 33.42
N LEU C 414 17.79 -46.66 34.72
CA LEU C 414 18.87 -46.02 35.46
C LEU C 414 20.23 -46.46 34.94
N ALA C 415 20.35 -47.74 34.58
CA ALA C 415 21.60 -48.20 33.98
C ALA C 415 21.89 -47.44 32.69
N ALA C 416 20.87 -47.30 31.85
CA ALA C 416 21.06 -46.57 30.60
C ALA C 416 21.47 -45.12 30.86
N LEU C 417 20.72 -44.43 31.72
CA LEU C 417 21.04 -43.06 32.10
C LEU C 417 22.45 -42.97 32.65
N ALA C 418 22.90 -44.00 33.35
CA ALA C 418 24.25 -44.02 33.86
C ALA C 418 25.26 -44.08 32.73
N VAL C 419 24.99 -44.89 31.72
CA VAL C 419 25.91 -44.92 30.58
C VAL C 419 25.93 -43.56 29.91
N LEU C 420 24.77 -42.91 29.82
CA LEU C 420 24.70 -41.59 29.20
C LEU C 420 25.57 -40.60 29.95
N VAL C 421 25.44 -40.56 31.28
CA VAL C 421 26.24 -39.60 32.02
C VAL C 421 27.70 -39.99 32.04
N LEU C 422 28.00 -41.29 31.92
CA LEU C 422 29.39 -41.71 31.87
C LEU C 422 30.05 -41.22 30.59
N VAL C 423 29.37 -41.40 29.46
CA VAL C 423 29.95 -40.90 28.22
C VAL C 423 30.01 -39.39 28.25
N TRP C 424 28.99 -38.74 28.83
CA TRP C 424 29.06 -37.30 29.02
C TRP C 424 30.32 -36.90 29.78
N ILE C 425 30.59 -37.56 30.90
CA ILE C 425 31.73 -37.20 31.73
C ILE C 425 33.03 -37.44 30.98
N VAL C 426 33.24 -38.65 30.48
CA VAL C 426 34.48 -38.95 29.78
C VAL C 426 34.64 -38.05 28.59
N ALA C 427 33.56 -37.47 28.08
CA ALA C 427 33.70 -36.45 27.06
C ALA C 427 34.00 -35.09 27.66
N ALA C 428 33.65 -34.89 28.93
CA ALA C 428 33.74 -33.56 29.52
C ALA C 428 35.19 -33.17 29.78
N LEU C 429 35.87 -33.92 30.65
CA LEU C 429 37.22 -33.61 31.04
C LEU C 429 38.25 -34.12 30.05
N ASN C 430 37.85 -34.38 28.81
CA ASN C 430 38.73 -35.01 27.83
C ASN C 430 38.55 -34.29 26.50
N PRO C 431 39.22 -33.17 26.33
CA PRO C 431 39.08 -32.36 25.11
C PRO C 431 39.85 -32.94 23.93
N LYS C 432 39.75 -34.24 23.75
CA LYS C 432 40.36 -34.93 22.61
C LYS C 432 39.41 -35.92 21.98
N ILE C 433 38.21 -36.06 22.52
CA ILE C 433 37.17 -36.86 21.90
C ILE C 433 36.06 -36.01 21.32
N ALA C 434 35.79 -34.83 21.89
CA ALA C 434 34.81 -33.90 21.37
C ALA C 434 35.39 -32.99 20.30
N SER C 435 36.49 -33.41 19.68
CA SER C 435 37.22 -32.58 18.73
C SER C 435 37.11 -33.21 17.35
N PRO C 436 36.31 -32.65 16.45
CA PRO C 436 36.13 -33.24 15.12
C PRO C 436 37.39 -33.24 14.26
N ASP C 437 38.37 -32.41 14.59
CA ASP C 437 39.57 -32.31 13.77
C ASP C 437 40.47 -33.53 13.94
N THR C 438 40.59 -34.03 15.17
CA THR C 438 41.47 -35.15 15.44
C THR C 438 40.97 -36.46 14.84
N TYR C 439 39.75 -36.50 14.33
CA TYR C 439 39.26 -37.71 13.69
C TYR C 439 39.72 -37.79 12.24
N SER C 440 39.21 -38.80 11.54
CA SER C 440 39.58 -39.07 10.15
C SER C 440 38.46 -38.68 9.21
N LEU C 441 38.84 -38.36 7.97
CA LEU C 441 37.83 -38.10 6.95
C LEU C 441 36.91 -39.28 6.70
N PRO C 442 37.40 -40.51 6.50
CA PRO C 442 36.47 -41.63 6.24
C PRO C 442 35.48 -41.82 7.35
N MET C 443 35.90 -41.64 8.61
CA MET C 443 34.95 -41.81 9.71
C MET C 443 33.88 -40.74 9.68
N ARG C 444 34.25 -39.50 9.37
CA ARG C 444 33.25 -38.47 9.15
C ARG C 444 32.25 -38.93 8.10
N ARG C 445 32.75 -39.39 6.96
CA ARG C 445 31.87 -39.79 5.88
C ARG C 445 30.96 -40.93 6.32
N MET C 446 31.50 -41.89 7.07
CA MET C 446 30.70 -43.02 7.52
C MET C 446 29.62 -42.59 8.51
N VAL C 447 29.96 -41.68 9.43
CA VAL C 447 28.94 -41.15 10.33
C VAL C 447 27.83 -40.48 9.53
N GLY C 448 28.19 -39.74 8.49
CA GLY C 448 27.16 -39.14 7.65
C GLY C 448 26.26 -40.18 7.01
N PHE C 449 26.87 -41.20 6.39
CA PHE C 449 26.07 -42.23 5.76
C PHE C 449 25.18 -42.92 6.78
N LEU C 450 25.68 -43.09 8.00
CA LEU C 450 24.89 -43.74 9.05
C LEU C 450 23.69 -42.89 9.45
N ALA C 451 23.91 -41.59 9.65
CA ALA C 451 22.82 -40.69 9.98
C ALA C 451 21.78 -40.66 8.88
N THR C 452 22.21 -40.78 7.63
CA THR C 452 21.24 -40.89 6.53
C THR C 452 20.48 -42.21 6.61
N GLY C 453 21.19 -43.30 6.82
CA GLY C 453 20.55 -44.60 6.85
C GLY C 453 19.49 -44.72 7.92
N LEU C 454 19.74 -44.15 9.11
CA LEU C 454 18.80 -44.29 10.21
C LEU C 454 17.42 -43.74 9.84
N ASP C 455 17.34 -42.43 9.63
CA ASP C 455 16.05 -41.85 9.30
C ASP C 455 15.53 -42.32 7.95
N ALA C 456 16.41 -42.83 7.06
CA ALA C 456 15.87 -43.47 5.88
C ALA C 456 15.03 -44.68 6.28
N SER C 457 15.62 -45.59 7.03
CA SER C 457 14.95 -46.82 7.42
C SER C 457 13.72 -46.57 8.30
N LEU C 458 13.65 -45.41 8.96
CA LEU C 458 12.61 -45.22 9.98
C LEU C 458 11.20 -45.46 9.43
N ILE C 459 10.83 -44.80 8.34
CA ILE C 459 9.42 -44.80 7.93
C ILE C 459 8.93 -46.18 7.51
N PRO C 460 9.69 -46.95 6.70
CA PRO C 460 9.21 -48.29 6.35
C PRO C 460 9.02 -49.19 7.55
N VAL C 461 9.97 -49.20 8.48
CA VAL C 461 9.82 -50.05 9.64
C VAL C 461 8.69 -49.53 10.52
N MET C 462 8.43 -48.23 10.49
CA MET C 462 7.27 -47.70 11.20
C MET C 462 5.97 -48.24 10.61
N ALA C 463 5.88 -48.27 9.28
CA ALA C 463 4.69 -48.82 8.65
C ALA C 463 4.53 -50.30 8.97
N LEU C 464 5.63 -51.06 8.89
CA LEU C 464 5.60 -52.45 9.32
C LEU C 464 5.02 -52.58 10.72
N LEU C 465 5.58 -51.82 11.67
CA LEU C 465 5.17 -51.94 13.06
C LEU C 465 3.71 -51.58 13.27
N VAL C 466 3.24 -50.48 12.67
CA VAL C 466 1.85 -50.10 12.86
C VAL C 466 0.91 -51.11 12.22
N GLY C 467 1.37 -51.80 11.18
CA GLY C 467 0.63 -52.92 10.61
C GLY C 467 -0.16 -52.64 9.36
N LEU C 468 0.25 -51.68 8.52
CA LEU C 468 -0.46 -51.45 7.27
C LEU C 468 0.00 -52.35 6.15
N PHE C 469 1.13 -53.04 6.30
CA PHE C 469 1.47 -54.16 5.43
C PHE C 469 0.62 -55.40 5.74
N SER C 470 -0.16 -55.35 6.82
CA SER C 470 -1.00 -56.46 7.25
C SER C 470 -2.45 -56.31 6.83
N LEU C 471 -2.95 -55.08 6.75
CA LEU C 471 -4.27 -54.86 6.17
C LEU C 471 -4.35 -55.39 4.75
N VAL C 472 -3.22 -55.36 4.04
CA VAL C 472 -3.17 -55.84 2.67
C VAL C 472 -2.42 -57.16 2.57
N SER D 2 53.28 39.86 24.42
CA SER D 2 51.82 39.75 24.43
C SER D 2 51.38 38.32 24.12
N ARG D 3 51.85 37.81 22.98
CA ARG D 3 51.49 36.46 22.54
C ARG D 3 52.73 35.58 22.47
N LEU D 4 52.48 34.27 22.53
CA LEU D 4 53.54 33.28 22.50
C LEU D 4 54.02 33.11 21.05
N ILE D 5 54.78 32.05 20.79
CA ILE D 5 55.29 31.76 19.45
C ILE D 5 54.96 30.31 19.09
N PHE D 6 54.63 30.09 17.82
CA PHE D 6 54.39 28.76 17.29
C PHE D 6 55.44 28.42 16.23
N GLU D 7 55.85 27.17 16.19
CA GLU D 7 56.87 26.68 15.25
C GLU D 7 56.20 25.68 14.31
N HIS D 8 56.63 25.66 13.06
CA HIS D 8 55.97 24.85 12.03
C HIS D 8 56.41 23.40 12.16
N GLN D 9 55.90 22.74 13.19
CA GLN D 9 56.01 21.30 13.31
C GLN D 9 55.28 20.64 12.14
N ARG D 10 55.79 19.48 11.71
CA ARG D 10 55.22 18.82 10.55
C ARG D 10 53.81 18.31 10.82
N ARG D 11 53.01 18.28 9.76
CA ARG D 11 51.67 17.71 9.83
C ARG D 11 51.74 16.19 9.85
N LEU D 12 50.85 15.59 10.63
CA LEU D 12 50.76 14.15 10.67
C LEU D 12 49.92 13.63 9.50
N THR D 13 50.13 12.37 9.15
CA THR D 13 49.46 11.84 7.99
C THR D 13 48.48 10.75 8.39
N PRO D 14 47.18 10.98 8.25
CA PRO D 14 46.22 9.89 8.36
C PRO D 14 46.25 9.02 7.12
N PRO D 15 46.10 7.72 7.26
CA PRO D 15 46.23 6.84 6.10
C PRO D 15 45.27 7.19 4.98
N THR D 16 45.81 7.61 3.85
CA THR D 16 44.99 8.08 2.76
C THR D 16 44.35 6.93 2.00
N THR D 17 43.69 7.27 0.89
CA THR D 17 42.96 6.30 0.10
C THR D 17 43.86 5.70 -0.96
N ARG D 18 43.71 4.40 -1.21
CA ARG D 18 44.32 3.76 -2.36
C ARG D 18 43.40 3.99 -3.55
N LYS D 19 43.42 5.22 -4.06
CA LYS D 19 42.45 5.64 -5.05
C LYS D 19 42.70 4.95 -6.37
N GLY D 20 42.43 3.65 -6.43
CA GLY D 20 42.70 2.86 -7.59
C GLY D 20 41.42 2.59 -8.36
N THR D 21 41.43 1.48 -9.08
CA THR D 21 40.29 1.08 -9.89
C THR D 21 39.98 -0.38 -9.56
N ILE D 22 39.13 -0.57 -8.56
CA ILE D 22 38.65 -1.90 -8.23
C ILE D 22 37.83 -2.40 -9.40
N THR D 23 38.14 -3.60 -9.88
CA THR D 23 37.47 -4.20 -11.02
C THR D 23 36.76 -5.47 -10.61
N ILE D 24 35.66 -5.78 -11.28
CA ILE D 24 34.78 -6.88 -10.90
C ILE D 24 34.51 -7.73 -12.13
N GLU D 25 34.64 -9.04 -11.99
CA GLU D 25 34.40 -9.91 -13.13
C GLU D 25 32.91 -10.06 -13.39
N PRO D 26 32.50 -10.00 -14.65
CA PRO D 26 31.08 -10.15 -15.00
C PRO D 26 30.59 -11.56 -14.72
N PRO D 27 29.30 -11.72 -14.47
CA PRO D 27 28.78 -13.01 -14.03
C PRO D 27 28.74 -14.01 -15.18
N PRO D 28 28.38 -15.25 -14.91
CA PRO D 28 28.29 -16.24 -15.99
C PRO D 28 27.14 -15.96 -16.94
N GLN D 29 26.94 -16.83 -17.93
CA GLN D 29 26.18 -16.47 -19.12
C GLN D 29 25.00 -17.39 -19.39
N LEU D 30 24.17 -17.59 -18.36
CA LEU D 30 22.92 -18.40 -18.42
C LEU D 30 23.13 -19.71 -19.19
N PRO D 31 23.92 -20.66 -18.68
CA PRO D 31 24.17 -21.93 -19.38
C PRO D 31 22.84 -22.62 -19.74
N ARG D 32 22.72 -23.05 -21.00
CA ARG D 32 21.48 -23.74 -21.47
C ARG D 32 21.35 -25.09 -20.77
N VAL D 33 20.18 -25.34 -20.16
CA VAL D 33 19.93 -26.63 -19.46
C VAL D 33 19.02 -27.48 -20.35
N VAL D 34 19.40 -28.73 -20.59
CA VAL D 34 18.60 -29.66 -21.44
C VAL D 34 17.42 -30.20 -20.61
N PRO D 35 16.34 -30.71 -21.24
CA PRO D 35 15.20 -31.26 -20.50
C PRO D 35 15.62 -32.41 -19.59
N PRO D 36 15.07 -32.53 -18.36
CA PRO D 36 15.43 -33.60 -17.44
C PRO D 36 15.39 -35.01 -18.08
N SER D 37 14.32 -35.30 -18.83
CA SER D 37 14.08 -36.59 -19.53
C SER D 37 13.90 -37.74 -18.54
N LEU D 38 12.65 -38.03 -18.17
CA LEU D 38 12.32 -39.10 -17.19
C LEU D 38 12.98 -40.43 -17.56
N LEU D 39 12.94 -40.82 -18.84
CA LEU D 39 13.53 -42.08 -19.36
C LEU D 39 14.93 -42.31 -18.77
N ARG D 40 15.82 -41.31 -18.86
CA ARG D 40 17.20 -41.43 -18.32
C ARG D 40 17.27 -40.80 -16.93
N ARG D 41 16.11 -40.56 -16.30
CA ARG D 41 16.05 -39.95 -14.95
C ARG D 41 15.32 -40.88 -13.98
N VAL D 42 14.84 -42.02 -14.46
CA VAL D 42 14.11 -42.98 -13.58
C VAL D 42 14.95 -44.26 -13.42
N LEU D 43 16.05 -44.17 -12.68
CA LEU D 43 16.94 -45.34 -12.45
C LEU D 43 16.84 -45.76 -10.97
N PRO D 44 16.66 -44.82 -10.03
CA PRO D 44 16.55 -45.16 -8.61
C PRO D 44 15.19 -45.79 -8.29
N MET D 92 25.39 -32.20 -16.75
CA MET D 92 25.05 -30.86 -17.29
C MET D 92 23.70 -30.40 -16.74
N ARG D 93 23.19 -31.12 -15.72
CA ARG D 93 21.91 -30.79 -15.11
C ARG D 93 22.14 -29.77 -13.99
N THR D 94 21.06 -29.41 -13.29
CA THR D 94 21.05 -28.27 -12.39
C THR D 94 22.20 -28.28 -11.40
N GLU D 95 22.69 -29.45 -11.01
CA GLU D 95 23.72 -29.50 -9.98
C GLU D 95 24.92 -28.65 -10.35
N GLU D 96 25.41 -28.78 -11.59
CA GLU D 96 26.62 -28.07 -11.97
C GLU D 96 26.40 -26.57 -12.01
N VAL D 97 25.30 -26.13 -12.61
CA VAL D 97 25.05 -24.69 -12.69
C VAL D 97 24.89 -24.12 -11.30
N ASP D 98 24.32 -24.88 -10.37
CA ASP D 98 24.20 -24.38 -9.01
C ASP D 98 25.57 -24.28 -8.36
N ALA D 99 26.44 -25.25 -8.61
CA ALA D 99 27.81 -25.15 -8.12
C ALA D 99 28.46 -23.87 -8.61
N GLU D 100 28.31 -23.56 -9.89
CA GLU D 100 28.93 -22.36 -10.43
C GLU D 100 28.33 -21.09 -9.83
N ARG D 101 27.00 -21.06 -9.66
CA ARG D 101 26.36 -19.96 -8.96
C ARG D 101 27.00 -19.73 -7.61
N ALA D 102 27.11 -20.79 -6.80
CA ALA D 102 27.70 -20.65 -5.48
C ALA D 102 29.10 -20.09 -5.53
N ASP D 103 29.91 -20.56 -6.49
CA ASP D 103 31.26 -20.03 -6.61
C ASP D 103 31.24 -18.53 -6.86
N TYR D 104 30.42 -18.09 -7.82
CA TYR D 104 30.44 -16.66 -8.11
C TYR D 104 29.96 -15.85 -6.92
N LEU D 105 28.96 -16.33 -6.20
CA LEU D 105 28.53 -15.56 -5.04
C LEU D 105 29.62 -15.44 -4.00
N ARG D 106 30.40 -16.50 -3.78
CA ARG D 106 31.53 -16.39 -2.86
C ARG D 106 32.49 -15.30 -3.31
N TYR D 107 32.90 -15.33 -4.58
CA TYR D 107 33.77 -14.29 -5.11
C TYR D 107 33.19 -12.91 -4.83
N LEU D 108 31.89 -12.75 -5.02
CA LEU D 108 31.26 -11.48 -4.77
C LEU D 108 31.42 -11.05 -3.32
N SER D 109 31.24 -11.99 -2.39
CA SER D 109 31.40 -11.64 -0.98
C SER D 109 32.80 -11.08 -0.73
N VAL D 110 33.81 -11.71 -1.31
CA VAL D 110 35.18 -11.21 -1.11
C VAL D 110 35.29 -9.77 -1.60
N VAL D 111 34.79 -9.50 -2.81
CA VAL D 111 34.91 -8.14 -3.32
C VAL D 111 34.19 -7.14 -2.44
N ARG D 112 33.04 -7.52 -1.90
CA ARG D 112 32.33 -6.61 -1.01
C ARG D 112 33.17 -6.27 0.20
N ASP D 113 33.83 -7.27 0.78
CA ASP D 113 34.67 -7.00 1.94
C ASP D 113 35.78 -6.02 1.60
N ASN D 114 36.42 -6.21 0.46
CA ASN D 114 37.50 -5.29 0.08
C ASN D 114 37.00 -3.86 -0.05
N VAL D 115 35.89 -3.67 -0.76
CA VAL D 115 35.44 -2.30 -0.95
C VAL D 115 35.00 -1.68 0.37
N ARG D 116 34.52 -2.50 1.30
CA ARG D 116 34.19 -1.93 2.60
C ARG D 116 35.45 -1.46 3.31
N ALA D 117 36.56 -2.18 3.16
CA ALA D 117 37.81 -1.69 3.74
C ALA D 117 38.18 -0.33 3.16
N HIS D 118 38.04 -0.18 1.84
CA HIS D 118 38.33 1.11 1.23
C HIS D 118 37.44 2.21 1.80
N ALA D 119 36.15 1.91 1.99
CA ALA D 119 35.25 2.90 2.57
C ALA D 119 35.68 3.25 3.98
N ALA D 120 36.17 2.27 4.74
CA ALA D 120 36.67 2.58 6.07
C ALA D 120 37.81 3.57 6.01
N GLU D 121 38.79 3.33 5.12
CA GLU D 121 39.86 4.31 4.96
C GLU D 121 39.32 5.69 4.67
N GLN D 122 38.38 5.79 3.73
CA GLN D 122 37.90 7.09 3.31
C GLN D 122 37.23 7.83 4.46
N ARG D 123 36.32 7.16 5.17
CA ARG D 123 35.65 7.84 6.27
C ARG D 123 36.64 8.17 7.37
N ALA D 124 37.64 7.33 7.61
CA ALA D 124 38.64 7.66 8.61
C ALA D 124 39.34 8.96 8.28
N ALA D 125 39.83 9.09 7.05
CA ALA D 125 40.49 10.32 6.65
C ALA D 125 39.57 11.52 6.81
N LEU D 126 38.35 11.42 6.28
CA LEU D 126 37.48 12.58 6.30
C LEU D 126 37.07 12.97 7.70
N GLU D 127 36.91 12.03 8.61
CA GLU D 127 36.69 12.40 9.99
C GLU D 127 37.90 13.02 10.62
N TRP D 128 39.09 12.55 10.28
CA TRP D 128 40.31 13.12 10.84
C TRP D 128 40.45 14.58 10.47
N SER D 129 40.20 14.92 9.22
CA SER D 129 40.52 16.25 8.74
C SER D 129 39.42 17.29 8.94
N HIS D 130 38.20 16.90 9.30
CA HIS D 130 37.13 17.86 9.55
C HIS D 130 36.33 17.43 10.77
N PRO D 131 36.93 17.49 11.95
CA PRO D 131 36.24 17.03 13.15
C PRO D 131 34.97 17.82 13.42
N GLU D 132 34.20 17.31 14.36
CA GLU D 132 32.90 17.87 14.67
C GLU D 132 33.08 19.24 15.32
N PRO D 133 32.15 20.18 15.08
CA PRO D 133 32.33 21.53 15.64
C PRO D 133 32.12 21.59 17.15
N GLU D 134 32.70 20.65 17.87
CA GLU D 134 32.99 20.82 19.28
C GLU D 134 34.40 20.46 19.64
N VAL D 135 35.02 19.50 18.94
CA VAL D 135 36.39 19.13 19.26
C VAL D 135 37.35 20.27 18.98
N LEU D 136 36.98 21.15 18.05
CA LEU D 136 37.84 22.25 17.66
C LEU D 136 38.13 23.20 18.80
N ALA D 137 37.41 23.11 19.91
CA ALA D 137 37.81 23.86 21.08
C ALA D 137 39.15 23.39 21.62
N THR D 138 39.45 22.11 21.51
CA THR D 138 40.69 21.57 22.03
C THR D 138 41.85 21.66 21.06
N ILE D 139 41.59 21.93 19.78
CA ILE D 139 42.66 21.88 18.79
C ILE D 139 43.65 23.04 18.90
N PRO D 140 43.25 24.28 19.23
CA PRO D 140 44.21 25.39 19.15
C PRO D 140 45.45 25.18 19.99
N GLY D 141 45.46 24.22 20.90
CA GLY D 141 46.62 23.99 21.71
C GLY D 141 47.68 23.15 21.03
N THR D 142 47.30 21.95 20.59
CA THR D 142 48.28 20.94 20.26
C THR D 142 48.88 21.28 18.89
N ARG D 143 49.79 20.43 18.40
CA ARG D 143 50.61 20.71 17.24
C ARG D 143 49.85 20.53 15.93
N ARG D 144 48.52 20.50 15.96
CA ARG D 144 47.76 20.24 14.75
C ARG D 144 47.00 21.46 14.27
N GLN D 145 47.23 22.63 14.88
CA GLN D 145 46.38 23.78 14.55
C GLN D 145 46.60 24.26 13.12
N TRP D 146 47.81 24.70 12.78
CA TRP D 146 48.10 25.08 11.40
C TRP D 146 48.62 23.90 10.59
N GLU D 147 47.92 22.76 10.70
CA GLU D 147 48.39 21.57 10.01
C GLU D 147 47.94 21.50 8.57
N ARG D 148 47.31 22.55 8.05
CA ARG D 148 46.86 22.56 6.66
C ARG D 148 47.78 23.44 5.84
N ASP D 149 48.22 22.91 4.70
CA ASP D 149 49.19 23.58 3.85
C ASP D 149 48.68 23.61 2.41
N PRO D 150 49.16 24.53 1.59
CA PRO D 150 48.63 24.64 0.22
C PRO D 150 49.05 23.51 -0.70
N ARG D 151 49.86 22.57 -0.23
CA ARG D 151 50.17 21.42 -1.05
C ARG D 151 49.25 20.24 -0.76
N ASP D 152 48.46 20.32 0.31
CA ASP D 152 47.69 19.18 0.77
C ASP D 152 46.31 19.14 0.12
N ARG D 153 45.83 17.91 -0.08
CA ARG D 153 44.56 17.67 -0.76
C ARG D 153 43.40 18.38 -0.10
N ASP D 154 43.41 18.53 1.22
CA ASP D 154 42.40 19.30 1.93
C ASP D 154 42.96 20.68 2.20
N PHE D 155 42.59 21.65 1.37
CA PHE D 155 43.07 23.00 1.55
C PHE D 155 41.94 23.96 1.27
N LEU D 156 41.66 24.83 2.24
CA LEU D 156 40.58 25.80 2.12
C LEU D 156 39.26 25.09 1.85
N VAL D 157 39.05 23.97 2.54
CA VAL D 157 37.79 23.22 2.48
C VAL D 157 37.11 23.39 3.83
N LEU D 158 35.84 23.76 3.81
CA LEU D 158 35.12 24.11 5.02
C LEU D 158 33.96 23.16 5.24
N ARG D 159 34.04 22.38 6.32
CA ARG D 159 33.02 21.40 6.65
C ARG D 159 31.71 22.12 6.96
N ALA D 160 30.59 21.50 6.62
CA ALA D 160 29.28 22.04 6.93
C ALA D 160 28.31 21.03 7.51
N GLY D 161 28.58 19.74 7.39
CA GLY D 161 27.65 18.74 7.90
C GLY D 161 28.02 17.35 7.45
N ARG D 162 27.01 16.47 7.45
CA ARG D 162 27.16 15.07 7.11
C ARG D 162 26.09 14.66 6.11
N HIS D 163 26.53 14.04 5.01
CA HIS D 163 25.62 13.39 4.08
C HIS D 163 26.45 12.40 3.26
N ASP D 164 25.89 11.92 2.16
CA ASP D 164 26.46 10.78 1.44
C ASP D 164 27.54 11.24 0.47
N VAL D 165 28.78 10.90 0.78
CA VAL D 165 29.89 11.16 -0.14
C VAL D 165 30.05 9.96 -1.07
N PRO D 166 30.23 10.18 -2.35
CA PRO D 166 30.07 9.09 -3.32
C PRO D 166 31.23 8.12 -3.48
N LEU D 167 32.13 8.01 -2.50
CA LEU D 167 33.15 6.95 -2.57
C LEU D 167 34.05 7.10 -3.77
N ASP D 168 34.96 8.07 -3.71
CA ASP D 168 35.80 8.47 -4.84
C ASP D 168 36.44 7.32 -5.59
N ALA D 169 36.55 6.14 -4.99
CA ALA D 169 37.14 5.01 -5.70
C ALA D 169 36.30 4.67 -6.94
N ALA D 170 36.82 3.76 -7.76
CA ALA D 170 36.28 3.59 -9.11
C ALA D 170 35.04 2.71 -9.13
N LEU D 171 35.17 1.42 -8.83
CA LEU D 171 34.11 0.45 -9.01
C LEU D 171 33.66 0.36 -10.48
N LYS D 172 34.56 -0.14 -11.32
CA LYS D 172 34.25 -0.33 -12.73
C LYS D 172 34.32 -1.82 -13.07
N VAL D 173 33.28 -2.33 -13.71
CA VAL D 173 33.27 -3.69 -14.21
C VAL D 173 33.62 -3.68 -15.68
N LYS D 174 34.24 -4.76 -16.16
CA LYS D 174 34.64 -4.84 -17.56
C LYS D 174 33.63 -5.63 -18.38
N ASP D 175 32.42 -5.07 -18.51
CA ASP D 175 31.36 -5.72 -19.27
C ASP D 175 31.68 -5.60 -20.76
N THR D 176 31.69 -6.72 -21.46
CA THR D 176 32.02 -6.74 -22.88
C THR D 176 30.96 -7.41 -23.74
N ALA D 177 29.73 -7.51 -23.25
CA ALA D 177 28.70 -8.24 -23.97
C ALA D 177 27.82 -7.30 -24.79
N ASP D 178 27.32 -7.83 -25.90
CA ASP D 178 26.34 -7.12 -26.73
C ASP D 178 24.94 -7.62 -26.39
N GLU D 179 24.56 -7.37 -25.13
CA GLU D 179 23.27 -7.80 -24.59
C GLU D 179 23.12 -9.31 -24.65
N ILE D 180 24.17 -10.05 -24.30
CA ILE D 180 24.02 -11.46 -24.01
C ILE D 180 23.26 -11.60 -22.71
N ASP D 181 22.58 -12.72 -22.52
CA ASP D 181 21.81 -12.92 -21.31
C ASP D 181 22.66 -13.56 -20.23
N LEU D 182 22.77 -12.89 -19.09
CA LEU D 182 23.59 -13.40 -18.01
C LEU D 182 22.70 -14.12 -17.01
N GLU D 183 23.29 -15.04 -16.27
CA GLU D 183 22.57 -15.82 -15.26
C GLU D 183 21.74 -14.89 -14.38
N PRO D 184 20.50 -15.24 -14.06
CA PRO D 184 19.66 -14.31 -13.31
C PRO D 184 20.08 -14.12 -11.86
N VAL D 185 20.42 -15.20 -11.17
CA VAL D 185 20.66 -15.13 -9.74
C VAL D 185 22.06 -14.60 -9.41
N ALA D 186 22.94 -14.48 -10.40
CA ALA D 186 24.20 -13.80 -10.16
C ALA D 186 24.09 -12.32 -10.52
N HIS D 187 23.64 -12.02 -11.73
CA HIS D 187 23.46 -10.64 -12.13
C HIS D 187 22.60 -9.87 -11.15
N SER D 188 21.57 -10.52 -10.60
CA SER D 188 20.77 -9.85 -9.57
C SER D 188 21.64 -9.42 -8.40
N ALA D 189 22.51 -10.30 -7.93
CA ALA D 189 23.34 -9.97 -6.78
C ALA D 189 24.32 -8.86 -7.11
N LEU D 190 24.99 -8.94 -8.26
CA LEU D 190 25.95 -7.89 -8.59
C LEU D 190 25.26 -6.54 -8.75
N ARG D 191 24.07 -6.54 -9.37
CA ARG D 191 23.36 -5.28 -9.52
C ARG D 191 22.95 -4.73 -8.17
N GLY D 192 22.43 -5.58 -7.28
CA GLY D 192 22.09 -5.14 -5.96
C GLY D 192 23.29 -4.73 -5.13
N LEU D 193 24.49 -5.09 -5.57
CA LEU D 193 25.68 -4.63 -4.88
C LEU D 193 26.14 -3.27 -5.38
N LEU D 194 26.19 -3.10 -6.70
CA LEU D 194 26.80 -1.90 -7.26
C LEU D 194 26.04 -0.62 -6.98
N ASP D 195 24.98 -0.67 -6.18
CA ASP D 195 24.21 0.54 -5.90
C ASP D 195 24.20 0.94 -4.43
N VAL D 196 24.37 0.01 -3.50
CA VAL D 196 24.39 0.37 -2.09
C VAL D 196 25.79 0.45 -1.53
N GLN D 197 26.74 -0.28 -2.10
CA GLN D 197 28.12 -0.16 -1.70
C GLN D 197 28.92 0.79 -2.56
N ARG D 198 28.25 1.74 -3.21
CA ARG D 198 28.94 2.72 -4.03
C ARG D 198 28.98 4.10 -3.40
N THR D 199 28.14 4.36 -2.40
CA THR D 199 28.08 5.68 -1.75
C THR D 199 28.25 5.49 -0.26
N VAL D 200 29.29 6.10 0.31
CA VAL D 200 29.48 6.07 1.74
C VAL D 200 28.25 6.65 2.43
N ARG D 201 27.93 6.12 3.60
CA ARG D 201 26.85 6.67 4.40
C ARG D 201 27.35 7.97 5.03
N ASP D 202 26.53 8.58 5.90
CA ASP D 202 26.77 9.95 6.35
C ASP D 202 28.21 10.18 6.78
N ALA D 203 28.87 11.11 6.10
CA ALA D 203 30.28 11.38 6.20
C ALA D 203 30.49 12.88 6.25
N PRO D 204 31.63 13.36 6.76
CA PRO D 204 31.80 14.81 6.91
C PRO D 204 31.88 15.44 5.54
N THR D 205 30.89 16.26 5.21
CA THR D 205 30.82 16.83 3.87
C THR D 205 31.93 17.86 3.70
N GLY D 206 31.97 18.49 2.52
CA GLY D 206 32.92 19.55 2.32
C GLY D 206 32.37 20.71 1.53
N LEU D 207 32.37 21.90 2.13
CA LEU D 207 32.04 23.14 1.44
C LEU D 207 33.36 23.83 1.14
N ASP D 208 34.01 23.39 0.08
CA ASP D 208 35.27 23.98 -0.36
C ASP D 208 35.02 25.42 -0.76
N VAL D 209 36.01 26.28 -0.52
CA VAL D 209 35.92 27.67 -0.89
C VAL D 209 37.08 28.09 -1.80
N ALA D 210 37.93 27.14 -2.19
CA ALA D 210 39.05 27.49 -3.06
C ALA D 210 38.61 27.81 -4.48
N LYS D 211 37.40 27.42 -4.88
CA LYS D 211 36.91 27.69 -6.22
C LYS D 211 35.43 28.05 -6.18
N LEU D 212 35.07 28.93 -5.26
CA LEU D 212 33.70 29.44 -5.22
C LEU D 212 33.59 30.93 -5.51
N ALA D 213 34.44 31.76 -4.87
CA ALA D 213 34.55 33.19 -5.07
C ALA D 213 33.34 33.98 -4.60
N ARG D 214 32.25 33.32 -4.22
CA ARG D 214 31.09 34.02 -3.69
C ARG D 214 30.16 33.00 -3.02
N ILE D 215 29.73 33.30 -1.80
CA ILE D 215 28.74 32.47 -1.14
C ILE D 215 27.60 33.37 -0.68
N THR D 216 26.37 32.93 -0.92
CA THR D 216 25.20 33.71 -0.54
C THR D 216 24.15 32.77 0.05
N VAL D 217 24.00 32.83 1.37
CA VAL D 217 23.01 32.01 2.06
C VAL D 217 21.66 32.70 2.03
N ILE D 218 20.61 31.93 2.29
CA ILE D 218 19.23 32.42 2.26
C ILE D 218 18.43 31.75 3.37
N GLY D 219 17.71 32.56 4.12
CA GLY D 219 16.82 32.05 5.14
C GLY D 219 16.88 32.82 6.44
N GLU D 220 16.58 32.14 7.54
CA GLU D 220 16.36 32.83 8.79
C GLU D 220 17.66 33.46 9.27
N ALA D 221 17.58 34.38 10.24
CA ALA D 221 18.74 35.21 10.57
C ALA D 221 19.89 34.40 11.16
N ASP D 222 19.67 33.90 12.36
CA ASP D 222 20.70 33.26 13.18
C ASP D 222 20.99 31.83 12.78
N GLU D 223 20.02 31.12 12.21
CA GLU D 223 20.37 29.88 11.55
C GLU D 223 21.48 30.06 10.54
N ALA D 224 21.49 31.18 9.81
CA ALA D 224 22.55 31.47 8.87
C ALA D 224 23.85 31.75 9.59
N ARG D 225 23.87 32.82 10.39
CA ARG D 225 25.07 33.17 11.14
C ARG D 225 25.65 31.96 11.86
N ALA D 226 24.83 30.95 12.14
CA ALA D 226 25.36 29.73 12.72
C ALA D 226 26.33 29.04 11.79
N ALA D 227 25.83 28.50 10.68
CA ALA D 227 26.72 27.84 9.71
C ALA D 227 27.87 28.75 9.32
N ILE D 228 27.61 30.06 9.24
CA ILE D 228 28.70 30.98 8.88
C ILE D 228 29.81 30.94 9.92
N ARG D 229 29.50 31.31 11.17
CA ARG D 229 30.47 31.24 12.25
C ARG D 229 31.12 29.86 12.31
N ALA D 230 30.32 28.82 12.10
CA ALA D 230 30.82 27.47 12.13
C ALA D 230 31.96 27.28 11.15
N TRP D 231 31.69 27.39 9.86
CA TRP D 231 32.78 27.10 8.95
C TRP D 231 33.84 28.18 8.94
N ILE D 232 33.52 29.41 9.36
CA ILE D 232 34.55 30.44 9.39
C ILE D 232 35.56 30.14 10.47
N ALA D 233 35.11 29.67 11.63
CA ALA D 233 36.04 29.22 12.65
C ALA D 233 36.78 27.98 12.18
N GLN D 234 36.07 27.05 11.56
CA GLN D 234 36.74 25.84 11.10
C GLN D 234 37.82 26.18 10.09
N ALA D 235 37.61 27.26 9.36
CA ALA D 235 38.60 27.69 8.36
C ALA D 235 39.80 28.32 9.03
N VAL D 236 39.55 29.36 9.85
CA VAL D 236 40.65 30.05 10.49
C VAL D 236 41.48 29.14 11.38
N THR D 237 40.88 28.10 11.94
CA THR D 237 41.60 27.32 12.94
C THR D 237 42.69 26.48 12.31
N TRP D 238 42.51 26.04 11.07
CA TRP D 238 43.42 25.07 10.50
C TRP D 238 44.53 25.71 9.67
N HIS D 239 44.36 26.94 9.24
CA HIS D 239 45.27 27.57 8.29
C HIS D 239 45.97 28.76 8.93
N ASP D 240 47.23 28.97 8.53
CA ASP D 240 48.07 29.98 9.12
C ASP D 240 47.43 31.36 9.01
N PRO D 241 47.33 32.07 10.13
CA PRO D 241 46.81 33.45 10.08
C PRO D 241 47.62 34.34 9.16
N THR D 242 48.82 33.90 8.79
CA THR D 242 49.63 34.59 7.80
C THR D 242 49.33 34.15 6.37
N MET D 243 48.28 33.37 6.15
CA MET D 243 48.00 32.82 4.84
C MET D 243 46.61 33.16 4.32
N LEU D 244 45.66 33.46 5.19
CA LEU D 244 44.30 33.76 4.76
C LEU D 244 43.72 34.84 5.65
N GLY D 245 42.82 35.64 5.08
CA GLY D 245 42.29 36.79 5.76
C GLY D 245 40.77 36.81 5.68
N VAL D 246 40.18 37.51 6.65
CA VAL D 246 38.73 37.53 6.83
C VAL D 246 38.29 38.96 7.09
N ALA D 247 37.09 39.31 6.63
CA ALA D 247 36.54 40.65 6.82
C ALA D 247 35.04 40.58 7.12
N LEU D 248 34.58 41.58 7.87
CA LEU D 248 33.26 41.60 8.46
C LEU D 248 32.63 42.99 8.36
N ALA D 249 31.32 43.04 8.24
CA ALA D 249 30.55 44.29 8.31
C ALA D 249 29.15 43.99 8.83
N ALA D 250 28.79 44.62 9.96
CA ALA D 250 27.52 44.33 10.62
C ALA D 250 27.14 45.43 11.61
N PRO D 251 25.84 45.75 11.76
CA PRO D 251 25.46 46.94 12.53
C PRO D 251 25.57 46.81 14.04
N ASP D 252 25.23 45.64 14.58
CA ASP D 252 25.22 45.46 16.03
C ASP D 252 26.36 44.54 16.42
N LEU D 253 27.52 44.83 15.83
CA LEU D 253 28.68 43.94 15.91
C LEU D 253 28.99 43.51 17.34
N GLU D 254 29.01 44.45 18.28
CA GLU D 254 29.38 44.15 19.66
C GLU D 254 28.16 43.95 20.55
N SER D 255 27.44 42.84 20.35
CA SER D 255 26.29 42.52 21.19
C SER D 255 26.19 41.03 21.50
N GLY D 256 27.32 40.34 21.61
CA GLY D 256 27.33 38.90 21.53
C GLY D 256 27.21 38.37 20.11
N ASP D 257 26.90 39.26 19.17
CA ASP D 257 27.00 39.01 17.75
C ASP D 257 28.45 39.16 17.33
N TRP D 258 28.69 39.47 16.06
CA TRP D 258 29.97 39.34 15.37
C TRP D 258 31.15 39.93 16.10
N SER D 259 30.90 40.58 17.24
CA SER D 259 31.95 40.95 18.18
C SER D 259 33.05 39.92 18.28
N TRP D 260 32.70 38.65 18.36
CA TRP D 260 33.64 37.60 18.73
C TRP D 260 34.88 37.56 17.85
N LEU D 261 34.93 38.31 16.75
CA LEU D 261 36.17 38.41 15.99
C LEU D 261 37.18 39.31 16.66
N LYS D 262 36.91 39.75 17.89
CA LYS D 262 37.83 40.59 18.62
C LYS D 262 39.21 39.97 18.69
N TRP D 263 39.34 38.86 19.41
CA TRP D 263 40.63 38.24 19.67
C TRP D 263 41.21 37.54 18.45
N LEU D 264 40.68 37.83 17.26
CA LEU D 264 41.09 37.11 16.08
C LEU D 264 42.35 37.70 15.45
N PRO D 265 43.46 36.95 15.39
CA PRO D 265 44.63 37.42 14.62
C PRO D 265 44.65 36.95 13.18
N HIS D 266 43.61 36.26 12.70
CA HIS D 266 43.45 36.02 11.28
C HIS D 266 42.90 37.24 10.55
N VAL D 267 42.28 38.17 11.28
CA VAL D 267 41.67 39.35 10.69
C VAL D 267 42.68 40.49 10.76
N ASP D 268 43.92 40.15 11.14
CA ASP D 268 44.99 41.09 11.43
C ASP D 268 45.38 41.93 10.20
N VAL D 269 46.27 42.88 10.45
CA VAL D 269 46.91 43.68 9.40
C VAL D 269 48.42 43.58 9.61
N PRO D 270 49.20 43.83 8.56
CA PRO D 270 50.66 43.95 8.75
C PRO D 270 51.03 45.35 9.20
N ASN D 271 51.76 45.43 10.32
CA ASN D 271 52.32 46.68 10.85
C ASN D 271 51.21 47.69 11.22
N GLU D 272 50.44 47.32 12.25
CA GLU D 272 49.40 48.21 12.79
C GLU D 272 48.89 47.61 14.10
N ALA D 273 48.67 48.46 15.10
CA ALA D 273 48.32 47.99 16.44
C ALA D 273 46.81 48.10 16.72
N ASP D 274 46.21 49.23 16.38
CA ASP D 274 44.80 49.51 16.67
C ASP D 274 44.52 49.44 18.18
N GLY D 275 45.55 49.69 18.98
CA GLY D 275 45.37 49.80 20.41
C GLY D 275 45.22 48.48 21.13
N VAL D 276 44.10 47.80 20.93
CA VAL D 276 43.83 46.55 21.64
C VAL D 276 43.59 45.40 20.67
N GLY D 277 42.85 45.67 19.58
CA GLY D 277 42.50 44.64 18.63
C GLY D 277 43.56 44.45 17.58
N PRO D 278 43.67 43.22 17.04
CA PRO D 278 44.68 42.95 16.01
C PRO D 278 44.55 43.87 14.81
N ALA D 279 43.41 43.81 14.13
CA ALA D 279 43.09 44.80 13.10
C ALA D 279 41.70 45.37 13.27
N ARG D 280 40.77 44.59 13.83
CA ARG D 280 39.38 45.00 14.05
C ARG D 280 38.78 45.59 12.76
N TYR D 281 38.96 44.84 11.68
CA TYR D 281 38.14 45.07 10.49
C TYR D 281 36.66 45.01 10.84
N LEU D 282 36.34 44.38 11.97
CA LEU D 282 34.98 44.22 12.44
C LEU D 282 34.34 45.59 12.57
N THR D 283 33.38 45.86 11.69
CA THR D 283 32.83 47.19 11.52
C THR D 283 31.34 47.04 11.21
N THR D 284 30.74 48.11 10.69
CA THR D 284 29.35 48.08 10.25
C THR D 284 29.13 48.63 8.86
N SER D 285 30.09 49.35 8.28
CA SER D 285 29.92 49.98 6.97
C SER D 285 30.63 49.16 5.90
N THR D 286 30.06 49.15 4.70
CA THR D 286 30.54 48.24 3.65
C THR D 286 31.74 48.82 2.94
N ALA D 287 31.57 49.95 2.25
CA ALA D 287 32.68 50.56 1.55
C ALA D 287 33.81 50.91 2.51
N GLU D 288 33.47 51.20 3.77
CA GLU D 288 34.51 51.40 4.78
C GLU D 288 35.35 50.16 4.98
N LEU D 289 34.71 48.99 5.07
CA LEU D 289 35.48 47.76 5.13
C LEU D 289 36.31 47.58 3.87
N ARG D 290 35.77 47.96 2.72
CA ARG D 290 36.56 47.90 1.49
C ARG D 290 37.83 48.72 1.62
N GLU D 291 37.69 49.96 2.07
CA GLU D 291 38.85 50.83 2.18
C GLU D 291 39.83 50.31 3.22
N ARG D 292 39.34 49.80 4.35
CA ARG D 292 40.20 49.14 5.32
C ARG D 292 40.90 47.94 4.70
N LEU D 293 40.33 47.38 3.63
CA LEU D 293 40.96 46.30 2.89
C LEU D 293 41.49 46.74 1.53
N ALA D 294 41.25 47.97 1.12
CA ALA D 294 41.70 48.43 -0.19
C ALA D 294 43.20 48.21 -0.43
N PRO D 295 44.10 48.47 0.51
CA PRO D 295 45.49 48.06 0.28
C PRO D 295 45.67 46.56 0.38
N ALA D 296 45.00 45.92 1.34
CA ALA D 296 45.05 44.47 1.46
C ALA D 296 44.40 43.76 0.29
N LEU D 297 43.70 44.49 -0.57
CA LEU D 297 43.02 43.91 -1.72
C LEU D 297 44.01 43.91 -2.87
N ALA D 298 44.28 42.72 -3.40
CA ALA D 298 45.29 42.56 -4.44
C ALA D 298 45.12 41.23 -5.16
N LEU D 311 49.38 34.40 -2.69
CA LEU D 311 48.19 35.20 -2.42
C LEU D 311 47.58 34.86 -1.07
N LYS D 312 47.63 35.80 -0.14
CA LYS D 312 46.85 35.66 1.08
C LYS D 312 45.39 35.68 0.68
N HIS D 313 44.67 34.61 0.97
CA HIS D 313 43.29 34.56 0.57
C HIS D 313 42.41 35.38 1.49
N LEU D 314 41.38 35.99 0.93
CA LEU D 314 40.50 36.89 1.65
C LEU D 314 39.10 36.32 1.74
N LEU D 315 38.50 36.45 2.91
CA LEU D 315 37.16 35.95 3.19
C LEU D 315 36.33 37.09 3.77
N VAL D 316 35.55 37.73 2.92
CA VAL D 316 34.76 38.88 3.36
C VAL D 316 33.32 38.41 3.55
N VAL D 317 32.85 38.56 4.78
CA VAL D 317 31.49 38.18 5.13
C VAL D 317 30.70 39.44 5.40
N LEU D 318 29.38 39.36 5.26
CA LEU D 318 28.50 40.51 5.40
C LEU D 318 27.17 40.09 5.99
N ASP D 319 26.96 40.45 7.25
CA ASP D 319 25.70 40.16 7.94
C ASP D 319 24.54 41.02 7.47
N ASP D 320 24.77 41.87 6.50
CA ASP D 320 23.72 42.77 6.04
C ASP D 320 23.13 42.26 4.73
N PRO D 321 21.82 42.03 4.67
CA PRO D 321 21.22 41.61 3.40
C PRO D 321 21.18 42.73 2.38
N ASP D 322 20.76 43.91 2.81
CA ASP D 322 20.84 45.13 2.03
C ASP D 322 22.26 45.69 2.12
N ALA D 323 22.42 46.99 1.84
CA ALA D 323 23.74 47.62 1.82
C ALA D 323 24.61 46.99 0.74
N ASP D 324 24.20 47.27 -0.49
CA ASP D 324 24.85 47.01 -1.78
C ASP D 324 25.59 45.69 -1.84
N PRO D 325 24.88 44.57 -1.77
CA PRO D 325 25.54 43.28 -1.98
C PRO D 325 26.20 43.22 -3.35
N ASP D 326 27.28 42.44 -3.42
CA ASP D 326 28.08 42.31 -4.64
C ASP D 326 28.57 43.67 -5.10
N ASP D 327 29.39 44.30 -4.27
CA ASP D 327 29.89 45.64 -4.54
C ASP D 327 31.42 45.71 -4.60
N ILE D 328 32.12 44.69 -4.13
CA ILE D 328 33.56 44.63 -4.30
C ILE D 328 33.93 43.78 -5.51
N ALA D 329 33.33 42.60 -5.62
CA ALA D 329 33.58 41.72 -6.74
C ALA D 329 32.34 41.61 -7.62
N ARG D 330 32.57 41.52 -8.92
CA ARG D 330 31.52 41.30 -9.91
C ARG D 330 30.42 42.37 -9.85
N LEU D 334 37.63 38.14 -7.64
CA LEU D 334 38.73 38.47 -8.52
C LEU D 334 39.44 37.19 -8.95
N THR D 335 40.48 36.81 -8.21
CA THR D 335 41.29 35.64 -8.52
C THR D 335 41.32 34.68 -7.35
N GLY D 336 40.27 34.68 -6.54
CA GLY D 336 40.20 33.79 -5.40
C GLY D 336 39.61 34.42 -4.17
N VAL D 337 39.65 35.75 -4.07
CA VAL D 337 39.14 36.43 -2.89
C VAL D 337 37.64 36.22 -2.80
N THR D 338 37.20 35.58 -1.73
CA THR D 338 35.84 35.07 -1.60
C THR D 338 34.97 36.03 -0.80
N VAL D 339 33.75 36.23 -1.28
CA VAL D 339 32.75 37.04 -0.59
C VAL D 339 31.67 36.12 -0.05
N ILE D 340 31.17 36.46 1.12
CA ILE D 340 30.03 35.78 1.71
C ILE D 340 29.00 36.84 2.07
N HIS D 341 27.76 36.57 1.71
CA HIS D 341 26.70 37.54 1.98
C HIS D 341 25.40 36.82 2.27
N ARG D 342 24.87 37.06 3.47
CA ARG D 342 23.57 36.55 3.86
C ARG D 342 22.52 37.40 3.19
N THR D 343 21.53 36.74 2.59
CA THR D 343 20.52 37.43 1.81
C THR D 343 19.17 37.31 2.49
N THR D 344 18.27 38.20 2.11
CA THR D 344 16.90 38.12 2.59
C THR D 344 16.08 37.12 1.79
N GLU D 345 15.98 37.33 0.47
CA GLU D 345 15.09 36.53 -0.36
C GLU D 345 15.81 36.08 -1.62
N LEU D 346 15.15 35.17 -2.33
CA LEU D 346 15.80 34.33 -3.33
C LEU D 346 15.47 34.78 -4.75
N PRO D 347 16.29 34.36 -5.72
CA PRO D 347 15.84 34.33 -7.11
C PRO D 347 15.00 33.09 -7.37
N ASN D 348 14.10 33.19 -8.33
CA ASN D 348 13.15 32.12 -8.59
C ASN D 348 13.50 31.33 -9.85
N ARG D 349 14.02 31.99 -10.88
CA ARG D 349 14.34 31.34 -12.14
C ARG D 349 15.77 31.63 -12.54
N GLU D 350 16.69 31.43 -11.60
CA GLU D 350 18.11 31.60 -11.89
C GLU D 350 18.51 30.74 -13.08
N GLN D 351 19.43 31.24 -13.88
CA GLN D 351 19.85 30.58 -15.11
C GLN D 351 20.75 29.39 -14.75
N TYR D 352 20.16 28.43 -14.04
CA TYR D 352 20.86 27.21 -13.66
C TYR D 352 22.16 27.57 -12.96
N PRO D 353 22.08 28.01 -11.70
CA PRO D 353 23.24 28.65 -11.04
C PRO D 353 24.53 27.87 -11.24
N ASP D 354 25.59 28.61 -11.55
CA ASP D 354 26.90 28.01 -11.65
C ASP D 354 27.25 27.31 -10.33
N PRO D 355 27.87 26.14 -10.40
CA PRO D 355 28.45 25.56 -9.19
C PRO D 355 29.32 26.52 -8.40
N GLU D 356 29.85 27.56 -9.05
CA GLU D 356 30.52 28.63 -8.35
C GLU D 356 29.54 29.78 -8.12
N ARG D 357 29.74 30.49 -7.02
CA ARG D 357 28.83 31.53 -6.56
C ARG D 357 27.41 30.97 -6.48
N PRO D 358 27.19 29.90 -5.70
CA PRO D 358 25.91 29.21 -5.72
C PRO D 358 24.89 29.78 -4.75
N ILE D 359 23.74 29.14 -4.65
CA ILE D 359 22.68 29.58 -3.76
C ILE D 359 22.44 28.49 -2.73
N LEU D 360 22.28 28.90 -1.47
CA LEU D 360 22.15 27.98 -0.35
C LEU D 360 21.00 28.41 0.53
N ARG D 361 20.10 27.48 0.83
CA ARG D 361 18.97 27.73 1.71
C ARG D 361 19.17 26.89 2.97
N VAL D 362 18.84 27.45 4.13
CA VAL D 362 19.08 26.78 5.41
C VAL D 362 17.75 26.30 5.98
N ALA D 363 17.57 24.99 6.03
CA ALA D 363 16.39 24.39 6.61
C ALA D 363 16.66 24.11 8.09
N ASP D 364 15.81 23.30 8.73
CA ASP D 364 15.99 22.96 10.14
C ASP D 364 17.34 22.31 10.39
N GLY D 365 17.70 21.32 9.58
CA GLY D 365 18.97 20.65 9.71
C GLY D 365 19.58 20.39 8.36
N ARG D 366 19.00 21.02 7.34
CA ARG D 366 19.43 20.87 5.96
C ARG D 366 20.11 22.14 5.50
N ILE D 367 21.06 22.01 4.58
CA ILE D 367 21.53 23.13 3.79
C ILE D 367 21.18 22.85 2.34
N GLU D 368 19.97 23.21 1.93
CA GLU D 368 19.45 22.76 0.66
C GLU D 368 19.92 23.67 -0.46
N ARG D 369 20.70 23.09 -1.38
CA ARG D 369 21.24 23.81 -2.51
C ARG D 369 20.10 24.25 -3.42
N TRP D 370 20.41 25.15 -4.35
CA TRP D 370 19.42 25.64 -5.30
C TRP D 370 19.75 25.08 -6.68
N GLN D 371 18.93 24.13 -7.13
CA GLN D 371 19.07 23.52 -8.45
C GLN D 371 17.67 23.18 -8.94
N VAL D 372 17.15 24.03 -9.83
CA VAL D 372 15.80 23.89 -10.40
C VAL D 372 14.72 24.07 -9.33
N TRP D 375 14.81 19.20 -3.96
CA TRP D 375 15.63 20.40 -4.12
C TRP D 375 17.09 20.10 -3.79
N GLN D 376 17.45 18.82 -3.84
CA GLN D 376 18.82 18.35 -3.70
C GLN D 376 19.39 18.81 -2.37
N PRO D 377 18.93 18.25 -1.24
CA PRO D 377 19.29 18.81 0.06
C PRO D 377 20.77 19.04 0.27
N CYS D 378 21.65 18.25 -0.35
CA CYS D 378 23.08 18.52 -0.40
C CYS D 378 23.73 18.47 0.98
N VAL D 379 22.92 18.40 2.03
CA VAL D 379 23.33 18.10 3.41
C VAL D 379 22.09 17.64 4.13
N ASP D 380 22.20 16.55 4.87
CA ASP D 380 21.03 15.98 5.54
C ASP D 380 21.01 16.29 7.03
N VAL D 381 22.18 16.44 7.64
CA VAL D 381 22.32 16.98 8.99
C VAL D 381 23.39 18.06 8.96
N ALA D 382 22.97 19.30 9.16
CA ALA D 382 23.88 20.44 9.03
C ALA D 382 24.68 20.63 10.32
N ASP D 383 25.87 21.22 10.16
CA ASP D 383 26.73 21.54 11.28
C ASP D 383 26.45 22.99 11.66
N ALA D 384 25.91 23.20 12.86
CA ALA D 384 25.55 24.53 13.33
C ALA D 384 26.34 24.85 14.59
N MET D 385 26.79 26.09 14.71
CA MET D 385 27.54 26.54 15.87
C MET D 385 26.70 27.54 16.65
N SER D 386 27.08 27.75 17.91
CA SER D 386 26.48 28.81 18.71
C SER D 386 27.43 30.00 18.84
N ALA D 387 26.89 31.10 19.33
CA ALA D 387 27.68 32.32 19.45
C ALA D 387 28.73 32.19 20.55
N ALA D 388 28.28 31.88 21.77
CA ALA D 388 29.21 31.78 22.88
C ALA D 388 30.30 30.75 22.62
N GLU D 389 29.98 29.69 21.89
CA GLU D 389 30.99 28.71 21.55
C GLU D 389 32.09 29.34 20.70
N ALA D 390 31.71 30.09 19.67
CA ALA D 390 32.70 30.80 18.88
C ALA D 390 33.47 31.80 19.73
N ALA D 391 32.79 32.43 20.68
CA ALA D 391 33.47 33.35 21.58
C ALA D 391 34.60 32.64 22.31
N HIS D 392 34.29 31.49 22.91
CA HIS D 392 35.31 30.76 23.66
C HIS D 392 36.39 30.24 22.72
N ILE D 393 36.02 29.97 21.46
CA ILE D 393 37.01 29.57 20.46
C ILE D 393 38.02 30.68 20.25
N ALA D 394 37.53 31.86 19.89
CA ALA D 394 38.41 33.00 19.70
C ALA D 394 39.28 33.23 20.92
N ARG D 395 38.68 33.18 22.11
CA ARG D 395 39.42 33.39 23.32
C ARG D 395 40.60 32.43 23.43
N ARG D 396 40.32 31.13 23.32
CA ARG D 396 41.39 30.15 23.42
C ARG D 396 42.47 30.40 22.37
N LEU D 397 42.07 30.73 21.14
CA LEU D 397 43.06 30.72 20.06
C LEU D 397 43.93 31.96 20.08
N SER D 398 43.47 33.04 20.73
CA SER D 398 44.30 34.25 20.75
C SER D 398 45.62 34.07 21.49
N ARG D 399 45.90 32.87 22.03
CA ARG D 399 47.03 32.72 22.95
C ARG D 399 48.34 32.51 22.23
N TRP D 400 48.36 31.69 21.18
CA TRP D 400 49.61 31.36 20.50
C TRP D 400 49.79 32.17 19.22
N ASP D 401 51.01 32.19 18.73
CA ASP D 401 51.33 32.85 17.47
C ASP D 401 52.50 32.14 16.79
N MET E 1 14.18 -4.43 76.34
CA MET E 1 13.07 -3.77 77.03
C MET E 1 11.83 -4.63 76.87
N THR E 2 11.79 -5.37 75.77
CA THR E 2 10.66 -6.23 75.46
C THR E 2 10.67 -7.48 76.33
N ALA E 3 11.86 -8.03 76.60
CA ALA E 3 11.95 -9.14 77.54
C ALA E 3 11.35 -8.79 78.88
N ARG E 4 11.65 -7.60 79.40
CA ARG E 4 11.07 -7.18 80.68
C ARG E 4 9.54 -7.13 80.60
N ILE E 5 8.97 -6.49 79.58
CA ILE E 5 7.52 -6.37 79.52
C ILE E 5 6.86 -7.73 79.31
N ALA E 6 7.46 -8.59 78.49
CA ALA E 6 6.84 -9.87 78.18
C ALA E 6 6.80 -10.77 79.40
N LEU E 7 7.92 -10.83 80.14
CA LEU E 7 7.94 -11.64 81.36
C LEU E 7 7.05 -11.06 82.44
N ALA E 8 6.99 -9.73 82.55
CA ALA E 8 6.07 -9.13 83.51
C ALA E 8 4.62 -9.52 83.19
N SER E 9 4.20 -9.33 81.94
CA SER E 9 2.87 -9.73 81.53
C SER E 9 2.63 -11.21 81.82
N LEU E 10 3.64 -12.05 81.58
CA LEU E 10 3.55 -13.46 81.93
C LEU E 10 3.12 -13.64 83.38
N PHE E 11 3.93 -13.14 84.31
CA PHE E 11 3.66 -13.41 85.72
C PHE E 11 2.33 -12.82 86.15
N VAL E 12 1.97 -11.66 85.60
CA VAL E 12 0.76 -11.01 86.09
C VAL E 12 -0.47 -11.78 85.64
N VAL E 13 -0.50 -12.22 84.38
CA VAL E 13 -1.57 -13.12 83.95
C VAL E 13 -1.53 -14.41 84.75
N ALA E 14 -0.34 -14.82 85.17
CA ALA E 14 -0.23 -16.02 86.00
C ALA E 14 -0.86 -15.81 87.36
N ALA E 15 -0.79 -14.61 87.90
CA ALA E 15 -1.30 -14.35 89.25
C ALA E 15 -2.79 -14.04 89.22
N VAL E 16 -3.26 -13.31 88.20
CA VAL E 16 -4.66 -12.90 88.16
C VAL E 16 -5.61 -14.08 88.19
N LEU E 17 -5.15 -15.28 87.84
CA LEU E 17 -5.98 -16.47 87.87
C LEU E 17 -5.97 -17.13 89.23
N ALA E 18 -5.80 -16.33 90.29
CA ALA E 18 -5.72 -16.85 91.64
C ALA E 18 -7.00 -16.55 92.42
N GLN E 19 -8.14 -16.67 91.75
CA GLN E 19 -9.42 -16.51 92.42
C GLN E 19 -9.51 -17.35 93.68
N PRO E 20 -9.05 -18.61 93.70
CA PRO E 20 -8.86 -19.27 94.99
C PRO E 20 -7.52 -18.89 95.60
N TRP E 21 -7.42 -17.63 96.01
CA TRP E 21 -6.20 -17.07 96.60
C TRP E 21 -6.00 -17.53 98.03
N GLN E 22 -6.07 -18.85 98.25
CA GLN E 22 -6.08 -19.41 99.60
C GLN E 22 -5.45 -20.79 99.61
N THR E 23 -5.34 -21.38 100.80
CA THR E 23 -4.64 -22.65 101.03
C THR E 23 -3.15 -22.57 100.74
N THR E 24 -2.63 -21.36 100.50
CA THR E 24 -1.22 -21.19 100.10
C THR E 24 -0.82 -22.17 99.00
N THR E 25 -1.80 -22.69 98.27
CA THR E 25 -1.52 -23.44 97.06
C THR E 25 -1.61 -22.56 95.82
N GLN E 26 -2.46 -21.56 95.85
CA GLN E 26 -2.53 -20.57 94.78
C GLN E 26 -2.34 -19.16 95.31
N ARG E 27 -2.18 -18.99 96.63
CA ARG E 27 -1.80 -17.70 97.17
C ARG E 27 -0.29 -17.54 97.31
N TRP E 28 0.43 -18.65 97.59
CA TRP E 28 1.88 -18.59 97.70
C TRP E 28 2.51 -18.10 96.39
N VAL E 29 2.21 -18.79 95.29
CA VAL E 29 2.74 -18.35 94.00
C VAL E 29 2.25 -16.96 93.67
N LEU E 30 1.03 -16.64 94.12
CA LEU E 30 0.51 -15.27 93.98
C LEU E 30 1.42 -14.26 94.66
N GLY E 31 1.85 -14.57 95.88
CA GLY E 31 2.80 -13.71 96.56
C GLY E 31 4.09 -13.58 95.77
N VAL E 32 4.62 -14.69 95.27
CA VAL E 32 5.90 -14.63 94.57
C VAL E 32 5.78 -13.84 93.27
N SER E 33 4.62 -13.94 92.60
CA SER E 33 4.39 -13.21 91.36
C SER E 33 4.35 -11.70 91.61
N ILE E 34 3.42 -11.26 92.46
CA ILE E 34 3.33 -9.85 92.77
C ILE E 34 4.64 -9.34 93.35
N ALA E 35 5.41 -10.22 93.99
CA ALA E 35 6.72 -9.81 94.44
C ALA E 35 7.66 -9.57 93.28
N ALA E 36 7.71 -10.49 92.32
CA ALA E 36 8.67 -10.37 91.23
C ALA E 36 8.38 -9.22 90.30
N VAL E 37 7.11 -8.89 90.08
CA VAL E 37 6.81 -7.80 89.15
C VAL E 37 7.43 -6.51 89.67
N ILE E 38 7.44 -6.35 91.00
CA ILE E 38 8.07 -5.20 91.64
C ILE E 38 9.57 -5.14 91.33
N VAL E 39 10.30 -6.23 91.62
CA VAL E 39 11.74 -6.23 91.37
C VAL E 39 12.09 -6.14 89.90
N LEU E 40 11.19 -6.56 89.02
CA LEU E 40 11.40 -6.44 87.59
C LEU E 40 11.22 -4.99 87.12
N LEU E 41 10.50 -4.18 87.87
CA LEU E 41 10.34 -2.77 87.55
C LEU E 41 11.32 -1.91 88.32
N MET E 47 13.23 -0.74 85.05
CA MET E 47 14.50 -1.33 84.68
C MET E 47 15.66 -0.32 84.91
N PHE E 48 15.81 0.04 86.20
CA PHE E 48 16.91 0.88 86.65
C PHE E 48 17.65 0.28 87.84
N LEU E 49 17.37 -0.98 88.18
CA LEU E 49 17.99 -1.61 89.34
C LEU E 49 18.80 -2.83 88.93
N THR E 50 18.21 -3.71 88.13
CA THR E 50 18.97 -4.82 87.57
C THR E 50 20.14 -4.33 86.73
N THR E 51 20.00 -3.16 86.10
CA THR E 51 21.05 -2.65 85.25
C THR E 51 22.32 -2.37 86.04
N ARG E 52 22.20 -1.75 87.21
CA ARG E 52 23.38 -1.56 88.05
C ARG E 52 23.87 -2.87 88.62
N ILE E 53 22.97 -3.85 88.76
CA ILE E 53 23.40 -5.18 89.18
C ILE E 53 24.43 -5.73 88.20
N GLY E 54 24.04 -5.89 86.95
CA GLY E 54 24.99 -6.36 85.94
C GLY E 54 26.16 -5.43 85.78
N ARG E 55 25.92 -4.13 85.93
CA ARG E 55 27.01 -3.17 85.81
C ARG E 55 28.11 -3.46 86.83
N ALA E 56 27.75 -3.50 88.11
CA ALA E 56 28.75 -3.75 89.14
C ALA E 56 29.44 -5.09 88.93
N LEU E 57 28.69 -6.11 88.50
CA LEU E 57 29.32 -7.39 88.20
C LEU E 57 30.40 -7.25 87.15
N ALA E 58 30.06 -6.65 86.01
CA ALA E 58 31.05 -6.46 84.95
C ALA E 58 32.17 -5.52 85.38
N MET E 59 31.84 -4.53 86.20
CA MET E 59 32.86 -3.58 86.65
C MET E 59 33.92 -4.26 87.50
N VAL E 60 33.49 -5.06 88.48
CA VAL E 60 34.46 -5.77 89.29
C VAL E 60 35.20 -6.81 88.46
N ARG E 61 34.53 -7.40 87.47
CA ARG E 61 35.25 -8.27 86.54
C ARG E 61 36.31 -7.49 85.78
N ARG E 62 36.04 -6.23 85.48
CA ARG E 62 36.98 -5.38 84.77
C ARG E 62 38.18 -4.99 85.62
N ASN E 63 38.18 -5.36 86.89
CA ASN E 63 39.27 -5.00 87.78
C ASN E 63 40.51 -5.86 87.57
N ARG E 64 40.60 -6.58 86.46
CA ARG E 64 41.79 -7.33 86.13
C ARG E 64 42.32 -6.94 84.76
N ASP E 72 40.88 -4.66 65.69
CA ASP E 72 39.92 -3.79 65.03
C ASP E 72 40.44 -3.32 63.68
N ALA E 73 41.13 -2.18 63.68
CA ALA E 73 41.69 -1.56 62.49
C ALA E 73 40.64 -1.19 61.46
N HIS E 74 39.37 -1.20 61.84
CA HIS E 74 38.33 -0.62 60.98
C HIS E 74 38.16 0.86 61.23
N ARG E 75 38.65 1.38 62.35
CA ARG E 75 38.48 2.77 62.69
C ARG E 75 39.85 3.40 62.91
N ALA E 76 40.11 4.47 62.18
CA ALA E 76 41.26 5.33 62.41
C ALA E 76 40.75 6.71 62.73
N THR E 77 41.51 7.43 63.56
CA THR E 77 41.09 8.73 64.02
C THR E 77 42.21 9.72 63.84
N VAL E 78 41.87 10.90 63.35
CA VAL E 78 42.79 12.02 63.24
C VAL E 78 42.29 13.11 64.18
N VAL E 79 43.22 13.78 64.84
CA VAL E 79 42.86 14.79 65.82
C VAL E 79 43.64 16.07 65.53
N LEU E 80 42.95 17.19 65.61
CA LEU E 80 43.50 18.49 65.25
C LEU E 80 43.58 19.38 66.48
N ARG E 81 44.70 20.07 66.64
CA ARG E 81 44.78 21.12 67.65
C ARG E 81 44.75 22.48 66.97
N VAL E 82 43.81 23.31 67.40
CA VAL E 82 43.76 24.72 67.03
C VAL E 82 43.68 25.51 68.33
N ASP E 83 44.51 26.53 68.45
CA ASP E 83 44.59 27.28 69.68
C ASP E 83 43.40 28.21 69.87
N PRO E 84 43.19 29.18 68.97
CA PRO E 84 42.16 30.20 69.27
C PRO E 84 40.78 29.73 68.81
N ALA E 85 40.38 28.56 69.31
CA ALA E 85 39.16 27.94 68.83
C ALA E 85 37.95 28.78 69.24
N ALA E 86 36.85 28.58 68.51
CA ALA E 86 35.66 29.39 68.71
C ALA E 86 34.49 28.72 68.01
N PRO E 87 33.25 29.01 68.41
CA PRO E 87 32.10 28.50 67.65
C PRO E 87 31.92 29.16 66.31
N ALA E 88 32.77 30.11 65.93
CA ALA E 88 32.72 30.68 64.59
C ALA E 88 33.19 29.70 63.53
N GLN E 89 34.04 28.73 63.90
CA GLN E 89 34.47 27.68 63.00
C GLN E 89 33.71 26.39 63.23
N LEU E 90 32.41 26.47 63.50
CA LEU E 90 31.58 25.28 63.63
C LEU E 90 31.13 24.70 62.28
N PRO E 91 30.58 25.50 61.35
CA PRO E 91 30.10 24.88 60.11
C PRO E 91 31.18 24.17 59.33
N VAL E 92 32.40 24.71 59.36
CA VAL E 92 33.52 24.11 58.65
C VAL E 92 33.81 22.70 59.10
N VAL E 93 33.39 22.32 60.31
CA VAL E 93 33.67 20.98 60.80
C VAL E 93 32.45 20.07 60.76
N VAL E 94 31.24 20.62 60.83
CA VAL E 94 30.05 19.80 60.64
C VAL E 94 29.85 19.48 59.16
N GLY E 95 30.46 20.24 58.26
CA GLY E 95 30.43 19.84 56.88
C GLY E 95 31.21 18.59 56.60
N TYR E 96 32.35 18.41 57.26
CA TYR E 96 33.23 17.30 56.94
C TYR E 96 32.72 15.97 57.44
N LEU E 97 31.44 15.89 57.78
CA LEU E 97 30.90 14.59 58.15
C LEU E 97 30.66 13.74 56.91
N ASP E 98 30.20 14.36 55.82
CA ASP E 98 29.85 13.63 54.60
C ASP E 98 30.20 14.51 53.39
N ARG E 99 31.39 14.29 52.82
CA ARG E 99 31.75 14.89 51.55
C ARG E 99 32.95 14.16 50.98
N TYR E 100 33.15 14.33 49.67
CA TYR E 100 34.20 13.64 48.94
C TYR E 100 34.05 12.13 49.05
N GLY E 101 32.83 11.66 49.28
CA GLY E 101 32.54 10.25 49.35
C GLY E 101 33.29 9.50 50.42
N ILE E 102 33.45 10.09 51.60
CA ILE E 102 34.26 9.46 52.63
C ILE E 102 33.50 9.24 53.93
N THR E 103 32.38 9.93 54.13
CA THR E 103 31.41 9.66 55.18
C THR E 103 32.06 9.41 56.54
N CYS E 104 32.69 10.47 57.06
CA CYS E 104 33.20 10.45 58.42
C CYS E 104 32.13 9.98 59.40
N ASP E 105 32.50 9.07 60.29
CA ASP E 105 31.53 8.50 61.21
C ASP E 105 30.99 9.56 62.18
N LYS E 106 31.90 10.24 62.87
CA LYS E 106 31.51 11.25 63.85
C LYS E 106 32.64 12.24 64.04
N VAL E 107 32.26 13.48 64.33
CA VAL E 107 33.22 14.56 64.50
C VAL E 107 33.10 15.09 65.92
N ARG E 108 34.22 15.17 66.61
CA ARG E 108 34.22 15.43 68.04
C ARG E 108 35.17 16.57 68.37
N ILE E 109 34.75 17.42 69.29
CA ILE E 109 35.50 18.60 69.68
C ILE E 109 35.64 18.57 71.20
N THR E 110 36.86 18.69 71.70
CA THR E 110 37.14 18.55 73.13
C THR E 110 37.91 19.77 73.61
N HIS E 111 37.60 20.20 74.83
CA HIS E 111 38.35 21.27 75.50
C HIS E 111 38.74 20.82 76.89
N ARG E 112 39.98 21.08 77.27
CA ARG E 112 40.43 20.98 78.65
C ARG E 112 40.46 22.39 79.25
N ASP E 113 39.78 22.57 80.38
CA ASP E 113 39.74 23.87 81.01
C ASP E 113 40.42 23.87 82.38
N ALA E 114 41.59 23.23 82.47
CA ALA E 114 42.37 23.23 83.70
C ALA E 114 43.12 24.56 83.81
N GLY E 115 42.80 25.32 84.86
CA GLY E 115 43.36 26.64 85.02
C GLY E 115 42.45 27.69 84.43
N GLY E 116 42.89 28.33 83.35
CA GLY E 116 42.08 29.31 82.67
C GLY E 116 41.88 29.03 81.19
N THR E 117 42.78 28.26 80.60
CA THR E 117 42.83 28.09 79.15
C THR E 117 42.01 26.88 78.74
N ARG E 118 41.39 26.96 77.57
CA ARG E 118 40.63 25.85 77.00
C ARG E 118 41.44 25.26 75.85
N ARG E 119 42.02 24.09 76.10
CA ARG E 119 42.84 23.43 75.10
C ARG E 119 41.96 22.62 74.16
N SER E 120 41.92 23.04 72.90
CA SER E 120 40.92 22.57 71.95
C SER E 120 41.47 21.45 71.09
N TRP E 121 40.56 20.62 70.58
CA TRP E 121 40.88 19.47 69.75
C TRP E 121 39.70 19.12 68.86
N ILE E 122 39.97 18.76 67.61
CA ILE E 122 38.96 18.22 66.72
C ILE E 122 39.28 16.74 66.55
N SER E 123 38.25 15.90 66.52
CA SER E 123 38.40 14.46 66.50
C SER E 123 37.61 13.88 65.34
N LEU E 124 38.30 13.27 64.39
CA LEU E 124 37.69 12.77 63.17
C LEU E 124 38.01 11.30 62.99
N THR E 125 36.97 10.50 62.80
CA THR E 125 37.10 9.05 62.71
C THR E 125 36.34 8.53 61.50
N VAL E 126 36.91 7.53 60.83
CA VAL E 126 36.36 6.99 59.60
C VAL E 126 36.35 5.48 59.72
N ASP E 127 35.18 4.88 59.56
CA ASP E 127 35.06 3.44 59.61
C ASP E 127 35.62 2.84 58.32
N ALA E 128 35.27 1.59 58.05
CA ALA E 128 35.78 0.92 56.87
C ALA E 128 34.75 0.05 56.16
N VAL E 129 33.62 -0.21 56.79
CA VAL E 129 32.63 -1.11 56.23
C VAL E 129 31.61 -0.38 55.38
N ASP E 130 31.31 0.88 55.70
CA ASP E 130 30.27 1.61 55.00
C ASP E 130 30.84 2.53 53.92
N ASN E 131 32.15 2.63 53.85
CA ASN E 131 32.84 3.28 52.75
C ASN E 131 33.96 2.39 52.27
N LEU E 132 33.70 1.08 52.30
CA LEU E 132 34.69 0.13 51.83
C LEU E 132 34.98 0.35 50.36
N ALA E 133 33.96 0.70 49.58
CA ALA E 133 34.12 0.87 48.15
C ALA E 133 35.20 1.90 47.83
N ALA E 134 35.14 3.08 48.45
CA ALA E 134 36.10 4.12 48.12
C ALA E 134 37.51 3.71 48.49
N LEU E 135 37.72 3.21 49.71
CA LEU E 135 39.04 2.77 50.11
C LEU E 135 39.55 1.65 49.23
N GLN E 136 38.65 0.88 48.64
CA GLN E 136 39.08 -0.18 47.75
C GLN E 136 39.69 0.35 46.47
N ALA E 137 39.42 1.62 46.14
CA ALA E 137 39.94 2.19 44.92
C ALA E 137 41.35 2.73 45.07
N ARG E 138 41.71 3.23 46.26
CA ARG E 138 43.05 3.77 46.44
C ARG E 138 44.10 2.69 46.28
N SER E 139 43.80 1.48 46.70
CA SER E 139 44.67 0.33 46.48
C SER E 139 43.88 -0.94 46.68
N ALA E 140 44.48 -2.07 46.29
CA ALA E 140 43.88 -3.36 46.59
C ALA E 140 43.88 -3.63 48.09
N ARG E 141 44.99 -3.35 48.76
CA ARG E 141 44.96 -3.27 50.21
C ARG E 141 44.26 -1.97 50.61
N ILE E 142 43.97 -1.84 51.90
CA ILE E 142 43.09 -0.75 52.34
C ILE E 142 43.92 0.32 53.04
N PRO E 143 44.22 1.42 52.39
CA PRO E 143 45.01 2.50 53.01
C PRO E 143 44.16 3.39 53.91
N LEU E 144 43.77 2.83 55.05
CA LEU E 144 42.89 3.57 55.97
C LEU E 144 43.63 4.74 56.60
N GLN E 145 44.78 4.47 57.21
CA GLN E 145 45.48 5.53 57.95
C GLN E 145 45.94 6.64 57.02
N ASP E 146 46.55 6.28 55.90
CA ASP E 146 47.03 7.30 54.97
C ASP E 146 45.87 8.17 54.48
N THR E 147 44.75 7.55 54.10
CA THR E 147 43.61 8.31 53.62
C THR E 147 43.09 9.26 54.68
N THR E 148 42.91 8.78 55.90
CA THR E 148 42.47 9.65 56.98
C THR E 148 43.43 10.80 57.18
N GLU E 149 44.74 10.55 57.10
CA GLU E 149 45.72 11.62 57.16
C GLU E 149 45.44 12.66 56.10
N VAL E 150 45.06 12.22 54.90
CA VAL E 150 44.86 13.16 53.81
C VAL E 150 43.66 14.06 54.11
N VAL E 151 42.56 13.49 54.59
CA VAL E 151 41.42 14.36 54.90
C VAL E 151 41.79 15.30 56.03
N GLY E 152 42.58 14.82 56.99
CA GLY E 152 42.99 15.67 58.09
C GLY E 152 43.81 16.85 57.62
N ARG E 153 44.77 16.60 56.72
CA ARG E 153 45.50 17.71 56.13
C ARG E 153 44.57 18.65 55.40
N ARG E 154 43.54 18.12 54.75
CA ARG E 154 42.59 19.00 54.06
C ARG E 154 41.87 19.91 55.03
N LEU E 155 41.41 19.36 56.16
CA LEU E 155 40.80 20.21 57.17
C LEU E 155 41.81 21.23 57.70
N ALA E 156 43.06 20.79 57.91
CA ALA E 156 44.09 21.70 58.40
C ALA E 156 44.25 22.89 57.47
N ASP E 157 44.35 22.63 56.17
CA ASP E 157 44.64 23.69 55.23
C ASP E 157 43.41 24.55 54.97
N HIS E 158 42.22 23.95 54.99
CA HIS E 158 41.03 24.78 54.87
C HIS E 158 40.83 25.65 56.10
N LEU E 159 41.16 25.14 57.29
CA LEU E 159 40.95 25.92 58.49
C LEU E 159 41.97 27.03 58.63
N ARG E 160 43.23 26.75 58.27
CA ARG E 160 44.21 27.82 58.18
C ARG E 160 43.84 28.81 57.11
N GLU E 161 43.18 28.34 56.05
CA GLU E 161 42.65 29.26 55.03
C GLU E 161 41.83 30.36 55.67
N GLN E 162 40.93 30.01 56.57
CA GLN E 162 40.17 30.97 57.33
C GLN E 162 41.06 31.89 58.15
N GLY E 163 42.15 31.39 58.72
CA GLY E 163 43.00 32.22 59.54
C GLY E 163 43.48 31.56 60.82
N TRP E 164 42.69 30.67 61.41
CA TRP E 164 43.10 29.99 62.63
C TRP E 164 44.34 29.16 62.33
N THR E 165 45.27 29.12 63.28
CA THR E 165 46.48 28.34 63.07
C THR E 165 46.36 27.01 63.78
N VAL E 166 46.40 25.93 62.99
CA VAL E 166 46.08 24.59 63.47
C VAL E 166 47.35 23.76 63.51
N THR E 167 47.29 22.66 64.24
CA THR E 167 48.39 21.72 64.32
C THR E 167 47.86 20.31 64.42
N VAL E 168 48.25 19.47 63.47
CA VAL E 168 48.07 18.04 63.58
C VAL E 168 48.75 17.55 64.84
N VAL E 169 48.14 16.58 65.50
CA VAL E 169 48.64 16.08 66.78
C VAL E 169 48.36 14.59 66.87
N GLU E 170 49.19 13.88 67.64
CA GLU E 170 49.01 12.45 67.86
C GLU E 170 49.15 12.03 69.32
N GLY E 171 49.95 12.74 70.11
CA GLY E 171 49.97 12.57 71.55
C GLY E 171 49.05 13.58 72.17
N VAL E 172 47.76 13.42 71.91
CA VAL E 172 46.82 14.54 71.97
C VAL E 172 46.69 15.09 73.39
N ASP E 173 46.12 14.30 74.31
CA ASP E 173 45.79 14.80 75.63
C ASP E 173 45.27 13.65 76.48
N THR E 174 44.77 13.96 77.67
CA THR E 174 44.14 12.95 78.52
C THR E 174 43.12 13.54 79.48
N PRO E 175 41.84 13.17 79.35
CA PRO E 175 40.86 13.50 80.40
C PRO E 175 40.82 12.46 81.50
N LEU E 176 41.10 11.21 81.17
CA LEU E 176 41.43 10.21 82.16
C LEU E 176 42.92 9.91 82.10
N PRO E 177 43.62 9.97 83.24
CA PRO E 177 45.09 9.83 83.22
C PRO E 177 45.54 8.53 82.59
N VAL E 178 46.35 8.63 81.54
CA VAL E 178 46.88 7.44 80.88
C VAL E 178 48.38 7.31 81.14
N VAL E 194 37.61 13.05 87.45
CA VAL E 194 37.25 11.67 87.15
C VAL E 194 35.77 11.42 87.40
N ALA E 195 34.94 12.40 87.07
CA ALA E 195 33.50 12.31 87.29
C ALA E 195 32.76 12.35 85.96
N ALA E 196 32.05 11.27 85.63
CA ALA E 196 31.37 11.11 84.35
C ALA E 196 29.95 11.66 84.41
N TYR E 197 29.61 12.49 83.44
CA TYR E 197 28.32 13.15 83.39
C TYR E 197 27.91 13.41 81.94
N ARG E 198 26.68 13.02 81.63
CA ARG E 198 26.11 13.31 80.31
C ARG E 198 24.86 14.13 80.51
N VAL E 199 24.72 15.18 79.71
CA VAL E 199 23.78 16.25 80.03
C VAL E 199 22.48 16.07 79.26
N LYS E 200 21.42 16.67 79.81
CA LYS E 200 20.13 16.78 79.15
C LYS E 200 20.15 17.99 78.24
N VAL E 201 19.28 18.00 77.24
CA VAL E 201 19.32 19.05 76.24
C VAL E 201 18.07 19.94 76.31
N LEU E 205 20.92 23.83 78.12
CA LEU E 205 21.45 23.46 76.81
C LEU E 205 22.69 24.28 76.48
N ASP E 206 22.69 25.54 76.92
CA ASP E 206 23.80 26.45 76.69
C ASP E 206 24.32 27.05 78.00
N GLU E 207 23.40 27.41 78.90
CA GLU E 207 23.78 27.85 80.23
C GLU E 207 24.77 26.91 80.87
N VAL E 208 24.65 25.62 80.56
CA VAL E 208 25.52 24.62 81.14
C VAL E 208 26.92 24.71 80.58
N LEU E 209 27.06 24.63 79.26
CA LEU E 209 28.38 24.70 78.66
C LEU E 209 29.07 26.03 78.92
N ALA E 210 28.32 27.06 79.32
CA ALA E 210 28.92 28.26 79.87
C ALA E 210 29.21 28.12 81.37
N GLU E 211 28.53 27.19 82.06
CA GLU E 211 28.80 27.00 83.47
C GLU E 211 30.12 26.26 83.70
N ILE E 212 30.36 25.18 82.95
CA ILE E 212 31.48 24.30 83.27
C ILE E 212 32.80 24.91 82.83
N PRO E 216 33.37 24.26 90.16
CA PRO E 216 33.95 23.01 89.66
C PRO E 216 35.13 22.54 90.49
N ALA E 217 36.25 22.24 89.83
CA ALA E 217 37.41 21.67 90.49
C ALA E 217 38.65 22.17 89.78
N GLU E 218 39.78 21.51 90.02
CA GLU E 218 41.06 21.92 89.46
C GLU E 218 41.25 21.46 88.02
N GLU E 219 40.29 20.75 87.44
CA GLU E 219 40.45 20.25 86.08
C GLU E 219 39.09 20.07 85.45
N THR E 220 38.97 20.48 84.19
CA THR E 220 37.71 20.40 83.47
C THR E 220 37.95 19.85 82.07
N TRP E 221 37.29 18.73 81.77
CA TRP E 221 37.31 18.12 80.45
C TRP E 221 35.91 18.12 79.89
N THR E 222 35.69 18.93 78.85
CA THR E 222 34.43 18.97 78.15
C THR E 222 34.65 18.46 76.73
N ALA E 223 33.65 17.74 76.22
CA ALA E 223 33.79 17.06 74.94
C ALA E 223 32.48 17.17 74.16
N LEU E 224 32.52 17.86 73.04
CA LEU E 224 31.39 17.96 72.11
C LEU E 224 31.67 17.10 70.89
N GLU E 225 30.60 16.47 70.37
CA GLU E 225 30.75 15.56 69.25
C GLU E 225 29.47 15.54 68.41
N PHE E 226 29.62 15.72 67.11
CA PHE E 226 28.50 15.66 66.16
C PHE E 226 28.58 14.38 65.35
N THR E 227 27.42 13.97 64.81
CA THR E 227 27.34 12.86 63.88
C THR E 227 25.99 12.88 63.19
N GLY E 228 25.72 11.84 62.41
CA GLY E 228 24.41 11.66 61.81
C GLY E 228 24.02 12.56 60.66
N SER E 229 24.64 12.37 59.49
CA SER E 229 24.15 12.92 58.23
C SER E 229 24.06 14.44 58.19
N PRO E 230 25.18 15.15 57.99
CA PRO E 230 25.17 16.62 58.06
C PRO E 230 24.13 17.31 57.19
N ALA E 231 23.34 16.56 56.42
CA ALA E 231 22.10 17.12 55.91
C ALA E 231 21.26 17.70 57.05
N GLU E 232 21.24 17.02 58.19
CA GLU E 232 20.84 17.61 59.47
C GLU E 232 21.53 16.69 60.46
N PRO E 233 22.42 17.24 61.28
CA PRO E 233 23.26 16.40 62.15
C PRO E 233 22.61 16.10 63.49
N LEU E 234 23.24 15.18 64.23
CA LEU E 234 22.87 14.91 65.60
C LEU E 234 24.13 14.87 66.44
N LEU E 235 23.97 14.93 67.76
CA LEU E 235 25.13 15.09 68.65
C LEU E 235 24.83 14.54 70.02
N THR E 236 25.91 14.16 70.72
CA THR E 236 25.86 13.84 72.14
C THR E 236 27.04 14.52 72.82
N VAL E 237 26.86 14.85 74.10
CA VAL E 237 27.83 15.66 74.84
C VAL E 237 28.10 15.00 76.18
N CYS E 238 29.38 14.93 76.54
CA CYS E 238 29.77 14.46 77.86
C CYS E 238 30.92 15.32 78.37
N ALA E 239 31.07 15.36 79.70
CA ALA E 239 32.07 16.20 80.34
C ALA E 239 32.64 15.49 81.56
N ALA E 240 33.88 15.83 81.89
CA ALA E 240 34.57 15.17 82.99
C ALA E 240 35.39 16.18 83.76
N VAL E 241 35.34 16.07 85.09
CA VAL E 241 36.16 16.87 86.00
C VAL E 241 36.69 15.96 87.09
N ARG E 242 37.53 16.53 87.94
CA ARG E 242 38.16 15.77 89.02
C ARG E 242 37.19 15.54 90.16
N PRO E 252 26.36 16.38 90.38
CA PRO E 252 25.22 17.12 89.84
C PRO E 252 25.34 18.62 90.07
N LEU E 253 25.58 19.39 89.02
CA LEU E 253 25.72 20.83 89.17
C LEU E 253 24.44 21.56 88.81
N ALA E 254 23.98 21.42 87.57
CA ALA E 254 22.69 21.96 87.17
C ALA E 254 21.74 20.90 86.65
N GLY E 255 22.15 20.13 85.65
CA GLY E 255 21.30 19.12 85.05
C GLY E 255 22.07 17.88 84.65
N LEU E 256 23.20 17.65 85.31
CA LEU E 256 24.07 16.55 84.97
C LEU E 256 23.46 15.22 85.39
N THR E 257 24.19 14.14 85.14
CA THR E 257 23.77 12.82 85.54
C THR E 257 25.00 11.91 85.56
N PRO E 258 25.28 11.26 86.67
CA PRO E 258 26.47 10.41 86.75
C PRO E 258 26.28 9.12 85.98
N ALA E 259 27.37 8.36 85.87
CA ALA E 259 27.35 7.06 85.21
C ALA E 259 27.75 6.00 86.21
N ARG E 260 26.76 5.38 86.84
CA ARG E 260 27.03 4.22 87.68
C ARG E 260 27.44 3.05 86.80
N GLY E 261 28.70 2.66 86.91
CA GLY E 261 29.26 1.61 86.08
C GLY E 261 30.06 2.15 84.92
N ARG E 264 35.88 3.67 84.84
CA ARG E 264 34.60 3.72 84.16
C ARG E 264 34.78 3.57 82.65
N PRO E 265 33.90 2.81 82.02
CA PRO E 265 34.01 2.66 80.57
C PRO E 265 33.75 3.95 79.82
N ALA E 266 32.80 4.75 80.28
CA ALA E 266 32.44 5.99 79.58
C ALA E 266 33.58 7.00 79.62
N LEU E 267 34.42 6.95 80.64
CA LEU E 267 35.58 7.83 80.70
C LEU E 267 36.77 7.26 79.94
N ALA E 268 36.85 5.94 79.84
CA ALA E 268 37.99 5.32 79.20
C ALA E 268 38.21 5.83 77.79
N ALA E 269 37.13 6.08 77.05
CA ALA E 269 37.22 6.52 75.66
C ALA E 269 36.79 7.97 75.49
N LEU E 270 36.89 8.79 76.53
CA LEU E 270 36.54 10.19 76.36
C LEU E 270 37.68 11.01 75.77
N ASN E 271 38.88 10.45 75.69
CA ASN E 271 39.97 11.13 75.02
C ASN E 271 39.73 11.14 73.52
N PRO E 272 40.14 12.19 72.81
CA PRO E 272 39.95 12.23 71.35
C PRO E 272 40.59 11.06 70.63
N LEU E 273 41.81 10.71 71.00
CA LEU E 273 42.52 9.58 70.39
C LEU E 273 41.68 8.31 70.37
N SER E 274 40.64 8.23 71.19
CA SER E 274 39.81 7.03 71.21
C SER E 274 39.07 6.87 69.91
N THR E 275 38.80 5.63 69.54
CA THR E 275 37.96 5.33 68.39
C THR E 275 36.71 4.62 68.88
N GLU E 276 35.75 5.40 69.35
CA GLU E 276 34.51 4.84 69.86
C GLU E 276 33.43 5.89 69.70
N ARG E 277 32.18 5.42 69.66
CA ARG E 277 31.06 6.23 69.20
C ARG E 277 30.38 7.05 70.29
N LEU E 278 30.94 7.14 71.50
CA LEU E 278 30.43 8.02 72.54
C LEU E 278 28.98 7.69 72.89
N ASP E 279 28.81 6.54 73.54
CA ASP E 279 27.50 6.04 73.92
C ASP E 279 26.62 7.14 74.52
N GLY E 280 25.33 7.07 74.18
CA GLY E 280 24.35 8.09 74.58
C GLY E 280 23.40 8.37 73.43
N THR E 281 22.15 8.62 73.77
CA THR E 281 21.12 8.88 72.77
C THR E 281 21.37 10.23 72.09
N ALA E 282 20.99 10.31 70.82
CA ALA E 282 21.29 11.47 70.00
C ALA E 282 20.16 12.49 70.04
N VAL E 283 20.51 13.74 69.75
CA VAL E 283 19.54 14.83 69.76
C VAL E 283 19.66 15.61 68.46
N PRO E 284 18.55 16.07 67.88
CA PRO E 284 18.60 16.99 66.74
C PRO E 284 18.82 18.44 67.17
N LEU E 285 19.87 18.66 67.94
CA LEU E 285 20.21 19.99 68.47
C LEU E 285 19.01 20.81 68.93
N PRO F 8 -24.54 38.06 -55.01
CA PRO F 8 -25.12 36.77 -54.60
C PRO F 8 -24.46 36.23 -53.35
N ILE F 9 -24.57 36.98 -52.25
CA ILE F 9 -23.94 36.62 -51.00
C ILE F 9 -24.91 35.82 -50.15
N VAL F 10 -24.38 34.94 -49.31
CA VAL F 10 -25.18 34.13 -48.38
C VAL F 10 -24.56 34.23 -46.99
N ARG F 11 -25.42 34.27 -45.97
CA ARG F 11 -25.01 34.45 -44.58
C ARG F 11 -24.94 33.10 -43.88
N VAL F 12 -23.73 32.70 -43.50
CA VAL F 12 -23.49 31.43 -42.84
C VAL F 12 -22.62 31.67 -41.61
N ALA F 13 -22.56 30.65 -40.75
CA ALA F 13 -21.78 30.73 -39.52
C ALA F 13 -20.88 29.51 -39.45
N VAL F 14 -19.58 29.75 -39.36
CA VAL F 14 -18.60 28.68 -39.30
C VAL F 14 -18.21 28.46 -37.85
N LEU F 15 -17.59 27.32 -37.60
CA LEU F 15 -17.21 26.91 -36.24
C LEU F 15 -15.80 26.33 -36.32
N ALA F 16 -14.87 26.95 -35.62
CA ALA F 16 -13.48 26.50 -35.59
C ALA F 16 -13.11 26.23 -34.14
N ALA F 17 -12.88 24.97 -33.80
CA ALA F 17 -12.51 24.57 -32.45
C ALA F 17 -11.41 23.52 -32.53
N GLY F 18 -10.17 23.97 -32.60
CA GLY F 18 -9.04 23.06 -32.55
C GLY F 18 -8.03 23.41 -31.47
N ASP F 19 -8.00 24.68 -31.10
CA ASP F 19 -6.95 25.18 -30.22
C ASP F 19 -7.34 25.07 -28.75
N ASP F 20 -8.40 25.77 -28.37
CA ASP F 20 -8.83 25.80 -26.97
C ASP F 20 -10.31 26.12 -26.94
N GLY F 21 -11.11 25.18 -26.46
CA GLY F 21 -12.55 25.34 -26.52
C GLY F 21 -13.00 25.50 -27.95
N GLY F 22 -13.41 26.70 -28.32
CA GLY F 22 -13.76 26.98 -29.70
C GLY F 22 -14.13 28.43 -29.89
N ARG F 23 -14.09 28.84 -31.15
CA ARG F 23 -14.39 30.20 -31.55
C ARG F 23 -15.50 30.16 -32.58
N LEU F 24 -16.62 30.80 -32.26
CA LEU F 24 -17.80 30.80 -33.12
C LEU F 24 -18.09 32.22 -33.57
N THR F 25 -17.95 32.47 -34.87
CA THR F 25 -18.37 33.72 -35.49
C THR F 25 -19.33 33.39 -36.62
N GLU F 26 -19.98 34.40 -37.17
CA GLU F 26 -20.71 34.19 -38.40
C GLU F 26 -20.23 35.17 -39.46
N MET F 27 -20.79 35.05 -40.67
CA MET F 27 -20.41 35.92 -41.75
C MET F 27 -21.43 35.78 -42.88
N ALA F 28 -21.11 36.41 -44.01
CA ALA F 28 -21.91 36.33 -45.22
C ALA F 28 -20.94 36.15 -46.39
N LEU F 29 -21.25 35.22 -47.28
CA LEU F 29 -20.13 34.93 -48.15
C LEU F 29 -20.56 34.87 -49.62
N PRO F 30 -19.65 35.20 -50.55
CA PRO F 30 -20.02 35.25 -51.97
C PRO F 30 -20.17 33.86 -52.56
N SER F 31 -21.38 33.51 -52.94
CA SER F 31 -21.63 32.21 -53.52
C SER F 31 -21.08 32.16 -54.95
N GLU F 32 -21.41 31.08 -55.65
CA GLU F 32 -20.98 30.87 -57.03
C GLU F 32 -19.47 30.93 -57.18
N LEU F 33 -18.74 30.17 -56.37
CA LEU F 33 -17.30 30.12 -56.50
C LEU F 33 -16.75 28.78 -56.02
N PRO F 34 -15.55 28.40 -56.46
CA PRO F 34 -14.87 27.27 -55.83
C PRO F 34 -14.42 27.63 -54.43
N LEU F 35 -14.85 26.80 -53.46
CA LEU F 35 -14.56 27.10 -52.06
C LEU F 35 -13.08 27.28 -51.79
N ARG F 36 -12.22 26.81 -52.70
CA ARG F 36 -10.79 27.00 -52.52
C ARG F 36 -10.40 28.47 -52.50
N GLU F 37 -11.25 29.33 -53.06
CA GLU F 37 -10.97 30.75 -53.08
C GLU F 37 -11.30 31.44 -51.77
N ILE F 38 -12.36 31.03 -51.11
CA ILE F 38 -12.82 31.70 -49.90
C ILE F 38 -12.28 31.07 -48.64
N LEU F 39 -11.78 29.85 -48.72
CA LEU F 39 -11.12 29.24 -47.57
C LEU F 39 -10.03 30.10 -46.97
N PRO F 40 -9.12 30.73 -47.74
CA PRO F 40 -8.07 31.52 -47.09
C PRO F 40 -8.61 32.63 -46.23
N ALA F 41 -9.75 33.21 -46.60
CA ALA F 41 -10.28 34.33 -45.84
C ALA F 41 -10.70 33.89 -44.43
N VAL F 42 -11.56 32.88 -44.35
CA VAL F 42 -12.08 32.46 -43.06
C VAL F 42 -10.95 31.99 -42.16
N GLN F 43 -9.89 31.43 -42.75
CA GLN F 43 -8.76 30.96 -41.96
C GLN F 43 -8.12 32.09 -41.17
N ARG F 44 -8.34 33.34 -41.56
CA ARG F 44 -7.70 34.44 -40.86
C ARG F 44 -8.63 35.03 -39.81
N ILE F 45 -9.94 34.97 -40.05
CA ILE F 45 -10.90 35.54 -39.11
C ILE F 45 -10.89 34.75 -37.81
N VAL F 46 -11.21 33.46 -37.88
CA VAL F 46 -11.42 32.66 -36.68
C VAL F 46 -10.13 32.14 -36.07
N GLN F 47 -9.11 31.87 -36.88
CA GLN F 47 -7.86 31.32 -36.36
C GLN F 47 -6.93 32.45 -35.96
N PRO F 64 1.12 20.58 -40.20
CA PRO F 64 1.03 20.83 -41.64
C PRO F 64 -0.14 20.09 -42.28
N VAL F 65 -1.32 20.71 -42.30
CA VAL F 65 -2.53 20.04 -42.77
C VAL F 65 -3.33 21.00 -43.63
N ARG F 66 -4.32 20.47 -44.33
CA ARG F 66 -5.25 21.26 -45.12
C ARG F 66 -6.64 21.21 -44.51
N LEU F 67 -7.38 22.30 -44.67
CA LEU F 67 -8.68 22.46 -44.02
C LEU F 67 -9.77 22.66 -45.06
N SER F 68 -11.02 22.60 -44.61
CA SER F 68 -12.17 22.81 -45.48
C SER F 68 -13.43 22.98 -44.63
N LEU F 69 -14.57 23.05 -45.33
CA LEU F 69 -15.84 23.36 -44.69
C LEU F 69 -16.79 22.18 -44.80
N ALA F 70 -17.58 21.95 -43.76
CA ALA F 70 -18.51 20.83 -43.73
C ALA F 70 -19.69 21.14 -42.84
N PRO F 71 -20.89 20.68 -43.18
CA PRO F 71 -22.04 20.85 -42.28
C PRO F 71 -21.86 19.95 -41.08
N ILE F 72 -22.36 20.38 -39.93
CA ILE F 72 -22.23 19.56 -38.73
C ILE F 72 -23.06 18.30 -38.94
N GLY F 73 -22.38 17.15 -39.00
CA GLY F 73 -23.07 15.90 -39.20
C GLY F 73 -22.85 15.30 -40.56
N GLY F 74 -21.90 15.85 -41.32
CA GLY F 74 -21.69 15.36 -42.67
C GLY F 74 -20.22 15.33 -43.07
N ALA F 75 -19.98 15.03 -44.27
CA ALA F 75 -18.59 14.92 -44.65
C ALA F 75 -18.08 16.21 -45.26
N PRO F 76 -16.77 16.45 -45.22
CA PRO F 76 -16.22 17.70 -45.78
C PRO F 76 -16.64 17.90 -47.22
N PHE F 77 -16.80 19.16 -47.57
CA PHE F 77 -17.24 19.56 -48.90
C PHE F 77 -16.04 19.71 -49.82
N SER F 78 -16.24 19.39 -51.09
CA SER F 78 -15.16 19.42 -52.04
C SER F 78 -14.64 20.84 -52.20
N LEU F 79 -13.37 20.97 -52.60
CA LEU F 79 -12.81 22.30 -52.77
C LEU F 79 -13.16 22.91 -54.12
N ASP F 80 -13.89 22.18 -54.96
CA ASP F 80 -14.24 22.70 -56.28
C ASP F 80 -15.69 23.15 -56.39
N ALA F 81 -16.60 22.53 -55.66
CA ALA F 81 -18.01 22.88 -55.76
C ALA F 81 -18.26 24.28 -55.22
N THR F 82 -19.44 24.81 -55.51
CA THR F 82 -19.82 26.10 -54.96
C THR F 82 -20.80 25.92 -53.81
N LEU F 83 -20.89 26.97 -53.00
CA LEU F 83 -21.82 26.95 -51.87
C LEU F 83 -23.26 26.93 -52.34
N ASP F 84 -23.49 26.88 -53.64
CA ASP F 84 -24.85 26.71 -54.16
C ASP F 84 -25.10 25.28 -54.59
N THR F 85 -24.20 24.73 -55.41
CA THR F 85 -24.33 23.37 -55.90
C THR F 85 -24.03 22.33 -54.85
N VAL F 86 -23.54 22.73 -53.68
CA VAL F 86 -23.30 21.79 -52.61
C VAL F 86 -24.43 21.99 -51.61
N GLY F 87 -25.30 22.93 -51.90
CA GLY F 87 -26.55 23.04 -51.16
C GLY F 87 -26.45 23.68 -49.80
N VAL F 88 -26.09 24.96 -49.78
CA VAL F 88 -26.06 25.74 -48.54
C VAL F 88 -27.33 26.58 -48.50
N VAL F 89 -28.05 26.51 -47.40
CA VAL F 89 -29.17 27.42 -47.19
C VAL F 89 -28.69 28.58 -46.35
N ASP F 90 -29.26 29.76 -46.58
CA ASP F 90 -28.72 30.98 -46.01
C ASP F 90 -28.97 31.01 -44.51
N GLY F 91 -28.01 30.52 -43.73
CA GLY F 91 -28.13 30.56 -42.28
C GLY F 91 -27.79 29.26 -41.57
N ASP F 92 -27.25 28.29 -42.30
CA ASP F 92 -26.85 27.03 -41.69
C ASP F 92 -25.49 27.18 -41.00
N LEU F 93 -25.18 26.20 -40.14
CA LEU F 93 -23.98 26.24 -39.31
C LEU F 93 -22.97 25.24 -39.84
N LEU F 94 -21.95 25.75 -40.52
CA LEU F 94 -20.90 24.93 -41.11
C LEU F 94 -19.78 24.74 -40.09
N ALA F 95 -19.05 23.64 -40.20
CA ALA F 95 -17.87 23.47 -39.37
C ALA F 95 -16.62 23.52 -40.21
N LEU F 96 -15.49 23.71 -39.55
CA LEU F 96 -14.18 23.86 -40.20
C LEU F 96 -13.36 22.61 -39.92
N GLN F 97 -13.59 21.57 -40.72
CA GLN F 97 -12.92 20.29 -40.54
C GLN F 97 -11.79 20.15 -41.54
N ALA F 98 -11.06 19.06 -41.44
CA ALA F 98 -9.92 18.82 -42.30
C ALA F 98 -10.34 18.06 -43.55
N VAL F 99 -9.52 18.16 -44.58
CA VAL F 99 -9.63 17.36 -45.81
C VAL F 99 -9.60 15.91 -45.33
N PRO F 100 -10.36 14.98 -45.95
CA PRO F 100 -10.70 13.74 -45.24
C PRO F 100 -9.53 12.98 -44.66
N SER F 101 -8.62 12.51 -45.50
CA SER F 101 -7.57 11.62 -44.99
C SER F 101 -6.55 11.38 -46.09
N GLY F 102 -5.64 10.46 -45.82
CA GLY F 102 -4.90 9.76 -46.84
C GLY F 102 -5.05 8.27 -46.59
N PRO F 103 -4.15 7.47 -47.13
CA PRO F 103 -4.14 6.05 -46.80
C PRO F 103 -3.75 5.83 -45.35
N PRO F 104 -4.21 4.75 -44.74
CA PRO F 104 -3.83 4.48 -43.35
C PRO F 104 -2.47 3.81 -43.23
N ALA F 105 -1.81 3.60 -44.36
CA ALA F 105 -0.46 3.05 -44.39
C ALA F 105 -0.42 1.67 -43.73
N PRO F 106 -0.93 0.63 -44.39
CA PRO F 106 -1.02 -0.68 -43.73
C PRO F 106 0.34 -1.23 -43.33
N ARG F 107 0.39 -1.76 -42.11
CA ARG F 107 1.57 -2.46 -41.64
C ARG F 107 1.74 -3.75 -42.41
N ILE F 108 2.91 -4.36 -42.28
CA ILE F 108 3.21 -5.60 -42.98
C ILE F 108 4.19 -6.41 -42.15
N VAL F 109 3.78 -7.62 -41.76
CA VAL F 109 4.60 -8.50 -40.95
C VAL F 109 4.60 -9.88 -41.57
N GLU F 110 5.78 -10.43 -41.80
CA GLU F 110 5.91 -11.65 -42.57
C GLU F 110 5.88 -12.92 -41.74
N ASP F 111 6.47 -12.92 -40.56
CA ASP F 111 6.44 -14.11 -39.72
C ASP F 111 5.05 -14.33 -39.19
N ILE F 112 4.43 -15.41 -39.63
CA ILE F 112 3.05 -15.68 -39.26
C ILE F 112 2.89 -15.85 -37.75
N ALA F 113 3.96 -16.22 -37.04
CA ALA F 113 3.89 -16.26 -35.59
C ALA F 113 3.45 -14.92 -35.03
N ASP F 114 4.25 -13.89 -35.24
CA ASP F 114 3.90 -12.59 -34.69
C ASP F 114 2.73 -11.95 -35.40
N ALA F 115 2.25 -12.57 -36.48
CA ALA F 115 1.04 -12.05 -37.09
C ALA F 115 -0.18 -12.35 -36.23
N ALA F 116 -0.01 -13.14 -35.17
CA ALA F 116 -1.14 -13.40 -34.28
C ALA F 116 -1.11 -12.49 -33.06
N VAL F 117 0.07 -12.20 -32.54
CA VAL F 117 0.14 -11.32 -31.39
C VAL F 117 -0.03 -9.86 -31.78
N ILE F 118 0.43 -9.45 -32.95
CA ILE F 118 0.42 -8.04 -33.30
C ILE F 118 -0.98 -7.59 -33.67
N PHE F 119 -1.63 -8.30 -34.57
CA PHE F 119 -2.90 -7.85 -35.10
C PHE F 119 -4.07 -8.19 -34.21
N SER F 120 -3.84 -8.54 -32.95
CA SER F 120 -4.91 -8.96 -32.06
C SER F 120 -5.04 -8.06 -30.84
N GLU F 121 -4.08 -7.18 -30.60
CA GLU F 121 -4.16 -6.30 -29.43
C GLU F 121 -5.42 -5.44 -29.49
N ALA F 122 -5.83 -5.02 -30.68
CA ALA F 122 -6.93 -4.07 -30.84
C ALA F 122 -8.26 -4.75 -30.52
N ARG F 123 -8.38 -5.17 -29.26
CA ARG F 123 -9.60 -5.85 -28.80
C ARG F 123 -10.11 -5.38 -27.45
N ARG F 124 -9.28 -4.83 -26.58
CA ARG F 124 -9.62 -4.66 -25.16
C ARG F 124 -9.90 -6.04 -24.54
N ARG F 125 -8.84 -6.83 -24.54
CA ARG F 125 -8.90 -8.23 -24.16
C ARG F 125 -8.48 -8.47 -22.72
N GLN F 126 -7.72 -7.55 -22.13
CA GLN F 126 -7.03 -7.82 -20.87
C GLN F 126 -8.04 -8.27 -19.82
N TRP F 127 -7.69 -9.31 -19.07
CA TRP F 127 -8.62 -9.81 -18.07
C TRP F 127 -8.94 -8.72 -17.06
N GLY F 128 -7.96 -8.28 -16.29
CA GLY F 128 -8.10 -7.10 -15.47
C GLY F 128 -9.02 -7.27 -14.29
N PRO F 129 -8.80 -6.51 -13.24
CA PRO F 129 -9.66 -6.62 -12.05
C PRO F 129 -10.90 -5.77 -12.18
N THR F 130 -11.50 -5.76 -13.36
CA THR F 130 -12.83 -5.20 -13.53
C THR F 130 -13.75 -6.13 -14.29
N HIS F 131 -13.21 -7.06 -15.08
CA HIS F 131 -14.01 -8.15 -15.60
C HIS F 131 -14.43 -9.08 -14.47
N ILE F 132 -13.82 -8.93 -13.29
CA ILE F 132 -14.21 -9.76 -12.17
C ILE F 132 -15.32 -9.07 -11.38
N ALA F 133 -15.28 -7.74 -11.30
CA ALA F 133 -16.36 -7.01 -10.65
C ALA F 133 -17.70 -7.34 -11.29
N ARG F 134 -17.83 -7.08 -12.59
CA ARG F 134 -19.03 -7.51 -13.31
C ARG F 134 -19.24 -9.00 -13.14
N GLY F 135 -18.18 -9.76 -12.91
CA GLY F 135 -18.33 -11.19 -12.74
C GLY F 135 -19.12 -11.52 -11.51
N ALA F 136 -18.71 -10.99 -10.35
CA ALA F 136 -19.34 -11.41 -9.10
C ALA F 136 -20.81 -11.01 -9.05
N ALA F 137 -21.12 -9.74 -9.31
CA ALA F 137 -22.49 -9.29 -9.22
C ALA F 137 -23.42 -10.10 -10.10
N LEU F 138 -22.99 -10.37 -11.33
CA LEU F 138 -23.82 -11.17 -12.23
C LEU F 138 -24.05 -12.56 -11.69
N ALA F 139 -23.09 -13.11 -10.95
CA ALA F 139 -23.31 -14.40 -10.32
C ALA F 139 -24.34 -14.27 -9.21
N LEU F 140 -24.29 -13.18 -8.47
CA LEU F 140 -25.16 -13.02 -7.32
C LEU F 140 -26.61 -12.92 -7.74
N ILE F 141 -26.93 -12.03 -8.66
CA ILE F 141 -28.32 -11.83 -9.08
C ILE F 141 -28.94 -13.13 -9.51
N GLY F 142 -28.12 -14.06 -10.03
CA GLY F 142 -28.64 -15.36 -10.33
C GLY F 142 -28.93 -16.16 -9.08
N LEU F 143 -28.08 -16.03 -8.07
CA LEU F 143 -28.28 -16.81 -6.86
C LEU F 143 -29.57 -16.43 -6.17
N ILE F 144 -29.83 -15.13 -6.06
CA ILE F 144 -31.06 -14.68 -5.41
C ILE F 144 -32.28 -15.20 -6.17
N LEU F 145 -32.30 -15.01 -7.48
CA LEU F 145 -33.49 -15.36 -8.26
C LEU F 145 -33.85 -16.83 -8.10
N VAL F 146 -32.91 -17.73 -8.37
CA VAL F 146 -33.24 -19.13 -8.24
C VAL F 146 -33.32 -19.54 -6.78
N GLY F 147 -32.67 -18.80 -5.89
CA GLY F 147 -32.87 -19.05 -4.47
C GLY F 147 -34.30 -18.81 -4.06
N THR F 148 -34.91 -17.75 -4.57
CA THR F 148 -36.32 -17.50 -4.29
C THR F 148 -37.21 -18.54 -4.97
N GLY F 149 -37.04 -18.71 -6.27
CA GLY F 149 -37.95 -19.55 -7.02
C GLY F 149 -37.98 -20.99 -6.52
N LEU F 150 -36.86 -21.47 -6.00
CA LEU F 150 -36.85 -22.83 -5.47
C LEU F 150 -37.85 -22.96 -4.32
N SER F 151 -37.70 -22.12 -3.32
CA SER F 151 -38.58 -22.14 -2.16
C SER F 151 -40.05 -21.99 -2.52
N VAL F 152 -40.38 -21.07 -3.43
CA VAL F 152 -41.79 -20.91 -3.81
C VAL F 152 -42.27 -22.14 -4.56
N ALA F 153 -41.43 -22.68 -5.45
CA ALA F 153 -41.76 -23.98 -6.03
C ALA F 153 -41.85 -25.06 -4.97
N HIS F 154 -41.08 -24.92 -3.89
CA HIS F 154 -41.25 -25.76 -2.72
C HIS F 154 -42.50 -25.36 -1.95
N ARG F 155 -43.26 -24.38 -2.46
CA ARG F 155 -44.34 -23.81 -1.69
C ARG F 155 -45.67 -23.82 -2.46
N VAL F 156 -45.63 -23.76 -3.79
CA VAL F 156 -46.86 -23.68 -4.57
C VAL F 156 -47.30 -25.03 -5.15
N ILE F 157 -46.37 -25.85 -5.62
CA ILE F 157 -46.73 -27.16 -6.16
C ILE F 157 -46.84 -28.19 -5.05
N THR F 158 -45.99 -28.09 -4.04
CA THR F 158 -46.24 -28.75 -2.77
C THR F 158 -46.53 -27.68 -1.73
N GLY F 159 -46.71 -28.09 -0.47
CA GLY F 159 -46.90 -27.13 0.59
C GLY F 159 -46.05 -27.36 1.82
N ASP F 160 -45.16 -26.42 2.13
CA ASP F 160 -44.37 -26.44 3.37
C ASP F 160 -43.72 -25.07 3.56
N LEU F 161 -43.88 -24.49 4.74
CA LEU F 161 -43.54 -23.09 4.97
C LEU F 161 -42.05 -22.83 5.14
N LEU F 162 -41.23 -23.89 5.24
CA LEU F 162 -39.78 -23.67 5.30
C LEU F 162 -39.31 -22.70 4.23
N GLY F 163 -39.97 -22.69 3.08
CA GLY F 163 -39.67 -21.68 2.09
C GLY F 163 -39.85 -20.28 2.62
N GLN F 164 -40.99 -20.01 3.26
CA GLN F 164 -41.25 -18.66 3.74
C GLN F 164 -40.19 -18.21 4.73
N PHE F 165 -39.57 -19.16 5.44
CA PHE F 165 -38.35 -18.83 6.16
C PHE F 165 -37.26 -18.39 5.19
N ILE F 166 -36.99 -19.20 4.17
CA ILE F 166 -35.89 -18.88 3.25
C ILE F 166 -36.23 -17.68 2.37
N VAL F 167 -37.47 -17.60 1.87
CA VAL F 167 -37.89 -16.42 1.12
C VAL F 167 -37.55 -15.16 1.89
N SER F 168 -38.12 -15.02 3.08
CA SER F 168 -37.87 -13.84 3.90
C SER F 168 -36.40 -13.68 4.21
N GLY F 169 -35.67 -14.79 4.35
CA GLY F 169 -34.25 -14.70 4.63
C GLY F 169 -33.50 -13.98 3.53
N ILE F 170 -33.61 -14.47 2.30
CA ILE F 170 -32.94 -13.82 1.18
C ILE F 170 -33.59 -12.47 0.88
N ALA F 171 -34.92 -12.39 1.01
CA ALA F 171 -35.61 -11.14 0.71
C ALA F 171 -35.11 -10.02 1.63
N LEU F 172 -34.95 -10.31 2.92
CA LEU F 172 -34.42 -9.31 3.82
C LEU F 172 -32.97 -8.97 3.46
N ALA F 173 -32.18 -9.98 3.12
CA ALA F 173 -30.76 -9.76 2.92
C ALA F 173 -30.50 -8.76 1.80
N THR F 174 -31.05 -9.01 0.61
CA THR F 174 -30.89 -8.08 -0.50
C THR F 174 -31.41 -6.69 -0.16
N VAL F 175 -32.48 -6.61 0.64
CA VAL F 175 -32.98 -5.32 1.10
C VAL F 175 -31.85 -4.51 1.72
N ILE F 176 -31.02 -5.16 2.53
CA ILE F 176 -29.96 -4.45 3.23
C ILE F 176 -28.86 -4.06 2.26
N ALA F 177 -28.44 -5.00 1.40
CA ALA F 177 -27.25 -4.78 0.58
C ALA F 177 -27.39 -3.57 -0.32
N ALA F 178 -28.55 -3.35 -0.93
CA ALA F 178 -28.74 -2.17 -1.76
C ALA F 178 -28.56 -0.91 -0.93
N LEU F 179 -29.15 -0.88 0.26
CA LEU F 179 -28.94 0.22 1.17
C LEU F 179 -27.51 0.29 1.69
N ALA F 180 -26.72 -0.75 1.44
CA ALA F 180 -25.36 -0.81 1.99
C ALA F 180 -24.30 -0.36 1.01
N VAL F 181 -24.62 -0.24 -0.28
CA VAL F 181 -23.61 0.17 -1.24
C VAL F 181 -24.18 1.34 -2.03
N ARG F 182 -25.04 2.12 -1.39
CA ARG F 182 -25.67 3.22 -2.09
C ARG F 182 -24.65 4.25 -2.53
N ASN F 183 -23.55 4.39 -1.78
CA ASN F 183 -22.54 5.40 -2.03
C ASN F 183 -21.14 4.80 -2.23
N ARG F 184 -21.08 3.56 -2.72
CA ARG F 184 -19.80 2.90 -2.92
C ARG F 184 -19.63 2.36 -4.33
N SER F 185 -20.73 1.99 -5.00
CA SER F 185 -20.65 1.48 -6.36
C SER F 185 -21.35 2.41 -7.34
N ALA F 186 -22.52 2.91 -6.95
CA ALA F 186 -23.34 3.86 -7.70
C ALA F 186 -23.91 3.28 -8.98
N VAL F 187 -23.57 2.05 -9.34
CA VAL F 187 -24.26 1.34 -10.40
C VAL F 187 -24.76 -0.03 -9.94
N LEU F 188 -23.95 -0.78 -9.20
CA LEU F 188 -24.44 -2.01 -8.61
C LEU F 188 -25.61 -1.77 -7.68
N ALA F 189 -25.58 -0.67 -6.94
CA ALA F 189 -26.64 -0.35 -6.02
C ALA F 189 -28.00 -0.35 -6.71
N THR F 190 -28.16 0.50 -7.72
CA THR F 190 -29.44 0.62 -8.39
C THR F 190 -29.82 -0.69 -9.08
N SER F 191 -28.82 -1.48 -9.47
CA SER F 191 -29.10 -2.78 -10.04
C SER F 191 -29.59 -3.76 -8.98
N LEU F 192 -29.04 -3.69 -7.79
CA LEU F 192 -29.41 -4.63 -6.74
C LEU F 192 -30.78 -4.30 -6.17
N ALA F 193 -31.17 -3.03 -6.26
CA ALA F 193 -32.50 -2.66 -5.82
C ALA F 193 -33.57 -3.30 -6.68
N VAL F 194 -33.44 -3.21 -8.01
CA VAL F 194 -34.50 -3.66 -8.90
C VAL F 194 -34.73 -5.15 -8.74
N THR F 195 -33.68 -5.90 -8.47
CA THR F 195 -33.87 -7.33 -8.25
C THR F 195 -34.33 -7.66 -6.85
N ALA F 196 -34.30 -6.70 -5.94
CA ALA F 196 -34.74 -6.96 -4.58
C ALA F 196 -36.24 -7.18 -4.50
N LEU F 197 -37.01 -6.68 -5.46
CA LEU F 197 -38.46 -6.72 -5.37
C LEU F 197 -39.04 -8.03 -5.88
N VAL F 198 -38.23 -8.90 -6.46
CA VAL F 198 -38.76 -10.18 -6.88
C VAL F 198 -39.02 -11.08 -5.68
N PRO F 199 -38.08 -11.23 -4.74
CA PRO F 199 -38.41 -12.03 -3.55
C PRO F 199 -39.34 -11.30 -2.60
N VAL F 200 -39.26 -9.97 -2.54
CA VAL F 200 -40.14 -9.23 -1.66
C VAL F 200 -41.59 -9.44 -2.04
N ALA F 201 -41.92 -9.21 -3.32
CA ALA F 201 -43.26 -9.54 -3.79
C ALA F 201 -43.60 -10.99 -3.54
N ALA F 202 -42.60 -11.85 -3.50
CA ALA F 202 -42.85 -13.26 -3.18
C ALA F 202 -43.15 -13.47 -1.71
N ALA F 203 -42.56 -12.65 -0.84
CA ALA F 203 -42.70 -12.89 0.60
C ALA F 203 -44.11 -12.61 1.08
N PHE F 204 -44.55 -11.36 0.98
CA PHE F 204 -45.89 -10.97 1.42
C PHE F 204 -46.98 -11.81 0.79
N ALA F 205 -46.78 -12.24 -0.45
CA ALA F 205 -47.76 -13.06 -1.14
C ALA F 205 -47.95 -14.41 -0.44
N LEU F 206 -47.20 -14.67 0.63
CA LEU F 206 -47.29 -15.95 1.31
C LEU F 206 -47.97 -15.89 2.67
N GLY F 207 -48.49 -14.73 3.08
CA GLY F 207 -49.27 -14.67 4.30
C GLY F 207 -50.72 -15.05 4.08
N VAL F 208 -51.19 -16.00 4.88
CA VAL F 208 -52.56 -16.54 4.79
C VAL F 208 -52.79 -17.00 3.36
N PRO F 209 -52.23 -18.14 2.95
CA PRO F 209 -52.15 -18.49 1.53
C PRO F 209 -53.49 -18.56 0.77
N GLY F 210 -54.42 -19.38 1.23
CA GLY F 210 -55.63 -19.61 0.44
C GLY F 210 -55.36 -20.63 -0.66
N ASP F 211 -55.81 -20.32 -1.88
CA ASP F 211 -55.49 -21.14 -3.05
C ASP F 211 -54.61 -20.33 -3.99
N PHE F 212 -53.53 -19.77 -3.44
CA PHE F 212 -52.77 -18.64 -3.98
C PHE F 212 -53.57 -17.38 -3.65
N GLY F 213 -54.72 -17.57 -3.01
CA GLY F 213 -55.41 -16.56 -2.23
C GLY F 213 -56.12 -15.41 -2.92
N ALA F 214 -57.20 -14.92 -2.31
CA ALA F 214 -57.93 -13.73 -2.73
C ALA F 214 -57.27 -12.43 -2.24
N PRO F 215 -57.02 -12.27 -0.93
CA PRO F 215 -56.46 -11.01 -0.45
C PRO F 215 -54.95 -10.95 -0.43
N ASN F 216 -54.27 -12.05 -0.76
CA ASN F 216 -52.81 -12.00 -0.83
C ASN F 216 -52.35 -10.95 -1.82
N VAL F 217 -52.98 -10.91 -3.00
CA VAL F 217 -52.60 -9.94 -4.03
C VAL F 217 -52.77 -8.52 -3.51
N LEU F 218 -53.48 -8.37 -2.38
CA LEU F 218 -53.54 -7.06 -1.75
C LEU F 218 -52.29 -6.81 -0.94
N LEU F 219 -51.78 -7.83 -0.27
CA LEU F 219 -50.59 -7.66 0.54
C LEU F 219 -49.38 -7.32 -0.33
N ALA F 220 -49.26 -7.98 -1.48
CA ALA F 220 -48.08 -7.78 -2.33
C ALA F 220 -48.07 -6.38 -2.94
N ALA F 221 -49.18 -5.94 -3.51
CA ALA F 221 -49.23 -4.62 -4.13
C ALA F 221 -48.82 -3.54 -3.14
N ALA F 222 -48.98 -3.80 -1.85
CA ALA F 222 -48.43 -2.89 -0.86
C ALA F 222 -46.92 -2.99 -0.82
N GLY F 223 -46.39 -4.19 -1.00
CA GLY F 223 -44.96 -4.39 -0.79
C GLY F 223 -44.11 -3.71 -1.84
N VAL F 224 -44.32 -4.05 -3.11
CA VAL F 224 -43.50 -3.46 -4.17
C VAL F 224 -43.75 -1.96 -4.26
N ALA F 225 -45.00 -1.53 -4.11
CA ALA F 225 -45.28 -0.11 -4.08
C ALA F 225 -44.59 0.54 -2.90
N ALA F 226 -44.46 -0.17 -1.78
CA ALA F 226 -43.58 0.31 -0.73
C ALA F 226 -42.14 0.32 -1.19
N TRP F 227 -41.60 -0.86 -1.54
CA TRP F 227 -40.17 -0.98 -1.82
C TRP F 227 -39.74 -0.05 -2.94
N SER F 228 -40.59 0.11 -3.95
CA SER F 228 -40.21 0.98 -5.06
C SER F 228 -40.05 2.42 -4.59
N LEU F 229 -41.11 3.00 -4.04
CA LEU F 229 -41.10 4.40 -3.65
C LEU F 229 -39.92 4.75 -2.76
N ILE F 230 -39.49 3.84 -1.90
CA ILE F 230 -38.32 4.07 -1.09
C ILE F 230 -37.06 4.26 -1.93
N SER F 231 -36.98 3.60 -3.09
CA SER F 231 -35.75 3.57 -3.84
C SER F 231 -35.69 4.58 -4.98
N MET F 232 -36.82 4.97 -5.54
CA MET F 232 -36.79 5.99 -6.58
C MET F 232 -36.13 7.26 -6.05
N ALA F 233 -36.56 7.71 -4.87
CA ALA F 233 -35.89 8.82 -4.22
C ALA F 233 -34.50 8.44 -3.77
N GLY F 234 -34.25 7.15 -3.56
CA GLY F 234 -32.93 6.71 -3.18
C GLY F 234 -31.92 6.63 -4.30
N SER F 235 -32.32 6.95 -5.53
CA SER F 235 -31.39 6.87 -6.65
C SER F 235 -30.58 8.16 -6.75
N PRO F 236 -29.27 8.08 -6.72
CA PRO F 236 -28.44 9.29 -6.79
C PRO F 236 -28.38 9.89 -8.19
N ASP F 237 -28.82 9.16 -9.20
CA ASP F 237 -28.72 9.59 -10.59
C ASP F 237 -29.75 8.85 -11.42
N ASP F 238 -29.58 8.91 -12.73
CA ASP F 238 -30.43 8.21 -13.70
C ASP F 238 -30.04 6.73 -13.75
N ARG F 239 -30.43 6.04 -14.83
CA ARG F 239 -30.05 4.65 -15.06
C ARG F 239 -30.65 3.75 -13.97
N GLY F 240 -31.96 3.64 -14.02
CA GLY F 240 -32.69 2.73 -13.16
C GLY F 240 -33.92 3.38 -12.56
N ILE F 241 -34.26 4.57 -13.06
CA ILE F 241 -35.41 5.31 -12.56
C ILE F 241 -36.70 4.83 -13.20
N ALA F 242 -36.69 4.62 -14.51
CA ALA F 242 -37.93 4.32 -15.22
C ALA F 242 -38.54 3.01 -14.79
N VAL F 243 -37.71 1.99 -14.57
CA VAL F 243 -38.25 0.70 -14.13
C VAL F 243 -38.92 0.82 -12.78
N PHE F 244 -38.38 1.65 -11.89
CA PHE F 244 -39.02 1.83 -10.59
C PHE F 244 -40.35 2.53 -10.73
N THR F 245 -40.36 3.67 -11.41
CA THR F 245 -41.58 4.45 -11.55
C THR F 245 -42.72 3.61 -12.11
N ALA F 246 -42.47 2.83 -13.15
CA ALA F 246 -43.56 2.13 -13.81
C ALA F 246 -44.17 1.06 -12.92
N THR F 247 -43.32 0.28 -12.25
CA THR F 247 -43.86 -0.76 -11.41
C THR F 247 -44.52 -0.21 -10.15
N ALA F 248 -44.10 0.98 -9.71
CA ALA F 248 -44.74 1.59 -8.56
C ALA F 248 -46.21 1.90 -8.86
N VAL F 249 -46.45 2.72 -9.88
CA VAL F 249 -47.82 3.00 -10.29
C VAL F 249 -48.55 1.72 -10.61
N THR F 250 -47.83 0.71 -11.11
CA THR F 250 -48.49 -0.56 -11.40
C THR F 250 -48.89 -1.27 -10.12
N GLY F 251 -48.05 -1.20 -9.09
CA GLY F 251 -48.44 -1.74 -7.81
C GLY F 251 -49.62 -0.99 -7.20
N VAL F 252 -49.49 0.33 -7.07
CA VAL F 252 -50.59 1.14 -6.56
C VAL F 252 -51.86 0.87 -7.36
N GLY F 253 -51.75 0.91 -8.68
CA GLY F 253 -52.95 0.74 -9.49
C GLY F 253 -53.68 -0.54 -9.20
N VAL F 254 -52.93 -1.65 -9.10
CA VAL F 254 -53.60 -2.92 -8.89
C VAL F 254 -54.09 -3.05 -7.45
N LEU F 255 -53.51 -2.27 -6.53
CA LEU F 255 -53.88 -2.39 -5.13
C LEU F 255 -55.33 -2.01 -4.91
N LEU F 256 -55.72 -0.82 -5.35
CA LEU F 256 -57.09 -0.36 -5.14
C LEU F 256 -58.09 -1.30 -5.77
N VAL F 257 -57.95 -1.57 -7.06
CA VAL F 257 -58.89 -2.43 -7.74
C VAL F 257 -58.79 -3.86 -7.23
N ALA F 258 -57.76 -4.17 -6.44
CA ALA F 258 -57.78 -5.44 -5.73
C ALA F 258 -58.43 -5.29 -4.35
N GLY F 259 -58.19 -4.17 -3.68
CA GLY F 259 -58.78 -3.97 -2.37
C GLY F 259 -60.29 -3.90 -2.42
N ALA F 260 -60.82 -2.94 -3.19
CA ALA F 260 -62.27 -2.87 -3.38
C ALA F 260 -62.83 -4.21 -3.83
N ALA F 261 -62.05 -4.99 -4.55
CA ALA F 261 -62.46 -6.33 -4.94
C ALA F 261 -62.39 -7.32 -3.81
N SER F 262 -61.71 -7.00 -2.71
CA SER F 262 -61.57 -7.96 -1.63
C SER F 262 -62.75 -8.01 -0.69
N LEU F 263 -63.43 -6.89 -0.46
CA LEU F 263 -64.55 -6.88 0.47
C LEU F 263 -65.88 -6.55 -0.19
N TRP F 264 -65.98 -5.42 -0.88
CA TRP F 264 -67.29 -4.94 -1.31
C TRP F 264 -67.82 -5.81 -2.43
N VAL F 265 -67.14 -5.80 -3.57
CA VAL F 265 -67.67 -6.34 -4.80
C VAL F 265 -67.25 -7.79 -4.93
N ILE F 266 -68.16 -8.61 -5.46
CA ILE F 266 -67.80 -9.96 -5.86
C ILE F 266 -67.19 -9.94 -7.26
N SER F 267 -67.71 -9.08 -8.15
CA SER F 267 -67.11 -8.76 -9.44
C SER F 267 -66.79 -10.03 -10.23
N SER F 268 -67.86 -10.68 -10.68
CA SER F 268 -67.73 -11.84 -11.55
C SER F 268 -66.69 -11.60 -12.64
N ASP F 269 -66.80 -10.49 -13.37
CA ASP F 269 -65.90 -10.21 -14.48
C ASP F 269 -65.38 -8.78 -14.50
N VAL F 270 -65.86 -7.92 -13.61
CA VAL F 270 -65.68 -6.48 -13.81
C VAL F 270 -64.44 -5.97 -13.08
N ILE F 271 -63.53 -6.86 -12.71
CA ILE F 271 -62.23 -6.39 -12.25
C ILE F 271 -61.52 -5.65 -13.37
N GLY F 272 -61.47 -6.26 -14.55
CA GLY F 272 -60.85 -5.60 -15.69
C GLY F 272 -61.61 -4.39 -16.16
N CYS F 273 -62.95 -4.43 -16.10
CA CYS F 273 -63.72 -3.24 -16.43
C CYS F 273 -63.25 -2.06 -15.59
N ALA F 274 -62.81 -2.33 -14.36
CA ALA F 274 -62.12 -1.28 -13.63
C ALA F 274 -60.73 -1.03 -14.19
N LEU F 275 -60.03 -2.09 -14.58
CA LEU F 275 -58.65 -1.94 -15.04
C LEU F 275 -58.58 -1.18 -16.35
N VAL F 276 -59.16 -1.73 -17.42
CA VAL F 276 -59.12 -1.07 -18.72
C VAL F 276 -59.60 0.36 -18.60
N LEU F 277 -60.62 0.61 -17.78
CA LEU F 277 -60.95 1.98 -17.46
C LEU F 277 -59.76 2.68 -16.83
N LEU F 278 -59.28 2.17 -15.69
CA LEU F 278 -58.10 2.74 -15.07
C LEU F 278 -56.93 2.80 -16.04
N GLY F 279 -56.79 1.79 -16.89
CA GLY F 279 -55.71 1.80 -17.85
C GLY F 279 -55.75 3.04 -18.74
N LEU F 280 -56.73 3.12 -19.62
CA LEU F 280 -56.82 4.25 -20.53
C LEU F 280 -56.76 5.57 -19.78
N ILE F 281 -57.31 5.61 -18.57
CA ILE F 281 -57.26 6.84 -17.78
C ILE F 281 -55.82 7.25 -17.54
N VAL F 282 -54.97 6.30 -17.17
CA VAL F 282 -53.58 6.64 -16.92
C VAL F 282 -52.88 7.06 -18.20
N THR F 283 -53.14 6.35 -19.30
CA THR F 283 -52.49 6.68 -20.56
C THR F 283 -52.92 8.04 -21.07
N VAL F 284 -54.22 8.30 -21.13
CA VAL F 284 -54.68 9.58 -21.65
C VAL F 284 -54.23 10.72 -20.74
N GLN F 285 -54.23 10.52 -19.44
CA GLN F 285 -53.69 11.50 -18.50
C GLN F 285 -52.28 11.11 -18.08
N ALA F 286 -51.33 11.38 -18.96
CA ALA F 286 -49.95 10.96 -18.72
C ALA F 286 -48.98 12.12 -18.54
N ALA F 287 -49.13 13.19 -19.28
CA ALA F 287 -48.19 14.31 -19.16
C ALA F 287 -48.26 14.93 -17.79
N GLN F 288 -49.48 15.09 -17.26
CA GLN F 288 -49.64 15.74 -15.97
C GLN F 288 -49.03 14.92 -14.85
N LEU F 289 -49.20 13.59 -14.91
CA LEU F 289 -48.70 12.74 -13.85
C LEU F 289 -47.18 12.80 -13.76
N SER F 290 -46.51 12.86 -14.90
CA SER F 290 -45.05 13.04 -14.87
C SER F 290 -44.67 14.31 -14.15
N ALA F 291 -45.34 15.43 -14.49
CA ALA F 291 -45.07 16.67 -13.80
C ALA F 291 -45.33 16.55 -12.30
N MET F 292 -46.22 15.64 -11.91
CA MET F 292 -46.56 15.50 -10.49
C MET F 292 -45.37 15.06 -9.66
N TRP F 293 -44.44 14.31 -10.26
CA TRP F 293 -43.26 13.91 -9.51
C TRP F 293 -42.24 15.03 -9.36
N ALA F 294 -42.40 16.12 -10.08
CA ALA F 294 -41.46 17.24 -9.98
C ALA F 294 -41.56 17.93 -8.62
N VAL F 316 -29.52 28.27 -9.85
CA VAL F 316 -28.89 28.19 -11.15
C VAL F 316 -29.46 27.02 -11.93
N LEU F 317 -29.66 27.21 -13.23
CA LEU F 317 -30.19 26.18 -14.12
C LEU F 317 -29.09 25.25 -14.61
N ALA F 318 -27.96 25.24 -13.91
CA ALA F 318 -26.85 24.38 -14.32
C ALA F 318 -27.27 22.92 -14.37
N ASP F 319 -28.01 22.48 -13.37
CA ASP F 319 -28.50 21.10 -13.35
C ASP F 319 -29.81 20.97 -14.11
N LEU F 320 -29.84 21.52 -15.32
CA LEU F 320 -30.95 21.31 -16.23
C LEU F 320 -30.86 19.96 -16.93
N PRO F 321 -29.71 19.56 -17.47
CA PRO F 321 -29.65 18.25 -18.15
C PRO F 321 -30.02 17.11 -17.25
N ARG F 322 -29.66 17.17 -15.97
CA ARG F 322 -30.04 16.09 -15.08
C ARG F 322 -31.54 16.09 -14.83
N ARG F 323 -32.14 17.27 -14.85
CA ARG F 323 -33.56 17.36 -14.55
C ARG F 323 -34.39 16.98 -15.77
N VAL F 324 -33.86 17.19 -16.97
CA VAL F 324 -34.69 17.00 -18.15
C VAL F 324 -34.87 15.52 -18.45
N ARG F 325 -33.82 14.72 -18.26
CA ARG F 325 -33.93 13.29 -18.55
C ARG F 325 -34.83 12.59 -17.53
N VAL F 326 -34.56 12.82 -16.24
CA VAL F 326 -35.41 12.25 -15.21
C VAL F 326 -36.87 12.52 -15.51
N SER F 327 -37.17 13.74 -15.96
CA SER F 327 -38.52 14.03 -16.40
C SER F 327 -38.94 13.08 -17.51
N GLN F 328 -38.06 12.89 -18.50
CA GLN F 328 -38.38 11.98 -19.60
C GLN F 328 -38.51 10.54 -19.10
N ALA F 329 -37.58 10.09 -18.26
CA ALA F 329 -37.68 8.75 -17.71
C ALA F 329 -39.02 8.56 -17.03
N HIS F 330 -39.46 9.56 -16.28
CA HIS F 330 -40.75 9.48 -15.61
C HIS F 330 -41.87 9.23 -16.61
N GLN F 331 -41.86 9.97 -17.73
CA GLN F 331 -42.95 9.80 -18.70
C GLN F 331 -42.90 8.43 -19.34
N THR F 332 -41.71 8.00 -19.79
CA THR F 332 -41.61 6.73 -20.48
C THR F 332 -42.01 5.55 -19.61
N GLY F 333 -41.85 5.64 -18.31
CA GLY F 333 -42.29 4.54 -17.48
C GLY F 333 -43.79 4.61 -17.29
N VAL F 334 -44.27 5.78 -16.90
CA VAL F 334 -45.68 5.98 -16.59
C VAL F 334 -46.55 5.41 -17.70
N ILE F 335 -46.14 5.61 -18.95
CA ILE F 335 -46.92 5.10 -20.07
C ILE F 335 -46.94 3.58 -20.06
N ALA F 336 -45.84 2.95 -19.68
CA ALA F 336 -45.82 1.49 -19.61
C ALA F 336 -46.83 0.99 -18.58
N ALA F 337 -46.94 1.71 -17.47
CA ALA F 337 -47.99 1.40 -16.51
C ALA F 337 -49.36 1.36 -17.20
N GLY F 338 -49.59 2.31 -18.11
CA GLY F 338 -50.84 2.29 -18.84
C GLY F 338 -51.05 1.04 -19.66
N VAL F 339 -50.14 0.75 -20.58
CA VAL F 339 -50.28 -0.43 -21.44
C VAL F 339 -50.40 -1.70 -20.61
N LEU F 340 -49.47 -1.91 -19.68
CA LEU F 340 -49.51 -3.12 -18.87
C LEU F 340 -50.83 -3.22 -18.10
N LEU F 341 -51.34 -2.09 -17.64
CA LEU F 341 -52.69 -2.10 -17.09
C LEU F 341 -53.71 -2.34 -18.18
N GLY F 342 -53.61 -1.60 -19.28
CA GLY F 342 -54.58 -1.73 -20.35
C GLY F 342 -54.85 -3.16 -20.74
N VAL F 343 -53.82 -4.01 -20.75
CA VAL F 343 -54.02 -5.42 -21.01
C VAL F 343 -54.41 -6.16 -19.75
N ALA F 344 -53.93 -5.67 -18.59
CA ALA F 344 -54.04 -6.38 -17.33
C ALA F 344 -55.41 -6.97 -17.08
N GLY F 345 -56.48 -6.25 -17.39
CA GLY F 345 -57.81 -6.79 -17.25
C GLY F 345 -58.33 -7.25 -18.60
N SER F 346 -57.89 -6.54 -19.64
CA SER F 346 -58.26 -6.92 -21.00
C SER F 346 -57.89 -8.36 -21.29
N VAL F 347 -56.81 -8.87 -20.69
CA VAL F 347 -56.47 -10.28 -20.84
C VAL F 347 -57.41 -11.17 -20.07
N ALA F 348 -58.28 -10.59 -19.24
CA ALA F 348 -59.17 -11.37 -18.41
C ALA F 348 -60.61 -11.29 -18.88
N LEU F 349 -60.96 -10.26 -19.65
CA LEU F 349 -62.31 -10.15 -20.14
C LEU F 349 -62.59 -11.19 -21.21
N VAL F 350 -61.76 -11.22 -22.25
CA VAL F 350 -61.98 -12.11 -23.38
C VAL F 350 -61.24 -13.40 -23.08
N SER F 351 -60.80 -13.55 -21.83
CA SER F 351 -59.96 -14.68 -21.46
C SER F 351 -60.69 -16.01 -21.61
N SER F 352 -61.69 -16.25 -20.79
CA SER F 352 -62.39 -17.52 -20.80
C SER F 352 -63.32 -17.56 -22.00
N ALA F 353 -63.99 -18.69 -22.20
CA ALA F 353 -64.99 -18.82 -23.24
C ALA F 353 -66.24 -18.08 -22.81
N ASN F 354 -67.35 -18.33 -23.50
CA ASN F 354 -68.68 -17.80 -23.16
C ASN F 354 -68.67 -16.30 -22.87
N ALA F 355 -67.80 -15.55 -23.52
CA ALA F 355 -67.66 -14.12 -23.26
C ALA F 355 -68.75 -13.35 -24.03
N SER F 356 -68.65 -12.00 -24.00
CA SER F 356 -69.64 -11.11 -24.60
C SER F 356 -69.17 -10.59 -25.96
N PRO F 357 -70.09 -10.56 -26.93
CA PRO F 357 -69.81 -9.81 -28.15
C PRO F 357 -69.55 -8.34 -27.89
N TRP F 358 -70.06 -7.81 -26.78
CA TRP F 358 -69.66 -6.47 -26.40
C TRP F 358 -68.31 -6.47 -25.71
N ALA F 359 -67.93 -7.61 -25.14
CA ALA F 359 -66.63 -7.76 -24.45
C ALA F 359 -65.51 -7.78 -25.50
N TRP F 360 -65.77 -8.43 -26.64
CA TRP F 360 -64.79 -8.53 -27.75
C TRP F 360 -64.50 -7.13 -28.31
N TYR F 361 -65.52 -6.28 -28.37
CA TYR F 361 -65.33 -4.89 -28.89
C TYR F 361 -64.86 -3.98 -27.74
N ILE F 362 -64.96 -4.47 -26.51
CA ILE F 362 -64.54 -3.67 -25.32
C ILE F 362 -63.01 -3.61 -25.25
N VAL F 363 -62.32 -4.60 -25.82
CA VAL F 363 -60.82 -4.62 -25.80
C VAL F 363 -60.30 -4.02 -27.11
N VAL F 364 -60.80 -4.52 -28.25
CA VAL F 364 -60.37 -4.05 -29.59
C VAL F 364 -60.41 -2.52 -29.64
N ALA F 365 -61.53 -1.91 -29.25
CA ALA F 365 -61.66 -0.44 -29.26
C ALA F 365 -60.49 0.19 -28.51
N ALA F 366 -60.22 -0.27 -27.30
CA ALA F 366 -59.12 0.27 -26.46
C ALA F 366 -57.81 0.25 -27.25
N ALA F 367 -57.42 -0.93 -27.75
CA ALA F 367 -56.17 -1.13 -28.52
C ALA F 367 -55.98 -0.02 -29.56
N ALA F 368 -56.88 0.05 -30.54
CA ALA F 368 -56.79 1.07 -31.61
C ALA F 368 -56.63 2.47 -31.01
N GLY F 369 -57.48 2.82 -30.04
CA GLY F 369 -57.42 4.13 -29.38
C GLY F 369 -56.00 4.45 -28.91
N ALA F 370 -55.38 3.51 -28.19
CA ALA F 370 -54.00 3.69 -27.68
C ALA F 370 -53.03 3.75 -28.87
N ALA F 371 -53.22 2.87 -29.85
CA ALA F 371 -52.36 2.80 -31.04
C ALA F 371 -52.37 4.13 -31.81
N LEU F 372 -53.54 4.78 -31.89
CA LEU F 372 -53.68 6.08 -32.61
C LEU F 372 -53.38 7.25 -31.67
N ARG F 373 -53.11 6.95 -30.40
CA ARG F 373 -52.79 8.01 -29.39
C ARG F 373 -51.26 8.18 -29.31
N ALA F 374 -50.53 7.42 -30.13
CA ALA F 374 -49.05 7.47 -30.13
C ALA F 374 -48.56 8.73 -30.86
N ARG F 375 -49.14 9.04 -32.02
CA ARG F 375 -48.74 10.18 -32.82
C ARG F 375 -48.61 11.46 -32.03
N VAL F 376 -48.99 11.45 -30.75
CA VAL F 376 -48.83 12.63 -29.90
C VAL F 376 -47.57 12.55 -29.05
N TRP F 377 -46.88 11.42 -29.07
CA TRP F 377 -45.74 11.19 -28.20
C TRP F 377 -44.44 11.29 -28.97
N ASP F 378 -43.49 12.03 -28.42
CA ASP F 378 -42.33 12.46 -29.19
C ASP F 378 -41.19 11.46 -29.19
N SER F 379 -40.75 11.01 -28.02
CA SER F 379 -39.55 10.19 -27.93
C SER F 379 -39.80 8.84 -28.60
N ALA F 380 -38.78 7.98 -28.60
CA ALA F 380 -38.91 6.70 -29.27
C ALA F 380 -39.53 5.65 -28.36
N ALA F 381 -38.92 5.38 -27.21
CA ALA F 381 -39.45 4.36 -26.31
C ALA F 381 -40.88 4.67 -25.91
N CYS F 382 -41.21 5.95 -25.75
CA CYS F 382 -42.59 6.34 -25.50
C CYS F 382 -43.50 5.76 -26.57
N LYS F 383 -43.11 5.93 -27.83
CA LYS F 383 -43.94 5.43 -28.98
C LYS F 383 -44.10 3.91 -28.91
N ALA F 384 -42.98 3.18 -29.00
CA ALA F 384 -42.96 1.70 -29.02
C ALA F 384 -43.90 1.08 -27.98
N TRP F 385 -43.80 1.54 -26.72
CA TRP F 385 -44.61 1.00 -25.59
C TRP F 385 -46.08 0.82 -25.97
N LEU F 386 -46.79 1.92 -26.23
CA LEU F 386 -48.23 1.86 -26.57
C LEU F 386 -48.41 1.20 -27.94
N LEU F 387 -47.50 1.46 -28.86
CA LEU F 387 -47.58 0.91 -30.24
C LEU F 387 -47.76 -0.61 -30.20
N GLY F 388 -46.98 -1.32 -29.40
CA GLY F 388 -47.03 -2.80 -29.33
C GLY F 388 -48.04 -3.34 -28.33
N HIS F 389 -49.00 -2.51 -27.89
CA HIS F 389 -50.02 -2.99 -26.93
C HIS F 389 -50.71 -4.23 -27.52
N SER F 390 -51.22 -4.10 -28.76
CA SER F 390 -51.91 -5.22 -29.44
C SER F 390 -51.00 -6.46 -29.47
N TYR F 391 -49.74 -6.26 -29.85
CA TYR F 391 -48.75 -7.38 -29.92
C TYR F 391 -48.76 -8.15 -28.60
N LEU F 392 -48.44 -7.48 -27.51
CA LEU F 392 -48.39 -8.10 -26.16
C LEU F 392 -49.70 -8.84 -25.88
N LEU F 393 -50.84 -8.17 -26.10
CA LEU F 393 -52.18 -8.77 -25.83
C LEU F 393 -52.40 -9.98 -26.75
N ALA F 394 -51.96 -9.88 -28.01
CA ALA F 394 -52.17 -10.99 -28.97
C ALA F 394 -51.66 -12.32 -28.39
N VAL F 395 -50.40 -12.36 -27.98
CA VAL F 395 -49.80 -13.62 -27.43
C VAL F 395 -50.55 -14.06 -26.18
N ALA F 396 -50.99 -13.11 -25.34
CA ALA F 396 -51.72 -13.44 -24.09
C ALA F 396 -52.89 -14.37 -24.42
N LEU F 397 -53.71 -14.02 -25.41
CA LEU F 397 -54.87 -14.84 -25.81
C LEU F 397 -54.39 -16.24 -26.24
N LEU F 398 -53.33 -16.28 -27.06
CA LEU F 398 -52.78 -17.56 -27.56
C LEU F 398 -52.50 -18.52 -26.39
N VAL F 399 -51.58 -18.15 -25.50
CA VAL F 399 -51.26 -19.01 -24.32
C VAL F 399 -52.55 -19.35 -23.58
N ALA F 400 -53.42 -18.36 -23.40
CA ALA F 400 -54.71 -18.55 -22.68
C ALA F 400 -55.45 -19.75 -23.25
N PHE F 401 -55.61 -19.82 -24.57
CA PHE F 401 -56.34 -20.93 -25.22
C PHE F 401 -55.53 -22.23 -25.16
N VAL F 402 -54.21 -22.13 -25.35
CA VAL F 402 -53.34 -23.34 -25.30
C VAL F 402 -53.35 -23.90 -23.87
N ILE F 403 -53.33 -23.01 -22.87
CA ILE F 403 -53.36 -23.45 -21.45
C ILE F 403 -54.81 -23.75 -21.07
N GLY F 404 -55.76 -23.19 -21.82
CA GLY F 404 -57.19 -23.41 -21.58
C GLY F 404 -57.70 -24.57 -22.43
N ASP F 405 -56.80 -25.18 -23.20
CA ASP F 405 -57.13 -26.32 -24.08
C ASP F 405 -58.29 -25.93 -25.02
N ARG F 406 -58.03 -24.99 -25.92
CA ARG F 406 -59.08 -24.52 -26.87
C ARG F 406 -58.76 -25.02 -28.28
N TYR F 407 -57.52 -24.80 -28.75
CA TYR F 407 -57.05 -25.19 -30.11
C TYR F 407 -58.12 -24.80 -31.15
N GLN F 408 -58.51 -23.53 -31.16
CA GLN F 408 -59.54 -23.01 -32.08
C GLN F 408 -59.22 -21.53 -32.33
N ALA F 409 -59.24 -20.74 -31.25
CA ALA F 409 -58.90 -19.31 -31.34
C ALA F 409 -57.37 -19.17 -31.32
N ALA F 410 -56.70 -20.20 -30.79
CA ALA F 410 -55.22 -20.21 -30.74
C ALA F 410 -54.67 -19.90 -32.14
N LEU F 411 -55.02 -20.74 -33.11
CA LEU F 411 -54.56 -20.52 -34.52
C LEU F 411 -54.91 -19.10 -34.94
N TRP F 412 -56.17 -18.70 -34.75
CA TRP F 412 -56.62 -17.32 -35.10
C TRP F 412 -55.70 -16.30 -34.44
N ALA F 413 -55.49 -16.44 -33.13
CA ALA F 413 -54.61 -15.52 -32.36
C ALA F 413 -53.27 -15.39 -33.07
N LEU F 414 -52.76 -16.50 -33.63
CA LEU F 414 -51.46 -16.51 -34.37
C LEU F 414 -51.65 -15.81 -35.72
N ALA F 415 -52.87 -15.83 -36.26
CA ALA F 415 -53.20 -15.15 -37.53
C ALA F 415 -53.48 -13.68 -37.26
N ALA F 416 -53.72 -13.33 -35.99
CA ALA F 416 -54.00 -11.95 -35.56
C ALA F 416 -52.67 -11.24 -35.23
N LEU F 417 -51.57 -12.01 -35.25
CA LEU F 417 -50.21 -11.44 -34.99
C LEU F 417 -49.58 -11.06 -36.33
N ALA F 418 -49.62 -11.98 -37.30
CA ALA F 418 -49.05 -11.73 -38.64
C ALA F 418 -49.61 -10.43 -39.20
N VAL F 419 -50.94 -10.27 -39.19
CA VAL F 419 -51.60 -9.04 -39.69
C VAL F 419 -50.96 -7.83 -39.03
N LEU F 420 -50.62 -7.94 -37.75
CA LEU F 420 -49.95 -6.87 -37.04
C LEU F 420 -48.46 -6.82 -37.40
N VAL F 421 -47.85 -7.97 -37.67
CA VAL F 421 -46.46 -7.94 -38.10
C VAL F 421 -46.34 -7.43 -39.52
N LEU F 422 -47.25 -7.86 -40.39
CA LEU F 422 -47.17 -7.47 -41.80
C LEU F 422 -47.22 -5.96 -41.95
N VAL F 423 -48.06 -5.30 -41.16
CA VAL F 423 -48.15 -3.84 -41.27
C VAL F 423 -46.90 -3.18 -40.74
N TRP F 424 -46.21 -3.81 -39.80
CA TRP F 424 -44.94 -3.27 -39.32
C TRP F 424 -43.93 -3.19 -40.45
N ILE F 425 -43.84 -4.25 -41.26
CA ILE F 425 -42.84 -4.29 -42.32
C ILE F 425 -43.07 -3.18 -43.33
N VAL F 426 -44.28 -3.14 -43.90
CA VAL F 426 -44.57 -2.13 -44.92
C VAL F 426 -44.47 -0.74 -44.33
N ALA F 427 -44.48 -0.63 -43.01
CA ALA F 427 -44.14 0.65 -42.41
C ALA F 427 -42.65 0.92 -42.47
N ALA F 428 -41.83 -0.10 -42.66
CA ALA F 428 -40.39 0.05 -42.58
C ALA F 428 -39.73 0.25 -43.94
N LEU F 429 -40.21 -0.44 -44.96
CA LEU F 429 -39.63 -0.33 -46.29
C LEU F 429 -39.68 1.10 -46.80
N ASN F 430 -40.87 1.63 -47.01
CA ASN F 430 -41.01 2.98 -47.54
C ASN F 430 -41.41 3.93 -46.43
N PRO F 431 -40.63 4.97 -46.16
CA PRO F 431 -41.03 5.94 -45.11
C PRO F 431 -42.16 6.85 -45.59
N LYS F 432 -43.24 6.22 -46.02
CA LYS F 432 -44.36 6.92 -46.66
C LYS F 432 -45.61 6.87 -45.81
N ILE F 433 -46.09 5.67 -45.48
CA ILE F 433 -47.27 5.55 -44.63
C ILE F 433 -46.92 5.78 -43.17
N ALA F 434 -45.65 5.61 -42.80
CA ALA F 434 -45.16 5.99 -41.49
C ALA F 434 -45.01 7.50 -41.34
N SER F 435 -44.74 8.21 -42.43
CA SER F 435 -44.54 9.66 -42.39
C SER F 435 -45.85 10.36 -42.69
N PRO F 436 -46.46 11.04 -41.71
CA PRO F 436 -47.75 11.72 -41.93
C PRO F 436 -47.64 12.98 -42.77
N ASP F 437 -46.48 13.24 -43.37
CA ASP F 437 -46.32 14.46 -44.16
C ASP F 437 -46.89 14.31 -45.56
N THR F 438 -46.84 13.11 -46.14
CA THR F 438 -47.45 12.91 -47.45
C THR F 438 -48.90 12.47 -47.30
N TYR F 439 -49.64 13.23 -46.50
CA TYR F 439 -51.06 13.01 -46.26
C TYR F 439 -51.86 14.24 -46.62
N SER F 440 -53.12 14.27 -46.21
CA SER F 440 -54.00 15.41 -46.39
C SER F 440 -54.34 15.99 -45.03
N LEU F 441 -54.62 17.29 -45.01
CA LEU F 441 -54.86 17.95 -43.73
C LEU F 441 -56.14 17.48 -43.07
N PRO F 442 -57.29 17.43 -43.76
CA PRO F 442 -58.47 16.82 -43.15
C PRO F 442 -58.26 15.36 -42.78
N MET F 443 -57.43 14.63 -43.54
CA MET F 443 -57.01 13.30 -43.11
C MET F 443 -56.28 13.39 -41.77
N ARG F 444 -55.31 14.30 -41.68
CA ARG F 444 -54.69 14.58 -40.39
C ARG F 444 -55.73 15.03 -39.37
N ARG F 445 -56.79 15.68 -39.84
CA ARG F 445 -57.86 16.10 -38.93
C ARG F 445 -58.81 14.95 -38.65
N MET F 446 -59.24 14.23 -39.69
CA MET F 446 -60.22 13.16 -39.49
C MET F 446 -59.71 12.13 -38.51
N VAL F 447 -58.41 11.81 -38.56
CA VAL F 447 -57.84 10.89 -37.61
C VAL F 447 -57.99 11.42 -36.19
N GLY F 448 -58.06 12.75 -36.05
CA GLY F 448 -58.30 13.33 -34.73
C GLY F 448 -59.67 12.97 -34.18
N PHE F 449 -60.74 13.37 -34.85
CA PHE F 449 -62.07 12.98 -34.40
C PHE F 449 -62.22 11.47 -34.43
N LEU F 450 -61.46 10.81 -35.29
CA LEU F 450 -61.39 9.36 -35.22
C LEU F 450 -60.78 8.91 -33.89
N ALA F 451 -59.71 9.57 -33.45
CA ALA F 451 -59.04 9.17 -32.21
C ALA F 451 -59.98 9.35 -31.02
N THR F 452 -60.32 10.61 -30.71
CA THR F 452 -61.15 10.91 -29.55
C THR F 452 -62.57 10.39 -29.71
N GLY F 453 -62.95 9.95 -30.90
CA GLY F 453 -64.26 9.40 -31.08
C GLY F 453 -64.41 7.97 -30.64
N LEU F 454 -63.32 7.30 -30.30
CA LEU F 454 -63.45 5.89 -29.91
C LEU F 454 -62.78 5.58 -28.58
N ASP F 455 -61.65 6.22 -28.27
CA ASP F 455 -60.95 5.89 -27.03
C ASP F 455 -61.81 6.17 -25.80
N ALA F 456 -62.77 7.08 -25.92
CA ALA F 456 -63.67 7.40 -24.82
C ALA F 456 -65.06 6.86 -25.04
N SER F 457 -65.36 6.40 -26.26
CA SER F 457 -66.71 5.99 -26.61
C SER F 457 -67.01 4.55 -26.20
N LEU F 458 -66.30 4.06 -25.19
CA LEU F 458 -66.55 2.72 -24.68
C LEU F 458 -67.13 2.71 -23.27
N ILE F 459 -67.10 3.84 -22.56
CA ILE F 459 -67.76 3.94 -21.26
C ILE F 459 -69.26 3.71 -21.41
N PRO F 460 -69.93 4.12 -22.49
CA PRO F 460 -71.30 3.63 -22.67
C PRO F 460 -71.32 2.15 -22.90
N VAL F 461 -70.39 1.63 -23.69
CA VAL F 461 -70.26 0.19 -23.87
C VAL F 461 -69.92 -0.45 -22.53
N MET F 462 -69.11 0.21 -21.72
CA MET F 462 -68.75 -0.33 -20.42
C MET F 462 -69.98 -0.57 -19.56
N ALA F 463 -70.96 0.34 -19.65
CA ALA F 463 -72.18 0.20 -18.87
C ALA F 463 -73.00 -0.99 -19.34
N LEU F 464 -72.68 -1.55 -20.50
CA LEU F 464 -73.43 -2.69 -21.01
C LEU F 464 -72.90 -4.00 -20.46
N LEU F 465 -71.59 -4.22 -20.54
CA LEU F 465 -71.00 -5.50 -20.15
C LEU F 465 -71.37 -5.84 -18.72
N VAL F 466 -71.00 -4.98 -17.78
CA VAL F 466 -71.45 -5.14 -16.40
C VAL F 466 -72.95 -4.93 -16.32
N GLY F 467 -73.53 -4.23 -17.28
CA GLY F 467 -74.92 -3.84 -17.16
C GLY F 467 -75.13 -2.88 -16.00
N LEU F 468 -74.30 -1.84 -15.93
CA LEU F 468 -74.36 -0.93 -14.78
C LEU F 468 -75.69 -0.22 -14.70
N PHE F 469 -76.37 -0.03 -15.82
CA PHE F 469 -77.65 0.65 -15.85
C PHE F 469 -78.78 -0.31 -16.19
N SER F 470 -78.57 -1.60 -15.98
CA SER F 470 -79.65 -2.57 -16.02
C SER F 470 -80.32 -2.74 -14.67
N LEU F 471 -79.76 -2.14 -13.64
CA LEU F 471 -80.30 -2.26 -12.29
C LEU F 471 -81.60 -1.48 -12.15
N PRO G 8 3.14 51.71 -58.79
CA PRO G 8 1.85 51.94 -58.13
C PRO G 8 0.71 51.10 -58.70
N ILE G 9 0.97 49.82 -58.99
CA ILE G 9 -0.04 48.93 -59.54
C ILE G 9 -0.15 47.68 -58.69
N VAL G 10 -1.36 47.12 -58.65
CA VAL G 10 -1.67 45.88 -57.94
C VAL G 10 -2.72 45.11 -58.73
N ARG G 11 -2.35 43.99 -59.33
CA ARG G 11 -3.27 43.20 -60.14
C ARG G 11 -4.02 42.22 -59.24
N VAL G 12 -5.32 42.42 -59.13
CA VAL G 12 -6.15 41.55 -58.30
C VAL G 12 -7.24 40.93 -59.16
N ALA G 13 -8.13 40.16 -58.56
CA ALA G 13 -9.24 39.54 -59.26
C ALA G 13 -10.55 40.01 -58.67
N VAL G 14 -11.62 39.98 -59.47
CA VAL G 14 -12.91 40.47 -59.03
C VAL G 14 -14.00 39.49 -59.47
N LEU G 15 -15.11 39.48 -58.71
CA LEU G 15 -16.31 38.73 -59.01
C LEU G 15 -17.40 39.70 -59.46
N ALA G 16 -18.33 39.21 -60.27
CA ALA G 16 -19.46 40.01 -60.73
C ALA G 16 -20.29 40.51 -59.56
N GLY G 21 -22.94 35.12 -65.17
CA GLY G 21 -23.12 34.73 -63.78
C GLY G 21 -21.94 35.12 -62.91
N GLY G 22 -21.65 34.32 -61.89
CA GLY G 22 -20.52 34.59 -61.04
C GLY G 22 -19.25 33.98 -61.60
N ARG G 23 -18.51 34.78 -62.36
CA ARG G 23 -17.31 34.33 -63.04
C ARG G 23 -16.16 35.23 -62.62
N LEU G 24 -15.16 34.64 -61.98
CA LEU G 24 -14.01 35.41 -61.51
C LEU G 24 -13.23 35.94 -62.69
N THR G 25 -12.75 37.18 -62.57
CA THR G 25 -12.03 37.87 -63.64
C THR G 25 -10.66 38.32 -63.15
N GLU G 26 -9.70 38.30 -64.06
CA GLU G 26 -8.31 38.61 -63.78
C GLU G 26 -7.97 39.92 -64.47
N MET G 27 -7.29 40.83 -63.76
CA MET G 27 -6.94 42.11 -64.34
C MET G 27 -5.96 42.83 -63.42
N ALA G 28 -5.41 43.93 -63.92
CA ALA G 28 -4.50 44.79 -63.17
C ALA G 28 -5.17 46.13 -62.88
N LEU G 29 -4.66 46.83 -61.87
CA LEU G 29 -5.27 48.08 -61.42
C LEU G 29 -4.33 48.85 -60.50
N PRO G 30 -4.16 50.16 -60.71
CA PRO G 30 -3.35 50.96 -59.80
C PRO G 30 -4.13 51.32 -58.53
N SER G 31 -3.44 51.28 -57.39
CA SER G 31 -4.08 51.53 -56.10
C SER G 31 -3.94 52.98 -55.66
N GLU G 32 -2.90 53.67 -56.13
CA GLU G 32 -2.57 55.02 -55.66
C GLU G 32 -3.55 56.02 -56.25
N LEU G 33 -4.80 55.93 -55.80
CA LEU G 33 -5.88 56.78 -56.28
C LEU G 33 -7.13 56.53 -55.44
N PRO G 34 -7.93 57.56 -55.15
CA PRO G 34 -9.25 57.31 -54.57
C PRO G 34 -10.07 56.42 -55.48
N LEU G 35 -10.98 55.67 -54.89
CA LEU G 35 -11.73 54.70 -55.67
C LEU G 35 -12.72 55.35 -56.61
N ARG G 36 -12.88 56.66 -56.54
CA ARG G 36 -13.85 57.34 -57.40
C ARG G 36 -13.59 57.03 -58.87
N GLU G 37 -12.32 56.96 -59.27
CA GLU G 37 -11.93 56.71 -60.64
C GLU G 37 -11.52 55.27 -60.89
N ILE G 38 -12.10 54.33 -60.14
CA ILE G 38 -11.63 52.96 -60.10
C ILE G 38 -12.75 51.97 -60.42
N LEU G 39 -13.83 52.02 -59.64
CA LEU G 39 -14.80 50.92 -59.67
C LEU G 39 -15.55 50.77 -60.99
N PRO G 40 -15.96 51.83 -61.70
CA PRO G 40 -16.64 51.58 -62.98
C PRO G 40 -15.70 51.09 -64.06
N ALA G 41 -14.41 51.38 -63.93
CA ALA G 41 -13.44 50.99 -64.96
C ALA G 41 -13.47 49.49 -65.20
N VAL G 42 -13.51 48.70 -64.12
CA VAL G 42 -13.59 47.25 -64.30
C VAL G 42 -15.03 46.83 -64.56
N GLN G 43 -15.99 47.61 -64.08
CA GLN G 43 -17.39 47.38 -64.45
C GLN G 43 -17.60 47.43 -65.95
N ARG G 44 -16.75 48.15 -66.67
CA ARG G 44 -16.67 48.02 -68.11
C ARG G 44 -16.35 46.60 -68.54
N ILE G 45 -15.49 45.92 -67.79
CA ILE G 45 -15.05 44.58 -68.18
C ILE G 45 -16.02 43.51 -67.69
N VAL G 46 -16.43 43.58 -66.43
CA VAL G 46 -17.22 42.50 -65.85
C VAL G 46 -18.69 42.61 -66.24
N GLN G 47 -19.14 43.81 -66.57
CA GLN G 47 -20.54 44.02 -66.93
C GLN G 47 -20.66 44.41 -68.40
N VAL G 65 -28.36 52.39 -57.19
CA VAL G 65 -27.49 51.37 -56.62
C VAL G 65 -26.15 51.98 -56.30
N ARG G 66 -25.32 51.27 -55.53
CA ARG G 66 -23.95 51.71 -55.27
C ARG G 66 -23.05 50.48 -55.11
N LEU G 67 -22.36 50.14 -56.18
CA LEU G 67 -21.44 49.01 -56.20
C LEU G 67 -20.02 49.48 -55.93
N SER G 68 -19.25 48.65 -55.23
CA SER G 68 -17.89 49.00 -54.85
C SER G 68 -17.11 47.73 -54.56
N LEU G 69 -15.82 47.91 -54.28
CA LEU G 69 -14.93 46.76 -54.04
C LEU G 69 -14.93 46.38 -52.57
N ALA G 70 -14.54 45.13 -52.30
CA ALA G 70 -14.57 44.55 -50.97
C ALA G 70 -13.69 43.32 -50.90
N PRO G 71 -12.86 43.20 -49.87
CA PRO G 71 -12.23 41.90 -49.59
C PRO G 71 -13.31 40.91 -49.18
N ILE G 72 -13.07 39.64 -49.53
CA ILE G 72 -14.10 38.62 -49.34
C ILE G 72 -14.41 38.51 -47.85
N GLY G 73 -15.69 38.37 -47.53
CA GLY G 73 -16.10 38.17 -46.15
C GLY G 73 -15.95 39.38 -45.27
N GLY G 74 -15.76 40.55 -45.87
CA GLY G 74 -15.69 41.78 -45.11
C GLY G 74 -16.60 42.83 -45.71
N ALA G 75 -16.77 43.92 -44.96
CA ALA G 75 -17.56 45.03 -45.45
C ALA G 75 -16.85 45.69 -46.63
N PRO G 76 -17.61 46.29 -47.55
CA PRO G 76 -17.00 46.91 -48.72
C PRO G 76 -16.05 48.05 -48.37
N PHE G 77 -15.30 48.48 -49.37
CA PHE G 77 -14.29 49.51 -49.20
C PHE G 77 -14.94 50.87 -48.95
N SER G 78 -14.15 51.78 -48.39
CA SER G 78 -14.57 53.17 -48.28
C SER G 78 -14.22 53.91 -49.56
N LEU G 79 -15.21 54.57 -50.17
CA LEU G 79 -15.08 54.99 -51.56
C LEU G 79 -14.03 56.08 -51.76
N ASP G 80 -13.74 56.87 -50.74
CA ASP G 80 -12.86 58.03 -50.90
C ASP G 80 -11.50 57.83 -50.26
N ALA G 81 -11.13 56.59 -49.96
CA ALA G 81 -9.79 56.26 -49.49
C ALA G 81 -9.16 55.27 -50.45
N THR G 82 -7.89 55.48 -50.75
CA THR G 82 -7.22 54.60 -51.69
C THR G 82 -7.08 53.21 -51.08
N LEU G 83 -7.01 52.20 -51.95
CA LEU G 83 -6.80 50.84 -51.50
C LEU G 83 -5.51 50.68 -50.73
N ASP G 84 -4.52 51.54 -50.97
CA ASP G 84 -3.22 51.45 -50.32
C ASP G 84 -3.24 51.90 -48.87
N THR G 85 -4.30 52.59 -48.45
CA THR G 85 -4.44 52.91 -47.04
C THR G 85 -5.16 51.82 -46.26
N VAL G 86 -6.09 51.11 -46.90
CA VAL G 86 -6.73 49.98 -46.25
C VAL G 86 -5.81 48.75 -46.23
N GLY G 87 -4.82 48.70 -47.11
CA GLY G 87 -3.86 47.62 -47.14
C GLY G 87 -4.14 46.53 -48.15
N VAL G 88 -4.28 46.91 -49.42
CA VAL G 88 -4.47 45.94 -50.50
C VAL G 88 -3.10 45.57 -51.07
N VAL G 89 -2.75 44.31 -50.92
CA VAL G 89 -1.51 43.78 -51.48
C VAL G 89 -1.81 43.19 -52.86
N ASP G 90 -0.78 43.16 -53.70
CA ASP G 90 -0.94 42.67 -55.06
C ASP G 90 -1.32 41.20 -55.02
N GLY G 91 -2.57 40.89 -55.35
CA GLY G 91 -3.04 39.52 -55.31
C GLY G 91 -4.16 39.22 -54.33
N ASP G 92 -5.08 40.15 -54.13
CA ASP G 92 -6.25 39.87 -53.29
C ASP G 92 -7.46 39.59 -54.14
N LEU G 93 -8.55 39.28 -53.45
CA LEU G 93 -9.84 38.97 -54.06
C LEU G 93 -10.82 40.04 -53.62
N LEU G 94 -11.36 40.77 -54.58
CA LEU G 94 -12.22 41.90 -54.29
C LEU G 94 -13.55 41.73 -55.01
N ALA G 95 -14.62 42.13 -54.34
CA ALA G 95 -15.97 41.84 -54.82
C ALA G 95 -16.74 43.11 -55.09
N LEU G 96 -17.45 43.13 -56.21
CA LEU G 96 -18.27 44.27 -56.62
C LEU G 96 -19.69 44.03 -56.15
N GLN G 97 -19.92 44.24 -54.86
CA GLN G 97 -21.26 44.18 -54.30
C GLN G 97 -21.58 45.53 -53.69
N ALA G 98 -22.83 45.70 -53.26
CA ALA G 98 -23.35 47.01 -52.90
C ALA G 98 -22.64 47.59 -51.67
N VAL G 99 -23.05 48.80 -51.30
CA VAL G 99 -22.41 49.51 -50.19
C VAL G 99 -23.36 49.52 -49.00
N PRO G 100 -22.87 49.26 -47.79
CA PRO G 100 -23.73 49.27 -46.60
C PRO G 100 -24.22 50.67 -46.28
N SER G 101 -25.54 50.82 -46.21
CA SER G 101 -26.17 52.05 -45.74
C SER G 101 -26.41 51.89 -44.24
N GLY G 102 -25.33 51.70 -43.49
CA GLY G 102 -25.41 51.38 -42.09
C GLY G 102 -24.09 50.99 -41.48
N PRO G 103 -24.07 49.86 -40.79
CA PRO G 103 -22.89 49.46 -40.01
C PRO G 103 -21.94 48.60 -40.82
N PRO G 104 -20.66 48.59 -40.45
CA PRO G 104 -19.68 47.74 -41.14
C PRO G 104 -19.59 46.31 -40.62
N ALA G 105 -20.50 45.89 -39.74
CA ALA G 105 -20.66 44.50 -39.32
C ALA G 105 -19.39 43.91 -38.69
N PRO G 106 -19.03 44.32 -37.47
CA PRO G 106 -17.85 43.74 -36.81
C PRO G 106 -17.97 42.26 -36.43
N ARG G 107 -19.02 41.55 -36.86
CA ARG G 107 -19.14 40.09 -36.79
C ARG G 107 -18.79 39.55 -35.40
N ILE G 108 -19.66 39.89 -34.45
CA ILE G 108 -19.46 39.50 -33.05
C ILE G 108 -19.22 38.00 -32.93
N VAL G 109 -18.15 37.65 -32.24
CA VAL G 109 -17.74 36.26 -32.03
C VAL G 109 -18.06 35.86 -30.60
N GLU G 110 -18.61 34.67 -30.43
CA GLU G 110 -18.76 34.08 -29.10
C GLU G 110 -17.89 32.84 -28.99
N ASP G 111 -17.37 32.61 -27.80
CA ASP G 111 -16.46 31.49 -27.58
C ASP G 111 -17.24 30.20 -27.39
N ILE G 112 -16.61 29.09 -27.78
CA ILE G 112 -17.16 27.76 -27.62
C ILE G 112 -16.19 26.96 -26.77
N ALA G 113 -16.73 25.98 -26.02
CA ALA G 113 -15.93 25.26 -25.04
C ALA G 113 -15.91 23.74 -25.23
N ASP G 114 -16.96 23.14 -25.77
CA ASP G 114 -17.11 21.68 -25.80
C ASP G 114 -17.59 21.23 -27.19
N ALA G 115 -16.93 21.73 -28.24
CA ALA G 115 -17.45 21.58 -29.59
C ALA G 115 -17.81 20.15 -29.96
N ALA G 116 -17.33 19.16 -29.21
CA ALA G 116 -17.72 17.79 -29.50
C ALA G 116 -19.21 17.55 -29.32
N VAL G 117 -19.86 18.25 -28.38
CA VAL G 117 -21.25 17.95 -28.08
C VAL G 117 -22.18 18.44 -29.18
N ILE G 118 -21.69 19.33 -30.05
CA ILE G 118 -22.53 19.80 -31.14
C ILE G 118 -22.72 18.70 -32.18
N PHE G 119 -21.64 17.99 -32.51
CA PHE G 119 -21.76 16.93 -33.49
C PHE G 119 -22.55 15.76 -32.96
N SER G 120 -22.33 15.39 -31.70
CA SER G 120 -22.99 14.23 -31.13
C SER G 120 -24.51 14.36 -31.16
N GLU G 121 -25.04 15.57 -31.27
CA GLU G 121 -26.47 15.70 -31.49
C GLU G 121 -26.80 15.63 -32.97
N ALA G 122 -25.86 16.02 -33.83
CA ALA G 122 -26.10 15.91 -35.26
C ALA G 122 -26.24 14.46 -35.70
N ARG G 123 -25.33 13.60 -35.23
CA ARG G 123 -25.47 12.17 -35.50
C ARG G 123 -26.73 11.61 -34.87
N ARG G 124 -27.08 12.06 -33.67
CA ARG G 124 -28.25 11.55 -32.95
C ARG G 124 -29.50 12.14 -33.59
N ARG G 125 -29.77 11.69 -34.81
CA ARG G 125 -31.02 12.02 -35.48
C ARG G 125 -32.20 11.55 -34.64
N GLN G 126 -33.40 11.95 -35.06
CA GLN G 126 -34.61 11.68 -34.29
C GLN G 126 -35.04 10.23 -34.45
N TRP G 127 -36.27 9.92 -34.03
CA TRP G 127 -36.92 8.64 -34.23
C TRP G 127 -36.60 8.08 -35.61
N GLY G 128 -36.99 8.80 -36.66
CA GLY G 128 -36.58 8.48 -38.00
C GLY G 128 -36.97 7.09 -38.45
N PRO G 129 -36.49 6.71 -39.62
CA PRO G 129 -36.80 5.39 -40.15
C PRO G 129 -35.82 4.35 -39.64
N THR G 130 -34.97 4.76 -38.71
CA THR G 130 -33.98 3.84 -38.17
C THR G 130 -34.57 3.00 -37.05
N HIS G 131 -35.20 3.64 -36.08
CA HIS G 131 -35.83 2.89 -34.99
C HIS G 131 -36.99 2.06 -35.48
N ILE G 132 -37.46 2.28 -36.70
CA ILE G 132 -38.46 1.40 -37.27
C ILE G 132 -37.87 0.03 -37.55
N ALA G 133 -36.63 -0.01 -38.01
CA ALA G 133 -36.03 -1.29 -38.38
C ALA G 133 -35.89 -2.20 -37.17
N ARG G 134 -35.36 -1.68 -36.06
CA ARG G 134 -35.26 -2.49 -34.86
C ARG G 134 -36.61 -3.04 -34.45
N GLY G 135 -37.63 -2.19 -34.48
CA GLY G 135 -38.97 -2.66 -34.21
C GLY G 135 -39.44 -3.66 -35.26
N ALA G 136 -38.95 -3.54 -36.48
CA ALA G 136 -39.36 -4.47 -37.52
C ALA G 136 -38.88 -5.87 -37.22
N ALA G 137 -37.56 -6.08 -37.14
CA ALA G 137 -37.04 -7.42 -36.92
C ALA G 137 -37.44 -7.96 -35.57
N LEU G 138 -37.19 -7.21 -34.49
CA LEU G 138 -37.54 -7.67 -33.15
C LEU G 138 -39.01 -8.05 -33.08
N ALA G 139 -39.83 -7.53 -34.00
CA ALA G 139 -41.17 -8.08 -34.14
C ALA G 139 -41.16 -9.38 -34.89
N LEU G 140 -40.43 -9.44 -36.00
CA LEU G 140 -40.45 -10.63 -36.83
C LEU G 140 -39.85 -11.82 -36.11
N ILE G 141 -38.78 -11.60 -35.35
CA ILE G 141 -38.14 -12.70 -34.65
C ILE G 141 -39.11 -13.36 -33.68
N GLY G 142 -39.76 -12.57 -32.84
CA GLY G 142 -40.70 -13.14 -31.90
C GLY G 142 -41.84 -13.85 -32.58
N LEU G 143 -42.20 -13.40 -33.78
CA LEU G 143 -43.29 -14.05 -34.51
C LEU G 143 -42.93 -15.48 -34.86
N ILE G 144 -41.73 -15.69 -35.40
CA ILE G 144 -41.29 -17.05 -35.73
C ILE G 144 -41.17 -17.87 -34.45
N LEU G 145 -40.55 -17.29 -33.43
CA LEU G 145 -40.20 -18.03 -32.22
C LEU G 145 -41.44 -18.60 -31.56
N VAL G 146 -42.52 -17.82 -31.50
CA VAL G 146 -43.78 -18.36 -31.04
C VAL G 146 -44.40 -19.25 -32.11
N GLY G 147 -44.12 -19.00 -33.38
CA GLY G 147 -44.68 -19.83 -34.43
C GLY G 147 -44.36 -21.28 -34.27
N THR G 148 -43.08 -21.62 -34.07
CA THR G 148 -42.71 -23.01 -33.87
C THR G 148 -43.25 -23.53 -32.56
N GLY G 149 -42.94 -22.83 -31.46
CA GLY G 149 -43.36 -23.31 -30.16
C GLY G 149 -44.84 -23.63 -30.09
N LEU G 150 -45.67 -22.72 -30.61
CA LEU G 150 -47.10 -22.99 -30.68
C LEU G 150 -47.37 -24.32 -31.34
N SER G 151 -46.81 -24.55 -32.53
CA SER G 151 -47.14 -25.75 -33.26
C SER G 151 -46.65 -27.00 -32.54
N VAL G 152 -45.46 -26.95 -31.97
CA VAL G 152 -44.94 -28.16 -31.33
C VAL G 152 -45.45 -28.28 -29.91
N ALA G 153 -45.71 -27.17 -29.22
CA ALA G 153 -46.44 -27.28 -27.96
C ALA G 153 -47.89 -27.67 -28.21
N HIS G 154 -48.40 -27.37 -29.40
CA HIS G 154 -49.60 -28.07 -29.84
C HIS G 154 -49.34 -29.57 -29.87
N ARG G 155 -48.13 -29.96 -30.28
CA ARG G 155 -47.79 -31.37 -30.39
C ARG G 155 -47.35 -31.96 -29.04
N VAL G 156 -46.91 -31.12 -28.09
CA VAL G 156 -46.51 -31.62 -26.77
C VAL G 156 -47.72 -32.20 -26.04
N ILE G 157 -48.90 -32.14 -26.67
CA ILE G 157 -50.08 -32.82 -26.14
C ILE G 157 -50.65 -33.79 -27.19
N THR G 158 -50.74 -33.34 -28.44
CA THR G 158 -51.40 -34.12 -29.48
C THR G 158 -51.02 -33.56 -30.84
N GLY G 159 -51.35 -34.27 -31.91
CA GLY G 159 -51.01 -33.70 -33.19
C GLY G 159 -51.51 -34.34 -34.46
N ASP G 160 -51.97 -33.51 -35.39
CA ASP G 160 -52.17 -33.88 -36.78
C ASP G 160 -51.11 -33.18 -37.62
N LEU G 161 -51.17 -33.30 -38.95
CA LEU G 161 -50.14 -32.69 -39.79
C LEU G 161 -50.15 -31.18 -39.68
N LEU G 162 -51.29 -30.58 -39.34
CA LEU G 162 -51.29 -29.15 -39.06
C LEU G 162 -50.23 -28.80 -38.02
N GLY G 163 -49.99 -29.69 -37.06
CA GLY G 163 -48.89 -29.49 -36.14
C GLY G 163 -47.55 -29.40 -36.83
N GLN G 164 -47.47 -29.83 -38.10
CA GLN G 164 -46.20 -29.85 -38.79
C GLN G 164 -46.15 -28.99 -40.04
N PHE G 165 -47.25 -28.84 -40.77
CA PHE G 165 -47.21 -27.97 -41.94
C PHE G 165 -46.82 -26.55 -41.54
N ILE G 166 -47.18 -26.13 -40.33
CA ILE G 166 -46.79 -24.81 -39.87
C ILE G 166 -45.28 -24.74 -39.64
N VAL G 167 -44.75 -25.71 -38.89
CA VAL G 167 -43.31 -25.71 -38.59
C VAL G 167 -42.51 -25.66 -39.87
N SER G 168 -42.92 -26.42 -40.88
CA SER G 168 -42.19 -26.44 -42.14
C SER G 168 -42.19 -25.08 -42.81
N GLY G 169 -43.37 -24.57 -43.15
CA GLY G 169 -43.44 -23.29 -43.84
C GLY G 169 -42.75 -22.18 -43.08
N ILE G 170 -42.76 -22.25 -41.76
CA ILE G 170 -42.01 -21.29 -40.96
C ILE G 170 -40.52 -21.40 -41.25
N ALA G 171 -39.98 -22.62 -41.15
CA ALA G 171 -38.56 -22.82 -41.37
C ALA G 171 -38.19 -22.54 -42.81
N LEU G 172 -39.10 -22.79 -43.74
CA LEU G 172 -38.81 -22.52 -45.13
C LEU G 172 -38.73 -21.01 -45.39
N ALA G 173 -39.61 -20.25 -44.74
CA ALA G 173 -39.62 -18.81 -44.96
C ALA G 173 -38.33 -18.15 -44.50
N THR G 174 -37.79 -18.60 -43.37
CA THR G 174 -36.66 -17.88 -42.78
C THR G 174 -35.37 -18.10 -43.56
N VAL G 175 -34.94 -19.37 -43.68
CA VAL G 175 -33.73 -19.64 -44.45
C VAL G 175 -33.81 -19.06 -45.84
N ILE G 176 -35.01 -18.96 -46.42
CA ILE G 176 -35.21 -18.18 -47.62
C ILE G 176 -34.92 -16.71 -47.36
N ALA G 177 -35.52 -16.15 -46.31
CA ALA G 177 -35.31 -14.74 -46.00
C ALA G 177 -33.88 -14.47 -45.58
N ALA G 178 -33.17 -15.48 -45.08
CA ALA G 178 -31.81 -15.23 -44.61
C ALA G 178 -30.85 -14.97 -45.75
N LEU G 179 -30.69 -15.91 -46.67
CA LEU G 179 -29.82 -15.75 -47.81
C LEU G 179 -30.16 -14.53 -48.65
N ALA G 180 -31.40 -14.05 -48.54
CA ALA G 180 -31.91 -13.01 -49.40
C ALA G 180 -31.38 -11.62 -49.07
N VAL G 181 -31.29 -11.27 -47.80
CA VAL G 181 -30.94 -9.91 -47.42
C VAL G 181 -29.46 -9.82 -47.15
N ARG G 182 -28.72 -10.86 -47.52
CA ARG G 182 -27.31 -10.95 -47.14
C ARG G 182 -26.50 -9.79 -47.69
N ASN G 183 -26.79 -9.37 -48.92
CA ASN G 183 -26.05 -8.29 -49.56
C ASN G 183 -26.79 -6.96 -49.48
N ARG G 184 -27.85 -6.86 -48.68
CA ARG G 184 -28.59 -5.61 -48.59
C ARG G 184 -28.30 -4.87 -47.29
N SER G 185 -28.25 -5.56 -46.18
CA SER G 185 -27.89 -4.90 -44.93
C SER G 185 -26.82 -5.66 -44.14
N ALA G 186 -26.72 -6.97 -44.33
CA ALA G 186 -25.69 -7.83 -43.77
C ALA G 186 -25.78 -7.98 -42.25
N VAL G 187 -26.63 -7.19 -41.58
CA VAL G 187 -26.81 -7.30 -40.14
C VAL G 187 -28.10 -8.03 -39.81
N LEU G 188 -29.16 -7.74 -40.54
CA LEU G 188 -30.40 -8.49 -40.36
C LEU G 188 -30.25 -9.92 -40.81
N ALA G 189 -29.30 -10.17 -41.71
CA ALA G 189 -29.09 -11.54 -42.19
C ALA G 189 -28.80 -12.48 -41.05
N THR G 190 -27.67 -12.28 -40.37
CA THR G 190 -27.32 -13.13 -39.23
C THR G 190 -28.37 -13.10 -38.15
N SER G 191 -29.06 -11.98 -37.98
CA SER G 191 -30.11 -11.89 -36.96
C SER G 191 -31.16 -12.96 -37.18
N LEU G 192 -31.55 -13.17 -38.44
CA LEU G 192 -32.55 -14.20 -38.72
C LEU G 192 -31.93 -15.58 -38.82
N ALA G 193 -30.76 -15.68 -39.45
CA ALA G 193 -30.12 -16.97 -39.58
C ALA G 193 -29.93 -17.65 -38.24
N VAL G 194 -29.58 -16.89 -37.20
CA VAL G 194 -29.39 -17.49 -35.88
C VAL G 194 -30.69 -18.09 -35.37
N THR G 195 -31.76 -17.31 -35.39
CA THR G 195 -33.05 -17.85 -35.02
C THR G 195 -33.66 -18.70 -36.11
N ALA G 196 -32.96 -18.87 -37.24
CA ALA G 196 -33.49 -19.73 -38.27
C ALA G 196 -33.46 -21.20 -37.87
N LEU G 197 -32.64 -21.57 -36.88
CA LEU G 197 -32.42 -22.98 -36.58
C LEU G 197 -33.23 -23.46 -35.40
N VAL G 198 -33.94 -22.59 -34.71
CA VAL G 198 -34.88 -23.06 -33.69
C VAL G 198 -36.11 -23.67 -34.36
N PRO G 199 -36.57 -23.22 -35.54
CA PRO G 199 -37.59 -24.01 -36.24
C PRO G 199 -37.01 -25.12 -37.07
N VAL G 200 -35.78 -24.98 -37.56
CA VAL G 200 -35.18 -26.04 -38.37
C VAL G 200 -35.10 -27.33 -37.58
N ALA G 201 -34.41 -27.32 -36.45
CA ALA G 201 -34.29 -28.51 -35.63
C ALA G 201 -35.61 -28.98 -35.08
N ALA G 202 -36.69 -28.21 -35.26
CA ALA G 202 -38.00 -28.64 -34.81
C ALA G 202 -38.80 -29.32 -35.91
N ALA G 203 -38.59 -28.96 -37.17
CA ALA G 203 -39.27 -29.65 -38.24
C ALA G 203 -38.83 -31.10 -38.34
N PHE G 204 -37.51 -31.33 -38.42
CA PHE G 204 -36.94 -32.64 -38.60
C PHE G 204 -37.40 -33.65 -37.56
N ALA G 205 -37.29 -33.33 -36.27
CA ALA G 205 -37.44 -34.34 -35.23
C ALA G 205 -38.81 -34.99 -35.28
N LEU G 206 -39.87 -34.20 -35.16
CA LEU G 206 -41.22 -34.74 -35.07
C LEU G 206 -41.76 -35.23 -36.41
N GLY G 207 -41.02 -35.00 -37.49
CA GLY G 207 -41.45 -35.53 -38.77
C GLY G 207 -41.53 -37.05 -38.77
N VAL G 208 -40.44 -37.69 -38.37
CA VAL G 208 -40.42 -39.15 -38.25
C VAL G 208 -41.29 -39.55 -37.06
N PRO G 209 -42.14 -40.56 -37.19
CA PRO G 209 -42.92 -41.04 -36.04
C PRO G 209 -42.07 -41.90 -35.11
N GLY G 210 -42.48 -41.92 -33.84
CA GLY G 210 -41.74 -42.64 -32.83
C GLY G 210 -41.40 -41.80 -31.60
N ASP G 211 -40.13 -41.57 -31.37
CA ASP G 211 -39.67 -40.82 -30.20
C ASP G 211 -39.38 -39.36 -30.51
N ALA G 214 -31.88 -43.02 -29.85
CA ALA G 214 -32.94 -42.21 -30.40
C ALA G 214 -32.57 -41.72 -31.78
N PRO G 215 -33.31 -42.16 -32.80
CA PRO G 215 -32.97 -41.79 -34.18
C PRO G 215 -33.40 -40.40 -34.57
N ASN G 216 -34.46 -39.86 -33.98
CA ASN G 216 -34.94 -38.55 -34.37
C ASN G 216 -33.96 -37.47 -33.95
N VAL G 217 -33.29 -37.68 -32.82
CA VAL G 217 -32.31 -36.71 -32.34
C VAL G 217 -31.21 -36.51 -33.36
N LEU G 218 -30.59 -37.60 -33.83
CA LEU G 218 -29.57 -37.47 -34.86
C LEU G 218 -30.10 -36.74 -36.07
N LEU G 219 -31.38 -36.94 -36.39
CA LEU G 219 -31.97 -36.17 -37.48
C LEU G 219 -31.95 -34.69 -37.17
N ALA G 220 -32.21 -34.32 -35.92
CA ALA G 220 -32.15 -32.92 -35.56
C ALA G 220 -30.73 -32.39 -35.68
N ALA G 221 -29.76 -33.09 -35.08
CA ALA G 221 -28.38 -32.62 -35.14
C ALA G 221 -27.87 -32.57 -36.56
N ALA G 222 -28.53 -33.27 -37.48
CA ALA G 222 -28.20 -33.09 -38.88
C ALA G 222 -28.73 -31.76 -39.39
N GLY G 223 -29.89 -31.34 -38.88
CA GLY G 223 -30.50 -30.12 -39.39
C GLY G 223 -29.66 -28.90 -39.08
N VAL G 224 -29.31 -28.71 -37.80
CA VAL G 224 -28.61 -27.49 -37.42
C VAL G 224 -27.15 -27.51 -37.85
N ALA G 225 -26.44 -28.61 -37.59
CA ALA G 225 -25.04 -28.68 -37.94
C ALA G 225 -24.83 -28.58 -39.44
N ALA G 226 -25.89 -28.78 -40.22
CA ALA G 226 -25.81 -28.46 -41.63
C ALA G 226 -26.07 -26.97 -41.84
N TRP G 227 -27.15 -26.46 -41.28
CA TRP G 227 -27.48 -25.06 -41.48
C TRP G 227 -26.42 -24.14 -40.91
N SER G 228 -25.95 -24.42 -39.70
CA SER G 228 -24.93 -23.57 -39.10
C SER G 228 -23.68 -23.47 -39.94
N LEU G 229 -23.29 -24.51 -40.63
CA LEU G 229 -22.10 -24.47 -41.45
C LEU G 229 -22.31 -23.72 -42.75
N ILE G 230 -23.56 -23.50 -43.14
CA ILE G 230 -23.81 -22.75 -44.36
C ILE G 230 -23.58 -21.27 -44.14
N SER G 231 -24.33 -20.67 -43.21
CA SER G 231 -24.19 -19.25 -42.95
C SER G 231 -22.77 -18.88 -42.55
N MET G 232 -22.09 -19.75 -41.79
CA MET G 232 -20.70 -19.54 -41.48
C MET G 232 -19.87 -19.35 -42.73
N ALA G 233 -20.29 -19.94 -43.85
CA ALA G 233 -19.44 -19.97 -45.03
C ALA G 233 -19.41 -18.62 -45.74
N GLY G 234 -20.54 -18.20 -46.29
CA GLY G 234 -20.56 -17.01 -47.10
C GLY G 234 -20.80 -15.74 -46.31
N SER G 235 -19.80 -15.33 -45.53
CA SER G 235 -19.99 -14.20 -44.63
C SER G 235 -18.77 -13.30 -44.76
N PRO G 236 -18.90 -12.03 -44.42
CA PRO G 236 -17.71 -11.18 -44.29
C PRO G 236 -16.91 -11.58 -43.07
N ASP G 237 -15.93 -10.76 -42.70
CA ASP G 237 -15.00 -11.10 -41.63
C ASP G 237 -15.72 -11.61 -40.39
N ASP G 238 -16.53 -10.76 -39.76
CA ASP G 238 -17.05 -11.12 -38.45
C ASP G 238 -18.58 -11.14 -38.45
N ARG G 239 -19.14 -11.28 -37.25
CA ARG G 239 -20.52 -11.63 -36.94
C ARG G 239 -20.77 -13.09 -37.22
N GLY G 240 -19.85 -13.77 -37.90
CA GLY G 240 -19.77 -15.21 -37.95
C GLY G 240 -19.03 -15.61 -36.71
N ILE G 241 -19.49 -15.00 -35.63
CA ILE G 241 -18.91 -15.13 -34.30
C ILE G 241 -19.17 -16.55 -33.83
N ALA G 242 -18.60 -16.85 -32.67
CA ALA G 242 -18.77 -18.13 -32.02
C ALA G 242 -20.13 -18.75 -32.31
N VAL G 243 -21.19 -17.97 -32.18
CA VAL G 243 -22.54 -18.51 -32.19
C VAL G 243 -22.75 -19.43 -33.37
N PHE G 244 -21.96 -19.27 -34.42
CA PHE G 244 -22.10 -20.19 -35.55
C PHE G 244 -21.11 -21.33 -35.47
N THR G 245 -19.85 -21.05 -35.11
CA THR G 245 -18.90 -22.14 -35.03
C THR G 245 -19.09 -22.97 -33.78
N ALA G 246 -19.87 -22.49 -32.81
CA ALA G 246 -20.07 -23.27 -31.61
C ALA G 246 -21.38 -24.05 -31.66
N THR G 247 -22.28 -23.69 -32.57
CA THR G 247 -23.40 -24.56 -32.82
C THR G 247 -23.02 -25.68 -33.76
N ALA G 248 -22.10 -25.42 -34.68
CA ALA G 248 -21.70 -26.49 -35.60
C ALA G 248 -21.10 -27.66 -34.85
N VAL G 249 -20.19 -27.40 -33.93
CA VAL G 249 -19.48 -28.49 -33.28
C VAL G 249 -20.43 -29.32 -32.42
N THR G 250 -21.12 -28.69 -31.47
CA THR G 250 -22.05 -29.45 -30.64
C THR G 250 -23.13 -30.08 -31.49
N GLY G 251 -23.31 -29.60 -32.72
CA GLY G 251 -24.11 -30.35 -33.67
C GLY G 251 -23.44 -31.65 -34.06
N VAL G 252 -22.18 -31.57 -34.50
CA VAL G 252 -21.46 -32.76 -34.93
C VAL G 252 -21.22 -33.69 -33.76
N GLY G 253 -20.98 -33.14 -32.58
CA GLY G 253 -20.73 -33.98 -31.43
C GLY G 253 -21.91 -34.88 -31.11
N VAL G 254 -23.06 -34.28 -30.79
CA VAL G 254 -24.23 -35.10 -30.50
C VAL G 254 -24.64 -35.88 -31.72
N LEU G 255 -24.17 -35.48 -32.90
CA LEU G 255 -24.44 -36.28 -34.09
C LEU G 255 -23.85 -37.68 -33.94
N LEU G 256 -22.56 -37.76 -33.63
CA LEU G 256 -21.90 -39.06 -33.57
C LEU G 256 -22.40 -39.94 -32.44
N VAL G 257 -22.59 -39.40 -31.24
CA VAL G 257 -23.06 -40.22 -30.14
C VAL G 257 -24.49 -40.70 -30.38
N ALA G 258 -25.34 -39.86 -30.98
CA ALA G 258 -26.62 -40.38 -31.44
C ALA G 258 -26.39 -41.45 -32.50
N GLY G 259 -25.32 -41.32 -33.28
CA GLY G 259 -25.02 -42.28 -34.33
C GLY G 259 -24.73 -43.68 -33.82
N ALA G 260 -24.37 -43.83 -32.55
CA ALA G 260 -24.09 -45.14 -32.01
C ALA G 260 -25.29 -45.75 -31.31
N ALA G 261 -25.90 -45.05 -30.36
CA ALA G 261 -27.07 -45.58 -29.67
C ALA G 261 -28.21 -45.88 -30.63
N SER G 262 -28.10 -45.43 -31.88
CA SER G 262 -29.05 -45.81 -32.92
C SER G 262 -28.71 -47.16 -33.55
N LEU G 263 -27.45 -47.39 -33.91
CA LEU G 263 -27.07 -48.64 -34.55
C LEU G 263 -26.98 -49.77 -33.54
N TRP G 264 -26.03 -49.66 -32.61
CA TRP G 264 -25.99 -50.56 -31.47
C TRP G 264 -26.97 -50.08 -30.41
N VAL G 265 -26.93 -50.74 -29.26
CA VAL G 265 -27.74 -50.30 -28.13
C VAL G 265 -26.85 -50.14 -26.90
N ILE G 266 -26.95 -49.00 -26.23
CA ILE G 266 -26.21 -48.74 -25.01
C ILE G 266 -27.10 -48.00 -24.03
N SER G 267 -26.82 -48.17 -22.74
CA SER G 267 -27.64 -47.60 -21.68
C SER G 267 -27.20 -46.19 -21.36
N SER G 268 -27.70 -45.66 -20.24
CA SER G 268 -27.10 -44.47 -19.67
C SER G 268 -25.76 -44.84 -19.03
N ASP G 269 -25.11 -43.85 -18.43
CA ASP G 269 -23.81 -43.99 -17.78
C ASP G 269 -22.71 -44.31 -18.77
N VAL G 270 -23.05 -44.50 -20.04
CA VAL G 270 -22.06 -44.57 -21.10
C VAL G 270 -22.25 -43.50 -22.15
N ILE G 271 -23.48 -43.05 -22.39
CA ILE G 271 -23.65 -41.90 -23.25
C ILE G 271 -23.19 -40.64 -22.55
N GLY G 272 -23.38 -40.55 -21.23
CA GLY G 272 -22.86 -39.43 -20.48
C GLY G 272 -21.35 -39.34 -20.60
N CYS G 273 -20.66 -40.39 -20.19
CA CYS G 273 -19.21 -40.39 -20.32
C CYS G 273 -18.79 -40.34 -21.76
N ALA G 274 -19.67 -40.73 -22.68
CA ALA G 274 -19.39 -40.49 -24.09
C ALA G 274 -19.22 -39.00 -24.36
N LEU G 275 -19.90 -38.15 -23.60
CA LEU G 275 -19.77 -36.72 -23.84
C LEU G 275 -18.59 -36.13 -23.08
N VAL G 276 -18.52 -36.37 -21.77
CA VAL G 276 -17.53 -35.68 -20.94
C VAL G 276 -16.15 -35.75 -21.55
N LEU G 277 -15.84 -36.84 -22.26
CA LEU G 277 -14.62 -36.88 -23.02
C LEU G 277 -14.72 -36.00 -24.27
N LEU G 278 -15.87 -36.04 -24.95
CA LEU G 278 -16.03 -35.24 -26.16
C LEU G 278 -15.95 -33.76 -25.85
N GLY G 279 -16.12 -33.38 -24.58
CA GLY G 279 -15.93 -32.00 -24.20
C GLY G 279 -14.47 -31.65 -23.99
N LEU G 280 -13.71 -32.57 -23.39
CA LEU G 280 -12.31 -32.29 -23.12
C LEU G 280 -11.45 -32.50 -24.36
N ILE G 281 -11.87 -33.42 -25.22
CA ILE G 281 -11.16 -33.62 -26.48
C ILE G 281 -11.07 -32.32 -27.26
N VAL G 282 -12.17 -31.57 -27.30
CA VAL G 282 -12.23 -30.36 -28.10
C VAL G 282 -11.55 -29.21 -27.37
N THR G 283 -11.84 -29.05 -26.08
CA THR G 283 -11.39 -27.86 -25.36
C THR G 283 -9.87 -27.78 -25.31
N VAL G 284 -9.19 -28.90 -25.08
CA VAL G 284 -7.74 -28.84 -24.96
C VAL G 284 -7.11 -28.66 -26.34
N GLN G 285 -7.70 -29.25 -27.36
CA GLN G 285 -7.24 -29.05 -28.72
C GLN G 285 -8.13 -28.04 -29.44
N ALA G 286 -8.25 -26.87 -28.86
CA ALA G 286 -8.98 -25.77 -29.47
C ALA G 286 -8.06 -24.68 -29.96
N ALA G 287 -6.75 -24.90 -29.98
CA ALA G 287 -5.83 -23.92 -30.51
C ALA G 287 -5.35 -24.29 -31.91
N GLN G 288 -4.76 -25.47 -32.08
CA GLN G 288 -4.34 -25.89 -33.40
C GLN G 288 -5.54 -26.16 -34.30
N LEU G 289 -6.72 -26.33 -33.70
CA LEU G 289 -7.90 -26.54 -34.52
C LEU G 289 -8.36 -25.26 -35.18
N SER G 290 -8.55 -24.20 -34.41
CA SER G 290 -9.03 -22.95 -34.98
C SER G 290 -7.96 -22.20 -35.75
N ALA G 291 -6.70 -22.64 -35.68
CA ALA G 291 -5.67 -22.03 -36.52
C ALA G 291 -5.77 -22.50 -37.95
N MET G 292 -6.72 -23.38 -38.25
CA MET G 292 -6.83 -23.96 -39.58
C MET G 292 -8.11 -23.58 -40.29
N TRP G 293 -9.24 -23.52 -39.57
CA TRP G 293 -10.44 -22.93 -40.17
C TRP G 293 -10.11 -21.61 -40.85
N ALA G 294 -9.29 -20.80 -40.23
CA ALA G 294 -8.89 -19.54 -40.85
C ALA G 294 -7.91 -19.75 -41.98
N ARG G 295 -7.32 -20.94 -42.09
CA ARG G 295 -6.44 -21.28 -43.21
C ARG G 295 -5.23 -20.35 -43.25
N PHE G 296 -4.46 -20.40 -42.17
CA PHE G 296 -3.18 -19.74 -42.13
C PHE G 296 -2.21 -20.35 -43.15
N PRO G 297 -1.21 -19.62 -43.53
CA PRO G 297 -0.22 -20.13 -44.49
C PRO G 297 0.75 -21.11 -43.89
N LEU G 298 0.42 -22.41 -43.95
CA LEU G 298 1.24 -23.53 -43.48
C LEU G 298 2.73 -23.32 -43.76
N PRO G 299 3.60 -23.82 -42.90
CA PRO G 299 5.02 -23.45 -42.99
C PRO G 299 5.67 -23.93 -44.28
N VAL G 300 6.93 -23.53 -44.45
CA VAL G 300 7.64 -23.76 -45.70
C VAL G 300 9.03 -24.32 -45.45
N ILE G 301 9.17 -25.15 -44.41
CA ILE G 301 10.47 -25.74 -44.08
C ILE G 301 11.12 -26.35 -45.30
N PRO G 302 12.23 -25.80 -45.79
CA PRO G 302 12.89 -26.39 -46.93
C PRO G 302 13.55 -27.70 -46.53
N ALA G 303 13.78 -28.53 -47.54
CA ALA G 303 14.54 -29.75 -47.32
C ALA G 303 15.98 -29.41 -46.99
N PRO G 304 16.68 -30.27 -46.26
CA PRO G 304 18.06 -29.96 -45.87
C PRO G 304 19.03 -29.91 -47.02
N GLY G 305 18.72 -30.53 -48.15
CA GLY G 305 19.75 -30.68 -49.16
C GLY G 305 20.16 -29.39 -49.81
N ASP G 306 19.33 -28.86 -50.73
CA ASP G 306 19.52 -27.52 -51.27
C ASP G 306 18.31 -27.02 -52.06
N PRO G 307 17.13 -26.87 -51.46
CA PRO G 307 16.07 -26.14 -52.15
C PRO G 307 16.21 -24.65 -51.93
N THR G 308 15.24 -23.86 -52.36
CA THR G 308 15.30 -22.41 -52.19
C THR G 308 14.05 -21.93 -51.45
N PRO G 309 14.19 -21.26 -50.30
CA PRO G 309 12.99 -20.81 -49.59
C PRO G 309 12.39 -19.56 -50.21
N ALA G 310 11.26 -19.73 -50.91
CA ALA G 310 10.59 -18.60 -51.53
C ALA G 310 9.93 -17.73 -50.47
N ALA G 311 9.89 -16.44 -50.73
CA ALA G 311 9.18 -15.50 -49.88
C ALA G 311 7.73 -15.41 -50.33
N ARG G 312 6.84 -15.38 -49.36
CA ARG G 312 5.41 -15.51 -49.64
C ARG G 312 4.91 -14.32 -50.44
N PRO G 313 3.80 -14.49 -51.17
CA PRO G 313 3.34 -13.42 -52.05
C PRO G 313 2.77 -12.25 -51.26
N LEU G 314 3.03 -11.06 -51.79
CA LEU G 314 2.64 -9.82 -51.14
C LEU G 314 1.13 -9.64 -51.06
N SER G 315 0.35 -10.60 -51.54
CA SER G 315 -1.09 -10.50 -51.44
C SER G 315 -1.65 -11.13 -50.18
N VAL G 316 -1.22 -12.34 -49.84
CA VAL G 316 -1.81 -13.00 -48.68
C VAL G 316 -1.41 -12.26 -47.41
N LEU G 317 -0.19 -11.74 -47.34
CA LEU G 317 0.20 -10.92 -46.22
C LEU G 317 -0.73 -9.73 -46.04
N ALA G 318 -1.17 -9.12 -47.12
CA ALA G 318 -2.07 -7.98 -46.99
C ALA G 318 -3.44 -8.39 -46.48
N ASP G 319 -3.80 -9.66 -46.59
CA ASP G 319 -5.07 -10.14 -46.10
C ASP G 319 -4.98 -10.71 -44.71
N LEU G 320 -3.89 -10.47 -44.04
CA LEU G 320 -3.64 -11.27 -42.87
C LEU G 320 -4.44 -10.75 -41.68
N PRO G 321 -4.50 -9.44 -41.43
CA PRO G 321 -5.33 -8.95 -40.33
C PRO G 321 -6.80 -9.24 -40.49
N ARG G 322 -7.22 -9.84 -41.59
CA ARG G 322 -8.57 -10.41 -41.61
C ARG G 322 -8.53 -11.85 -41.13
N ARG G 323 -7.49 -12.58 -41.49
CA ARG G 323 -7.40 -13.97 -41.08
C ARG G 323 -7.30 -14.09 -39.57
N VAL G 324 -6.67 -13.12 -38.92
CA VAL G 324 -6.48 -13.24 -37.48
C VAL G 324 -7.78 -12.97 -36.75
N ARG G 325 -8.36 -11.79 -36.94
CA ARG G 325 -9.57 -11.43 -36.22
C ARG G 325 -10.67 -12.46 -36.42
N VAL G 326 -10.60 -13.26 -37.47
CA VAL G 326 -11.53 -14.37 -37.61
C VAL G 326 -11.11 -15.52 -36.73
N SER G 327 -9.82 -15.87 -36.76
CA SER G 327 -9.34 -16.98 -35.97
C SER G 327 -9.79 -16.89 -34.53
N GLN G 328 -9.42 -15.81 -33.84
CA GLN G 328 -9.76 -15.68 -32.43
C GLN G 328 -11.26 -15.59 -32.22
N ALA G 329 -12.03 -15.40 -33.29
CA ALA G 329 -13.47 -15.51 -33.14
C ALA G 329 -13.91 -16.95 -33.20
N HIS G 330 -13.31 -17.75 -34.07
CA HIS G 330 -13.61 -19.17 -34.10
C HIS G 330 -13.32 -19.80 -32.75
N GLN G 331 -12.17 -19.48 -32.17
CA GLN G 331 -11.73 -20.16 -30.97
C GLN G 331 -12.68 -19.92 -29.81
N THR G 332 -13.17 -18.70 -29.66
CA THR G 332 -14.03 -18.37 -28.52
C THR G 332 -15.25 -19.27 -28.49
N GLY G 333 -15.73 -19.70 -29.65
CA GLY G 333 -16.86 -20.60 -29.64
C GLY G 333 -16.47 -22.03 -29.40
N VAL G 334 -15.30 -22.42 -29.88
CA VAL G 334 -14.91 -23.82 -29.80
C VAL G 334 -14.96 -24.30 -28.36
N ILE G 335 -14.51 -23.48 -27.42
CA ILE G 335 -14.53 -23.91 -26.03
C ILE G 335 -15.94 -23.80 -25.46
N ALA G 336 -16.77 -22.95 -26.05
CA ALA G 336 -18.14 -22.87 -25.59
C ALA G 336 -18.91 -24.13 -25.97
N ALA G 337 -18.51 -24.76 -27.05
CA ALA G 337 -19.01 -26.11 -27.31
C ALA G 337 -18.50 -27.07 -26.28
N GLY G 338 -17.31 -26.80 -25.74
CA GLY G 338 -16.75 -27.68 -24.73
C GLY G 338 -17.62 -27.76 -23.49
N VAL G 339 -17.84 -26.64 -22.83
CA VAL G 339 -18.60 -26.68 -21.59
C VAL G 339 -20.05 -27.07 -21.86
N LEU G 340 -20.54 -26.78 -23.05
CA LEU G 340 -21.87 -27.29 -23.41
C LEU G 340 -21.85 -28.80 -23.53
N LEU G 341 -20.68 -29.40 -23.70
CA LEU G 341 -20.58 -30.84 -23.61
C LEU G 341 -20.23 -31.28 -22.20
N GLY G 342 -19.23 -30.65 -21.59
CA GLY G 342 -18.88 -30.95 -20.21
C GLY G 342 -19.97 -30.65 -19.22
N VAL G 343 -21.16 -30.29 -19.67
CA VAL G 343 -22.34 -30.23 -18.82
C VAL G 343 -23.44 -31.16 -19.29
N ALA G 344 -23.77 -31.14 -20.57
CA ALA G 344 -24.75 -32.08 -21.10
C ALA G 344 -24.36 -33.51 -20.80
N GLY G 345 -23.07 -33.80 -20.75
CA GLY G 345 -22.63 -35.13 -20.41
C GLY G 345 -22.78 -35.43 -18.94
N SER G 346 -22.59 -34.43 -18.10
CA SER G 346 -22.61 -34.69 -16.68
C SER G 346 -24.00 -34.82 -16.10
N VAL G 347 -24.95 -33.98 -16.53
CA VAL G 347 -26.32 -34.07 -16.01
C VAL G 347 -26.90 -35.45 -16.18
N ALA G 348 -26.45 -36.22 -17.16
CA ALA G 348 -26.97 -37.55 -17.38
C ALA G 348 -26.49 -38.54 -16.34
N LEU G 349 -25.24 -38.45 -15.90
CA LEU G 349 -24.72 -39.45 -14.98
C LEU G 349 -25.33 -39.30 -13.60
N VAL G 350 -25.07 -38.17 -12.94
CA VAL G 350 -25.42 -38.00 -11.54
C VAL G 350 -26.91 -37.84 -11.33
N SER G 351 -27.57 -36.92 -12.03
CA SER G 351 -28.91 -36.49 -11.69
C SER G 351 -29.95 -37.59 -11.79
N SER G 352 -29.61 -38.77 -12.30
CA SER G 352 -30.63 -39.79 -12.41
C SER G 352 -31.12 -40.23 -11.04
N ALA G 353 -30.32 -41.03 -10.34
CA ALA G 353 -30.65 -41.42 -8.97
C ALA G 353 -29.43 -42.14 -8.37
N ASN G 354 -28.85 -41.55 -7.33
CA ASN G 354 -27.93 -42.25 -6.43
C ASN G 354 -26.92 -43.12 -7.19
N ALA G 355 -26.10 -42.44 -7.98
CA ALA G 355 -25.19 -43.15 -8.87
C ALA G 355 -23.86 -43.45 -8.17
N SER G 356 -23.00 -44.17 -8.89
CA SER G 356 -21.69 -44.54 -8.39
C SER G 356 -20.91 -43.32 -7.91
N PRO G 357 -20.01 -43.51 -6.95
CA PRO G 357 -19.14 -42.40 -6.55
C PRO G 357 -18.18 -41.97 -7.65
N TRP G 358 -17.66 -42.91 -8.45
CA TRP G 358 -16.85 -42.49 -9.60
C TRP G 358 -17.62 -41.54 -10.50
N ALA G 359 -18.90 -41.82 -10.75
CA ALA G 359 -19.73 -40.84 -11.42
C ALA G 359 -19.68 -39.51 -10.69
N TRP G 360 -19.91 -39.54 -9.38
CA TRP G 360 -19.80 -38.31 -8.61
C TRP G 360 -18.37 -37.80 -8.58
N TYR G 361 -17.41 -38.62 -9.01
CA TYR G 361 -16.05 -38.13 -9.10
C TYR G 361 -15.79 -37.43 -10.42
N ILE G 362 -16.16 -38.05 -11.54
CA ILE G 362 -15.90 -37.47 -12.85
C ILE G 362 -16.56 -36.09 -12.97
N VAL G 363 -17.82 -35.99 -12.58
CA VAL G 363 -18.52 -34.72 -12.74
C VAL G 363 -17.82 -33.62 -11.97
N VAL G 364 -17.03 -33.98 -10.97
CA VAL G 364 -16.32 -32.95 -10.22
C VAL G 364 -14.92 -32.75 -10.77
N ALA G 365 -14.27 -33.83 -11.20
CA ALA G 365 -12.96 -33.69 -11.80
C ALA G 365 -13.01 -32.86 -13.06
N ALA G 366 -13.99 -33.12 -13.93
CA ALA G 366 -14.10 -32.32 -15.15
C ALA G 366 -14.32 -30.86 -14.82
N ALA G 367 -14.97 -30.56 -13.71
CA ALA G 367 -15.26 -29.17 -13.37
C ALA G 367 -13.99 -28.42 -13.02
N ALA G 368 -13.26 -28.86 -12.00
CA ALA G 368 -12.07 -28.15 -11.59
C ALA G 368 -10.95 -28.29 -12.62
N GLY G 369 -10.90 -29.40 -13.34
CA GLY G 369 -10.02 -29.47 -14.49
C GLY G 369 -10.38 -28.41 -15.51
N ALA G 370 -11.64 -28.02 -15.56
CA ALA G 370 -12.08 -26.94 -16.43
C ALA G 370 -12.21 -25.62 -15.68
N ALA G 371 -11.70 -25.52 -14.47
CA ALA G 371 -11.56 -24.23 -13.84
C ALA G 371 -10.12 -23.90 -13.52
N LEU G 372 -9.24 -24.90 -13.54
CA LEU G 372 -7.80 -24.69 -13.46
C LEU G 372 -7.15 -24.60 -14.81
N ARG G 373 -7.87 -24.94 -15.88
CA ARG G 373 -7.42 -24.69 -17.22
C ARG G 373 -7.86 -23.33 -17.72
N ALA G 374 -8.47 -22.54 -16.85
CA ALA G 374 -8.86 -21.19 -17.22
C ALA G 374 -7.78 -20.18 -16.93
N ARG G 375 -6.63 -20.63 -16.46
CA ARG G 375 -5.53 -19.72 -16.15
C ARG G 375 -4.53 -19.62 -17.27
N VAL G 376 -4.74 -20.31 -18.38
CA VAL G 376 -3.82 -20.28 -19.50
C VAL G 376 -4.34 -19.44 -20.65
N TRP G 377 -5.61 -19.61 -21.02
CA TRP G 377 -6.19 -18.78 -22.07
C TRP G 377 -6.13 -17.32 -21.69
N ASP G 378 -6.26 -16.45 -22.68
CA ASP G 378 -6.06 -15.04 -22.46
C ASP G 378 -7.28 -14.17 -22.67
N SER G 379 -7.95 -14.29 -23.81
CA SER G 379 -9.07 -13.41 -24.08
C SER G 379 -10.13 -13.53 -23.02
N ALA G 380 -10.75 -12.40 -22.68
CA ALA G 380 -11.71 -12.41 -21.58
C ALA G 380 -12.92 -13.28 -21.88
N ALA G 381 -13.36 -13.35 -23.14
CA ALA G 381 -14.50 -14.18 -23.46
C ALA G 381 -14.15 -15.65 -23.37
N CYS G 382 -12.88 -15.98 -23.55
CA CYS G 382 -12.47 -17.38 -23.46
C CYS G 382 -12.46 -17.84 -22.01
N LYS G 383 -12.07 -16.98 -21.08
CA LYS G 383 -12.02 -17.41 -19.69
C LYS G 383 -13.40 -17.56 -19.11
N ALA G 384 -14.22 -16.51 -19.18
CA ALA G 384 -15.51 -16.52 -18.52
C ALA G 384 -16.37 -17.70 -18.92
N TRP G 385 -16.15 -18.24 -20.10
CA TRP G 385 -16.84 -19.49 -20.43
C TRP G 385 -16.31 -20.64 -19.60
N LEU G 386 -15.04 -20.57 -19.18
CA LEU G 386 -14.44 -21.71 -18.49
C LEU G 386 -14.69 -21.65 -16.99
N LEU G 387 -14.61 -20.47 -16.38
CA LEU G 387 -14.96 -20.36 -14.97
C LEU G 387 -16.44 -20.63 -14.74
N GLY G 388 -17.29 -20.08 -15.59
CA GLY G 388 -18.71 -20.29 -15.47
C GLY G 388 -19.17 -21.69 -15.79
N HIS G 389 -18.25 -22.58 -16.15
CA HIS G 389 -18.62 -23.96 -16.34
C HIS G 389 -19.20 -24.53 -15.06
N SER G 390 -18.50 -24.39 -13.95
CA SER G 390 -18.98 -24.92 -12.69
C SER G 390 -20.33 -24.34 -12.31
N TYR G 391 -20.45 -23.01 -12.32
CA TYR G 391 -21.70 -22.36 -11.96
C TYR G 391 -22.85 -22.83 -12.84
N LEU G 392 -22.58 -23.00 -14.13
CA LEU G 392 -23.61 -23.50 -15.04
C LEU G 392 -24.11 -24.87 -14.62
N LEU G 393 -23.20 -25.80 -14.41
CA LEU G 393 -23.59 -27.15 -14.02
C LEU G 393 -24.37 -27.11 -12.73
N ALA G 394 -23.84 -26.41 -11.73
CA ALA G 394 -24.47 -26.41 -10.42
C ALA G 394 -25.94 -26.01 -10.51
N VAL G 395 -26.24 -24.92 -11.22
CA VAL G 395 -27.63 -24.51 -11.36
C VAL G 395 -28.42 -25.54 -12.15
N ALA G 396 -27.82 -26.11 -13.19
CA ALA G 396 -28.53 -27.10 -13.98
C ALA G 396 -28.78 -28.36 -13.18
N LEU G 397 -28.04 -28.57 -12.10
CA LEU G 397 -28.34 -29.71 -11.26
C LEU G 397 -29.49 -29.41 -10.33
N LEU G 398 -29.59 -28.19 -9.83
CA LEU G 398 -30.66 -27.87 -8.91
C LEU G 398 -32.02 -28.18 -9.51
N VAL G 399 -32.38 -27.50 -10.60
CA VAL G 399 -33.69 -27.72 -11.20
C VAL G 399 -33.86 -29.16 -11.64
N ALA G 400 -32.78 -29.80 -12.07
CA ALA G 400 -32.85 -31.22 -12.41
C ALA G 400 -33.23 -32.08 -11.23
N PHE G 401 -33.31 -31.53 -10.03
CA PHE G 401 -33.75 -32.31 -8.89
C PHE G 401 -35.19 -32.01 -8.53
N VAL G 402 -35.71 -30.86 -8.94
CA VAL G 402 -37.09 -30.52 -8.63
C VAL G 402 -38.03 -31.16 -9.64
N ILE G 403 -37.79 -30.95 -10.94
CA ILE G 403 -38.53 -31.74 -11.93
C ILE G 403 -38.21 -33.21 -11.76
N GLY G 404 -37.05 -33.53 -11.20
CA GLY G 404 -36.73 -34.87 -10.77
C GLY G 404 -37.36 -35.21 -9.44
N ASP G 405 -37.87 -34.21 -8.72
CA ASP G 405 -38.69 -34.42 -7.54
C ASP G 405 -37.91 -35.10 -6.41
N ARG G 406 -36.75 -34.55 -6.07
CA ARG G 406 -36.03 -35.01 -4.89
C ARG G 406 -36.42 -34.18 -3.67
N TYR G 407 -36.35 -32.85 -3.79
CA TYR G 407 -36.69 -31.85 -2.78
C TYR G 407 -35.78 -31.93 -1.57
N GLN G 408 -34.86 -32.87 -1.51
CA GLN G 408 -33.88 -32.94 -0.45
C GLN G 408 -32.53 -32.36 -0.87
N ALA G 409 -31.87 -33.01 -1.81
CA ALA G 409 -30.59 -32.49 -2.29
C ALA G 409 -30.77 -31.24 -3.14
N ALA G 410 -32.01 -30.76 -3.30
CA ALA G 410 -32.23 -29.53 -4.03
C ALA G 410 -31.47 -28.38 -3.38
N LEU G 411 -31.70 -28.12 -2.09
CA LEU G 411 -31.02 -27.02 -1.45
C LEU G 411 -29.55 -27.32 -1.28
N TRP G 412 -29.17 -28.59 -1.31
CA TRP G 412 -27.76 -28.92 -1.23
C TRP G 412 -26.98 -28.26 -2.36
N ALA G 413 -27.50 -28.33 -3.58
CA ALA G 413 -26.87 -27.58 -4.67
C ALA G 413 -26.94 -26.08 -4.39
N LEU G 414 -28.10 -25.59 -3.95
CA LEU G 414 -28.23 -24.19 -3.59
C LEU G 414 -27.19 -23.80 -2.54
N ALA G 415 -26.80 -24.75 -1.69
CA ALA G 415 -25.69 -24.50 -0.80
C ALA G 415 -24.40 -24.36 -1.60
N ALA G 416 -24.27 -25.10 -2.69
CA ALA G 416 -23.04 -25.05 -3.48
C ALA G 416 -22.99 -23.80 -4.34
N LEU G 417 -24.14 -23.32 -4.83
CA LEU G 417 -24.16 -22.02 -5.47
C LEU G 417 -23.70 -20.95 -4.50
N ALA G 418 -24.01 -21.12 -3.22
CA ALA G 418 -23.61 -20.13 -2.23
C ALA G 418 -22.10 -20.06 -2.11
N VAL G 419 -21.41 -21.18 -2.19
CA VAL G 419 -19.96 -21.17 -2.11
C VAL G 419 -19.38 -20.42 -3.29
N LEU G 420 -19.78 -20.80 -4.51
CA LEU G 420 -19.20 -20.18 -5.69
C LEU G 420 -19.40 -18.67 -5.69
N VAL G 421 -20.63 -18.22 -5.45
CA VAL G 421 -20.88 -16.79 -5.45
C VAL G 421 -20.13 -16.12 -4.32
N LEU G 422 -19.66 -16.89 -3.34
CA LEU G 422 -18.91 -16.28 -2.26
C LEU G 422 -17.44 -16.12 -2.64
N VAL G 423 -16.83 -17.15 -3.20
CA VAL G 423 -15.42 -17.04 -3.57
C VAL G 423 -15.23 -16.02 -4.67
N TRP G 424 -16.23 -15.84 -5.53
CA TRP G 424 -16.19 -14.71 -6.46
C TRP G 424 -16.16 -13.40 -5.70
N ILE G 425 -16.91 -13.29 -4.61
CA ILE G 425 -17.01 -12.03 -3.91
C ILE G 425 -15.69 -11.66 -3.26
N VAL G 426 -15.13 -12.56 -2.45
CA VAL G 426 -13.90 -12.24 -1.74
C VAL G 426 -12.77 -11.97 -2.72
N ALA G 427 -12.88 -12.46 -3.95
CA ALA G 427 -11.89 -12.12 -4.96
C ALA G 427 -12.29 -10.90 -5.75
N ALA G 428 -13.54 -10.44 -5.60
CA ALA G 428 -13.97 -9.26 -6.33
C ALA G 428 -13.49 -7.99 -5.66
N LEU G 429 -13.87 -7.80 -4.41
CA LEU G 429 -13.56 -6.61 -3.63
C LEU G 429 -12.24 -6.74 -2.88
N ASN G 430 -11.28 -7.48 -3.42
CA ASN G 430 -9.99 -7.69 -2.76
C ASN G 430 -8.96 -8.01 -3.82
N PRO G 431 -8.45 -7.02 -4.48
CA PRO G 431 -7.63 -7.21 -5.68
C PRO G 431 -6.19 -7.66 -5.41
N LYS G 432 -6.04 -8.61 -4.51
CA LYS G 432 -4.75 -9.25 -4.29
C LYS G 432 -4.82 -10.76 -4.25
N ILE G 433 -6.00 -11.34 -4.37
CA ILE G 433 -6.07 -12.78 -4.48
C ILE G 433 -6.18 -13.19 -5.93
N ALA G 434 -6.74 -12.32 -6.77
CA ALA G 434 -6.89 -12.59 -8.20
C ALA G 434 -5.79 -11.93 -9.01
N SER G 435 -4.59 -11.89 -8.47
CA SER G 435 -3.42 -11.39 -9.18
C SER G 435 -2.30 -12.38 -8.92
N PRO G 436 -2.00 -13.25 -9.87
CA PRO G 436 -1.09 -14.37 -9.61
C PRO G 436 0.33 -13.95 -9.31
N ASP G 437 0.61 -12.66 -9.18
CA ASP G 437 1.96 -12.20 -8.92
C ASP G 437 2.34 -12.31 -7.46
N THR G 438 1.37 -12.22 -6.55
CA THR G 438 1.65 -12.15 -5.13
C THR G 438 1.61 -13.51 -4.45
N TYR G 439 2.02 -14.56 -5.14
CA TYR G 439 2.16 -15.87 -4.55
C TYR G 439 3.63 -16.25 -4.59
N SER G 440 3.95 -17.43 -4.07
CA SER G 440 5.32 -17.91 -4.08
C SER G 440 5.73 -18.21 -5.51
N LEU G 441 6.95 -18.67 -5.68
CA LEU G 441 7.24 -19.30 -6.95
C LEU G 441 6.90 -20.79 -6.91
N PRO G 442 7.24 -21.52 -5.84
CA PRO G 442 6.89 -22.94 -5.81
C PRO G 442 5.45 -23.25 -5.42
N MET G 443 4.69 -22.30 -4.85
CA MET G 443 3.28 -22.59 -4.63
C MET G 443 2.50 -22.56 -5.94
N ARG G 444 2.64 -21.48 -6.72
CA ARG G 444 1.99 -21.51 -8.02
C ARG G 444 2.62 -22.55 -8.92
N ARG G 445 3.74 -23.13 -8.50
CA ARG G 445 4.29 -24.26 -9.21
C ARG G 445 3.39 -25.48 -9.08
N MET G 446 3.12 -25.91 -7.83
CA MET G 446 2.38 -27.14 -7.65
C MET G 446 0.99 -27.05 -8.25
N VAL G 447 0.34 -25.89 -8.15
CA VAL G 447 -0.96 -25.73 -8.79
C VAL G 447 -0.90 -26.19 -10.24
N GLY G 448 0.27 -26.03 -10.87
CA GLY G 448 0.47 -26.67 -12.16
C GLY G 448 0.34 -28.18 -12.10
N PHE G 449 1.01 -28.82 -11.14
CA PHE G 449 0.92 -30.27 -11.02
C PHE G 449 -0.52 -30.70 -10.79
N LEU G 450 -1.20 -30.02 -9.87
CA LEU G 450 -2.59 -30.33 -9.60
C LEU G 450 -3.41 -30.29 -10.87
N ALA G 451 -3.26 -29.22 -11.66
CA ALA G 451 -4.02 -29.09 -12.90
C ALA G 451 -3.53 -30.00 -14.01
N THR G 452 -2.45 -30.76 -13.77
CA THR G 452 -2.04 -31.76 -14.73
C THR G 452 -2.58 -33.14 -14.37
N GLY G 453 -2.56 -33.47 -13.08
CA GLY G 453 -3.08 -34.74 -12.66
C GLY G 453 -4.57 -34.88 -12.89
N LEU G 454 -5.33 -33.83 -12.56
CA LEU G 454 -6.77 -33.94 -12.53
C LEU G 454 -7.34 -34.38 -13.87
N ASP G 455 -6.94 -33.72 -14.95
CA ASP G 455 -7.47 -34.13 -16.24
C ASP G 455 -6.81 -35.40 -16.75
N ALA G 456 -5.66 -35.77 -16.21
CA ALA G 456 -4.95 -36.95 -16.70
C ALA G 456 -5.64 -38.22 -16.23
N SER G 457 -5.99 -38.28 -14.95
CA SER G 457 -6.69 -39.43 -14.40
C SER G 457 -8.07 -39.60 -15.01
N LEU G 458 -8.56 -38.66 -15.81
CA LEU G 458 -9.98 -38.63 -16.09
C LEU G 458 -10.39 -39.70 -17.09
N ILE G 459 -9.48 -40.16 -17.93
CA ILE G 459 -9.87 -41.16 -18.92
C ILE G 459 -9.92 -42.56 -18.30
N PRO G 460 -8.90 -43.02 -17.55
CA PRO G 460 -9.03 -44.35 -16.94
C PRO G 460 -10.18 -44.44 -15.95
N VAL G 461 -10.45 -43.38 -15.19
CA VAL G 461 -11.60 -43.39 -14.31
C VAL G 461 -12.87 -43.66 -15.10
N MET G 462 -12.97 -43.11 -16.30
CA MET G 462 -14.14 -43.39 -17.12
C MET G 462 -14.21 -44.86 -17.47
N ALA G 463 -13.07 -45.47 -17.78
CA ALA G 463 -13.06 -46.90 -18.10
C ALA G 463 -13.60 -47.73 -16.95
N LEU G 464 -13.30 -47.34 -15.71
CA LEU G 464 -13.87 -48.03 -14.56
C LEU G 464 -15.37 -47.88 -14.52
N LEU G 465 -15.86 -46.63 -14.45
CA LEU G 465 -17.29 -46.40 -14.35
C LEU G 465 -18.07 -47.10 -15.45
N VAL G 466 -17.63 -46.95 -16.70
CA VAL G 466 -18.32 -47.63 -17.79
C VAL G 466 -18.25 -49.14 -17.62
N GLY G 467 -17.29 -49.63 -16.84
CA GLY G 467 -17.18 -51.05 -16.59
C GLY G 467 -16.52 -51.82 -17.72
N LEU G 468 -15.58 -51.21 -18.43
CA LEU G 468 -14.90 -51.92 -19.50
C LEU G 468 -14.03 -53.04 -18.98
N PHE G 469 -13.53 -52.91 -17.75
CA PHE G 469 -12.64 -53.90 -17.17
C PHE G 469 -13.38 -55.16 -16.74
N SER G 470 -14.70 -55.11 -16.64
CA SER G 470 -15.49 -56.28 -16.34
C SER G 470 -15.75 -57.13 -17.57
N LEU G 471 -15.32 -56.66 -18.75
CA LEU G 471 -15.37 -57.45 -19.96
C LEU G 471 -14.08 -58.17 -20.27
N VAL G 472 -12.93 -57.64 -19.85
CA VAL G 472 -11.68 -58.35 -19.99
C VAL G 472 -11.04 -58.50 -18.62
N VAL H 33 12.66 -37.11 -46.41
CA VAL H 33 12.32 -36.30 -45.25
C VAL H 33 13.15 -36.69 -44.03
N THR H 34 14.09 -35.82 -43.66
CA THR H 34 14.89 -36.05 -42.47
C THR H 34 14.03 -35.77 -41.24
N ARG H 35 14.58 -36.03 -40.06
CA ARG H 35 13.85 -35.69 -38.85
C ARG H 35 13.89 -34.19 -38.59
N HIS H 36 15.03 -33.56 -38.86
CA HIS H 36 15.12 -32.11 -38.76
C HIS H 36 13.99 -31.43 -39.51
N GLN H 37 13.61 -31.97 -40.66
CA GLN H 37 12.51 -31.42 -41.41
C GLN H 37 11.19 -31.61 -40.67
N VAL H 38 11.02 -32.72 -39.96
CA VAL H 38 9.78 -32.90 -39.23
C VAL H 38 9.90 -32.35 -37.80
N SER H 39 11.06 -32.52 -37.18
CA SER H 39 11.29 -31.85 -35.90
C SER H 39 11.06 -30.36 -36.03
N GLY H 40 11.29 -29.80 -37.20
CA GLY H 40 10.94 -28.41 -37.43
C GLY H 40 9.44 -28.19 -37.48
N TRP H 41 8.75 -29.01 -38.28
CA TRP H 41 7.36 -28.71 -38.58
C TRP H 41 6.52 -28.61 -37.33
N ARG H 42 6.54 -29.66 -36.50
CA ARG H 42 5.72 -29.65 -35.30
C ARG H 42 6.07 -28.49 -34.39
N PHE H 43 7.26 -27.92 -34.55
CA PHE H 43 7.61 -26.79 -33.71
C PHE H 43 6.99 -25.51 -34.20
N VAL H 44 6.94 -25.30 -35.51
CA VAL H 44 6.31 -24.08 -35.99
C VAL H 44 4.82 -24.15 -35.79
N MET H 45 4.21 -25.31 -36.02
CA MET H 45 2.78 -25.43 -35.81
C MET H 45 2.45 -25.60 -34.33
N ARG H 46 3.43 -25.40 -33.46
CA ARG H 46 3.12 -25.13 -32.05
C ARG H 46 3.35 -23.66 -31.73
N ARG H 47 4.38 -23.06 -32.30
CA ARG H 47 4.60 -21.64 -32.10
C ARG H 47 3.44 -20.82 -32.59
N ILE H 48 2.72 -21.31 -33.59
CA ILE H 48 1.49 -20.65 -34.02
C ILE H 48 0.42 -20.77 -32.95
N ALA H 49 0.23 -21.97 -32.40
CA ALA H 49 -0.82 -22.17 -31.42
C ALA H 49 -0.63 -21.29 -30.21
N SER H 50 0.53 -21.37 -29.56
CA SER H 50 0.85 -20.42 -28.51
C SER H 50 0.58 -19.00 -28.93
N GLY H 51 0.69 -18.71 -30.22
CA GLY H 51 0.40 -17.39 -30.70
C GLY H 51 -1.03 -16.97 -30.43
N VAL H 52 -2.00 -17.83 -30.75
CA VAL H 52 -3.38 -17.36 -30.73
C VAL H 52 -4.09 -17.63 -29.42
N ALA H 53 -3.51 -18.39 -28.51
CA ALA H 53 -4.13 -18.58 -27.20
C ALA H 53 -3.36 -17.90 -26.09
N LEU H 54 -2.04 -17.83 -26.20
CA LEU H 54 -1.28 -17.26 -25.11
C LEU H 54 -0.86 -15.83 -25.40
N HIS H 55 -0.89 -15.40 -26.65
CA HIS H 55 -0.50 -14.03 -27.00
C HIS H 55 0.90 -13.72 -26.51
N ASP H 56 1.83 -14.63 -26.75
CA ASP H 56 3.25 -14.32 -26.75
C ASP H 56 3.98 -15.46 -27.44
N THR H 57 4.91 -15.09 -28.29
CA THR H 57 5.64 -16.06 -29.08
C THR H 57 7.02 -16.35 -28.55
N ARG H 58 7.31 -16.01 -27.30
CA ARG H 58 8.61 -16.31 -26.77
C ARG H 58 8.81 -17.81 -26.61
N MET H 59 7.74 -18.53 -26.30
CA MET H 59 7.76 -19.99 -26.21
C MET H 59 8.77 -20.48 -25.19
N LEU H 60 8.99 -19.68 -24.15
CA LEU H 60 9.88 -20.11 -23.07
C LEU H 60 9.34 -21.36 -22.41
N VAL H 61 8.07 -21.35 -22.05
CA VAL H 61 7.38 -22.49 -21.46
C VAL H 61 5.93 -22.45 -21.88
N ASP H 62 5.42 -23.60 -22.35
CA ASP H 62 4.11 -23.65 -22.97
C ASP H 62 3.22 -24.64 -22.27
N PRO H 63 2.21 -24.20 -21.53
CA PRO H 63 1.32 -25.15 -20.88
C PRO H 63 0.51 -25.95 -21.86
N LEU H 64 0.20 -25.40 -23.02
CA LEU H 64 -0.59 -26.13 -24.01
C LEU H 64 0.02 -27.49 -24.30
N ARG H 65 1.35 -27.55 -24.39
CA ARG H 65 1.99 -28.84 -24.59
C ARG H 65 1.71 -29.79 -23.44
N THR H 66 1.93 -29.33 -22.21
CA THR H 66 1.53 -30.12 -21.05
C THR H 66 0.08 -30.57 -21.15
N GLN H 67 -0.82 -29.62 -21.46
CA GLN H 67 -2.22 -29.98 -21.67
C GLN H 67 -2.35 -31.14 -22.62
N SER H 68 -1.47 -31.22 -23.61
CA SER H 68 -1.57 -32.31 -24.58
C SER H 68 -1.11 -33.63 -23.97
N ARG H 69 0.12 -33.70 -23.48
CA ARG H 69 0.64 -34.98 -23.02
C ARG H 69 -0.10 -35.48 -21.79
N ALA H 70 -0.60 -34.58 -20.94
CA ALA H 70 -1.36 -35.03 -19.78
C ALA H 70 -2.55 -35.88 -20.19
N VAL H 71 -3.49 -35.29 -20.93
CA VAL H 71 -4.63 -36.06 -21.38
C VAL H 71 -4.18 -37.22 -22.24
N LEU H 72 -3.02 -37.11 -22.87
CA LEU H 72 -2.55 -38.21 -23.70
C LEU H 72 -2.13 -39.40 -22.86
N THR H 73 -1.37 -39.17 -21.78
CA THR H 73 -0.83 -40.30 -21.03
C THR H 73 -1.93 -41.05 -20.30
N GLY H 74 -3.00 -40.36 -19.90
CA GLY H 74 -4.11 -41.05 -19.28
C GLY H 74 -4.77 -42.04 -20.23
N ALA H 75 -4.49 -41.91 -21.52
CA ALA H 75 -4.89 -42.95 -22.44
C ALA H 75 -3.95 -44.14 -22.36
N LEU H 76 -2.65 -43.90 -22.18
CA LEU H 76 -1.70 -45.02 -22.16
C LEU H 76 -1.90 -45.88 -20.92
N ILE H 77 -1.92 -45.26 -19.74
CA ILE H 77 -2.21 -46.00 -18.52
C ILE H 77 -3.42 -46.88 -18.69
N LEU H 78 -4.40 -46.43 -19.48
CA LEU H 78 -5.50 -47.32 -19.83
C LEU H 78 -4.99 -48.48 -20.66
N VAL H 79 -4.29 -48.20 -21.77
CA VAL H 79 -4.03 -49.27 -22.72
C VAL H 79 -3.10 -50.31 -22.12
N THR H 80 -2.23 -49.92 -21.20
CA THR H 80 -1.30 -50.87 -20.60
C THR H 80 -2.00 -51.76 -19.57
N GLY H 81 -2.64 -51.15 -18.56
CA GLY H 81 -3.44 -51.93 -17.64
C GLY H 81 -4.49 -52.75 -18.36
N LEU H 82 -4.95 -52.28 -19.51
CA LEU H 82 -5.73 -53.12 -20.41
C LEU H 82 -4.95 -54.37 -20.77
N VAL H 83 -3.72 -54.21 -21.25
CA VAL H 83 -2.88 -55.35 -21.55
C VAL H 83 -2.50 -56.12 -20.29
N GLY H 84 -2.17 -55.42 -19.21
CA GLY H 84 -1.71 -56.09 -18.00
C GLY H 84 -2.81 -56.88 -17.32
N CYS H 85 -4.06 -56.54 -17.59
CA CYS H 85 -5.17 -57.33 -17.07
C CYS H 85 -5.64 -58.38 -18.06
N PHE H 86 -5.49 -58.14 -19.35
CA PHE H 86 -5.75 -59.21 -20.30
C PHE H 86 -4.78 -60.37 -20.08
N ILE H 87 -3.50 -60.05 -19.84
CA ILE H 87 -2.51 -61.07 -19.52
C ILE H 87 -2.74 -61.65 -18.13
N PHE H 88 -3.44 -60.92 -17.26
CA PHE H 88 -3.73 -61.44 -15.92
C PHE H 88 -4.62 -62.67 -15.97
N SER H 89 -5.58 -62.70 -16.90
CA SER H 89 -6.38 -63.89 -17.11
C SER H 89 -5.63 -64.98 -17.87
N LEU H 90 -4.40 -64.71 -18.31
CA LEU H 90 -3.60 -65.66 -19.07
C LEU H 90 -2.68 -66.50 -18.20
N PHE H 91 -3.09 -66.78 -16.97
CA PHE H 91 -2.35 -67.66 -16.07
C PHE H 91 -2.98 -69.03 -16.12
N SER I 2 3.59 46.95 -54.02
CA SER I 2 3.06 45.66 -54.46
C SER I 2 3.40 44.55 -53.50
N ARG I 3 4.55 43.91 -53.73
CA ARG I 3 4.91 42.68 -53.06
C ARG I 3 5.59 42.97 -51.73
N LEU I 4 5.03 42.40 -50.66
CA LEU I 4 5.64 42.47 -49.35
C LEU I 4 6.96 41.73 -49.32
N ILE I 5 7.71 41.93 -48.25
CA ILE I 5 9.08 41.44 -48.18
C ILE I 5 9.13 40.20 -47.29
N PHE I 6 10.13 39.35 -47.52
CA PHE I 6 10.33 38.15 -46.74
C PHE I 6 11.77 38.10 -46.24
N GLU I 7 11.96 37.45 -45.10
CA GLU I 7 13.25 37.37 -44.42
C GLU I 7 13.76 35.94 -44.45
N HIS I 8 15.04 35.76 -44.10
CA HIS I 8 15.68 34.45 -44.14
C HIS I 8 15.87 33.95 -42.71
N GLN I 9 14.95 33.10 -42.28
CA GLN I 9 15.00 32.53 -40.95
C GLN I 9 15.99 31.36 -40.91
N ARG I 10 15.94 30.62 -39.80
CA ARG I 10 16.56 29.31 -39.72
C ARG I 10 15.51 28.23 -40.00
N ARG I 11 15.82 27.34 -40.95
CA ARG I 11 14.88 26.29 -41.28
C ARG I 11 14.70 25.37 -40.08
N LEU I 12 13.44 25.07 -39.79
CA LEU I 12 13.13 24.16 -38.70
C LEU I 12 13.82 22.83 -38.93
N THR I 13 14.48 22.34 -37.89
CA THR I 13 15.23 21.11 -38.04
C THR I 13 14.28 19.97 -38.36
N PRO I 14 14.39 19.36 -39.53
CA PRO I 14 13.51 18.25 -39.86
C PRO I 14 13.87 17.04 -39.00
N PRO I 15 12.93 16.14 -38.77
CA PRO I 15 13.22 14.96 -37.95
C PRO I 15 14.43 14.22 -38.50
N THR I 16 15.29 13.78 -37.60
CA THR I 16 16.55 13.18 -38.01
C THR I 16 16.34 11.85 -38.70
N THR I 17 17.44 11.28 -39.18
CA THR I 17 17.44 9.98 -39.81
C THR I 17 18.78 9.30 -39.51
N ARG I 18 18.81 8.52 -38.44
CA ARG I 18 20.02 7.77 -38.08
C ARG I 18 20.27 6.76 -39.19
N LYS I 19 21.25 7.05 -40.04
CA LYS I 19 21.56 6.15 -41.14
C LYS I 19 22.48 5.04 -40.69
N GLY I 20 22.07 4.31 -39.66
CA GLY I 20 22.89 3.23 -39.13
C GLY I 20 23.02 2.09 -40.11
N THR I 21 23.91 1.16 -39.77
CA THR I 21 24.13 -0.06 -40.52
C THR I 21 23.99 -1.22 -39.53
N ILE I 22 22.74 -1.61 -39.27
CA ILE I 22 22.44 -2.70 -38.32
C ILE I 22 23.09 -4.00 -38.81
N THR I 23 23.66 -4.78 -37.90
CA THR I 23 24.34 -6.06 -38.27
C THR I 23 23.63 -7.23 -37.59
N ILE I 24 23.00 -8.11 -38.38
CA ILE I 24 22.28 -9.29 -37.82
C ILE I 24 23.33 -10.40 -37.58
N GLU I 25 23.14 -11.21 -36.54
CA GLU I 25 24.08 -12.31 -36.23
C GLU I 25 23.61 -13.57 -36.98
N PRO I 26 24.52 -14.39 -37.55
CA PRO I 26 24.15 -15.60 -38.29
C PRO I 26 23.45 -16.68 -37.46
N PRO I 27 22.72 -17.63 -38.10
CA PRO I 27 22.02 -18.70 -37.38
C PRO I 27 22.90 -19.87 -36.94
N PRO I 28 22.32 -20.97 -36.43
CA PRO I 28 23.07 -22.15 -35.99
C PRO I 28 23.44 -23.08 -37.16
N GLN I 29 24.13 -24.19 -36.88
CA GLN I 29 24.54 -25.10 -37.94
C GLN I 29 24.18 -26.56 -37.72
N LEU I 30 22.97 -26.87 -37.23
CA LEU I 30 22.45 -28.21 -37.41
C LEU I 30 23.42 -29.32 -37.03
N PRO I 31 23.62 -29.58 -35.74
CA PRO I 31 24.67 -30.52 -35.33
C PRO I 31 24.59 -31.89 -36.00
N ARG I 32 23.45 -32.55 -35.87
CA ARG I 32 23.26 -33.93 -36.33
C ARG I 32 24.30 -34.87 -35.70
N MET I 92 21.76 -36.05 -30.26
CA MET I 92 21.37 -34.75 -29.74
C MET I 92 19.86 -34.64 -29.61
N ARG I 93 19.38 -34.55 -28.37
CA ARG I 93 17.96 -34.63 -28.09
C ARG I 93 17.18 -33.60 -28.89
N THR I 94 16.00 -34.02 -29.37
CA THR I 94 15.11 -33.07 -30.03
C THR I 94 14.84 -31.86 -29.17
N GLU I 95 14.65 -32.07 -27.87
CA GLU I 95 14.34 -30.97 -26.97
C GLU I 95 15.51 -30.02 -26.84
N GLU I 96 16.65 -30.35 -27.44
CA GLU I 96 17.78 -29.43 -27.38
C GLU I 96 17.65 -28.35 -28.45
N VAL I 97 17.57 -28.73 -29.72
CA VAL I 97 17.39 -27.73 -30.76
C VAL I 97 16.07 -26.98 -30.59
N ASP I 98 15.00 -27.67 -30.22
CA ASP I 98 13.75 -26.97 -29.92
C ASP I 98 13.98 -25.88 -28.89
N ALA I 99 15.03 -26.00 -28.08
CA ALA I 99 15.35 -24.93 -27.17
C ALA I 99 16.16 -23.84 -27.85
N GLU I 100 16.66 -24.10 -29.05
CA GLU I 100 17.43 -23.05 -29.71
C GLU I 100 16.64 -22.35 -30.80
N ARG I 101 15.84 -23.09 -31.56
CA ARG I 101 14.92 -22.42 -32.47
C ARG I 101 14.12 -21.37 -31.73
N ALA I 102 13.59 -21.72 -30.56
CA ALA I 102 12.88 -20.76 -29.75
C ALA I 102 13.81 -19.69 -29.22
N ASP I 103 15.11 -19.83 -29.47
CA ASP I 103 16.05 -18.84 -28.98
C ASP I 103 16.54 -17.94 -30.11
N TYR I 104 16.47 -18.42 -31.34
CA TYR I 104 16.78 -17.54 -32.45
C TYR I 104 15.58 -16.70 -32.84
N LEU I 105 14.49 -17.33 -33.25
CA LEU I 105 13.31 -16.58 -33.66
C LEU I 105 12.96 -15.50 -32.66
N ARG I 106 13.12 -15.83 -31.38
CA ARG I 106 12.83 -14.86 -30.29
C ARG I 106 13.84 -13.71 -30.37
N TYR I 107 14.93 -13.92 -31.12
CA TYR I 107 15.98 -12.89 -31.29
C TYR I 107 15.67 -12.07 -32.54
N LEU I 108 15.20 -12.74 -33.61
CA LEU I 108 14.86 -12.07 -34.88
C LEU I 108 13.62 -11.19 -34.66
N SER I 109 12.70 -11.64 -33.79
CA SER I 109 11.45 -10.91 -33.47
C SER I 109 11.76 -9.56 -32.80
N VAL I 110 12.86 -9.48 -32.03
CA VAL I 110 13.26 -8.22 -31.36
C VAL I 110 14.08 -7.38 -32.36
N VAL I 111 14.53 -7.99 -33.45
CA VAL I 111 15.30 -7.24 -34.49
C VAL I 111 14.35 -6.87 -35.63
N ARG I 112 13.26 -7.61 -35.78
CA ARG I 112 12.27 -7.31 -36.85
C ARG I 112 11.44 -6.11 -36.40
N ASP I 113 11.30 -5.91 -35.09
CA ASP I 113 10.54 -4.77 -34.53
C ASP I 113 11.52 -3.62 -34.26
N ASN I 114 12.80 -3.82 -34.55
CA ASN I 114 13.85 -2.79 -34.35
C ASN I 114 14.20 -2.19 -35.71
N VAL I 115 14.20 -3.02 -36.76
CA VAL I 115 14.52 -2.56 -38.14
C VAL I 115 13.24 -1.99 -38.78
N ARG I 116 12.08 -2.26 -38.16
CA ARG I 116 10.79 -1.72 -38.67
C ARG I 116 10.62 -0.30 -38.13
N ALA I 117 11.37 0.04 -37.06
CA ALA I 117 11.33 1.39 -36.46
C ALA I 117 12.08 2.35 -37.37
N HIS I 118 13.25 1.92 -37.87
CA HIS I 118 14.06 2.77 -38.78
C HIS I 118 13.18 3.25 -39.93
N ALA I 119 12.42 2.35 -40.55
CA ALA I 119 11.57 2.72 -41.67
C ALA I 119 10.65 3.87 -41.29
N ALA I 120 9.94 3.75 -40.17
CA ALA I 120 9.03 4.80 -39.78
C ALA I 120 9.75 6.11 -39.52
N GLU I 121 11.08 6.11 -39.54
CA GLU I 121 11.80 7.37 -39.49
C GLU I 121 11.91 7.98 -40.87
N GLN I 122 12.44 7.24 -41.85
CA GLN I 122 12.55 7.79 -43.18
C GLN I 122 11.20 8.23 -43.70
N ARG I 123 10.18 7.41 -43.50
CA ARG I 123 8.86 7.82 -43.96
C ARG I 123 8.34 9.01 -43.16
N ALA I 124 8.90 9.27 -41.99
CA ALA I 124 8.56 10.52 -41.32
C ALA I 124 9.33 11.67 -41.92
N ALA I 125 10.59 11.45 -42.29
CA ALA I 125 11.36 12.51 -42.90
C ALA I 125 10.88 12.79 -44.31
N LEU I 126 10.99 11.81 -45.20
CA LEU I 126 10.62 12.02 -46.59
C LEU I 126 9.24 12.65 -46.72
N GLU I 127 8.32 12.30 -45.82
CA GLU I 127 7.04 12.96 -45.87
C GLU I 127 7.10 14.35 -45.25
N TRP I 128 8.06 14.61 -44.37
CA TRP I 128 8.12 15.94 -43.76
C TRP I 128 8.46 17.00 -44.80
N SER I 129 9.18 16.61 -45.86
CA SER I 129 9.64 17.58 -46.84
C SER I 129 9.06 17.37 -48.24
N HIS I 130 8.00 16.58 -48.40
CA HIS I 130 7.31 16.46 -49.69
C HIS I 130 5.86 16.10 -49.47
N PRO I 131 5.08 16.96 -48.85
CA PRO I 131 3.67 16.65 -48.61
C PRO I 131 2.90 16.59 -49.92
N GLU I 132 1.73 15.96 -49.85
CA GLU I 132 0.91 15.75 -51.03
C GLU I 132 0.63 17.07 -51.72
N PRO I 133 0.33 17.05 -53.00
CA PRO I 133 0.13 18.31 -53.73
C PRO I 133 -1.21 18.95 -53.40
N GLU I 134 -1.54 18.98 -52.11
CA GLU I 134 -2.53 19.92 -51.60
C GLU I 134 -2.03 20.63 -50.37
N VAL I 135 -1.06 20.05 -49.64
CA VAL I 135 -0.57 20.70 -48.45
C VAL I 135 0.23 21.94 -48.81
N LEU I 136 0.84 21.93 -49.99
CA LEU I 136 1.72 23.00 -50.41
C LEU I 136 0.98 24.32 -50.64
N ALA I 137 -0.34 24.35 -50.46
CA ALA I 137 -1.03 25.63 -50.46
C ALA I 137 -0.73 26.42 -49.20
N THR I 138 -0.68 25.75 -48.05
CA THR I 138 -0.43 26.42 -46.78
C THR I 138 1.05 26.62 -46.49
N ILE I 139 1.93 26.21 -47.39
CA ILE I 139 3.37 26.38 -47.21
C ILE I 139 3.79 27.84 -47.41
N PRO I 140 3.39 28.50 -48.51
CA PRO I 140 3.95 29.84 -48.76
C PRO I 140 3.70 30.85 -47.67
N GLY I 141 2.47 30.97 -47.17
CA GLY I 141 2.19 32.00 -46.20
C GLY I 141 3.01 31.86 -44.92
N THR I 142 3.19 30.62 -44.46
CA THR I 142 3.74 30.41 -43.13
C THR I 142 5.25 30.63 -43.14
N ARG I 143 5.88 30.43 -41.99
CA ARG I 143 7.25 30.83 -41.73
C ARG I 143 8.27 29.82 -42.22
N ARG I 144 7.83 28.78 -42.90
CA ARG I 144 8.75 27.72 -43.33
C ARG I 144 8.69 27.58 -44.83
N GLN I 145 8.34 28.64 -45.54
CA GLN I 145 8.07 28.47 -46.96
C GLN I 145 9.33 28.15 -47.76
N TRP I 146 10.27 29.07 -47.83
CA TRP I 146 11.47 28.84 -48.63
C TRP I 146 12.62 28.37 -47.74
N GLU I 147 12.35 27.30 -47.00
CA GLU I 147 13.31 26.84 -46.02
C GLU I 147 14.55 26.24 -46.64
N ARG I 148 14.42 25.58 -47.79
CA ARG I 148 15.53 24.81 -48.33
C ARG I 148 16.64 25.75 -48.78
N ASP I 149 17.88 25.37 -48.46
CA ASP I 149 19.14 26.01 -48.83
C ASP I 149 19.96 25.04 -49.68
N PRO I 150 21.08 25.45 -50.28
CA PRO I 150 21.77 24.58 -51.25
C PRO I 150 22.60 23.46 -50.65
N ARG I 151 22.43 23.12 -49.38
CA ARG I 151 23.26 22.10 -48.78
C ARG I 151 22.49 20.96 -48.11
N ASP I 152 21.16 21.02 -48.05
CA ASP I 152 20.42 19.92 -47.42
C ASP I 152 20.57 18.63 -48.21
N ARG I 153 20.46 17.50 -47.51
CA ARG I 153 20.45 16.22 -48.20
C ARG I 153 19.27 16.08 -49.14
N ASP I 154 18.21 16.86 -48.95
CA ASP I 154 17.11 16.95 -49.91
C ASP I 154 17.20 18.32 -50.55
N PHE I 155 18.01 18.42 -51.60
CA PHE I 155 18.16 19.66 -52.34
C PHE I 155 17.88 19.37 -53.80
N LEU I 156 16.99 20.17 -54.40
CA LEU I 156 16.61 20.00 -55.80
C LEU I 156 16.12 18.58 -56.05
N VAL I 157 15.07 18.21 -55.35
CA VAL I 157 14.41 16.92 -55.53
C VAL I 157 12.94 17.20 -55.65
N LEU I 158 12.28 16.56 -56.61
CA LEU I 158 10.92 16.94 -56.98
C LEU I 158 9.97 15.77 -56.81
N ARG I 159 9.06 15.88 -55.86
CA ARG I 159 8.13 14.81 -55.54
C ARG I 159 7.27 14.49 -56.75
N ALA I 160 7.52 13.35 -57.37
CA ALA I 160 6.72 12.94 -58.52
C ALA I 160 5.59 11.99 -58.13
N GLY I 161 5.76 11.22 -57.08
CA GLY I 161 4.74 10.29 -56.66
C GLY I 161 5.09 9.60 -55.37
N ARG I 162 4.68 8.36 -55.25
CA ARG I 162 4.97 7.56 -54.07
C ARG I 162 5.03 6.09 -54.44
N HIS I 163 6.11 5.42 -54.05
CA HIS I 163 6.26 3.99 -54.26
C HIS I 163 7.34 3.49 -53.30
N ASP I 164 7.92 2.33 -53.62
CA ASP I 164 8.77 1.59 -52.68
C ASP I 164 10.20 2.14 -52.70
N VAL I 165 10.65 2.64 -51.56
CA VAL I 165 12.01 3.19 -51.44
C VAL I 165 12.93 2.14 -50.85
N PRO I 166 14.23 2.15 -51.15
CA PRO I 166 15.10 1.04 -50.73
C PRO I 166 15.68 1.08 -49.32
N LEU I 167 15.17 1.91 -48.40
CA LEU I 167 15.55 1.77 -46.99
C LEU I 167 17.07 1.88 -46.78
N ASP I 168 17.60 3.09 -46.89
CA ASP I 168 19.04 3.32 -46.90
C ASP I 168 19.80 2.65 -45.74
N ALA I 169 19.12 2.20 -44.69
CA ALA I 169 19.80 1.41 -43.68
C ALA I 169 20.38 0.14 -44.31
N ALA I 170 21.51 -0.31 -43.77
CA ALA I 170 22.32 -1.29 -44.49
C ALA I 170 21.78 -2.71 -44.37
N LEU I 171 21.52 -3.16 -43.16
CA LEU I 171 21.07 -4.54 -42.91
C LEU I 171 22.12 -5.54 -43.35
N LYS I 172 23.27 -5.50 -42.70
CA LYS I 172 24.37 -6.40 -43.01
C LYS I 172 24.25 -7.69 -42.23
N VAL I 173 24.57 -8.81 -42.88
CA VAL I 173 24.51 -10.15 -42.22
C VAL I 173 25.96 -10.65 -42.04
N LYS I 174 26.79 -9.87 -41.36
CA LYS I 174 28.23 -10.22 -41.13
C LYS I 174 28.35 -11.67 -40.62
N ASP I 175 28.73 -12.59 -41.50
CA ASP I 175 28.88 -14.03 -41.14
C ASP I 175 29.83 -14.72 -42.11
N THR I 176 29.91 -16.06 -42.03
CA THR I 176 30.79 -16.86 -42.92
C THR I 176 29.99 -18.03 -43.50
N ALA I 177 29.38 -17.84 -44.67
CA ALA I 177 28.56 -18.88 -45.32
C ALA I 177 29.46 -19.99 -45.89
N ASP I 178 29.92 -20.89 -45.02
CA ASP I 178 30.81 -22.01 -45.45
C ASP I 178 30.14 -23.35 -45.10
N GLU I 179 30.20 -24.31 -46.04
CA GLU I 179 29.59 -25.66 -45.83
C GLU I 179 28.15 -25.49 -45.34
N ILE I 180 27.31 -24.82 -46.14
CA ILE I 180 25.89 -24.54 -45.78
C ILE I 180 25.17 -25.84 -45.38
N ASP I 181 24.47 -25.79 -44.25
CA ASP I 181 23.69 -26.89 -43.71
C ASP I 181 22.79 -26.35 -42.61
N LEU I 182 22.44 -25.08 -42.70
CA LEU I 182 21.89 -24.33 -41.59
C LEU I 182 20.54 -24.91 -41.18
N GLU I 183 20.17 -24.67 -39.93
CA GLU I 183 18.90 -25.17 -39.41
C GLU I 183 17.75 -24.64 -40.25
N PRO I 184 16.87 -25.48 -40.78
CA PRO I 184 15.91 -25.01 -41.77
C PRO I 184 15.00 -23.92 -41.27
N VAL I 185 14.22 -24.18 -40.23
CA VAL I 185 13.27 -23.18 -39.77
C VAL I 185 13.98 -21.93 -39.30
N ALA I 186 15.16 -22.08 -38.71
CA ALA I 186 15.88 -20.90 -38.27
C ALA I 186 16.60 -20.21 -39.42
N HIS I 187 16.60 -20.78 -40.62
CA HIS I 187 17.21 -20.09 -41.75
C HIS I 187 16.20 -19.38 -42.62
N SER I 188 15.11 -20.05 -42.97
CA SER I 188 14.10 -19.44 -43.81
C SER I 188 13.60 -18.14 -43.20
N ALA I 189 13.51 -18.09 -41.88
CA ALA I 189 13.03 -16.87 -41.24
C ALA I 189 13.97 -15.72 -41.49
N LEU I 190 15.26 -16.00 -41.69
CA LEU I 190 16.19 -14.90 -41.95
C LEU I 190 15.95 -14.28 -43.31
N ARG I 191 15.92 -15.08 -44.37
CA ARG I 191 15.66 -14.54 -45.70
C ARG I 191 14.34 -13.77 -45.71
N GLY I 192 13.29 -14.35 -45.15
CA GLY I 192 12.02 -13.67 -45.13
C GLY I 192 12.13 -12.28 -44.53
N LEU I 193 12.95 -12.13 -43.51
CA LEU I 193 13.17 -10.80 -42.96
C LEU I 193 13.86 -9.91 -43.98
N LEU I 194 14.86 -10.42 -44.69
CA LEU I 194 15.72 -9.56 -45.49
C LEU I 194 15.06 -9.04 -46.76
N ASP I 195 14.02 -9.71 -47.25
CA ASP I 195 13.39 -9.26 -48.49
C ASP I 195 12.21 -8.34 -48.26
N VAL I 196 11.26 -8.77 -47.41
CA VAL I 196 10.09 -7.96 -47.16
C VAL I 196 10.45 -6.65 -46.51
N GLN I 197 11.46 -6.67 -45.63
CA GLN I 197 11.72 -5.50 -44.80
C GLN I 197 12.77 -4.56 -45.38
N ARG I 198 13.58 -4.97 -46.34
CA ARG I 198 14.58 -4.03 -46.83
C ARG I 198 14.00 -2.97 -47.76
N THR I 199 12.69 -2.82 -47.83
CA THR I 199 12.05 -1.81 -48.65
C THR I 199 10.89 -1.18 -47.89
N VAL I 200 10.92 0.15 -47.77
CA VAL I 200 9.79 0.85 -47.23
C VAL I 200 8.60 0.68 -48.17
N ARG I 201 7.40 0.67 -47.61
CA ARG I 201 6.21 0.64 -48.44
C ARG I 201 5.97 2.04 -48.97
N ASP I 202 4.78 2.29 -49.51
CA ASP I 202 4.49 3.52 -50.25
C ASP I 202 5.04 4.75 -49.57
N ALA I 203 6.03 5.40 -50.20
CA ALA I 203 6.72 6.51 -49.60
C ALA I 203 6.88 7.60 -50.64
N PRO I 204 6.62 8.84 -50.29
CA PRO I 204 6.75 9.93 -51.26
C PRO I 204 8.18 10.08 -51.73
N THR I 205 8.38 9.87 -53.02
CA THR I 205 9.70 10.03 -53.61
C THR I 205 9.51 10.71 -54.96
N GLY I 206 10.63 11.08 -55.58
CA GLY I 206 10.54 11.77 -56.84
C GLY I 206 11.89 12.09 -57.42
N LEU I 207 11.87 13.00 -58.39
CA LEU I 207 13.00 13.23 -59.28
C LEU I 207 14.06 14.08 -58.62
N ASP I 208 15.32 13.71 -58.83
CA ASP I 208 16.46 14.52 -58.41
C ASP I 208 16.92 15.35 -59.60
N VAL I 209 16.31 16.53 -59.74
CA VAL I 209 16.49 17.32 -60.95
C VAL I 209 17.84 17.99 -61.02
N ALA I 210 18.58 18.02 -59.91
CA ALA I 210 19.82 18.79 -59.85
C ALA I 210 20.84 18.38 -60.91
N LYS I 211 20.78 17.14 -61.40
CA LYS I 211 21.80 16.65 -62.31
C LYS I 211 21.17 15.82 -63.42
N LEU I 212 19.96 16.20 -63.84
CA LEU I 212 19.22 15.40 -64.80
C LEU I 212 19.33 15.93 -66.22
N ALA I 213 19.11 17.24 -66.42
CA ALA I 213 19.47 17.95 -67.64
C ALA I 213 18.63 17.63 -68.86
N ARG I 214 17.59 16.81 -68.72
CA ARG I 214 16.65 16.56 -69.80
C ARG I 214 15.41 15.88 -69.24
N ILE I 215 14.25 16.26 -69.75
CA ILE I 215 12.99 15.60 -69.45
C ILE I 215 12.28 15.37 -70.77
N THR I 216 11.61 14.24 -70.90
CA THR I 216 10.71 13.97 -72.02
C THR I 216 9.40 13.43 -71.47
N VAL I 217 8.31 13.67 -72.19
CA VAL I 217 6.97 13.35 -71.71
C VAL I 217 6.17 12.79 -72.88
N ILE I 218 5.34 11.79 -72.60
CA ILE I 218 4.54 11.12 -73.61
C ILE I 218 3.18 10.79 -73.01
N GLY I 219 2.12 11.39 -73.55
CA GLY I 219 0.80 11.13 -73.02
C GLY I 219 -0.24 11.96 -73.72
N GLU I 220 -1.48 11.83 -73.26
CA GLU I 220 -2.60 12.53 -73.86
C GLU I 220 -2.62 13.98 -73.40
N ALA I 221 -3.73 14.68 -73.66
CA ALA I 221 -3.73 16.13 -73.53
C ALA I 221 -3.71 16.55 -72.07
N ASP I 222 -4.79 16.25 -71.34
CA ASP I 222 -5.00 16.81 -70.01
C ASP I 222 -4.20 16.07 -68.95
N GLU I 223 -3.24 15.27 -69.34
CA GLU I 223 -2.49 14.49 -68.38
C GLU I 223 -0.99 14.64 -68.52
N ALA I 224 -0.48 14.71 -69.74
CA ALA I 224 0.94 14.93 -69.93
C ALA I 224 1.35 16.29 -69.39
N ARG I 225 0.43 17.25 -69.40
CA ARG I 225 0.72 18.56 -68.84
C ARG I 225 0.56 18.57 -67.34
N ALA I 226 -0.50 17.93 -66.83
CA ALA I 226 -0.81 18.07 -65.42
C ALA I 226 0.33 17.55 -64.57
N ALA I 227 1.18 16.69 -65.12
CA ALA I 227 2.30 16.19 -64.34
C ALA I 227 3.35 17.28 -64.17
N ILE I 228 3.63 18.05 -65.22
CA ILE I 228 4.51 19.19 -65.05
C ILE I 228 3.84 20.22 -64.16
N ARG I 229 2.60 20.56 -64.49
CA ARG I 229 1.82 21.42 -63.61
C ARG I 229 1.78 20.86 -62.20
N ALA I 230 2.04 19.55 -62.04
CA ALA I 230 2.04 18.95 -60.71
C ALA I 230 3.32 19.25 -59.95
N TRP I 231 4.48 18.96 -60.54
CA TRP I 231 5.65 19.00 -59.68
C TRP I 231 6.52 20.23 -59.92
N ILE I 232 6.22 21.04 -60.92
CA ILE I 232 6.94 22.30 -61.00
C ILE I 232 6.52 23.22 -59.87
N ALA I 233 5.31 23.01 -59.33
CA ALA I 233 4.89 23.76 -58.15
C ALA I 233 5.71 23.36 -56.94
N GLN I 234 5.80 22.06 -56.67
CA GLN I 234 6.66 21.61 -55.58
C GLN I 234 8.11 21.95 -55.87
N ALA I 235 8.44 22.22 -57.13
CA ALA I 235 9.81 22.56 -57.48
C ALA I 235 10.19 23.91 -56.91
N VAL I 236 9.27 24.87 -56.96
CA VAL I 236 9.64 26.24 -56.64
C VAL I 236 9.28 26.66 -55.23
N THR I 237 8.18 26.15 -54.68
CA THR I 237 7.77 26.58 -53.36
C THR I 237 8.83 26.28 -52.32
N TRP I 238 9.59 25.21 -52.51
CA TRP I 238 10.60 24.80 -51.56
C TRP I 238 11.92 25.50 -51.79
N HIS I 239 11.90 26.66 -52.41
CA HIS I 239 13.09 27.49 -52.54
C HIS I 239 12.68 28.95 -52.47
N ASP I 240 13.62 29.77 -52.06
CA ASP I 240 13.47 31.21 -52.27
C ASP I 240 13.53 31.50 -53.77
N PRO I 241 12.51 32.12 -54.34
CA PRO I 241 12.50 32.37 -55.79
C PRO I 241 13.72 33.08 -56.33
N THR I 242 14.57 33.59 -55.45
CA THR I 242 15.84 34.12 -55.88
C THR I 242 16.78 33.05 -56.40
N MET I 243 16.44 31.77 -56.24
CA MET I 243 17.37 30.69 -56.53
C MET I 243 17.02 29.86 -57.77
N LEU I 244 15.81 29.97 -58.29
CA LEU I 244 15.39 29.16 -59.43
C LEU I 244 14.49 29.98 -60.32
N GLY I 245 14.61 29.76 -61.63
CA GLY I 245 13.82 30.50 -62.58
C GLY I 245 13.31 29.67 -63.74
N VAL I 246 12.00 29.63 -63.93
CA VAL I 246 11.41 28.73 -64.90
C VAL I 246 11.24 29.45 -66.24
N ALA I 247 11.00 28.69 -67.30
CA ALA I 247 10.79 29.23 -68.63
C ALA I 247 9.73 28.43 -69.37
N LEU I 248 8.68 29.12 -69.81
CA LEU I 248 7.47 28.49 -70.34
C LEU I 248 7.15 29.03 -71.73
N ALA I 249 6.76 28.15 -72.64
CA ALA I 249 6.47 28.51 -74.04
C ALA I 249 5.35 27.61 -74.55
N ALA I 250 4.14 28.15 -74.67
CA ALA I 250 2.98 27.32 -74.97
C ALA I 250 1.94 27.99 -75.88
N PRO I 251 1.58 27.33 -76.99
CA PRO I 251 0.56 27.90 -77.88
C PRO I 251 -0.84 28.00 -77.28
N ASP I 252 -1.19 27.14 -76.34
CA ASP I 252 -2.52 27.11 -75.75
C ASP I 252 -2.41 27.58 -74.30
N LEU I 253 -1.57 28.59 -74.08
CA LEU I 253 -1.21 29.02 -72.73
C LEU I 253 -2.44 29.49 -71.95
N GLU I 254 -3.20 30.44 -72.51
CA GLU I 254 -4.23 31.14 -71.74
C GLU I 254 -5.62 30.61 -72.06
N SER I 255 -5.83 29.34 -71.73
CA SER I 255 -7.16 28.75 -71.82
C SER I 255 -7.45 27.82 -70.64
N GLY I 256 -7.02 28.20 -69.44
CA GLY I 256 -7.00 27.29 -68.32
C GLY I 256 -5.73 26.47 -68.23
N ASP I 257 -4.93 26.46 -69.29
CA ASP I 257 -3.60 25.87 -69.32
C ASP I 257 -2.61 26.85 -68.68
N TRP I 258 -1.33 26.70 -68.99
CA TRP I 258 -0.22 27.23 -68.21
C TRP I 258 -0.39 28.68 -67.75
N SER I 259 -1.36 29.39 -68.32
CA SER I 259 -1.62 30.78 -68.01
C SER I 259 -1.48 31.12 -66.53
N TRP I 260 -1.99 30.28 -65.62
CA TRP I 260 -1.97 30.65 -64.21
C TRP I 260 -0.56 30.78 -63.68
N LEU I 261 0.43 30.27 -64.41
CA LEU I 261 1.81 30.31 -63.95
C LEU I 261 2.44 31.68 -64.17
N LYS I 262 1.62 32.73 -64.24
CA LYS I 262 2.08 34.09 -64.43
C LYS I 262 2.38 34.82 -63.12
N TRP I 263 1.44 34.80 -62.18
CA TRP I 263 1.40 35.71 -61.02
C TRP I 263 2.66 35.72 -60.17
N LEU I 264 3.59 34.80 -60.39
CA LEU I 264 4.50 34.47 -59.31
C LEU I 264 5.77 35.30 -59.33
N PRO I 265 6.27 35.67 -58.14
CA PRO I 265 7.59 36.28 -58.06
C PRO I 265 8.67 35.21 -58.14
N HIS I 266 8.27 34.03 -58.60
CA HIS I 266 9.20 33.10 -59.22
C HIS I 266 9.21 33.26 -60.72
N VAL I 267 8.21 33.92 -61.28
CA VAL I 267 8.04 34.04 -62.72
C VAL I 267 8.62 35.39 -63.09
N ASP I 268 9.60 35.83 -62.31
CA ASP I 268 10.23 37.14 -62.46
C ASP I 268 11.68 37.00 -62.90
N VAL I 269 12.09 37.88 -63.82
CA VAL I 269 13.51 38.06 -64.16
C VAL I 269 14.04 39.21 -63.31
N PRO I 270 15.31 39.60 -63.43
CA PRO I 270 15.74 40.86 -62.79
C PRO I 270 15.45 42.05 -63.69
N ASN I 271 14.69 43.00 -63.16
CA ASN I 271 14.50 44.33 -63.77
C ASN I 271 13.89 44.25 -65.17
N GLU I 272 12.64 43.79 -65.22
CA GLU I 272 11.81 43.89 -66.41
C GLU I 272 10.46 44.43 -66.03
N ALA I 273 9.74 44.99 -67.02
CA ALA I 273 8.44 45.59 -66.78
C ALA I 273 7.31 44.86 -67.49
N ASP I 274 7.38 44.72 -68.82
CA ASP I 274 6.37 44.04 -69.63
C ASP I 274 4.95 44.53 -69.34
N GLY I 275 4.82 45.75 -68.82
CA GLY I 275 3.51 46.31 -68.54
C GLY I 275 2.91 45.89 -67.22
N VAL I 276 2.40 44.66 -67.15
CA VAL I 276 1.66 44.20 -65.97
C VAL I 276 2.49 43.26 -65.11
N GLY I 277 2.89 42.11 -65.67
CA GLY I 277 3.58 41.11 -64.90
C GLY I 277 5.08 41.38 -64.83
N PRO I 278 5.73 40.84 -63.79
CA PRO I 278 7.17 41.07 -63.63
C PRO I 278 7.98 40.65 -64.85
N ALA I 279 7.87 39.39 -65.25
CA ALA I 279 8.55 38.91 -66.46
C ALA I 279 7.55 38.49 -67.52
N ARG I 280 6.50 37.78 -67.14
CA ARG I 280 5.48 37.29 -68.08
C ARG I 280 6.11 36.50 -69.22
N TYR I 281 6.98 35.57 -68.84
CA TYR I 281 7.59 34.65 -69.80
C TYR I 281 6.54 33.80 -70.52
N LEU I 282 5.29 33.80 -70.05
CA LEU I 282 4.24 32.93 -70.58
C LEU I 282 3.82 33.41 -71.96
N THR I 283 4.17 32.65 -72.99
CA THR I 283 3.92 33.02 -74.37
C THR I 283 3.46 31.80 -75.14
N THR I 284 3.46 31.94 -76.47
CA THR I 284 3.10 30.87 -77.40
C THR I 284 4.32 30.33 -78.14
N SER I 285 5.15 31.23 -78.66
CA SER I 285 6.27 30.82 -79.49
C SER I 285 7.43 30.34 -78.63
N THR I 286 8.11 29.30 -79.12
CA THR I 286 9.24 28.74 -78.39
C THR I 286 10.46 29.64 -78.48
N ALA I 287 10.79 30.13 -79.69
CA ALA I 287 11.86 31.10 -79.83
C ALA I 287 11.52 32.40 -79.12
N GLU I 288 10.25 32.60 -78.78
CA GLU I 288 9.86 33.78 -78.01
C GLU I 288 10.31 33.66 -76.56
N LEU I 289 9.82 32.65 -75.86
CA LEU I 289 10.30 32.40 -74.50
C LEU I 289 11.83 32.31 -74.47
N ARG I 290 12.40 31.55 -75.40
CA ARG I 290 13.79 31.11 -75.30
C ARG I 290 14.76 32.29 -75.22
N GLU I 291 14.67 33.21 -76.18
CA GLU I 291 15.63 34.29 -76.21
C GLU I 291 15.30 35.40 -75.21
N ARG I 292 14.11 35.38 -74.63
CA ARG I 292 13.85 36.26 -73.50
C ARG I 292 14.65 35.83 -72.27
N LEU I 293 15.37 34.71 -72.36
CA LEU I 293 16.34 34.27 -71.36
C LEU I 293 17.74 34.14 -71.96
N ALA I 294 18.01 34.83 -73.07
CA ALA I 294 19.36 34.84 -73.64
C ALA I 294 20.40 35.35 -72.66
N PRO I 295 20.14 36.36 -71.81
CA PRO I 295 21.15 36.73 -70.81
C PRO I 295 21.34 35.70 -69.72
N ALA I 296 20.27 35.01 -69.30
CA ALA I 296 20.37 34.05 -68.22
C ALA I 296 21.30 32.90 -68.56
N LEU I 297 21.54 32.68 -69.85
CA LEU I 297 22.50 31.67 -70.28
C LEU I 297 23.88 32.31 -70.34
N LEU I 311 24.67 30.51 -58.72
CA LEU I 311 24.21 29.84 -59.93
C LEU I 311 22.73 29.51 -59.83
N LYS I 312 21.90 30.30 -60.50
CA LYS I 312 20.46 30.09 -60.45
C LYS I 312 20.08 28.97 -61.41
N HIS I 313 19.00 28.27 -61.10
CA HIS I 313 18.63 27.12 -61.92
C HIS I 313 17.35 27.41 -62.71
N LEU I 314 17.24 26.70 -63.83
CA LEU I 314 16.30 27.08 -64.87
C LEU I 314 15.57 25.85 -65.39
N LEU I 315 14.29 26.04 -65.70
CA LEU I 315 13.43 24.97 -66.20
C LEU I 315 12.72 25.52 -67.43
N VAL I 316 13.34 25.36 -68.59
CA VAL I 316 12.67 25.67 -69.85
C VAL I 316 11.71 24.54 -70.17
N VAL I 317 10.46 24.89 -70.42
CA VAL I 317 9.40 23.92 -70.63
C VAL I 317 8.64 24.30 -71.89
N LEU I 318 7.91 23.34 -72.45
CA LEU I 318 7.11 23.51 -73.66
C LEU I 318 5.84 22.68 -73.56
N ASP I 319 4.80 23.12 -74.29
CA ASP I 319 3.62 22.28 -74.44
C ASP I 319 3.43 21.82 -75.87
N ASP I 320 4.44 21.92 -76.71
CA ASP I 320 4.30 21.57 -78.12
C ASP I 320 4.62 20.09 -78.32
N PRO I 321 3.67 19.28 -78.80
CA PRO I 321 4.02 17.89 -79.13
C PRO I 321 5.18 17.80 -80.10
N ASP I 322 5.10 18.55 -81.18
CA ASP I 322 6.13 18.67 -82.20
C ASP I 322 7.04 19.86 -81.85
N ALA I 323 7.77 20.35 -82.85
CA ALA I 323 8.52 21.59 -82.77
C ALA I 323 9.71 21.50 -81.80
N ASP I 324 10.59 20.57 -82.11
CA ASP I 324 12.02 20.70 -81.80
C ASP I 324 12.35 20.98 -80.33
N PRO I 325 12.29 19.98 -79.46
CA PRO I 325 12.98 20.08 -78.18
C PRO I 325 14.48 19.88 -78.39
N ASP I 326 15.22 20.00 -77.28
CA ASP I 326 16.65 19.69 -77.25
C ASP I 326 17.42 20.49 -78.29
N ASP I 327 17.00 21.73 -78.49
CA ASP I 327 17.66 22.60 -79.46
C ASP I 327 18.60 23.59 -78.80
N ILE I 328 18.69 23.58 -77.48
CA ILE I 328 19.57 24.48 -76.74
C ILE I 328 20.83 23.77 -76.27
N ALA I 329 20.66 22.61 -75.64
CA ALA I 329 21.77 21.85 -75.07
C ALA I 329 22.15 20.69 -75.97
N ARG I 330 23.40 20.25 -75.82
CA ARG I 330 23.94 19.10 -76.54
C ARG I 330 23.68 19.17 -78.05
N LEU I 334 25.07 22.00 -70.11
CA LEU I 334 24.79 23.16 -69.28
C LEU I 334 25.02 22.88 -67.80
N THR I 335 24.69 23.87 -66.96
CA THR I 335 24.88 23.78 -65.53
C THR I 335 23.65 24.32 -64.79
N GLY I 336 22.46 23.89 -65.21
CA GLY I 336 21.31 24.30 -64.43
C GLY I 336 19.98 24.45 -65.11
N VAL I 337 19.95 24.29 -66.44
CA VAL I 337 18.68 24.34 -67.16
C VAL I 337 18.33 22.92 -67.57
N THR I 338 17.28 22.37 -66.99
CA THR I 338 16.76 21.06 -67.38
C THR I 338 15.57 21.31 -68.30
N VAL I 339 15.68 20.84 -69.53
CA VAL I 339 14.65 21.13 -70.52
C VAL I 339 13.52 20.11 -70.40
N ILE I 340 12.38 20.45 -70.98
CA ILE I 340 11.17 19.63 -70.93
C ILE I 340 10.40 19.84 -72.23
N HIS I 341 9.75 18.79 -72.71
CA HIS I 341 8.76 18.97 -73.76
C HIS I 341 7.78 17.81 -73.67
N ARG I 342 6.62 17.96 -74.29
CA ARG I 342 5.69 16.85 -74.43
C ARG I 342 5.70 16.36 -75.87
N THR I 343 5.57 15.05 -76.05
CA THR I 343 5.46 14.41 -77.36
C THR I 343 4.22 13.52 -77.35
N THR I 344 4.10 12.68 -78.38
CA THR I 344 3.00 11.73 -78.47
C THR I 344 3.47 10.35 -78.89
N GLU I 345 4.65 10.22 -79.46
CA GLU I 345 5.18 8.93 -79.92
C GLU I 345 6.24 8.43 -78.93
N LEU I 346 6.33 7.12 -78.77
CA LEU I 346 7.41 6.55 -77.99
C LEU I 346 8.45 5.92 -78.90
N PRO I 347 9.72 5.97 -78.52
CA PRO I 347 10.75 5.26 -79.27
C PRO I 347 10.54 3.75 -79.23
N ASN I 348 11.21 3.06 -80.15
CA ASN I 348 11.01 1.62 -80.29
C ASN I 348 12.12 0.84 -79.59
N ARG I 349 13.38 1.18 -79.88
CA ARG I 349 14.51 0.51 -79.28
C ARG I 349 15.54 1.56 -78.86
N GLU I 350 15.06 2.58 -78.14
CA GLU I 350 15.89 3.67 -77.68
C GLU I 350 17.09 3.15 -76.89
N GLN I 351 18.27 3.66 -77.25
CA GLN I 351 19.53 3.11 -76.77
C GLN I 351 19.76 3.49 -75.32
N TYR I 352 19.59 2.53 -74.42
CA TYR I 352 20.13 2.62 -73.06
C TYR I 352 19.68 3.90 -72.35
N PRO I 353 18.44 3.97 -71.92
CA PRO I 353 17.99 5.10 -71.11
C PRO I 353 19.03 5.44 -70.03
N ASP I 354 19.60 6.64 -70.15
CA ASP I 354 20.63 7.07 -69.24
C ASP I 354 20.06 7.30 -67.85
N PRO I 355 20.93 7.36 -66.84
CA PRO I 355 20.52 8.00 -65.58
C PRO I 355 20.10 9.44 -65.78
N GLU I 356 20.48 10.04 -66.90
CA GLU I 356 19.94 11.32 -67.33
C GLU I 356 19.01 11.10 -68.52
N ARG I 357 18.53 12.19 -69.09
CA ARG I 357 17.62 12.20 -70.24
C ARG I 357 16.65 11.01 -70.22
N PRO I 358 15.75 10.97 -69.26
CA PRO I 358 14.80 9.86 -69.20
C PRO I 358 13.62 10.07 -70.12
N ILE I 359 12.86 9.01 -70.30
CA ILE I 359 11.62 9.05 -71.05
C ILE I 359 10.53 8.47 -70.17
N LEU I 360 9.45 9.23 -69.99
CA LEU I 360 8.48 8.95 -68.94
C LEU I 360 7.08 8.96 -69.53
N ARG I 361 6.66 7.87 -70.14
CA ARG I 361 5.28 7.73 -70.58
C ARG I 361 4.38 7.89 -69.37
N VAL I 362 3.21 8.49 -69.56
CA VAL I 362 2.28 8.72 -68.48
C VAL I 362 1.00 7.98 -68.77
N ALA I 363 0.81 6.83 -68.13
CA ALA I 363 -0.42 6.06 -68.27
C ALA I 363 -1.54 6.71 -67.47
N ASP I 364 -2.60 5.95 -67.23
CA ASP I 364 -3.74 6.45 -66.47
C ASP I 364 -3.32 7.19 -65.21
N GLY I 365 -2.49 6.58 -64.39
CA GLY I 365 -2.08 7.21 -63.14
C GLY I 365 -0.64 6.92 -62.82
N ARG I 366 0.08 6.36 -63.77
CA ARG I 366 1.45 5.93 -63.56
C ARG I 366 2.40 6.82 -64.34
N ILE I 367 3.67 6.78 -63.95
CA ILE I 367 4.72 7.48 -64.67
C ILE I 367 5.77 6.44 -64.98
N GLU I 368 5.62 5.75 -66.11
CA GLU I 368 6.46 4.63 -66.44
C GLU I 368 7.71 5.12 -67.17
N ARG I 369 8.86 4.96 -66.54
CA ARG I 369 10.11 5.27 -67.21
C ARG I 369 10.33 4.32 -68.37
N TRP I 370 10.76 4.86 -69.50
CA TRP I 370 11.16 4.00 -70.61
C TRP I 370 12.39 3.21 -70.21
N GLN I 371 12.24 1.89 -70.18
CA GLN I 371 13.39 1.03 -69.95
C GLN I 371 13.09 -0.30 -70.65
N VAL I 372 13.87 -0.60 -71.69
CA VAL I 372 13.68 -1.77 -72.54
C VAL I 372 12.37 -1.68 -73.31
N TRP I 375 8.24 -2.90 -67.57
CA TRP I 375 8.55 -1.60 -68.14
C TRP I 375 8.79 -0.55 -67.06
N GLN I 376 9.34 -0.98 -65.93
CA GLN I 376 9.87 -0.06 -64.93
C GLN I 376 8.87 1.02 -64.54
N PRO I 377 7.86 0.70 -63.74
CA PRO I 377 6.85 1.71 -63.40
C PRO I 377 7.43 2.99 -62.80
N CYS I 378 8.33 2.88 -61.83
CA CYS I 378 9.09 4.01 -61.30
C CYS I 378 8.23 5.06 -60.59
N VAL I 379 6.91 4.94 -60.71
CA VAL I 379 5.95 5.58 -59.81
C VAL I 379 4.68 4.75 -59.82
N ASP I 380 4.24 4.32 -58.64
CA ASP I 380 3.12 3.39 -58.60
C ASP I 380 1.79 4.12 -58.58
N VAL I 381 1.78 5.37 -58.13
CA VAL I 381 0.61 6.23 -58.27
C VAL I 381 1.07 7.67 -58.38
N ALA I 382 0.79 8.28 -59.53
CA ALA I 382 1.32 9.60 -59.81
C ALA I 382 0.50 10.67 -59.10
N ASP I 383 0.75 11.91 -59.49
CA ASP I 383 0.07 13.07 -58.93
C ASP I 383 -0.33 13.96 -60.09
N ALA I 384 -1.38 14.74 -59.92
CA ALA I 384 -1.85 15.63 -60.96
C ALA I 384 -2.34 16.92 -60.34
N MET I 385 -1.79 18.04 -60.77
CA MET I 385 -2.16 19.32 -60.17
C MET I 385 -3.15 20.03 -61.07
N SER I 386 -4.43 19.94 -60.72
CA SER I 386 -5.50 20.63 -61.43
C SER I 386 -5.33 22.14 -61.37
N ALA I 387 -5.68 22.80 -62.49
CA ALA I 387 -5.45 24.25 -62.63
C ALA I 387 -6.19 25.03 -61.56
N ALA I 388 -7.33 24.51 -61.07
CA ALA I 388 -8.10 25.23 -60.07
C ALA I 388 -7.38 25.36 -58.75
N GLU I 389 -6.89 24.24 -58.20
CA GLU I 389 -6.03 24.33 -57.03
C GLU I 389 -4.63 24.79 -57.42
N ALA I 390 -4.36 24.84 -58.72
CA ALA I 390 -3.07 25.32 -59.18
C ALA I 390 -3.00 26.84 -59.11
N ALA I 391 -3.91 27.53 -59.80
CA ALA I 391 -3.91 29.00 -59.78
C ALA I 391 -3.84 29.53 -58.35
N HIS I 392 -4.60 28.92 -57.46
CA HIS I 392 -4.68 29.37 -56.07
C HIS I 392 -3.32 29.31 -55.39
N ILE I 393 -2.36 28.61 -56.00
CA ILE I 393 -0.99 28.59 -55.47
C ILE I 393 -0.28 29.87 -55.84
N ALA I 394 -0.47 30.33 -57.07
CA ALA I 394 0.22 31.54 -57.50
C ALA I 394 -0.15 32.74 -56.66
N ARG I 395 -1.44 33.05 -56.62
CA ARG I 395 -1.92 34.27 -55.98
C ARG I 395 -1.35 34.42 -54.58
N ARG I 396 -1.49 33.40 -53.75
CA ARG I 396 -0.99 33.47 -52.39
C ARG I 396 0.50 33.75 -52.34
N LEU I 397 1.26 33.26 -53.31
CA LEU I 397 2.68 33.55 -53.38
C LEU I 397 2.97 34.90 -54.01
N SER I 398 1.94 35.61 -54.47
CA SER I 398 2.16 36.92 -55.09
C SER I 398 2.19 38.05 -54.07
N ARG I 399 1.90 37.78 -52.80
CA ARG I 399 1.99 38.82 -51.78
C ARG I 399 3.43 39.12 -51.39
N TRP I 400 4.27 38.11 -51.27
CA TRP I 400 5.61 38.27 -50.73
C TRP I 400 6.64 38.44 -51.83
N ASP I 401 7.84 38.83 -51.41
CA ASP I 401 8.98 38.99 -52.31
C ASP I 401 10.23 39.21 -51.46
N SER I 402 11.38 39.24 -52.11
CA SER I 402 12.63 39.49 -51.41
C SER I 402 13.77 39.81 -52.39
N MET J 1 -62.11 17.78 -24.13
CA MET J 1 -63.28 17.78 -25.02
C MET J 1 -63.87 16.38 -25.04
N THR J 2 -63.01 15.40 -24.81
CA THR J 2 -63.42 14.01 -24.81
C THR J 2 -64.18 13.65 -23.54
N ALA J 3 -63.77 14.22 -22.40
CA ALA J 3 -64.52 14.03 -21.18
C ALA J 3 -65.97 14.48 -21.34
N ARG J 4 -66.19 15.64 -21.98
CA ARG J 4 -67.55 16.10 -22.21
C ARG J 4 -68.34 15.13 -23.06
N ILE J 5 -67.78 14.67 -24.19
CA ILE J 5 -68.54 13.78 -25.07
C ILE J 5 -68.79 12.43 -24.40
N ALA J 6 -67.81 11.92 -23.65
CA ALA J 6 -67.96 10.59 -23.06
C ALA J 6 -69.01 10.59 -21.99
N LEU J 7 -69.00 11.61 -21.13
CA LEU J 7 -70.02 11.70 -20.08
C LEU J 7 -71.40 11.98 -20.66
N ALA J 8 -71.48 12.80 -21.72
CA ALA J 8 -72.76 13.01 -22.38
C ALA J 8 -73.32 11.71 -22.91
N SER J 9 -72.51 10.97 -23.68
CA SER J 9 -72.94 9.66 -24.18
C SER J 9 -73.37 8.76 -23.04
N LEU J 10 -72.63 8.79 -21.93
CA LEU J 10 -73.04 8.03 -20.75
C LEU J 10 -74.48 8.32 -20.36
N PHE J 11 -74.77 9.58 -20.03
CA PHE J 11 -76.10 9.89 -19.53
C PHE J 11 -77.19 9.59 -20.55
N VAL J 12 -76.89 9.81 -21.84
CA VAL J 12 -77.94 9.64 -22.83
C VAL J 12 -78.28 8.17 -23.01
N VAL J 13 -77.28 7.30 -23.07
CA VAL J 13 -77.56 5.87 -23.04
C VAL J 13 -78.24 5.48 -21.74
N ALA J 14 -77.95 6.19 -20.66
CA ALA J 14 -78.61 5.92 -19.40
C ALA J 14 -80.08 6.27 -19.45
N ALA J 15 -80.44 7.31 -20.20
CA ALA J 15 -81.83 7.75 -20.26
C ALA J 15 -82.64 6.96 -21.29
N VAL J 16 -82.02 6.63 -22.43
CA VAL J 16 -82.76 5.96 -23.49
C VAL J 16 -83.36 4.63 -23.04
N LEU J 17 -82.85 4.05 -21.96
CA LEU J 17 -83.39 2.80 -21.44
C LEU J 17 -84.55 3.04 -20.48
N ALA J 18 -85.29 4.13 -20.69
CA ALA J 18 -86.39 4.50 -19.81
C ALA J 18 -87.73 4.22 -20.47
N GLN J 19 -87.82 3.09 -21.19
CA GLN J 19 -89.08 2.68 -21.77
C GLN J 19 -90.21 2.70 -20.75
N PRO J 20 -90.02 2.23 -19.51
CA PRO J 20 -91.01 2.55 -18.47
C PRO J 20 -90.75 3.93 -17.89
N TRP J 21 -90.98 4.95 -18.70
CA TRP J 21 -90.76 6.35 -18.33
C TRP J 21 -91.87 6.86 -17.40
N GLN J 22 -92.14 6.12 -16.33
CA GLN J 22 -93.28 6.39 -15.47
C GLN J 22 -92.97 5.97 -14.04
N THR J 23 -93.92 6.24 -13.14
CA THR J 23 -93.78 6.02 -11.69
C THR J 23 -92.70 6.90 -11.07
N THR J 24 -92.17 7.86 -11.83
CA THR J 24 -91.04 8.68 -11.37
C THR J 24 -89.94 7.84 -10.72
N THR J 25 -89.90 6.55 -11.06
CA THR J 25 -88.77 5.72 -10.69
C THR J 25 -87.77 5.62 -11.82
N GLN J 26 -88.23 5.69 -13.07
CA GLN J 26 -87.33 5.75 -14.20
C GLN J 26 -87.62 6.98 -15.06
N ARG J 27 -88.61 7.79 -14.71
CA ARG J 27 -88.80 9.07 -15.36
C ARG J 27 -88.06 10.20 -14.64
N TRP J 28 -87.94 10.12 -13.31
CA TRP J 28 -87.21 11.15 -12.57
C TRP J 28 -85.76 11.25 -13.03
N VAL J 29 -85.04 10.13 -13.01
CA VAL J 29 -83.66 10.13 -13.48
C VAL J 29 -83.61 10.51 -14.94
N LEU J 30 -84.65 10.13 -15.69
CA LEU J 30 -84.77 10.56 -17.08
C LEU J 30 -84.79 12.08 -17.20
N GLY J 31 -85.57 12.73 -16.34
CA GLY J 31 -85.57 14.18 -16.32
C GLY J 31 -84.20 14.73 -16.00
N VAL J 32 -83.52 14.16 -15.00
CA VAL J 32 -82.23 14.70 -14.60
C VAL J 32 -81.19 14.50 -15.70
N SER J 33 -81.28 13.37 -16.43
CA SER J 33 -80.36 13.10 -17.54
C SER J 33 -80.53 14.10 -18.67
N ILE J 34 -81.74 14.16 -19.23
CA ILE J 34 -81.99 15.11 -20.31
C ILE J 34 -81.72 16.53 -19.84
N ALA J 35 -81.85 16.79 -18.55
CA ALA J 35 -81.48 18.10 -18.04
C ALA J 35 -79.98 18.31 -18.11
N ALA J 36 -79.18 17.34 -17.66
CA ALA J 36 -77.74 17.53 -17.60
C ALA J 36 -77.09 17.60 -18.96
N VAL J 37 -77.61 16.88 -19.95
CA VAL J 37 -76.98 16.92 -21.27
C VAL J 37 -77.01 18.35 -21.80
N ILE J 38 -78.10 19.06 -21.50
CA ILE J 38 -78.23 20.47 -21.88
C ILE J 38 -77.14 21.32 -21.25
N VAL J 39 -77.00 21.27 -19.93
CA VAL J 39 -76.00 22.09 -19.24
C VAL J 39 -74.57 21.67 -19.60
N LEU J 40 -74.36 20.42 -20.00
CA LEU J 40 -73.06 19.99 -20.45
C LEU J 40 -72.70 20.53 -21.84
N LEU J 41 -73.71 20.90 -22.62
CA LEU J 41 -73.49 21.50 -23.93
C LEU J 41 -73.53 23.03 -23.85
N MET J 47 -69.72 23.45 -24.83
CA MET J 47 -68.71 23.73 -23.80
C MET J 47 -68.24 25.20 -23.93
N PHE J 48 -69.19 26.12 -23.73
CA PHE J 48 -68.92 27.56 -23.68
C PHE J 48 -69.51 28.21 -22.45
N LEU J 49 -69.99 27.43 -21.49
CA LEU J 49 -70.64 27.97 -20.30
C LEU J 49 -69.89 27.58 -19.04
N THR J 50 -69.58 26.29 -18.89
CA THR J 50 -68.74 25.85 -17.80
C THR J 50 -67.38 26.50 -17.85
N THR J 51 -66.90 26.83 -19.05
CA THR J 51 -65.57 27.42 -19.17
C THR J 51 -65.51 28.78 -18.48
N ARG J 52 -66.53 29.62 -18.67
CA ARG J 52 -66.55 30.89 -17.95
C ARG J 52 -66.79 30.67 -16.47
N ILE J 53 -67.45 29.56 -16.11
CA ILE J 53 -67.61 29.22 -14.70
C ILE J 53 -66.25 29.11 -14.04
N GLY J 54 -65.44 28.16 -14.50
CA GLY J 54 -64.09 28.03 -13.94
C GLY J 54 -63.27 29.28 -14.14
N ARG J 55 -63.47 29.99 -15.24
CA ARG J 55 -62.73 31.21 -15.48
C ARG J 55 -62.98 32.22 -14.36
N ALA J 56 -64.23 32.55 -14.09
CA ALA J 56 -64.54 33.52 -13.06
C ALA J 56 -64.03 33.06 -11.70
N LEU J 57 -64.13 31.76 -11.42
CA LEU J 57 -63.58 31.25 -10.17
C LEU J 57 -62.08 31.55 -10.06
N ALA J 58 -61.32 31.17 -11.07
CA ALA J 58 -59.88 31.42 -11.03
C ALA J 58 -59.58 32.91 -11.06
N MET J 59 -60.40 33.70 -11.76
CA MET J 59 -60.17 35.13 -11.85
C MET J 59 -60.31 35.79 -10.49
N VAL J 60 -61.39 35.48 -9.77
CA VAL J 60 -61.55 36.06 -8.43
C VAL J 60 -60.48 35.51 -7.49
N ARG J 61 -60.06 34.27 -7.69
CA ARG J 61 -58.92 33.77 -6.92
C ARG J 61 -57.66 34.57 -7.22
N ARG J 62 -57.52 35.02 -8.46
CA ARG J 62 -56.36 35.82 -8.86
C ARG J 62 -56.39 37.22 -8.28
N ASN J 63 -57.46 37.60 -7.60
CA ASN J 63 -57.57 38.93 -7.02
C ASN J 63 -56.73 39.11 -5.76
N ARG J 64 -55.80 38.21 -5.49
CA ARG J 64 -54.87 38.37 -4.38
C ARG J 64 -53.43 38.32 -4.85
N ASP J 72 -38.36 29.93 -13.42
CA ASP J 72 -38.32 29.54 -14.82
C ASP J 72 -36.89 29.53 -15.34
N ALA J 73 -36.47 30.66 -15.89
CA ALA J 73 -35.15 30.85 -16.46
C ALA J 73 -34.87 29.91 -17.63
N HIS J 74 -35.89 29.27 -18.17
CA HIS J 74 -35.74 28.56 -19.43
C HIS J 74 -35.99 29.45 -20.63
N ARG J 75 -36.62 30.60 -20.43
CA ARG J 75 -36.94 31.51 -21.51
C ARG J 75 -36.35 32.87 -21.24
N ALA J 76 -35.54 33.34 -22.18
CA ALA J 76 -35.06 34.71 -22.17
C ALA J 76 -35.55 35.38 -23.44
N THR J 77 -35.78 36.68 -23.35
CA THR J 77 -36.36 37.41 -24.47
C THR J 77 -35.54 38.67 -24.72
N VAL J 78 -35.28 38.93 -26.00
CA VAL J 78 -34.64 40.15 -26.43
C VAL J 78 -35.65 40.92 -27.26
N VAL J 79 -35.66 42.24 -27.11
CA VAL J 79 -36.62 43.08 -27.79
C VAL J 79 -35.90 44.23 -28.48
N LEU J 80 -36.31 44.49 -29.72
CA LEU J 80 -35.66 45.47 -30.56
C LEU J 80 -36.60 46.64 -30.85
N ARG J 81 -36.08 47.85 -30.76
CA ARG J 81 -36.83 49.00 -31.24
C ARG J 81 -36.23 49.50 -32.54
N VAL J 82 -37.08 49.59 -33.55
CA VAL J 82 -36.75 50.25 -34.82
C VAL J 82 -37.84 51.28 -35.08
N ASP J 83 -37.43 52.48 -35.41
CA ASP J 83 -38.37 53.57 -35.58
C ASP J 83 -39.16 53.45 -36.88
N PRO J 84 -38.51 53.48 -38.05
CA PRO J 84 -39.29 53.58 -39.29
C PRO J 84 -39.70 52.20 -39.78
N ALA J 85 -40.38 51.46 -38.91
CA ALA J 85 -40.69 50.08 -39.20
C ALA J 85 -41.68 49.99 -40.36
N ALA J 86 -41.69 48.82 -41.01
CA ALA J 86 -42.49 48.63 -42.21
C ALA J 86 -42.59 47.15 -42.51
N PRO J 87 -43.60 46.71 -43.25
CA PRO J 87 -43.64 45.31 -43.69
C PRO J 87 -42.60 44.96 -44.73
N ALA J 88 -41.78 45.92 -45.16
CA ALA J 88 -40.68 45.61 -46.07
C ALA J 88 -39.58 44.83 -45.37
N GLN J 89 -39.44 44.96 -44.06
CA GLN J 89 -38.51 44.18 -43.27
C GLN J 89 -39.17 43.01 -42.57
N LEU J 90 -40.11 42.35 -43.23
CA LEU J 90 -40.72 41.15 -42.67
C LEU J 90 -39.89 39.89 -42.88
N PRO J 91 -39.39 39.58 -44.08
CA PRO J 91 -38.66 38.31 -44.24
C PRO J 91 -37.43 38.23 -43.36
N VAL J 92 -36.76 39.36 -43.15
CA VAL J 92 -35.56 39.38 -42.31
C VAL J 92 -35.83 38.93 -40.88
N VAL J 93 -37.08 38.98 -40.43
CA VAL J 93 -37.38 38.57 -39.06
C VAL J 93 -38.06 37.22 -38.99
N VAL J 94 -38.78 36.81 -40.03
CA VAL J 94 -39.31 35.45 -40.06
C VAL J 94 -38.21 34.44 -40.37
N GLY J 95 -37.10 34.87 -40.95
CA GLY J 95 -35.98 33.98 -41.09
C GLY J 95 -35.35 33.59 -39.77
N TYR J 96 -35.27 34.52 -38.83
CA TYR J 96 -34.56 34.28 -37.58
C TYR J 96 -35.32 33.36 -36.65
N LEU J 97 -36.32 32.65 -37.13
CA LEU J 97 -36.98 31.68 -36.27
C LEU J 97 -36.11 30.44 -36.11
N ASP J 98 -35.44 30.01 -37.19
CA ASP J 98 -34.65 28.78 -37.18
C ASP J 98 -33.43 28.98 -38.07
N ARG J 99 -32.31 29.34 -37.45
CA ARG J 99 -31.03 29.35 -38.14
C ARG J 99 -29.90 29.42 -37.12
N TYR J 100 -28.70 29.04 -37.56
CA TYR J 100 -27.53 28.96 -36.69
C TYR J 100 -27.77 27.99 -35.54
N GLY J 101 -28.67 27.03 -35.74
CA GLY J 101 -28.94 26.02 -34.75
C GLY J 101 -29.43 26.54 -33.42
N ILE J 102 -30.29 27.55 -33.43
CA ILE J 102 -30.72 28.18 -32.19
C ILE J 102 -32.22 28.15 -31.99
N THR J 103 -32.99 27.94 -33.07
CA THR J 103 -34.42 27.63 -33.02
C THR J 103 -35.19 28.54 -32.06
N CYS J 104 -35.23 29.83 -32.41
CA CYS J 104 -36.07 30.78 -31.69
C CYS J 104 -37.49 30.26 -31.58
N ASP J 105 -38.06 30.36 -30.38
CA ASP J 105 -39.39 29.81 -30.15
C ASP J 105 -40.44 30.55 -30.96
N LYS J 106 -40.49 31.87 -30.81
CA LYS J 106 -41.48 32.69 -31.50
C LYS J 106 -40.97 34.11 -31.64
N VAL J 107 -41.37 34.75 -32.72
CA VAL J 107 -40.94 36.10 -33.03
C VAL J 107 -42.16 37.00 -33.08
N ARG J 108 -42.10 38.10 -32.33
CA ARG J 108 -43.28 38.91 -32.09
C ARG J 108 -42.98 40.37 -32.39
N ILE J 109 -43.93 41.05 -33.01
CA ILE J 109 -43.80 42.44 -33.42
C ILE J 109 -44.98 43.20 -32.85
N THR J 110 -44.71 44.29 -32.14
CA THR J 110 -45.73 45.05 -31.45
C THR J 110 -45.66 46.52 -31.86
N HIS J 111 -46.83 47.15 -31.98
CA HIS J 111 -46.93 48.58 -32.23
C HIS J 111 -47.87 49.21 -31.23
N ARG J 112 -47.48 50.35 -30.68
CA ARG J 112 -48.38 51.22 -29.92
C ARG J 112 -48.79 52.37 -30.83
N ASP J 113 -50.09 52.57 -30.97
CA ASP J 113 -50.60 53.63 -31.83
C ASP J 113 -51.35 54.69 -31.05
N ALA J 114 -50.80 55.09 -29.90
CA ALA J 114 -51.38 56.18 -29.11
C ALA J 114 -51.01 57.52 -29.73
N GLY J 115 -52.02 58.25 -30.17
CA GLY J 115 -51.79 59.49 -30.87
C GLY J 115 -51.78 59.28 -32.37
N GLY J 116 -50.61 59.44 -32.98
CA GLY J 116 -50.46 59.20 -34.41
C GLY J 116 -49.37 58.22 -34.76
N THR J 117 -48.40 58.06 -33.85
CA THR J 117 -47.17 57.31 -34.16
C THR J 117 -47.35 55.86 -33.75
N ARG J 118 -46.71 54.96 -34.51
CA ARG J 118 -46.71 53.54 -34.20
C ARG J 118 -45.33 53.17 -33.67
N ARG J 119 -45.25 52.95 -32.36
CA ARG J 119 -43.99 52.61 -31.73
C ARG J 119 -43.74 51.12 -31.84
N SER J 120 -42.70 50.75 -32.59
CA SER J 120 -42.49 49.39 -33.04
C SER J 120 -41.52 48.66 -32.14
N TRP J 121 -41.64 47.34 -32.11
CA TRP J 121 -40.80 46.46 -31.29
C TRP J 121 -40.76 45.07 -31.91
N ILE J 122 -39.58 44.46 -31.88
CA ILE J 122 -39.43 43.05 -32.24
C ILE J 122 -39.16 42.29 -30.96
N SER J 123 -39.75 41.10 -30.84
CA SER J 123 -39.70 40.31 -29.62
C SER J 123 -39.20 38.91 -29.95
N LEU J 124 -38.05 38.55 -29.40
CA LEU J 124 -37.41 37.28 -29.72
C LEU J 124 -37.13 36.52 -28.43
N THR J 125 -37.58 35.27 -28.40
CA THR J 125 -37.49 34.44 -27.21
C THR J 125 -36.94 33.07 -27.58
N VAL J 126 -36.10 32.51 -26.70
CA VAL J 126 -35.40 31.27 -26.94
C VAL J 126 -35.56 30.39 -25.71
N ASP J 127 -36.12 29.20 -25.90
CA ASP J 127 -36.28 28.26 -24.79
C ASP J 127 -34.93 27.67 -24.43
N ALA J 128 -34.94 26.56 -23.70
CA ALA J 128 -33.69 25.93 -23.28
C ALA J 128 -33.72 24.42 -23.36
N VAL J 129 -34.89 23.81 -23.53
CA VAL J 129 -35.02 22.38 -23.51
C VAL J 129 -34.85 21.76 -24.89
N ASP J 130 -35.23 22.48 -25.94
CA ASP J 130 -35.21 21.94 -27.29
C ASP J 130 -33.97 22.36 -28.06
N ASN J 131 -33.17 23.23 -27.49
CA ASN J 131 -31.85 23.56 -27.99
C ASN J 131 -30.86 23.52 -26.84
N LEU J 132 -31.07 22.57 -25.94
CA LEU J 132 -30.16 22.42 -24.82
C LEU J 132 -28.78 22.05 -25.30
N ALA J 133 -28.70 21.25 -26.36
CA ALA J 133 -27.41 20.80 -26.86
C ALA J 133 -26.51 21.96 -27.21
N ALA J 134 -27.01 22.93 -27.98
CA ALA J 134 -26.16 24.02 -28.42
C ALA J 134 -25.69 24.87 -27.24
N LEU J 135 -26.61 25.25 -26.35
CA LEU J 135 -26.21 26.02 -25.18
C LEU J 135 -25.24 25.27 -24.30
N GLN J 136 -25.28 23.95 -24.34
CA GLN J 136 -24.35 23.16 -23.57
C GLN J 136 -22.93 23.30 -24.08
N ALA J 137 -22.76 23.73 -25.33
CA ALA J 137 -21.42 23.85 -25.90
C ALA J 137 -20.75 25.16 -25.53
N ARG J 138 -21.50 26.25 -25.37
CA ARG J 138 -20.90 27.52 -25.05
C ARG J 138 -20.21 27.48 -23.70
N SER J 139 -20.78 26.73 -22.76
CA SER J 139 -20.15 26.50 -21.47
C SER J 139 -20.81 25.30 -20.80
N ALA J 140 -20.18 24.83 -19.72
CA ALA J 140 -20.82 23.80 -18.91
C ALA J 140 -22.07 24.32 -18.23
N ARG J 141 -22.01 25.53 -17.66
CA ARG J 141 -23.21 26.23 -17.28
C ARG J 141 -23.89 26.74 -18.55
N ILE J 142 -25.11 27.24 -18.40
CA ILE J 142 -25.92 27.53 -19.58
C ILE J 142 -26.00 29.04 -19.78
N PRO J 143 -25.25 29.60 -20.71
CA PRO J 143 -25.29 31.05 -20.95
C PRO J 143 -26.47 31.46 -21.82
N LEU J 144 -27.66 31.41 -21.21
CA LEU J 144 -28.87 31.72 -21.97
C LEU J 144 -28.94 33.20 -22.32
N GLN J 145 -28.82 34.07 -21.31
CA GLN J 145 -28.99 35.49 -21.55
C GLN J 145 -27.93 36.03 -22.49
N ASP J 146 -26.66 35.68 -22.24
CA ASP J 146 -25.59 36.19 -23.10
C ASP J 146 -25.80 35.74 -24.55
N THR J 147 -26.14 34.47 -24.75
CA THR J 147 -26.34 33.97 -26.10
C THR J 147 -27.48 34.70 -26.79
N THR J 148 -28.61 34.85 -26.11
CA THR J 148 -29.72 35.60 -26.69
C THR J 148 -29.30 37.02 -27.05
N GLU J 149 -28.52 37.66 -26.18
CA GLU J 149 -27.98 38.98 -26.51
C GLU J 149 -27.21 38.94 -27.82
N VAL J 150 -26.45 37.88 -28.04
CA VAL J 150 -25.64 37.80 -29.25
C VAL J 150 -26.51 37.72 -30.48
N VAL J 151 -27.55 36.88 -30.46
CA VAL J 151 -28.41 36.82 -31.64
C VAL J 151 -29.11 38.15 -31.83
N GLY J 152 -29.47 38.81 -30.73
CA GLY J 152 -30.12 40.10 -30.85
C GLY J 152 -29.22 41.13 -31.51
N ARG J 153 -27.96 41.19 -31.10
CA ARG J 153 -27.02 42.06 -31.78
C ARG J 153 -26.89 41.69 -33.25
N ARG J 154 -26.95 40.40 -33.57
CA ARG J 154 -26.88 40.00 -34.97
C ARG J 154 -28.06 40.54 -35.76
N LEU J 155 -29.27 40.43 -35.22
CA LEU J 155 -30.41 41.04 -35.89
C LEU J 155 -30.25 42.54 -36.00
N ALA J 156 -29.74 43.18 -34.94
CA ALA J 156 -29.54 44.62 -34.97
C ALA J 156 -28.63 45.01 -36.12
N ASP J 157 -27.51 44.31 -36.26
CA ASP J 157 -26.54 44.72 -37.26
C ASP J 157 -26.96 44.33 -38.66
N HIS J 158 -27.67 43.21 -38.81
CA HIS J 158 -28.21 42.89 -40.12
C HIS J 158 -29.31 43.86 -40.53
N LEU J 159 -30.11 44.31 -39.57
CA LEU J 159 -31.21 45.20 -39.92
C LEU J 159 -30.71 46.60 -40.22
N ARG J 160 -29.72 47.07 -39.46
CA ARG J 160 -29.05 48.31 -39.83
C ARG J 160 -28.33 48.18 -41.16
N GLU J 161 -27.84 46.98 -41.46
CA GLU J 161 -27.26 46.72 -42.78
C GLU J 161 -28.21 47.16 -43.88
N GLN J 162 -29.47 46.78 -43.77
CA GLN J 162 -30.50 47.23 -44.70
C GLN J 162 -30.63 48.74 -44.72
N GLY J 163 -30.51 49.40 -43.57
CA GLY J 163 -30.69 50.84 -43.52
C GLY J 163 -31.50 51.34 -42.35
N TRP J 164 -32.47 50.56 -41.87
CA TRP J 164 -33.27 50.98 -40.73
C TRP J 164 -32.36 51.14 -39.52
N THR J 165 -32.63 52.15 -38.71
CA THR J 165 -31.81 52.37 -37.53
C THR J 165 -32.51 51.80 -36.30
N VAL J 166 -31.88 50.81 -35.68
CA VAL J 166 -32.51 50.02 -34.64
C VAL J 166 -31.86 50.34 -33.30
N THR J 167 -32.55 49.98 -32.22
CA THR J 167 -32.02 50.16 -30.88
C THR J 167 -32.46 49.00 -30.00
N VAL J 168 -31.49 48.31 -29.44
CA VAL J 168 -31.73 47.37 -28.36
C VAL J 168 -32.42 48.10 -27.22
N VAL J 169 -33.35 47.43 -26.56
CA VAL J 169 -34.14 48.03 -25.50
C VAL J 169 -34.43 46.98 -24.44
N GLU J 170 -34.62 47.45 -23.19
CA GLU J 170 -34.96 46.57 -22.08
C GLU J 170 -36.10 47.08 -21.22
N GLY J 171 -36.29 48.39 -21.12
CA GLY J 171 -37.48 48.97 -20.51
C GLY J 171 -38.47 49.28 -21.60
N VAL J 172 -38.98 48.23 -22.23
CA VAL J 172 -39.52 48.33 -23.58
C VAL J 172 -40.75 49.24 -23.65
N ASP J 173 -41.85 48.81 -23.03
CA ASP J 173 -43.12 49.52 -23.19
C ASP J 173 -44.15 48.88 -22.28
N THR J 174 -45.41 49.30 -22.41
CA THR J 174 -46.50 48.67 -21.66
C THR J 174 -47.84 48.81 -22.36
N PRO J 175 -48.47 47.70 -22.77
CA PRO J 175 -49.87 47.77 -23.21
C PRO J 175 -50.84 47.62 -22.05
N LEU J 176 -50.45 46.89 -21.02
CA LEU J 176 -51.13 46.96 -19.74
C LEU J 176 -50.26 47.70 -18.75
N PRO J 177 -50.80 48.71 -18.07
CA PRO J 177 -49.98 49.57 -17.21
C PRO J 177 -49.24 48.79 -16.14
N VAL J 178 -47.92 48.88 -16.13
CA VAL J 178 -47.12 48.19 -15.12
C VAL J 178 -46.51 49.19 -14.14
N VAL J 194 -57.55 48.66 -22.32
CA VAL J 194 -57.55 47.45 -21.51
C VAL J 194 -58.59 46.45 -22.00
N ALA J 195 -58.74 46.37 -23.32
CA ALA J 195 -59.74 45.49 -23.92
C ALA J 195 -59.04 44.42 -24.76
N ALA J 196 -59.22 43.15 -24.38
CA ALA J 196 -58.54 42.01 -25.00
C ALA J 196 -59.37 41.46 -26.15
N TYR J 197 -58.71 41.30 -27.31
CA TYR J 197 -59.37 40.85 -28.52
C TYR J 197 -58.40 40.07 -29.39
N ARG J 198 -58.83 38.88 -29.82
CA ARG J 198 -58.05 38.09 -30.75
C ARG J 198 -58.89 37.88 -32.00
N VAL J 199 -58.27 38.05 -33.16
CA VAL J 199 -59.02 38.23 -34.39
C VAL J 199 -59.10 36.94 -35.17
N LYS J 200 -60.13 36.87 -36.02
CA LYS J 200 -60.30 35.80 -36.98
C LYS J 200 -59.49 36.13 -38.23
N VAL J 201 -59.15 35.10 -39.00
CA VAL J 201 -58.26 35.30 -40.13
C VAL J 201 -58.99 35.08 -41.47
N LEU J 205 -58.74 40.11 -42.50
CA LEU J 205 -57.38 39.62 -42.34
C LEU J 205 -56.38 40.77 -42.46
N ASP J 206 -56.69 41.73 -43.32
CA ASP J 206 -55.85 42.91 -43.53
C ASP J 206 -56.62 44.20 -43.32
N GLU J 207 -57.85 44.25 -43.80
CA GLU J 207 -58.75 45.38 -43.54
C GLU J 207 -58.75 45.73 -42.07
N VAL J 208 -58.60 44.74 -41.21
CA VAL J 208 -58.65 44.95 -39.78
C VAL J 208 -57.39 45.66 -39.31
N LEU J 209 -56.22 45.09 -39.59
CA LEU J 209 -54.99 45.71 -39.14
C LEU J 209 -54.76 47.08 -39.76
N ALA J 210 -55.48 47.41 -40.84
CA ALA J 210 -55.56 48.78 -41.31
C ALA J 210 -56.64 49.57 -40.57
N GLU J 211 -57.61 48.88 -39.96
CA GLU J 211 -58.65 49.61 -39.23
C GLU J 211 -58.12 50.11 -37.88
N ILE J 212 -57.41 49.27 -37.13
CA ILE J 212 -57.08 49.60 -35.75
C ILE J 212 -55.96 50.62 -35.68
N PRO J 216 -61.73 53.98 -32.56
CA PRO J 216 -61.04 53.37 -31.42
C PRO J 216 -61.08 54.23 -30.18
N ALA J 217 -59.93 54.46 -29.57
CA ALA J 217 -59.84 55.18 -28.31
C ALA J 217 -58.53 55.95 -28.29
N GLU J 218 -58.14 56.39 -27.10
CA GLU J 218 -56.94 57.21 -26.94
C GLU J 218 -55.65 56.38 -26.91
N GLU J 219 -55.74 55.06 -27.04
CA GLU J 219 -54.53 54.23 -26.98
C GLU J 219 -54.79 52.95 -27.75
N THR J 220 -53.81 52.54 -28.54
CA THR J 220 -53.91 51.35 -29.36
C THR J 220 -52.64 50.52 -29.24
N TRP J 221 -52.80 49.28 -28.79
CA TRP J 221 -51.72 48.31 -28.71
C TRP J 221 -52.04 47.13 -29.62
N THR J 222 -51.27 47.02 -30.69
CA THR J 222 -51.39 45.89 -31.60
C THR J 222 -50.11 45.07 -31.53
N ALA J 223 -50.28 43.75 -31.65
CA ALA J 223 -49.16 42.83 -31.44
C ALA J 223 -49.25 41.69 -32.45
N LEU J 224 -48.27 41.62 -33.34
CA LEU J 224 -48.14 40.53 -34.28
C LEU J 224 -47.00 39.60 -33.84
N GLU J 225 -47.19 38.31 -34.06
CA GLU J 225 -46.20 37.32 -33.63
C GLU J 225 -46.24 36.10 -34.53
N PHE J 226 -45.06 35.69 -35.01
CA PHE J 226 -44.91 34.50 -35.84
C PHE J 226 -44.24 33.39 -35.04
N THR J 227 -44.45 32.15 -35.48
CA THR J 227 -43.76 30.99 -34.94
C THR J 227 -43.97 29.81 -35.87
N GLY J 228 -43.51 28.64 -35.44
CA GLY J 228 -43.75 27.42 -36.17
C GLY J 228 -42.98 27.17 -37.45
N SER J 229 -41.67 26.92 -37.33
CA SER J 229 -40.89 26.34 -38.43
C SER J 229 -40.85 27.20 -39.69
N PRO J 230 -40.02 28.25 -39.74
CA PRO J 230 -40.03 29.17 -40.89
C PRO J 230 -39.86 28.51 -42.25
N ALA J 231 -39.69 27.19 -42.31
CA ALA J 231 -39.94 26.50 -43.57
C ALA J 231 -41.34 26.84 -44.10
N GLU J 232 -42.32 26.94 -43.22
CA GLU J 232 -43.58 27.63 -43.49
C GLU J 232 -44.04 27.98 -42.09
N PRO J 233 -44.22 29.27 -41.79
CA PRO J 233 -44.49 29.70 -40.42
C PRO J 233 -45.98 29.73 -40.10
N LEU J 234 -46.27 29.91 -38.81
CA LEU J 234 -47.63 30.14 -38.35
C LEU J 234 -47.61 31.33 -37.39
N LEU J 235 -48.80 31.88 -37.11
CA LEU J 235 -48.87 33.13 -36.37
C LEU J 235 -50.20 33.24 -35.64
N THR J 236 -50.20 34.02 -34.56
CA THR J 236 -51.40 34.46 -33.89
C THR J 236 -51.28 35.95 -33.60
N VAL J 237 -52.43 36.63 -33.54
CA VAL J 237 -52.47 38.09 -33.46
C VAL J 237 -53.45 38.49 -32.36
N CYS J 238 -53.04 39.44 -31.54
CA CYS J 238 -53.93 40.01 -30.54
C CYS J 238 -53.68 41.52 -30.46
N ALA J 239 -54.69 42.25 -30.00
CA ALA J 239 -54.64 43.71 -29.95
C ALA J 239 -55.35 44.21 -28.70
N ALA J 240 -54.92 45.37 -28.23
CA ALA J 240 -55.47 45.91 -26.99
C ALA J 240 -55.61 47.42 -27.12
N VAL J 241 -56.75 47.94 -26.64
CA VAL J 241 -57.01 49.37 -26.56
C VAL J 241 -57.65 49.67 -25.22
N ARG J 242 -57.86 50.95 -24.97
CA ARG J 242 -58.43 51.40 -23.70
C ARG J 242 -59.92 51.16 -23.65
N PRO J 252 -66.13 44.78 -29.89
CA PRO J 252 -66.29 44.24 -31.25
C PRO J 252 -66.36 45.34 -32.29
N LEU J 253 -65.33 45.48 -33.12
CA LEU J 253 -65.33 46.52 -34.14
C LEU J 253 -65.71 45.96 -35.50
N ALA J 254 -64.95 45.01 -36.02
CA ALA J 254 -65.32 44.31 -37.25
C ALA J 254 -65.46 42.82 -37.06
N GLY J 255 -64.42 42.15 -36.55
CA GLY J 255 -64.45 40.71 -36.38
C GLY J 255 -63.74 40.27 -35.12
N LEU J 256 -63.65 41.17 -34.14
CA LEU J 256 -62.91 40.90 -32.92
C LEU J 256 -63.66 39.89 -32.05
N THR J 257 -63.09 39.60 -30.89
CA THR J 257 -63.71 38.71 -29.94
C THR J 257 -63.08 38.96 -28.58
N PRO J 258 -63.87 39.26 -27.56
CA PRO J 258 -63.29 39.55 -26.25
C PRO J 258 -62.81 38.29 -25.56
N ALA J 259 -62.14 38.47 -24.43
CA ALA J 259 -61.65 37.36 -23.61
C ALA J 259 -62.30 37.44 -22.24
N ARG J 260 -63.40 36.72 -22.06
CA ARG J 260 -63.99 36.58 -20.74
C ARG J 260 -63.07 35.72 -19.88
N GLY J 261 -62.47 36.36 -18.87
CA GLY J 261 -61.51 35.69 -18.02
C GLY J 261 -60.08 36.00 -18.40
N ARG J 264 -56.71 40.64 -16.60
CA ARG J 264 -56.86 39.54 -17.53
C ARG J 264 -55.52 38.86 -17.78
N PRO J 265 -55.51 37.53 -17.83
CA PRO J 265 -54.25 36.83 -18.12
C PRO J 265 -53.73 37.11 -19.51
N ALA J 266 -54.61 37.20 -20.50
CA ALA J 266 -54.18 37.40 -21.88
C ALA J 266 -53.55 38.75 -22.10
N LEU J 267 -53.92 39.74 -21.29
CA LEU J 267 -53.28 41.05 -21.36
C LEU J 267 -52.02 41.12 -20.53
N ALA J 268 -51.93 40.32 -19.47
CA ALA J 268 -50.79 40.39 -18.58
C ALA J 268 -49.48 40.18 -19.32
N ALA J 269 -49.45 39.30 -20.32
CA ALA J 269 -48.24 38.98 -21.06
C ALA J 269 -48.28 39.50 -22.48
N LEU J 270 -49.06 40.54 -22.76
CA LEU J 270 -49.07 41.10 -24.10
C LEU J 270 -47.91 42.05 -24.34
N ASN J 271 -47.19 42.44 -23.30
CA ASN J 271 -46.00 43.25 -23.48
C ASN J 271 -44.89 42.41 -24.09
N PRO J 272 -44.03 42.98 -24.94
CA PRO J 272 -42.92 42.21 -25.53
C PRO J 272 -42.02 41.58 -24.50
N LEU J 273 -41.65 42.32 -23.46
CA LEU J 273 -40.81 41.81 -22.40
C LEU J 273 -41.30 40.50 -21.81
N SER J 274 -42.57 40.15 -22.04
CA SER J 274 -43.10 38.90 -21.52
C SER J 274 -42.43 37.72 -22.19
N THR J 275 -42.33 36.61 -21.46
CA THR J 275 -41.85 35.36 -22.01
C THR J 275 -42.99 34.35 -21.95
N GLU J 276 -43.88 34.43 -22.92
CA GLU J 276 -45.02 33.52 -22.97
C GLU J 276 -45.46 33.39 -24.41
N ARG J 277 -46.14 32.28 -24.71
CA ARG J 277 -46.36 31.82 -26.07
C ARG J 277 -47.60 32.40 -26.74
N LEU J 278 -48.28 33.37 -26.12
CA LEU J 278 -49.41 34.07 -26.76
C LEU J 278 -50.52 33.09 -27.15
N ASP J 279 -51.19 32.58 -26.11
CA ASP J 279 -52.27 31.60 -26.28
C ASP J 279 -53.21 31.97 -27.43
N GLY J 280 -53.65 30.95 -28.15
CA GLY J 280 -54.49 31.13 -29.33
C GLY J 280 -54.05 30.15 -30.41
N THR J 281 -55.04 29.64 -31.15
CA THR J 281 -54.77 28.69 -32.21
C THR J 281 -54.02 29.35 -33.36
N ALA J 282 -53.18 28.57 -34.03
CA ALA J 282 -52.28 29.09 -35.05
C ALA J 282 -52.91 28.99 -36.44
N VAL J 283 -52.43 29.83 -37.34
CA VAL J 283 -52.93 29.88 -38.71
C VAL J 283 -51.76 29.83 -39.68
N PRO J 284 -51.88 29.12 -40.80
CA PRO J 284 -50.87 29.19 -41.86
C PRO J 284 -51.05 30.41 -42.77
N LEU J 285 -51.10 31.59 -42.16
CA LEU J 285 -51.30 32.85 -42.86
C LEU J 285 -52.32 32.78 -43.99
#